data_9I36
#
_entry.id   9I36
#
_cell.length_a   276.305
_cell.length_b   276.305
_cell.length_c   390.677
_cell.angle_alpha   90
_cell.angle_beta   90
_cell.angle_gamma   90
#
_symmetry.space_group_name_H-M   'I 4 2 2'
#
loop_
_entity.id
_entity.type
_entity.pdbx_description
1 polymer 'Alpha-methylacyl-CoA racemase'
2 non-polymer decanoyl-CoA
3 water water
#
_entity_poly.entity_id   1
_entity_poly.type   'polypeptide(L)'
_entity_poly.pdbx_seq_one_letter_code
;MAGPLSGLRVVELAGIGPGPHAAMILGDLGADVVRIDRPSSVDGISRDAMLRNRRIVTADLKSDQGLELALKLIAKADVL
IEGYRPGVTERLGLGPEECAKVNDRLIYARMTGWGQTGPRSQQAGHDINYISLNGILHAIGRGDERPVPPLNLVGDFGGG
SMFLLVGILAALWERQSSGKGQVVDAAMVDGSSVLIQMMWAMRATGMWTDTRGANMLDGGAPYYDTYECADGRYVAVGAI
EPQFYAAMLAGLGLDAAELPPQNDRARWPELRALLTEAFASHDRDHWGAVFANSDACVTPVLAFGEVHNEPHIIERNTFY
EANGGWQPMPAPRFSRTASSQPRPPAATIDIEAVLTDWDGGSGC
;
_entity_poly.pdbx_strand_id   A,B,C,D,E,F,G,H,I,J,K,L
#
loop_
_chem_comp.id
_chem_comp.type
_chem_comp.name
_chem_comp.formula
MFK non-polymer decanoyl-CoA 'C31 H54 N7 O17 P3 S'
#
# COMPACT_ATOMS: atom_id res chain seq x y z
N MET A 1 -60.63 12.48 -32.74
CA MET A 1 -59.77 11.50 -33.48
C MET A 1 -60.50 10.15 -33.58
N ALA A 2 -60.63 9.61 -34.81
CA ALA A 2 -61.44 8.42 -35.03
C ALA A 2 -60.70 7.16 -34.61
N GLY A 3 -61.40 6.24 -33.96
CA GLY A 3 -60.92 4.89 -33.81
C GLY A 3 -60.96 4.47 -32.35
N PRO A 4 -60.76 3.18 -32.06
CA PRO A 4 -60.96 2.66 -30.72
C PRO A 4 -59.99 3.19 -29.67
N LEU A 5 -58.85 3.74 -30.13
CA LEU A 5 -57.77 4.18 -29.26
C LEU A 5 -57.81 5.70 -29.13
N SER A 6 -58.91 6.30 -29.58
CA SER A 6 -59.15 7.72 -29.36
C SER A 6 -58.91 8.05 -27.87
N GLY A 7 -58.12 9.11 -27.62
CA GLY A 7 -57.82 9.56 -26.27
C GLY A 7 -56.57 8.90 -25.70
N LEU A 8 -56.02 7.86 -26.35
CA LEU A 8 -54.77 7.30 -25.87
C LEU A 8 -53.62 8.25 -26.28
N ARG A 9 -52.72 8.55 -25.31
CA ARG A 9 -51.64 9.50 -25.54
C ARG A 9 -50.31 8.77 -25.53
N VAL A 10 -49.48 9.02 -26.57
CA VAL A 10 -48.34 8.16 -26.80
C VAL A 10 -47.10 9.01 -27.06
N VAL A 11 -46.02 8.68 -26.34
CA VAL A 11 -44.76 9.36 -26.59
C VAL A 11 -43.81 8.33 -27.15
N GLU A 12 -43.23 8.69 -28.30
CA GLU A 12 -42.39 7.82 -29.09
C GLU A 12 -41.01 8.46 -29.21
N LEU A 13 -40.03 7.82 -28.59
CA LEU A 13 -38.64 8.21 -28.79
C LEU A 13 -38.17 7.60 -30.11
N ALA A 14 -37.98 8.48 -31.10
CA ALA A 14 -37.76 8.12 -32.49
C ALA A 14 -36.63 7.12 -32.61
N GLY A 15 -36.93 6.04 -33.35
CA GLY A 15 -35.98 4.98 -33.64
C GLY A 15 -36.19 4.44 -35.05
N ILE A 16 -35.84 3.16 -35.24
CA ILE A 16 -36.04 2.54 -36.54
C ILE A 16 -36.67 1.16 -36.37
N GLY A 17 -37.47 0.78 -37.37
CA GLY A 17 -37.97 -0.58 -37.49
C GLY A 17 -39.27 -0.80 -36.69
N PRO A 18 -39.25 -1.64 -35.65
CA PRO A 18 -40.48 -1.98 -34.94
C PRO A 18 -41.12 -0.81 -34.20
N GLY A 19 -40.31 -0.05 -33.46
CA GLY A 19 -40.87 1.02 -32.65
C GLY A 19 -41.72 1.99 -33.47
N PRO A 20 -41.25 2.53 -34.60
CA PRO A 20 -42.11 3.36 -35.42
C PRO A 20 -43.34 2.65 -36.01
N HIS A 21 -43.25 1.34 -36.24
CA HIS A 21 -44.36 0.63 -36.85
C HIS A 21 -45.46 0.50 -35.81
N ALA A 22 -45.10 0.10 -34.60
CA ALA A 22 -46.01 0.04 -33.48
C ALA A 22 -46.67 1.40 -33.23
N ALA A 23 -45.86 2.44 -33.19
CA ALA A 23 -46.40 3.78 -32.99
C ALA A 23 -47.36 4.13 -34.12
N MET A 24 -47.05 3.73 -35.36
CA MET A 24 -47.91 4.04 -36.50
C MET A 24 -49.31 3.45 -36.28
N ILE A 25 -49.34 2.20 -35.84
CA ILE A 25 -50.58 1.48 -35.70
C ILE A 25 -51.43 2.12 -34.60
N LEU A 26 -50.81 2.44 -33.43
CA LEU A 26 -51.53 3.12 -32.37
C LEU A 26 -52.18 4.37 -32.94
N GLY A 27 -51.42 5.16 -33.68
CA GLY A 27 -51.97 6.35 -34.34
C GLY A 27 -53.07 6.02 -35.34
N ASP A 28 -52.88 4.92 -36.09
CA ASP A 28 -53.83 4.43 -37.09
C ASP A 28 -55.21 4.25 -36.45
N LEU A 29 -55.23 3.71 -35.22
CA LEU A 29 -56.43 3.33 -34.50
C LEU A 29 -56.93 4.46 -33.59
N GLY A 30 -56.35 5.68 -33.72
CA GLY A 30 -56.90 6.87 -33.08
C GLY A 30 -56.05 7.47 -31.95
N ALA A 31 -55.01 6.77 -31.49
CA ALA A 31 -54.12 7.30 -30.46
C ALA A 31 -53.49 8.61 -30.91
N ASP A 32 -53.23 9.44 -29.90
CA ASP A 32 -52.57 10.74 -30.04
C ASP A 32 -51.08 10.50 -29.82
N VAL A 33 -50.33 10.51 -30.91
CA VAL A 33 -48.98 10.01 -30.88
C VAL A 33 -48.04 11.17 -31.12
N VAL A 34 -47.08 11.31 -30.18
CA VAL A 34 -46.11 12.39 -30.25
C VAL A 34 -44.72 11.79 -30.31
N ARG A 35 -44.01 12.18 -31.38
CA ARG A 35 -42.73 11.57 -31.68
C ARG A 35 -41.60 12.58 -31.41
N ILE A 36 -40.73 12.24 -30.46
CA ILE A 36 -39.58 13.08 -30.16
C ILE A 36 -38.38 12.60 -30.99
N ASP A 37 -38.01 13.36 -32.03
CA ASP A 37 -36.76 13.08 -32.73
C ASP A 37 -35.67 14.01 -32.19
N ARG A 38 -34.42 13.73 -32.55
CA ARG A 38 -33.34 14.66 -32.29
C ARG A 38 -33.35 15.69 -33.42
N PRO A 39 -33.03 16.98 -33.18
CA PRO A 39 -33.00 17.99 -34.24
C PRO A 39 -31.91 17.75 -35.29
N SER A 40 -30.84 17.05 -34.87
CA SER A 40 -29.83 16.53 -35.77
C SER A 40 -30.46 15.92 -37.04
N SER A 41 -31.71 15.42 -36.98
CA SER A 41 -32.50 15.05 -38.16
C SER A 41 -33.71 15.99 -38.36
N VAL A 42 -33.54 17.17 -38.99
CA VAL A 42 -34.66 18.12 -39.13
C VAL A 42 -34.98 18.35 -40.62
N ASP A 43 -36.04 17.67 -41.09
CA ASP A 43 -36.61 17.81 -42.43
C ASP A 43 -38.00 17.15 -42.47
N SER A 46 -40.84 15.13 -44.17
CA SER A 46 -40.69 13.65 -44.17
C SER A 46 -41.43 13.03 -45.37
N ARG A 47 -40.79 12.06 -46.02
CA ARG A 47 -41.47 11.27 -47.07
C ARG A 47 -41.76 9.85 -46.57
N ASP A 48 -41.36 9.54 -45.33
CA ASP A 48 -41.55 8.21 -44.77
C ASP A 48 -43.00 8.07 -44.30
N ALA A 49 -43.84 7.45 -45.14
CA ALA A 49 -45.26 7.27 -44.84
C ALA A 49 -45.51 6.35 -43.65
N MET A 50 -44.47 5.69 -43.08
CA MET A 50 -44.58 5.02 -41.77
C MET A 50 -44.75 6.03 -40.60
N LEU A 51 -44.44 7.30 -40.85
CA LEU A 51 -44.56 8.35 -39.84
C LEU A 51 -45.90 9.07 -40.00
N ARG A 52 -46.90 8.41 -40.59
CA ARG A 52 -48.25 8.96 -40.64
C ARG A 52 -48.83 8.92 -39.23
N ASN A 53 -49.93 9.67 -39.03
CA ASN A 53 -50.69 9.73 -37.78
C ASN A 53 -49.82 10.12 -36.59
N ARG A 54 -49.11 11.25 -36.72
CA ARG A 54 -48.00 11.58 -35.86
C ARG A 54 -47.95 13.09 -35.62
N ARG A 55 -47.61 13.52 -34.40
CA ARG A 55 -46.98 14.83 -34.25
C ARG A 55 -45.48 14.63 -34.01
N ILE A 56 -44.65 15.35 -34.77
CA ILE A 56 -43.19 15.31 -34.62
C ILE A 56 -42.66 16.54 -33.86
N VAL A 57 -41.79 16.29 -32.87
CA VAL A 57 -41.13 17.36 -32.15
C VAL A 57 -39.64 17.04 -32.02
N THR A 58 -38.84 18.12 -31.94
CA THR A 58 -37.39 18.13 -31.79
C THR A 58 -36.94 18.23 -30.33
N ALA A 59 -35.89 17.52 -29.91
CA ALA A 59 -35.39 17.70 -28.55
C ALA A 59 -34.06 17.00 -28.32
N ASP A 60 -33.04 17.82 -28.01
CA ASP A 60 -31.77 17.28 -27.58
C ASP A 60 -31.93 16.76 -26.16
N LEU A 61 -32.07 15.43 -26.03
CA LEU A 61 -32.31 14.80 -24.74
C LEU A 61 -31.03 14.79 -23.89
N LYS A 62 -29.90 15.11 -24.53
CA LYS A 62 -28.62 15.18 -23.83
C LYS A 62 -28.53 16.49 -23.01
N SER A 63 -29.29 17.51 -23.43
CA SER A 63 -29.34 18.80 -22.78
C SER A 63 -30.28 18.75 -21.57
N ASP A 64 -30.20 19.78 -20.72
CA ASP A 64 -31.06 19.84 -19.55
C ASP A 64 -32.48 20.22 -19.94
N GLN A 65 -32.65 21.16 -20.88
CA GLN A 65 -33.97 21.61 -21.27
C GLN A 65 -34.71 20.49 -22.00
N GLY A 66 -34.06 19.91 -23.02
CA GLY A 66 -34.61 18.77 -23.73
C GLY A 66 -35.16 17.71 -22.76
N LEU A 67 -34.29 17.24 -21.86
CA LEU A 67 -34.66 16.23 -20.88
C LEU A 67 -35.92 16.65 -20.14
N GLU A 68 -36.01 17.92 -19.72
CA GLU A 68 -37.12 18.37 -18.90
C GLU A 68 -38.40 18.41 -19.74
N LEU A 69 -38.31 18.92 -20.97
CA LEU A 69 -39.49 18.99 -21.80
C LEU A 69 -40.02 17.58 -22.12
N ALA A 70 -39.11 16.64 -22.33
CA ALA A 70 -39.52 15.27 -22.59
C ALA A 70 -40.20 14.72 -21.34
N LEU A 71 -39.65 15.02 -20.16
CA LEU A 71 -40.18 14.45 -18.94
C LEU A 71 -41.58 15.03 -18.65
N LYS A 72 -41.84 16.24 -19.15
CA LYS A 72 -43.16 16.84 -19.05
C LYS A 72 -44.18 16.12 -19.92
N LEU A 73 -43.88 15.89 -21.21
CA LEU A 73 -44.76 15.14 -22.09
C LEU A 73 -45.04 13.75 -21.48
N ILE A 74 -43.98 13.06 -21.05
CA ILE A 74 -44.15 11.72 -20.53
C ILE A 74 -45.11 11.74 -19.34
N ALA A 75 -45.04 12.82 -18.54
CA ALA A 75 -45.86 12.98 -17.35
C ALA A 75 -47.33 12.92 -17.74
N LYS A 76 -47.66 13.46 -18.93
CA LYS A 76 -49.03 13.64 -19.36
C LYS A 76 -49.49 12.61 -20.40
N ALA A 77 -48.85 11.43 -20.44
CA ALA A 77 -49.10 10.47 -21.52
C ALA A 77 -49.43 9.12 -20.91
N ASP A 78 -50.02 8.24 -21.73
CA ASP A 78 -50.34 6.88 -21.29
C ASP A 78 -49.17 5.94 -21.55
N VAL A 79 -48.46 6.22 -22.65
CA VAL A 79 -47.49 5.26 -23.15
C VAL A 79 -46.24 5.98 -23.67
N LEU A 80 -45.11 5.34 -23.33
CA LEU A 80 -43.80 5.60 -23.89
C LEU A 80 -43.26 4.38 -24.64
N ILE A 81 -42.82 4.64 -25.87
CA ILE A 81 -42.12 3.68 -26.73
C ILE A 81 -40.69 4.16 -26.96
N GLU A 82 -39.74 3.27 -26.62
CA GLU A 82 -38.36 3.48 -27.00
C GLU A 82 -37.76 2.18 -27.54
N GLY A 83 -36.87 2.32 -28.54
CA GLY A 83 -36.22 1.19 -29.20
C GLY A 83 -34.71 1.35 -29.34
N TYR A 84 -34.05 1.83 -28.26
CA TYR A 84 -32.61 2.01 -28.22
C TYR A 84 -32.03 0.80 -27.51
N ARG A 85 -30.71 0.65 -27.58
CA ARG A 85 -30.09 -0.43 -26.84
C ARG A 85 -30.47 -0.24 -25.36
N PRO A 86 -30.50 -1.33 -24.59
CA PRO A 86 -30.64 -1.23 -23.14
C PRO A 86 -29.57 -0.34 -22.51
N GLY A 87 -30.05 0.52 -21.61
CA GLY A 87 -29.20 1.40 -20.83
C GLY A 87 -29.24 2.81 -21.38
N VAL A 88 -29.69 2.98 -22.62
CA VAL A 88 -29.67 4.30 -23.22
C VAL A 88 -30.61 5.25 -22.51
N THR A 89 -31.88 4.87 -22.31
CA THR A 89 -32.82 5.80 -21.69
C THR A 89 -32.40 6.03 -20.23
N GLU A 90 -31.93 5.01 -19.51
CA GLU A 90 -31.41 5.18 -18.18
C GLU A 90 -30.38 6.33 -18.19
N ARG A 91 -29.24 6.12 -18.86
CA ARG A 91 -28.17 7.11 -18.98
C ARG A 91 -28.71 8.47 -19.41
N LEU A 92 -29.81 8.56 -20.17
CA LEU A 92 -30.36 9.85 -20.60
C LEU A 92 -31.28 10.50 -19.54
N GLY A 93 -31.59 9.76 -18.45
CA GLY A 93 -32.53 10.21 -17.41
C GLY A 93 -34.01 10.06 -17.78
N LEU A 94 -34.32 9.18 -18.75
CA LEU A 94 -35.68 8.87 -19.20
C LEU A 94 -35.93 7.38 -18.99
N GLY A 95 -35.18 6.74 -18.11
CA GLY A 95 -35.41 5.34 -17.79
C GLY A 95 -36.76 5.11 -17.12
N PRO A 96 -37.15 3.82 -16.97
CA PRO A 96 -38.41 3.49 -16.31
C PRO A 96 -38.53 4.13 -14.93
N GLU A 97 -37.50 4.01 -14.08
CA GLU A 97 -37.54 4.54 -12.72
C GLU A 97 -37.73 6.06 -12.70
N GLU A 98 -37.06 6.77 -13.60
CA GLU A 98 -37.21 8.23 -13.67
C GLU A 98 -38.59 8.61 -14.18
N CYS A 99 -39.16 7.81 -15.07
CA CYS A 99 -40.49 8.11 -15.60
C CYS A 99 -41.54 7.83 -14.52
N ALA A 100 -41.34 6.73 -13.76
CA ALA A 100 -42.23 6.29 -12.70
C ALA A 100 -42.41 7.37 -11.63
N LYS A 101 -41.35 8.14 -11.37
CA LYS A 101 -41.41 9.23 -10.41
C LYS A 101 -42.22 10.40 -10.96
N VAL A 102 -42.43 10.53 -12.27
CA VAL A 102 -43.28 11.63 -12.72
C VAL A 102 -44.65 11.16 -13.23
N ASN A 103 -44.94 9.84 -13.19
CA ASN A 103 -46.17 9.33 -13.79
C ASN A 103 -46.21 7.83 -13.61
N ASP A 104 -46.82 7.37 -12.53
CA ASP A 104 -46.81 5.94 -12.20
C ASP A 104 -47.92 5.20 -12.95
N ARG A 105 -48.64 5.89 -13.85
CA ARG A 105 -49.62 5.25 -14.72
C ARG A 105 -49.03 4.87 -16.09
N LEU A 106 -47.76 5.26 -16.34
CA LEU A 106 -47.10 5.14 -17.64
C LEU A 106 -46.90 3.69 -18.05
N ILE A 107 -47.24 3.40 -19.30
CA ILE A 107 -46.80 2.11 -19.84
C ILE A 107 -45.47 2.34 -20.54
N TYR A 108 -44.44 1.65 -20.05
CA TYR A 108 -43.07 1.89 -20.46
C TYR A 108 -42.66 0.74 -21.39
N ALA A 109 -42.70 1.02 -22.70
CA ALA A 109 -42.64 -0.03 -23.72
C ALA A 109 -41.25 -0.07 -24.39
N ARG A 110 -40.52 -1.14 -24.08
CA ARG A 110 -39.14 -1.28 -24.54
C ARG A 110 -39.01 -2.27 -25.71
N MET A 111 -38.66 -1.74 -26.87
CA MET A 111 -38.58 -2.52 -28.11
C MET A 111 -37.13 -2.78 -28.49
N THR A 112 -36.66 -4.01 -28.25
CA THR A 112 -35.34 -4.41 -28.72
C THR A 112 -35.39 -5.71 -29.54
N GLY A 113 -34.22 -6.11 -30.02
CA GLY A 113 -34.07 -7.39 -30.68
C GLY A 113 -33.68 -8.47 -29.68
N TRP A 114 -32.68 -8.17 -28.87
CA TRP A 114 -32.02 -9.24 -28.13
C TRP A 114 -32.58 -9.34 -26.70
N GLY A 115 -33.26 -8.29 -26.25
CA GLY A 115 -33.71 -8.26 -24.88
C GLY A 115 -32.98 -7.20 -24.05
N GLN A 116 -33.39 -7.05 -22.78
CA GLN A 116 -32.81 -6.07 -21.88
C GLN A 116 -31.54 -6.62 -21.22
N THR A 117 -31.34 -7.93 -21.21
CA THR A 117 -30.16 -8.52 -20.59
C THR A 117 -29.65 -9.67 -21.45
N GLY A 118 -28.55 -10.31 -21.00
CA GLY A 118 -27.94 -11.48 -21.64
C GLY A 118 -26.75 -11.07 -22.53
N PRO A 119 -25.95 -12.05 -22.96
CA PRO A 119 -24.70 -11.81 -23.68
C PRO A 119 -24.77 -11.03 -24.98
N ARG A 120 -25.93 -10.99 -25.65
CA ARG A 120 -26.03 -10.29 -26.93
C ARG A 120 -26.76 -8.97 -26.77
N SER A 121 -27.10 -8.60 -25.52
CA SER A 121 -28.00 -7.47 -25.27
C SER A 121 -27.45 -6.15 -25.76
N GLN A 122 -26.15 -6.07 -26.02
CA GLN A 122 -25.57 -4.81 -26.49
C GLN A 122 -25.13 -4.86 -27.95
N GLN A 123 -25.20 -6.04 -28.60
CA GLN A 123 -24.83 -6.10 -30.01
C GLN A 123 -25.87 -5.39 -30.88
N ALA A 124 -25.40 -4.62 -31.86
CA ALA A 124 -26.24 -4.17 -32.96
C ALA A 124 -26.81 -5.36 -33.74
N GLY A 125 -27.94 -5.09 -34.40
CA GLY A 125 -28.59 -6.13 -35.16
C GLY A 125 -29.68 -5.51 -36.02
N HIS A 126 -30.17 -6.35 -36.94
CA HIS A 126 -31.42 -6.11 -37.65
C HIS A 126 -32.19 -7.42 -37.70
N ASP A 127 -33.38 -7.36 -38.33
CA ASP A 127 -34.34 -8.48 -38.38
C ASP A 127 -33.59 -9.79 -38.63
N ILE A 128 -32.80 -9.83 -39.72
CA ILE A 128 -32.17 -11.07 -40.14
C ILE A 128 -31.32 -11.68 -39.01
N ASN A 129 -30.74 -10.82 -38.15
CA ASN A 129 -29.94 -11.31 -37.03
C ASN A 129 -30.82 -11.96 -35.97
N TYR A 130 -31.92 -11.30 -35.61
CA TYR A 130 -32.76 -11.79 -34.52
C TYR A 130 -33.43 -13.12 -34.93
N ILE A 131 -33.85 -13.25 -36.19
CA ILE A 131 -34.49 -14.49 -36.60
C ILE A 131 -33.48 -15.57 -36.94
N SER A 132 -32.19 -15.24 -37.02
CA SER A 132 -31.16 -16.24 -37.27
C SER A 132 -30.89 -17.09 -36.04
N LEU A 133 -31.08 -16.53 -34.85
CA LEU A 133 -30.67 -17.21 -33.62
C LEU A 133 -31.72 -18.18 -33.08
N ASN A 134 -32.99 -18.00 -33.49
CA ASN A 134 -34.09 -18.75 -32.87
C ASN A 134 -34.67 -19.77 -33.85
N GLY A 135 -33.92 -20.08 -34.90
CA GLY A 135 -34.26 -21.20 -35.77
C GLY A 135 -35.11 -20.82 -36.97
N ILE A 136 -35.63 -19.58 -37.00
CA ILE A 136 -36.60 -19.18 -38.00
C ILE A 136 -35.95 -19.09 -39.38
N LEU A 137 -34.88 -18.29 -39.51
CA LEU A 137 -34.26 -18.03 -40.80
C LEU A 137 -33.84 -19.33 -41.45
N HIS A 138 -33.27 -20.25 -40.68
CA HIS A 138 -32.80 -21.51 -41.22
C HIS A 138 -33.94 -22.28 -41.91
N ALA A 139 -35.18 -21.98 -41.54
CA ALA A 139 -36.31 -22.75 -42.03
C ALA A 139 -36.90 -22.15 -43.31
N ILE A 140 -36.44 -20.96 -43.75
CA ILE A 140 -37.04 -20.24 -44.85
C ILE A 140 -36.17 -20.40 -46.09
N GLY A 141 -36.76 -20.91 -47.17
CA GLY A 141 -36.13 -20.99 -48.49
C GLY A 141 -36.12 -22.42 -49.01
N ARG A 142 -35.56 -22.61 -50.20
CA ARG A 142 -35.49 -23.91 -50.82
C ARG A 142 -34.40 -24.76 -50.21
N GLY A 143 -34.53 -26.09 -50.35
CA GLY A 143 -33.64 -27.03 -49.69
C GLY A 143 -32.24 -27.04 -50.29
N ASP A 144 -32.13 -26.62 -51.52
CA ASP A 144 -30.86 -26.74 -52.22
C ASP A 144 -30.12 -25.39 -52.21
N GLU A 145 -30.54 -24.44 -51.36
CA GLU A 145 -29.94 -23.11 -51.33
C GLU A 145 -29.80 -22.60 -49.91
N ARG A 146 -29.06 -21.51 -49.74
CA ARG A 146 -28.93 -20.90 -48.44
C ARG A 146 -30.24 -20.21 -48.05
N PRO A 147 -30.47 -20.02 -46.74
CA PRO A 147 -31.72 -19.44 -46.29
C PRO A 147 -31.98 -18.09 -46.91
N VAL A 148 -33.26 -17.74 -47.11
CA VAL A 148 -33.55 -16.45 -47.68
C VAL A 148 -34.39 -15.67 -46.67
N PRO A 149 -34.05 -14.40 -46.42
CA PRO A 149 -34.80 -13.59 -45.50
C PRO A 149 -36.16 -13.26 -46.04
N PRO A 150 -37.19 -13.46 -45.18
CA PRO A 150 -38.56 -13.09 -45.47
C PRO A 150 -38.78 -11.60 -45.30
N LEU A 151 -38.06 -10.82 -46.11
CA LEU A 151 -37.93 -9.40 -45.90
C LEU A 151 -37.63 -9.16 -44.42
N ASN A 152 -38.15 -8.06 -43.87
CA ASN A 152 -38.02 -7.79 -42.44
C ASN A 152 -39.37 -8.00 -41.76
N LEU A 153 -40.17 -8.94 -42.26
CA LEU A 153 -41.56 -9.08 -41.86
C LEU A 153 -41.64 -9.85 -40.55
N VAL A 154 -40.74 -10.79 -40.30
CA VAL A 154 -40.98 -11.75 -39.22
C VAL A 154 -40.42 -11.26 -37.89
N GLY A 155 -39.27 -10.60 -37.93
CA GLY A 155 -38.62 -10.11 -36.72
C GLY A 155 -39.03 -8.68 -36.37
N ASP A 156 -38.91 -7.75 -37.31
CA ASP A 156 -39.27 -6.37 -37.00
C ASP A 156 -40.74 -6.27 -36.64
N PHE A 157 -41.62 -6.82 -37.46
CA PHE A 157 -43.03 -6.42 -37.43
C PHE A 157 -43.82 -7.52 -36.72
N GLY A 158 -43.91 -8.70 -37.33
CA GLY A 158 -44.75 -9.75 -36.78
C GLY A 158 -44.31 -10.19 -35.38
N GLY A 159 -42.99 -10.31 -35.19
CA GLY A 159 -42.43 -10.76 -33.95
C GLY A 159 -41.92 -9.60 -33.09
N GLY A 160 -42.08 -8.38 -33.58
CA GLY A 160 -41.51 -7.20 -32.96
C GLY A 160 -42.59 -6.19 -32.58
N SER A 161 -42.86 -5.23 -33.45
CA SER A 161 -43.88 -4.23 -33.24
C SER A 161 -45.21 -4.83 -32.74
N MET A 162 -45.63 -5.95 -33.34
CA MET A 162 -46.94 -6.47 -33.00
C MET A 162 -46.96 -6.96 -31.57
N PHE A 163 -45.90 -7.62 -31.12
CA PHE A 163 -45.87 -7.98 -29.71
C PHE A 163 -45.75 -6.75 -28.82
N LEU A 164 -45.10 -5.70 -29.33
CA LEU A 164 -45.00 -4.48 -28.56
C LEU A 164 -46.41 -3.97 -28.31
N LEU A 165 -47.22 -3.91 -29.38
CA LEU A 165 -48.60 -3.44 -29.32
C LEU A 165 -49.44 -4.28 -28.37
N VAL A 166 -49.35 -5.60 -28.48
CA VAL A 166 -50.10 -6.46 -27.58
C VAL A 166 -49.71 -6.22 -26.11
N GLY A 167 -48.40 -6.05 -25.82
CA GLY A 167 -47.95 -5.74 -24.47
C GLY A 167 -48.44 -4.38 -23.98
N ILE A 168 -48.43 -3.37 -24.82
CA ILE A 168 -48.91 -2.07 -24.45
C ILE A 168 -50.40 -2.18 -24.09
N LEU A 169 -51.18 -2.85 -24.95
CA LEU A 169 -52.62 -2.87 -24.81
C LEU A 169 -52.98 -3.83 -23.69
N ALA A 170 -52.22 -4.90 -23.50
CA ALA A 170 -52.49 -5.78 -22.37
C ALA A 170 -52.24 -5.05 -21.06
N ALA A 171 -51.16 -4.27 -21.01
CA ALA A 171 -50.78 -3.52 -19.81
C ALA A 171 -51.80 -2.43 -19.50
N LEU A 172 -52.35 -1.78 -20.53
CA LEU A 172 -53.40 -0.78 -20.37
C LEU A 172 -54.66 -1.41 -19.76
N TRP A 173 -54.98 -2.62 -20.19
CA TRP A 173 -56.09 -3.35 -19.62
C TRP A 173 -55.81 -3.58 -18.13
N GLU A 174 -54.59 -4.00 -17.81
CA GLU A 174 -54.25 -4.33 -16.44
C GLU A 174 -54.36 -3.09 -15.57
N ARG A 175 -53.97 -1.94 -16.11
CA ARG A 175 -53.99 -0.67 -15.40
C ARG A 175 -55.41 -0.23 -15.05
N GLN A 176 -56.40 -0.90 -15.65
CA GLN A 176 -57.80 -0.63 -15.30
C GLN A 176 -58.09 -1.17 -13.90
N SER A 177 -57.45 -2.26 -13.49
CA SER A 177 -57.61 -2.79 -12.15
C SER A 177 -56.66 -2.12 -11.15
N SER A 178 -55.37 -2.05 -11.49
CA SER A 178 -54.30 -1.74 -10.56
C SER A 178 -54.20 -0.23 -10.29
N GLY A 179 -54.56 0.58 -11.29
CA GLY A 179 -54.30 2.02 -11.28
C GLY A 179 -52.84 2.36 -11.57
N LYS A 180 -52.02 1.33 -11.91
CA LYS A 180 -50.59 1.49 -12.13
C LYS A 180 -50.13 1.00 -13.52
N GLY A 181 -49.17 1.74 -14.09
CA GLY A 181 -48.40 1.34 -15.26
C GLY A 181 -47.38 0.26 -14.94
N GLN A 182 -46.48 -0.01 -15.91
CA GLN A 182 -45.45 -1.04 -15.78
C GLN A 182 -44.55 -1.02 -17.04
N VAL A 183 -43.51 -1.85 -17.02
CA VAL A 183 -42.57 -1.97 -18.11
C VAL A 183 -42.96 -3.15 -19.00
N VAL A 184 -43.07 -2.88 -20.30
CA VAL A 184 -43.18 -3.92 -21.30
C VAL A 184 -41.85 -4.12 -22.00
N ASP A 185 -41.32 -5.35 -21.91
CA ASP A 185 -40.06 -5.73 -22.51
C ASP A 185 -40.31 -6.59 -23.76
N ALA A 186 -40.41 -5.96 -24.92
CA ALA A 186 -40.66 -6.70 -26.16
C ALA A 186 -39.36 -6.93 -26.92
N ALA A 187 -38.93 -8.18 -26.98
CA ALA A 187 -37.73 -8.54 -27.72
C ALA A 187 -38.05 -9.40 -28.95
N MET A 188 -37.55 -8.98 -30.13
CA MET A 188 -37.84 -9.64 -31.40
C MET A 188 -37.48 -11.12 -31.36
N VAL A 189 -36.47 -11.50 -30.60
CA VAL A 189 -36.10 -12.91 -30.58
C VAL A 189 -37.15 -13.73 -29.84
N ASP A 190 -37.91 -13.08 -28.94
CA ASP A 190 -38.95 -13.77 -28.18
C ASP A 190 -40.27 -13.73 -28.97
N GLY A 191 -40.71 -12.54 -29.35
CA GLY A 191 -41.92 -12.36 -30.14
C GLY A 191 -41.95 -13.31 -31.34
N SER A 192 -40.86 -13.31 -32.15
CA SER A 192 -40.80 -14.12 -33.35
C SER A 192 -40.87 -15.61 -33.00
N SER A 193 -40.32 -15.99 -31.84
CA SER A 193 -40.36 -17.38 -31.39
C SER A 193 -41.81 -17.81 -31.12
N VAL A 194 -42.66 -16.90 -30.63
CA VAL A 194 -44.05 -17.20 -30.33
C VAL A 194 -44.84 -17.19 -31.64
N LEU A 195 -44.43 -16.32 -32.54
CA LEU A 195 -45.02 -16.27 -33.86
C LEU A 195 -44.87 -17.63 -34.55
N ILE A 196 -43.78 -18.35 -34.28
CA ILE A 196 -43.56 -19.65 -34.91
C ILE A 196 -43.84 -20.78 -33.92
N GLN A 197 -44.66 -20.54 -32.90
CA GLN A 197 -44.95 -21.59 -31.93
C GLN A 197 -45.51 -22.85 -32.60
N MET A 198 -46.33 -22.70 -33.65
CA MET A 198 -46.84 -23.84 -34.38
C MET A 198 -45.73 -24.84 -34.74
N MET A 199 -44.61 -24.33 -35.27
CA MET A 199 -43.58 -25.22 -35.77
C MET A 199 -42.92 -25.93 -34.60
N TRP A 200 -42.82 -25.22 -33.47
CA TRP A 200 -42.22 -25.83 -32.29
C TRP A 200 -43.11 -26.97 -31.78
N ALA A 201 -44.43 -26.80 -31.90
CA ALA A 201 -45.38 -27.82 -31.51
C ALA A 201 -45.25 -29.05 -32.41
N MET A 202 -45.31 -28.79 -33.72
CA MET A 202 -45.21 -29.81 -34.74
C MET A 202 -43.87 -30.52 -34.68
N ARG A 203 -42.78 -29.82 -34.32
CA ARG A 203 -41.49 -30.52 -34.20
C ARG A 203 -41.60 -31.55 -33.09
N ALA A 204 -42.29 -31.18 -32.00
CA ALA A 204 -42.34 -32.03 -30.83
C ALA A 204 -43.07 -33.34 -31.15
N THR A 205 -44.05 -33.26 -32.05
CA THR A 205 -44.87 -34.42 -32.41
C THR A 205 -44.41 -35.00 -33.74
N GLY A 206 -43.15 -34.78 -34.14
CA GLY A 206 -42.58 -35.37 -35.35
C GLY A 206 -43.21 -34.88 -36.67
N MET A 207 -44.01 -33.83 -36.66
CA MET A 207 -44.67 -33.39 -37.87
C MET A 207 -43.95 -32.21 -38.53
N TRP A 208 -42.76 -31.83 -38.03
CA TRP A 208 -41.95 -30.80 -38.68
C TRP A 208 -40.48 -31.16 -38.53
N THR A 209 -39.68 -31.12 -39.60
CA THR A 209 -38.25 -31.41 -39.47
C THR A 209 -37.43 -30.13 -39.70
N ASP A 210 -36.18 -30.21 -39.27
CA ASP A 210 -35.21 -29.12 -39.40
C ASP A 210 -34.65 -28.99 -40.81
N THR A 211 -34.97 -29.95 -41.69
CA THR A 211 -34.55 -29.88 -43.08
C THR A 211 -35.36 -28.79 -43.78
N ARG A 212 -34.66 -27.79 -44.31
CA ARG A 212 -35.30 -26.71 -45.05
C ARG A 212 -35.90 -27.25 -46.35
N GLY A 213 -37.13 -26.87 -46.67
CA GLY A 213 -37.75 -27.20 -47.95
C GLY A 213 -38.32 -28.62 -48.00
N ALA A 214 -38.49 -29.27 -46.84
CA ALA A 214 -39.04 -30.62 -46.78
C ALA A 214 -40.18 -30.75 -45.77
N ASN A 215 -41.02 -29.73 -45.61
CA ASN A 215 -42.16 -29.79 -44.71
C ASN A 215 -43.43 -29.33 -45.45
N MET A 216 -44.55 -29.35 -44.73
CA MET A 216 -45.85 -29.12 -45.34
C MET A 216 -46.01 -27.66 -45.76
N LEU A 217 -45.44 -26.73 -44.98
CA LEU A 217 -45.70 -25.32 -45.14
C LEU A 217 -44.46 -24.52 -45.56
N ASP A 218 -43.39 -25.17 -45.99
CA ASP A 218 -42.20 -24.41 -46.31
C ASP A 218 -41.88 -24.44 -47.80
N GLY A 219 -42.79 -25.04 -48.57
CA GLY A 219 -42.57 -25.20 -49.99
C GLY A 219 -42.27 -26.65 -50.38
N GLY A 220 -42.04 -27.52 -49.41
CA GLY A 220 -41.77 -28.92 -49.68
C GLY A 220 -42.97 -29.73 -50.19
N ALA A 221 -44.19 -29.31 -49.85
CA ALA A 221 -45.38 -29.99 -50.31
C ALA A 221 -45.78 -29.45 -51.68
N PRO A 222 -45.97 -30.32 -52.68
CA PRO A 222 -46.47 -29.89 -53.98
C PRO A 222 -47.79 -29.14 -53.97
N TYR A 223 -48.63 -29.34 -52.93
CA TYR A 223 -49.90 -28.65 -52.83
C TYR A 223 -49.83 -27.42 -51.93
N TYR A 224 -48.64 -27.05 -51.42
CA TYR A 224 -48.49 -25.79 -50.75
C TYR A 224 -47.22 -25.12 -51.28
N ASP A 225 -47.33 -24.37 -52.37
CA ASP A 225 -46.14 -23.81 -52.99
C ASP A 225 -46.58 -22.89 -54.13
N THR A 226 -45.61 -22.21 -54.75
CA THR A 226 -45.92 -21.48 -55.95
C THR A 226 -45.53 -22.32 -57.16
N TYR A 227 -46.15 -21.97 -58.31
CA TYR A 227 -45.93 -22.62 -59.58
C TYR A 227 -45.78 -21.57 -60.68
N GLU A 228 -44.83 -21.83 -61.57
CA GLU A 228 -44.59 -20.97 -62.72
C GLU A 228 -45.58 -21.32 -63.85
N CYS A 229 -46.14 -20.29 -64.46
CA CYS A 229 -47.14 -20.42 -65.50
C CYS A 229 -46.50 -20.17 -66.86
N ALA A 230 -47.33 -20.27 -67.91
CA ALA A 230 -46.87 -20.22 -69.28
C ALA A 230 -46.22 -18.87 -69.54
N ASP A 231 -46.73 -17.81 -68.92
CA ASP A 231 -46.26 -16.46 -69.15
C ASP A 231 -45.07 -16.10 -68.25
N GLY A 232 -44.57 -17.05 -67.45
CA GLY A 232 -43.48 -16.72 -66.54
C GLY A 232 -43.93 -16.00 -65.27
N ARG A 233 -45.25 -15.82 -65.06
CA ARG A 233 -45.77 -15.32 -63.80
C ARG A 233 -46.16 -16.51 -62.92
N TYR A 234 -46.69 -16.25 -61.72
CA TYR A 234 -46.87 -17.35 -60.79
C TYR A 234 -48.26 -17.38 -60.18
N VAL A 235 -48.68 -18.61 -59.85
CA VAL A 235 -49.81 -18.84 -58.97
C VAL A 235 -49.30 -19.44 -57.67
N ALA A 236 -50.14 -19.29 -56.64
CA ALA A 236 -49.98 -19.91 -55.34
C ALA A 236 -51.02 -21.00 -55.15
N VAL A 237 -50.53 -22.13 -54.65
CA VAL A 237 -51.35 -23.26 -54.33
C VAL A 237 -51.21 -23.52 -52.84
N GLY A 238 -52.36 -23.65 -52.17
CA GLY A 238 -52.46 -23.86 -50.75
C GLY A 238 -53.51 -24.91 -50.40
N ALA A 239 -53.64 -25.92 -51.26
CA ALA A 239 -54.76 -26.86 -51.21
C ALA A 239 -54.46 -27.96 -50.21
N ILE A 240 -54.46 -27.61 -48.93
CA ILE A 240 -54.05 -28.56 -47.91
C ILE A 240 -55.13 -29.62 -47.73
N GLU A 241 -56.38 -29.20 -47.55
CA GLU A 241 -57.45 -30.14 -47.21
C GLU A 241 -57.79 -30.96 -48.45
N PRO A 242 -58.02 -32.27 -48.32
CA PRO A 242 -58.21 -33.14 -49.49
C PRO A 242 -59.33 -32.70 -50.42
N GLN A 243 -60.38 -32.08 -49.88
CA GLN A 243 -61.52 -31.65 -50.69
C GLN A 243 -61.13 -30.49 -51.58
N PHE A 244 -60.25 -29.59 -51.09
CA PHE A 244 -59.78 -28.45 -51.87
C PHE A 244 -58.74 -28.93 -52.90
N TYR A 245 -57.88 -29.85 -52.50
CA TYR A 245 -56.92 -30.48 -53.41
C TYR A 245 -57.68 -31.09 -54.60
N ALA A 246 -58.76 -31.81 -54.30
CA ALA A 246 -59.52 -32.48 -55.35
C ALA A 246 -60.07 -31.45 -56.33
N ALA A 247 -60.53 -30.30 -55.80
CA ALA A 247 -61.07 -29.24 -56.67
C ALA A 247 -59.99 -28.64 -57.57
N MET A 248 -58.77 -28.57 -57.05
CA MET A 248 -57.65 -28.04 -57.80
C MET A 248 -57.33 -28.97 -58.98
N LEU A 249 -57.20 -30.27 -58.68
CA LEU A 249 -56.90 -31.28 -59.69
C LEU A 249 -57.90 -31.26 -60.84
N ALA A 250 -59.18 -31.12 -60.51
CA ALA A 250 -60.24 -31.07 -61.49
C ALA A 250 -60.05 -29.88 -62.40
N GLY A 251 -59.73 -28.73 -61.80
CA GLY A 251 -59.49 -27.52 -62.56
C GLY A 251 -58.24 -27.62 -63.43
N LEU A 252 -57.28 -28.47 -63.04
CA LEU A 252 -56.04 -28.58 -63.79
C LEU A 252 -56.23 -29.54 -64.95
N GLY A 253 -57.26 -30.39 -64.86
CA GLY A 253 -57.47 -31.39 -65.88
C GLY A 253 -56.68 -32.67 -65.59
N LEU A 254 -56.31 -32.92 -64.33
CA LEU A 254 -55.58 -34.11 -63.98
C LEU A 254 -56.55 -35.04 -63.25
N ASP A 255 -56.56 -36.31 -63.64
CA ASP A 255 -57.37 -37.30 -62.95
C ASP A 255 -56.57 -37.82 -61.79
N ALA A 256 -57.20 -37.83 -60.62
CA ALA A 256 -56.65 -38.34 -59.38
C ALA A 256 -56.01 -39.71 -59.59
N ALA A 257 -56.67 -40.55 -60.40
CA ALA A 257 -56.25 -41.92 -60.62
C ALA A 257 -54.88 -42.02 -61.28
N GLU A 258 -54.43 -40.97 -61.99
CA GLU A 258 -53.13 -40.98 -62.64
C GLU A 258 -52.06 -40.35 -61.76
N LEU A 259 -52.39 -39.83 -60.57
CA LEU A 259 -51.40 -39.13 -59.77
C LEU A 259 -51.04 -40.02 -58.59
N PRO A 260 -49.88 -39.83 -57.96
CA PRO A 260 -49.67 -40.41 -56.65
C PRO A 260 -50.61 -39.80 -55.62
N PRO A 261 -50.75 -40.41 -54.42
CA PRO A 261 -51.56 -39.80 -53.38
C PRO A 261 -50.99 -38.46 -52.93
N GLN A 262 -51.90 -37.57 -52.54
CA GLN A 262 -51.58 -36.21 -52.17
C GLN A 262 -50.51 -36.17 -51.09
N ASN A 263 -50.58 -37.07 -50.10
CA ASN A 263 -49.62 -37.06 -49.00
C ASN A 263 -48.70 -38.27 -48.98
N ASP A 264 -48.48 -38.93 -50.11
CA ASP A 264 -47.39 -39.89 -50.21
C ASP A 264 -46.08 -39.16 -50.51
N ARG A 265 -45.37 -38.77 -49.44
CA ARG A 265 -44.20 -37.91 -49.48
C ARG A 265 -43.08 -38.53 -50.30
N ALA A 266 -43.01 -39.87 -50.33
CA ALA A 266 -41.98 -40.53 -51.09
C ALA A 266 -42.17 -40.26 -52.59
N ARG A 267 -43.41 -39.96 -53.00
CA ARG A 267 -43.72 -39.74 -54.40
C ARG A 267 -44.06 -38.28 -54.70
N TRP A 268 -43.69 -37.38 -53.81
CA TRP A 268 -43.79 -35.95 -54.08
C TRP A 268 -43.01 -35.50 -55.31
N PRO A 269 -41.81 -36.05 -55.62
CA PRO A 269 -41.12 -35.68 -56.85
C PRO A 269 -41.98 -35.85 -58.12
N GLU A 270 -42.63 -37.03 -58.24
CA GLU A 270 -43.53 -37.30 -59.35
C GLU A 270 -44.69 -36.33 -59.33
N LEU A 271 -45.28 -36.16 -58.15
CA LEU A 271 -46.48 -35.33 -58.08
C LEU A 271 -46.13 -33.90 -58.47
N ARG A 272 -45.03 -33.36 -57.95
CA ARG A 272 -44.56 -32.03 -58.31
C ARG A 272 -44.35 -31.90 -59.82
N ALA A 273 -43.72 -32.92 -60.43
CA ALA A 273 -43.49 -32.90 -61.86
C ALA A 273 -44.82 -32.78 -62.61
N LEU A 274 -45.84 -33.50 -62.14
CA LEU A 274 -47.15 -33.49 -62.80
C LEU A 274 -47.84 -32.13 -62.66
N LEU A 275 -47.82 -31.56 -61.46
CA LEU A 275 -48.48 -30.28 -61.24
C LEU A 275 -47.73 -29.17 -61.97
N THR A 276 -46.40 -29.24 -61.93
CA THR A 276 -45.54 -28.28 -62.60
C THR A 276 -45.90 -28.22 -64.08
N GLU A 277 -45.99 -29.38 -64.76
CA GLU A 277 -46.28 -29.41 -66.19
C GLU A 277 -47.67 -28.82 -66.45
N ALA A 278 -48.63 -29.17 -65.61
CA ALA A 278 -49.99 -28.72 -65.78
C ALA A 278 -50.08 -27.21 -65.60
N PHE A 279 -49.54 -26.68 -64.51
CA PHE A 279 -49.61 -25.23 -64.32
C PHE A 279 -48.87 -24.50 -65.44
N ALA A 280 -47.80 -25.11 -65.97
CA ALA A 280 -46.97 -24.44 -66.98
C ALA A 280 -47.70 -24.28 -68.32
N SER A 281 -48.85 -24.93 -68.50
CA SER A 281 -49.52 -25.00 -69.80
C SER A 281 -50.47 -23.81 -70.03
N HIS A 282 -50.76 -22.98 -69.04
CA HIS A 282 -51.52 -21.77 -69.30
C HIS A 282 -50.95 -20.64 -68.45
N ASP A 283 -51.42 -19.43 -68.71
CA ASP A 283 -50.85 -18.25 -68.07
C ASP A 283 -51.54 -18.02 -66.74
N ARG A 284 -50.95 -17.16 -65.91
CA ARG A 284 -51.45 -16.92 -64.57
C ARG A 284 -52.93 -16.53 -64.64
N ASP A 285 -53.25 -15.57 -65.51
CA ASP A 285 -54.58 -14.96 -65.50
C ASP A 285 -55.61 -16.00 -65.94
N HIS A 286 -55.23 -16.96 -66.80
CA HIS A 286 -56.08 -18.12 -67.03
C HIS A 286 -56.44 -18.88 -65.74
N TRP A 287 -55.42 -19.22 -64.94
CA TRP A 287 -55.68 -19.98 -63.73
C TRP A 287 -56.54 -19.15 -62.78
N GLY A 288 -56.35 -17.82 -62.81
CA GLY A 288 -57.05 -16.92 -61.89
C GLY A 288 -58.55 -16.96 -62.14
N ALA A 289 -58.91 -17.11 -63.43
CA ALA A 289 -60.27 -17.17 -63.93
C ALA A 289 -60.90 -18.51 -63.60
N VAL A 290 -60.33 -19.59 -64.13
CA VAL A 290 -60.71 -20.95 -63.78
C VAL A 290 -61.08 -21.08 -62.29
N PHE A 291 -60.25 -20.53 -61.37
CA PHE A 291 -60.39 -20.88 -59.97
C PHE A 291 -61.01 -19.77 -59.12
N ALA A 292 -61.43 -18.67 -59.73
CA ALA A 292 -62.21 -17.70 -58.96
C ALA A 292 -63.50 -18.37 -58.48
N ASN A 293 -63.86 -18.05 -57.23
CA ASN A 293 -65.05 -18.57 -56.58
C ASN A 293 -64.89 -20.06 -56.25
N SER A 294 -63.68 -20.64 -56.39
CA SER A 294 -63.47 -22.03 -56.01
C SER A 294 -62.79 -22.15 -54.66
N ASP A 295 -62.90 -23.36 -54.10
CA ASP A 295 -62.18 -23.74 -52.91
C ASP A 295 -60.86 -24.43 -53.27
N ALA A 296 -60.41 -24.29 -54.51
CA ALA A 296 -59.18 -24.97 -54.95
C ALA A 296 -57.91 -24.39 -54.30
N CYS A 297 -57.98 -23.21 -53.68
CA CYS A 297 -56.85 -22.59 -52.98
C CYS A 297 -55.73 -22.29 -53.96
N VAL A 298 -56.10 -21.71 -55.11
CA VAL A 298 -55.19 -21.32 -56.15
C VAL A 298 -55.39 -19.83 -56.40
N THR A 299 -54.35 -19.00 -56.27
CA THR A 299 -54.56 -17.57 -56.45
C THR A 299 -53.37 -17.03 -57.22
N PRO A 300 -53.57 -15.94 -57.96
CA PRO A 300 -52.48 -15.30 -58.67
C PRO A 300 -51.51 -14.64 -57.69
N VAL A 301 -50.21 -14.78 -57.98
CA VAL A 301 -49.17 -14.12 -57.22
C VAL A 301 -48.96 -12.77 -57.86
N LEU A 302 -49.56 -11.75 -57.27
CA LEU A 302 -49.49 -10.40 -57.80
C LEU A 302 -48.27 -9.64 -57.27
N ALA A 303 -47.74 -8.79 -58.14
CA ALA A 303 -46.71 -7.83 -57.79
C ALA A 303 -47.35 -6.59 -57.16
N PHE A 304 -46.60 -5.87 -56.30
CA PHE A 304 -47.11 -4.68 -55.64
C PHE A 304 -47.91 -3.85 -56.66
N GLY A 305 -47.31 -3.67 -57.84
CA GLY A 305 -47.80 -2.70 -58.82
C GLY A 305 -49.13 -3.09 -59.44
N GLU A 306 -49.51 -4.37 -59.32
CA GLU A 306 -50.73 -4.92 -59.89
C GLU A 306 -51.84 -5.01 -58.85
N VAL A 307 -51.49 -4.83 -57.57
CA VAL A 307 -52.45 -5.08 -56.50
C VAL A 307 -53.67 -4.18 -56.63
N HIS A 308 -53.46 -2.95 -57.06
CA HIS A 308 -54.52 -1.94 -57.02
C HIS A 308 -55.60 -2.25 -58.06
N ASN A 309 -55.37 -3.18 -58.99
CA ASN A 309 -56.38 -3.58 -59.98
C ASN A 309 -57.12 -4.86 -59.62
N GLU A 310 -56.81 -5.48 -58.48
CA GLU A 310 -57.49 -6.71 -58.10
C GLU A 310 -58.85 -6.35 -57.49
N PRO A 311 -59.97 -6.86 -58.06
CA PRO A 311 -61.30 -6.48 -57.58
C PRO A 311 -61.50 -6.58 -56.07
N HIS A 312 -61.09 -7.68 -55.44
CA HIS A 312 -61.34 -7.88 -54.02
C HIS A 312 -60.59 -6.87 -53.15
N ILE A 313 -59.43 -6.41 -53.64
CA ILE A 313 -58.64 -5.42 -52.91
C ILE A 313 -59.31 -4.04 -53.02
N ILE A 314 -59.74 -3.67 -54.24
CA ILE A 314 -60.44 -2.41 -54.48
C ILE A 314 -61.67 -2.32 -53.59
N GLU A 315 -62.53 -3.33 -53.65
CA GLU A 315 -63.82 -3.24 -53.02
C GLU A 315 -63.73 -3.13 -51.51
N ARG A 316 -62.81 -3.85 -50.85
CA ARG A 316 -62.74 -3.76 -49.41
C ARG A 316 -61.96 -2.51 -48.95
N ASN A 317 -61.51 -1.69 -49.90
CA ASN A 317 -60.62 -0.58 -49.66
C ASN A 317 -59.47 -1.01 -48.76
N THR A 318 -58.72 -2.03 -49.16
CA THR A 318 -57.57 -2.44 -48.35
C THR A 318 -56.48 -1.35 -48.43
N PHE A 319 -56.51 -0.54 -49.50
CA PHE A 319 -55.52 0.49 -49.76
C PHE A 319 -56.18 1.85 -49.99
N TYR A 320 -55.40 2.93 -49.77
CA TYR A 320 -55.81 4.28 -50.10
C TYR A 320 -54.64 4.91 -50.84
N GLU A 321 -54.90 5.93 -51.68
CA GLU A 321 -53.85 6.64 -52.39
C GLU A 321 -53.32 7.80 -51.55
N ALA A 322 -52.03 8.09 -51.68
CA ALA A 322 -51.41 9.21 -51.01
C ALA A 322 -50.01 9.41 -51.59
N ASN A 323 -49.70 10.63 -52.06
CA ASN A 323 -48.32 10.93 -52.44
C ASN A 323 -47.81 9.86 -53.41
N GLY A 324 -48.25 9.94 -54.67
CA GLY A 324 -47.80 9.04 -55.72
C GLY A 324 -47.49 7.63 -55.19
N GLY A 325 -48.52 6.99 -54.60
CA GLY A 325 -48.45 5.57 -54.29
C GLY A 325 -49.56 5.16 -53.31
N TRP A 326 -49.96 3.90 -53.42
CA TRP A 326 -50.93 3.33 -52.50
C TRP A 326 -50.27 3.04 -51.17
N GLN A 327 -51.12 2.98 -50.14
CA GLN A 327 -50.70 2.67 -48.79
C GLN A 327 -51.82 1.88 -48.14
N PRO A 328 -51.51 0.92 -47.25
CA PRO A 328 -52.55 0.19 -46.58
C PRO A 328 -53.38 1.01 -45.61
N MET A 329 -54.69 0.76 -45.64
CA MET A 329 -55.60 1.29 -44.65
C MET A 329 -55.38 0.58 -43.33
N PRO A 330 -55.77 1.20 -42.22
CA PRO A 330 -55.59 0.59 -40.91
C PRO A 330 -56.19 -0.80 -40.81
N ALA A 331 -55.58 -1.64 -39.97
CA ALA A 331 -56.12 -2.93 -39.63
C ALA A 331 -56.03 -3.13 -38.12
N PRO A 332 -56.88 -3.97 -37.47
CA PRO A 332 -58.08 -4.52 -38.12
C PRO A 332 -59.17 -3.46 -38.24
N ARG A 333 -60.42 -3.92 -38.50
CA ARG A 333 -61.54 -3.01 -38.68
C ARG A 333 -62.50 -3.11 -37.49
N PHE A 334 -63.19 -1.99 -37.20
CA PHE A 334 -64.04 -1.88 -36.02
C PHE A 334 -65.45 -1.47 -36.46
N SER A 335 -66.48 -2.22 -35.99
CA SER A 335 -67.88 -1.95 -36.35
C SER A 335 -68.36 -0.56 -35.87
N ARG A 336 -68.20 -0.20 -34.60
CA ARG A 336 -68.69 1.07 -34.08
C ARG A 336 -67.66 2.21 -34.16
N THR A 337 -66.42 2.01 -33.70
CA THR A 337 -65.45 3.11 -33.69
C THR A 337 -64.39 2.89 -34.76
N ALA A 338 -64.82 3.08 -36.01
CA ALA A 338 -64.00 2.83 -37.17
C ALA A 338 -62.84 3.82 -37.22
N SER A 339 -61.68 3.36 -37.74
CA SER A 339 -60.52 4.21 -37.96
C SER A 339 -60.84 5.13 -39.10
N SER A 340 -60.11 6.23 -39.21
CA SER A 340 -60.19 7.02 -40.43
C SER A 340 -58.92 6.82 -41.25
N GLN A 341 -59.00 7.29 -42.50
CA GLN A 341 -57.85 7.44 -43.36
C GLN A 341 -56.72 8.09 -42.56
N PRO A 342 -55.49 7.55 -42.61
CA PRO A 342 -54.36 8.19 -41.95
C PRO A 342 -54.09 9.58 -42.47
N ARG A 343 -53.61 10.44 -41.55
CA ARG A 343 -53.15 11.78 -41.86
C ARG A 343 -51.68 11.69 -42.24
N PRO A 344 -51.25 12.37 -43.32
CA PRO A 344 -49.88 12.20 -43.78
C PRO A 344 -48.90 12.77 -42.75
N PRO A 345 -47.58 12.56 -42.90
CA PRO A 345 -46.65 13.30 -42.04
C PRO A 345 -46.87 14.81 -42.17
N ALA A 346 -46.70 15.54 -41.06
CA ALA A 346 -46.84 17.00 -41.04
C ALA A 346 -45.48 17.64 -40.76
N ALA A 347 -45.39 18.98 -40.91
CA ALA A 347 -44.21 19.67 -40.43
C ALA A 347 -44.09 19.48 -38.93
N THR A 348 -42.85 19.59 -38.41
CA THR A 348 -42.58 19.60 -36.98
C THR A 348 -43.48 20.61 -36.29
N ILE A 349 -43.78 20.30 -35.04
CA ILE A 349 -44.57 21.14 -34.16
C ILE A 349 -43.69 21.47 -32.96
N ASP A 350 -44.04 22.54 -32.26
CA ASP A 350 -43.28 22.99 -31.11
C ASP A 350 -43.66 22.15 -29.88
N ILE A 351 -42.68 21.73 -29.08
CA ILE A 351 -42.94 20.84 -27.96
C ILE A 351 -43.79 21.53 -26.87
N GLU A 352 -43.64 22.86 -26.76
CA GLU A 352 -44.45 23.67 -25.87
C GLU A 352 -45.92 23.60 -26.28
N ALA A 353 -46.19 23.84 -27.57
CA ALA A 353 -47.54 23.81 -28.11
C ALA A 353 -48.19 22.45 -27.87
N VAL A 354 -47.41 21.36 -27.74
CA VAL A 354 -47.99 20.06 -27.44
C VAL A 354 -48.41 20.01 -25.96
N LEU A 355 -47.54 20.54 -25.08
CA LEU A 355 -47.81 20.56 -23.65
C LEU A 355 -49.05 21.41 -23.34
N THR A 356 -49.19 22.50 -24.13
CA THR A 356 -50.29 23.46 -24.09
C THR A 356 -51.58 22.73 -24.51
N ASP A 357 -51.61 22.26 -25.76
CA ASP A 357 -52.67 21.38 -26.20
C ASP A 357 -53.00 20.28 -25.19
N TRP A 358 -52.03 19.59 -24.57
CA TRP A 358 -52.34 18.55 -23.59
C TRP A 358 -52.63 19.14 -22.20
N ASP A 359 -53.32 20.31 -22.16
CA ASP A 359 -53.47 21.15 -20.97
C ASP A 359 -52.14 21.82 -20.65
N MET B 1 -54.36 -16.88 -11.84
CA MET B 1 -53.76 -16.82 -13.21
C MET B 1 -52.85 -15.60 -13.36
N ALA B 2 -51.55 -15.84 -13.63
CA ALA B 2 -50.55 -14.80 -13.71
C ALA B 2 -50.62 -14.07 -15.06
N GLY B 3 -50.40 -12.76 -15.07
CA GLY B 3 -50.18 -12.04 -16.31
C GLY B 3 -51.07 -10.80 -16.38
N PRO B 4 -50.79 -9.85 -17.30
CA PRO B 4 -51.57 -8.62 -17.33
C PRO B 4 -53.05 -8.78 -17.64
N LEU B 5 -53.44 -9.92 -18.20
CA LEU B 5 -54.80 -10.08 -18.69
C LEU B 5 -55.62 -10.95 -17.73
N SER B 6 -55.13 -11.13 -16.51
CA SER B 6 -55.84 -11.85 -15.46
C SER B 6 -57.28 -11.37 -15.41
N GLY B 7 -58.21 -12.34 -15.46
CA GLY B 7 -59.63 -12.04 -15.35
C GLY B 7 -60.31 -11.70 -16.67
N LEU B 8 -59.55 -11.51 -17.75
CA LEU B 8 -60.18 -11.44 -19.07
C LEU B 8 -60.78 -12.82 -19.38
N ARG B 9 -62.01 -12.79 -19.92
CA ARG B 9 -62.71 -14.02 -20.25
C ARG B 9 -62.96 -14.06 -21.76
N VAL B 10 -62.56 -15.22 -22.32
CA VAL B 10 -62.45 -15.39 -23.76
C VAL B 10 -63.11 -16.71 -24.13
N VAL B 11 -64.05 -16.65 -25.06
CA VAL B 11 -64.57 -17.89 -25.64
C VAL B 11 -64.05 -18.00 -27.07
N GLU B 12 -63.42 -19.15 -27.34
CA GLU B 12 -62.88 -19.44 -28.65
C GLU B 12 -63.69 -20.58 -29.30
N LEU B 13 -64.31 -20.28 -30.44
CA LEU B 13 -64.88 -21.32 -31.29
C LEU B 13 -63.77 -21.97 -32.13
N ALA B 14 -63.52 -23.27 -31.95
CA ALA B 14 -62.32 -23.89 -32.46
C ALA B 14 -62.25 -23.80 -33.99
N GLY B 15 -61.10 -23.31 -34.48
CA GLY B 15 -60.78 -23.22 -35.89
C GLY B 15 -59.32 -23.60 -36.11
N ILE B 16 -58.71 -23.06 -37.16
CA ILE B 16 -57.32 -23.38 -37.45
C ILE B 16 -56.56 -22.10 -37.77
N GLY B 17 -55.26 -22.15 -37.51
CA GLY B 17 -54.35 -21.08 -37.88
C GLY B 17 -54.46 -19.87 -36.93
N PRO B 18 -54.94 -18.73 -37.42
CA PRO B 18 -54.80 -17.50 -36.64
C PRO B 18 -55.61 -17.50 -35.34
N GLY B 19 -56.90 -17.86 -35.38
CA GLY B 19 -57.77 -17.86 -34.21
C GLY B 19 -57.12 -18.59 -33.04
N PRO B 20 -56.69 -19.86 -33.21
CA PRO B 20 -56.06 -20.57 -32.12
C PRO B 20 -54.81 -19.88 -31.59
N HIS B 21 -54.06 -19.23 -32.49
CA HIS B 21 -52.84 -18.54 -32.12
C HIS B 21 -53.15 -17.32 -31.25
N ALA B 22 -54.11 -16.50 -31.67
CA ALA B 22 -54.55 -15.35 -30.90
C ALA B 22 -55.03 -15.78 -29.52
N ALA B 23 -55.78 -16.89 -29.49
CA ALA B 23 -56.38 -17.38 -28.27
C ALA B 23 -55.27 -17.81 -27.32
N MET B 24 -54.26 -18.50 -27.88
CA MET B 24 -53.06 -18.88 -27.16
C MET B 24 -52.40 -17.68 -26.50
N ILE B 25 -52.17 -16.59 -27.22
CA ILE B 25 -51.40 -15.50 -26.64
C ILE B 25 -52.21 -14.84 -25.51
N LEU B 26 -53.53 -14.79 -25.67
CA LEU B 26 -54.39 -14.30 -24.59
C LEU B 26 -54.23 -15.14 -23.34
N GLY B 27 -54.37 -16.45 -23.49
CA GLY B 27 -54.09 -17.41 -22.44
C GLY B 27 -52.72 -17.21 -21.81
N ASP B 28 -51.71 -17.01 -22.66
CA ASP B 28 -50.32 -16.93 -22.22
C ASP B 28 -50.19 -15.80 -21.21
N LEU B 29 -50.86 -14.68 -21.51
CA LEU B 29 -50.88 -13.46 -20.73
C LEU B 29 -51.94 -13.49 -19.62
N GLY B 30 -52.44 -14.70 -19.32
CA GLY B 30 -53.21 -15.01 -18.14
C GLY B 30 -54.73 -14.85 -18.29
N ALA B 31 -55.21 -14.72 -19.53
CA ALA B 31 -56.64 -14.69 -19.76
C ALA B 31 -57.22 -16.08 -19.56
N ASP B 32 -58.53 -16.06 -19.24
CA ASP B 32 -59.34 -17.25 -19.02
C ASP B 32 -59.97 -17.61 -20.37
N VAL B 33 -59.45 -18.69 -20.97
CA VAL B 33 -59.75 -19.00 -22.35
C VAL B 33 -60.52 -20.32 -22.38
N VAL B 34 -61.75 -20.24 -22.91
CA VAL B 34 -62.53 -21.47 -23.01
C VAL B 34 -62.77 -21.76 -24.49
N ARG B 35 -62.30 -22.95 -24.89
CA ARG B 35 -62.36 -23.34 -26.28
C ARG B 35 -63.49 -24.34 -26.48
N ILE B 36 -64.48 -23.93 -27.31
CA ILE B 36 -65.54 -24.81 -27.76
C ILE B 36 -65.14 -25.51 -29.05
N ASP B 37 -64.98 -26.84 -28.96
CA ASP B 37 -64.75 -27.70 -30.10
C ASP B 37 -65.97 -28.58 -30.34
N ARG B 38 -65.95 -29.33 -31.43
CA ARG B 38 -67.05 -30.23 -31.75
C ARG B 38 -66.67 -31.62 -31.23
N PRO B 39 -67.64 -32.43 -30.76
CA PRO B 39 -67.31 -33.65 -30.01
C PRO B 39 -66.53 -34.68 -30.83
N SER B 40 -66.63 -34.58 -32.16
CA SER B 40 -65.82 -35.41 -33.05
C SER B 40 -64.32 -35.03 -33.05
N SER B 41 -63.93 -33.92 -32.39
CA SER B 41 -62.54 -33.47 -32.25
C SER B 41 -62.03 -32.89 -33.58
N GLY B 44 -57.93 -38.58 -25.99
CA GLY B 44 -57.24 -38.18 -24.76
C GLY B 44 -56.92 -36.69 -24.79
N ILE B 45 -55.76 -36.34 -24.25
CA ILE B 45 -55.35 -34.94 -24.11
C ILE B 45 -54.75 -34.50 -25.44
N SER B 46 -55.26 -33.39 -26.02
CA SER B 46 -54.80 -32.91 -27.31
C SER B 46 -53.28 -32.66 -27.26
N ARG B 47 -52.59 -32.96 -28.35
CA ARG B 47 -51.13 -32.94 -28.36
C ARG B 47 -50.59 -31.82 -29.26
N ASP B 48 -51.48 -30.88 -29.65
CA ASP B 48 -51.08 -29.62 -30.26
C ASP B 48 -50.85 -28.59 -29.15
N ALA B 49 -49.57 -28.32 -28.85
CA ALA B 49 -49.22 -27.37 -27.79
C ALA B 49 -49.61 -25.92 -28.13
N MET B 50 -50.16 -25.63 -29.34
CA MET B 50 -50.81 -24.34 -29.61
C MET B 50 -52.12 -24.17 -28.79
N LEU B 51 -52.60 -25.28 -28.19
CA LEU B 51 -53.81 -25.31 -27.38
C LEU B 51 -53.46 -25.26 -25.90
N ARG B 52 -52.23 -24.82 -25.57
CA ARG B 52 -51.87 -24.55 -24.19
C ARG B 52 -52.71 -23.42 -23.62
N ASN B 53 -52.75 -23.33 -22.28
CA ASN B 53 -53.44 -22.28 -21.56
C ASN B 53 -54.91 -22.15 -21.98
N ARG B 54 -55.57 -23.30 -22.05
CA ARG B 54 -56.97 -23.38 -22.44
C ARG B 54 -57.75 -24.32 -21.53
N ARG B 55 -59.07 -24.08 -21.41
CA ARG B 55 -59.98 -25.18 -21.07
C ARG B 55 -60.75 -25.54 -22.35
N ILE B 56 -60.70 -26.83 -22.66
CA ILE B 56 -61.37 -27.40 -23.82
C ILE B 56 -62.71 -28.01 -23.40
N VAL B 57 -63.81 -27.53 -23.99
CA VAL B 57 -65.11 -28.16 -23.85
C VAL B 57 -65.61 -28.57 -25.23
N THR B 58 -66.40 -29.66 -25.29
CA THR B 58 -67.07 -30.05 -26.52
C THR B 58 -68.52 -29.61 -26.45
N ALA B 59 -69.13 -29.44 -27.63
CA ALA B 59 -70.51 -29.01 -27.77
C ALA B 59 -70.90 -28.97 -29.24
N ASP B 60 -71.81 -29.87 -29.66
CA ASP B 60 -72.48 -29.76 -30.95
C ASP B 60 -73.24 -28.44 -31.01
N LEU B 61 -72.71 -27.46 -31.75
CA LEU B 61 -73.35 -26.16 -31.83
C LEU B 61 -74.54 -26.19 -32.79
N LYS B 62 -74.79 -27.34 -33.42
CA LYS B 62 -75.99 -27.49 -34.25
C LYS B 62 -77.20 -27.93 -33.43
N SER B 63 -77.00 -28.61 -32.28
CA SER B 63 -78.09 -28.96 -31.39
C SER B 63 -78.62 -27.69 -30.72
N ASP B 64 -79.85 -27.70 -30.18
CA ASP B 64 -80.36 -26.48 -29.55
C ASP B 64 -79.71 -26.34 -28.17
N GLN B 65 -79.32 -27.47 -27.58
CA GLN B 65 -78.73 -27.50 -26.25
C GLN B 65 -77.30 -26.94 -26.27
N GLY B 66 -76.42 -27.53 -27.10
CA GLY B 66 -75.10 -27.00 -27.39
C GLY B 66 -75.11 -25.49 -27.69
N LEU B 67 -76.04 -25.01 -28.53
CA LEU B 67 -76.17 -23.59 -28.79
C LEU B 67 -76.43 -22.85 -27.49
N GLU B 68 -77.45 -23.27 -26.75
CA GLU B 68 -77.88 -22.56 -25.56
C GLU B 68 -76.73 -22.48 -24.55
N LEU B 69 -76.08 -23.64 -24.31
CA LEU B 69 -74.89 -23.75 -23.47
C LEU B 69 -73.80 -22.75 -23.89
N ALA B 70 -73.63 -22.55 -25.21
CA ALA B 70 -72.62 -21.67 -25.76
C ALA B 70 -72.96 -20.21 -25.49
N LEU B 71 -74.23 -19.85 -25.71
CA LEU B 71 -74.68 -18.50 -25.46
C LEU B 71 -74.61 -18.19 -23.96
N LYS B 72 -74.68 -19.22 -23.11
CA LYS B 72 -74.52 -19.01 -21.69
C LYS B 72 -73.07 -18.60 -21.38
N LEU B 73 -72.07 -19.33 -21.92
CA LEU B 73 -70.68 -18.90 -21.85
C LEU B 73 -70.50 -17.47 -22.34
N ILE B 74 -70.99 -17.17 -23.53
CA ILE B 74 -70.67 -15.92 -24.18
C ILE B 74 -71.20 -14.75 -23.36
N ALA B 75 -72.36 -14.99 -22.72
CA ALA B 75 -72.97 -14.00 -21.84
C ALA B 75 -72.06 -13.70 -20.66
N LYS B 76 -71.28 -14.70 -20.19
CA LYS B 76 -70.40 -14.57 -19.04
C LYS B 76 -68.98 -14.09 -19.42
N ALA B 77 -68.74 -13.58 -20.65
CA ALA B 77 -67.39 -13.48 -21.21
C ALA B 77 -67.09 -12.08 -21.74
N ASP B 78 -65.82 -11.77 -21.97
CA ASP B 78 -65.45 -10.46 -22.50
C ASP B 78 -65.27 -10.49 -24.02
N VAL B 79 -64.70 -11.60 -24.50
CA VAL B 79 -64.29 -11.70 -25.89
C VAL B 79 -64.74 -13.05 -26.46
N LEU B 80 -65.28 -12.97 -27.69
CA LEU B 80 -65.52 -14.16 -28.47
C LEU B 80 -64.60 -14.10 -29.70
N ILE B 81 -63.90 -15.22 -29.92
CA ILE B 81 -63.12 -15.37 -31.16
C ILE B 81 -63.80 -16.38 -32.07
N GLU B 82 -64.00 -16.03 -33.34
CA GLU B 82 -64.36 -17.04 -34.34
C GLU B 82 -63.54 -16.89 -35.62
N GLY B 83 -63.20 -18.04 -36.22
CA GLY B 83 -62.39 -18.06 -37.43
C GLY B 83 -63.00 -18.88 -38.57
N TYR B 84 -64.32 -18.76 -38.76
CA TYR B 84 -65.01 -19.49 -39.81
C TYR B 84 -65.27 -18.54 -40.97
N ARG B 85 -65.71 -19.08 -42.10
CA ARG B 85 -66.08 -18.22 -43.21
C ARG B 85 -67.24 -17.36 -42.70
N PRO B 86 -67.41 -16.17 -43.29
CA PRO B 86 -68.56 -15.34 -42.97
C PRO B 86 -69.87 -16.11 -43.10
N GLY B 87 -70.86 -15.76 -42.29
CA GLY B 87 -72.17 -16.38 -42.35
C GLY B 87 -72.24 -17.57 -41.41
N VAL B 88 -71.08 -18.18 -41.13
CA VAL B 88 -71.12 -19.43 -40.39
C VAL B 88 -71.70 -19.21 -38.99
N THR B 89 -71.17 -18.22 -38.23
CA THR B 89 -71.61 -18.09 -36.85
C THR B 89 -73.08 -17.65 -36.86
N GLU B 90 -73.45 -16.80 -37.83
CA GLU B 90 -74.81 -16.29 -37.94
C GLU B 90 -75.79 -17.47 -38.01
N ARG B 91 -75.50 -18.45 -38.87
CA ARG B 91 -76.35 -19.60 -39.07
C ARG B 91 -76.34 -20.47 -37.82
N LEU B 92 -75.24 -20.54 -37.08
CA LEU B 92 -75.32 -21.30 -35.85
C LEU B 92 -76.23 -20.62 -34.83
N GLY B 93 -76.66 -19.39 -35.10
CA GLY B 93 -77.32 -18.55 -34.11
C GLY B 93 -76.35 -17.96 -33.09
N LEU B 94 -75.07 -17.80 -33.50
CA LEU B 94 -74.01 -17.28 -32.65
C LEU B 94 -73.41 -16.01 -33.25
N GLY B 95 -74.15 -15.35 -34.14
CA GLY B 95 -73.66 -14.20 -34.87
C GLY B 95 -73.52 -12.99 -33.97
N PRO B 96 -72.92 -11.87 -34.45
CA PRO B 96 -72.73 -10.70 -33.62
C PRO B 96 -74.05 -10.21 -32.99
N GLU B 97 -75.15 -10.21 -33.76
CA GLU B 97 -76.40 -9.68 -33.24
C GLU B 97 -76.99 -10.61 -32.19
N GLU B 98 -76.95 -11.92 -32.40
CA GLU B 98 -77.47 -12.81 -31.37
C GLU B 98 -76.69 -12.64 -30.06
N CYS B 99 -75.38 -12.38 -30.18
CA CYS B 99 -74.51 -12.31 -29.01
C CYS B 99 -74.75 -11.01 -28.23
N ALA B 100 -75.03 -9.92 -28.96
CA ALA B 100 -75.32 -8.61 -28.40
C ALA B 100 -76.59 -8.64 -27.55
N LYS B 101 -77.50 -9.56 -27.88
CA LYS B 101 -78.72 -9.71 -27.11
C LYS B 101 -78.35 -10.21 -25.71
N VAL B 102 -77.48 -11.23 -25.62
CA VAL B 102 -77.14 -11.80 -24.31
C VAL B 102 -75.97 -11.06 -23.65
N ASN B 103 -75.38 -10.02 -24.28
CA ASN B 103 -74.15 -9.40 -23.77
C ASN B 103 -73.68 -8.28 -24.69
N ASP B 104 -74.08 -7.04 -24.37
CA ASP B 104 -73.81 -5.87 -25.20
C ASP B 104 -72.38 -5.35 -24.99
N ARG B 105 -71.61 -6.04 -24.14
CA ARG B 105 -70.25 -5.61 -23.79
C ARG B 105 -69.22 -6.44 -24.55
N LEU B 106 -69.67 -7.48 -25.27
CA LEU B 106 -68.80 -8.47 -25.88
C LEU B 106 -67.90 -7.86 -26.95
N ILE B 107 -66.61 -8.19 -26.90
CA ILE B 107 -65.75 -7.98 -28.05
C ILE B 107 -65.90 -9.20 -28.95
N TYR B 108 -66.46 -8.96 -30.15
CA TYR B 108 -66.79 -10.01 -31.10
C TYR B 108 -65.71 -10.04 -32.19
N ALA B 109 -64.84 -11.04 -32.13
CA ALA B 109 -63.59 -11.03 -32.89
C ALA B 109 -63.65 -12.06 -34.03
N ARG B 110 -63.71 -11.53 -35.25
CA ARG B 110 -63.83 -12.32 -36.46
C ARG B 110 -62.51 -12.38 -37.23
N MET B 111 -61.96 -13.59 -37.35
CA MET B 111 -60.67 -13.83 -37.96
C MET B 111 -60.86 -14.53 -39.30
N THR B 112 -60.68 -13.78 -40.38
CA THR B 112 -60.69 -14.39 -41.69
C THR B 112 -59.41 -14.06 -42.47
N GLY B 113 -59.30 -14.69 -43.64
CA GLY B 113 -58.29 -14.36 -44.61
C GLY B 113 -58.72 -13.20 -45.49
N TRP B 114 -59.91 -13.29 -46.10
CA TRP B 114 -60.28 -12.39 -47.18
C TRP B 114 -61.14 -11.23 -46.69
N GLY B 115 -61.65 -11.35 -45.47
CA GLY B 115 -62.56 -10.34 -44.95
C GLY B 115 -64.00 -10.87 -44.89
N GLN B 116 -64.89 -9.94 -44.50
CA GLN B 116 -66.26 -10.29 -44.13
C GLN B 116 -67.16 -10.26 -45.35
N THR B 117 -66.82 -9.44 -46.33
CA THR B 117 -67.58 -9.33 -47.54
C THR B 117 -66.59 -9.23 -48.71
N GLY B 118 -67.13 -9.15 -49.93
CA GLY B 118 -66.34 -9.00 -51.14
C GLY B 118 -66.24 -10.30 -51.93
N PRO B 119 -65.80 -10.23 -53.19
CA PRO B 119 -65.89 -11.36 -54.12
C PRO B 119 -65.18 -12.63 -53.67
N ARG B 120 -64.20 -12.51 -52.76
CA ARG B 120 -63.42 -13.68 -52.39
C ARG B 120 -63.84 -14.16 -51.02
N SER B 121 -64.85 -13.53 -50.41
CA SER B 121 -65.13 -13.76 -49.00
C SER B 121 -65.60 -15.17 -48.69
N GLN B 122 -66.06 -15.95 -49.69
CA GLN B 122 -66.44 -17.32 -49.39
C GLN B 122 -65.43 -18.34 -49.91
N GLN B 123 -64.32 -17.85 -50.49
CA GLN B 123 -63.28 -18.70 -51.04
C GLN B 123 -62.45 -19.28 -49.90
N ALA B 124 -62.31 -20.59 -49.86
CA ALA B 124 -61.32 -21.23 -49.01
C ALA B 124 -59.93 -20.68 -49.34
N GLY B 125 -59.01 -20.87 -48.40
CA GLY B 125 -57.69 -20.28 -48.52
C GLY B 125 -56.79 -20.66 -47.35
N HIS B 126 -55.48 -20.54 -47.59
CA HIS B 126 -54.49 -20.59 -46.54
C HIS B 126 -53.57 -19.37 -46.70
N ASP B 127 -52.63 -19.29 -45.74
CA ASP B 127 -51.65 -18.21 -45.64
C ASP B 127 -51.16 -17.85 -47.04
N ILE B 128 -50.65 -18.87 -47.75
CA ILE B 128 -49.97 -18.60 -49.02
C ILE B 128 -50.91 -17.86 -49.98
N ASN B 129 -52.22 -18.09 -49.86
CA ASN B 129 -53.15 -17.45 -50.79
C ASN B 129 -53.35 -15.98 -50.42
N TYR B 130 -53.54 -15.70 -49.11
CA TYR B 130 -53.83 -14.33 -48.68
C TYR B 130 -52.66 -13.41 -49.05
N ILE B 131 -51.42 -13.92 -48.93
CA ILE B 131 -50.25 -13.10 -49.21
C ILE B 131 -49.92 -13.08 -50.70
N SER B 132 -50.55 -13.93 -51.51
CA SER B 132 -50.32 -13.87 -52.95
C SER B 132 -51.03 -12.66 -53.56
N LEU B 133 -52.11 -12.23 -52.94
CA LEU B 133 -52.99 -11.27 -53.60
C LEU B 133 -52.52 -9.83 -53.35
N ASN B 134 -51.68 -9.59 -52.34
CA ASN B 134 -51.43 -8.24 -51.89
C ASN B 134 -49.96 -7.86 -52.06
N GLY B 135 -49.23 -8.59 -52.91
CA GLY B 135 -47.90 -8.19 -53.30
C GLY B 135 -46.81 -8.86 -52.46
N ILE B 136 -47.18 -9.43 -51.32
CA ILE B 136 -46.18 -9.86 -50.36
C ILE B 136 -45.42 -11.08 -50.87
N LEU B 137 -46.14 -12.12 -51.32
CA LEU B 137 -45.47 -13.36 -51.69
C LEU B 137 -44.53 -13.13 -52.88
N HIS B 138 -44.90 -12.27 -53.80
CA HIS B 138 -44.13 -12.05 -54.99
C HIS B 138 -42.74 -11.52 -54.64
N ALA B 139 -42.66 -10.83 -53.51
CA ALA B 139 -41.45 -10.13 -53.12
C ALA B 139 -40.47 -11.01 -52.36
N ILE B 140 -40.82 -12.29 -52.12
CA ILE B 140 -40.01 -13.11 -51.25
C ILE B 140 -39.31 -14.26 -52.01
N GLY B 141 -37.98 -14.33 -51.93
CA GLY B 141 -37.18 -15.41 -52.51
C GLY B 141 -36.10 -14.88 -53.46
N ARG B 142 -35.31 -15.76 -54.06
CA ARG B 142 -34.29 -15.28 -54.99
C ARG B 142 -34.91 -14.88 -56.34
N GLY B 143 -34.23 -13.98 -57.05
CA GLY B 143 -34.70 -13.33 -58.27
C GLY B 143 -34.82 -14.31 -59.45
N ASP B 144 -33.99 -15.35 -59.43
CA ASP B 144 -33.93 -16.24 -60.58
C ASP B 144 -34.89 -17.41 -60.38
N GLU B 145 -35.90 -17.27 -59.51
CA GLU B 145 -36.62 -18.44 -59.07
C GLU B 145 -38.02 -18.07 -58.65
N ARG B 146 -38.87 -19.08 -58.50
CA ARG B 146 -40.23 -18.79 -58.11
C ARG B 146 -40.27 -18.37 -56.65
N PRO B 147 -41.27 -17.55 -56.28
CA PRO B 147 -41.40 -17.09 -54.90
C PRO B 147 -41.50 -18.23 -53.91
N VAL B 148 -40.98 -18.00 -52.71
CA VAL B 148 -40.94 -19.05 -51.72
C VAL B 148 -41.82 -18.58 -50.57
N PRO B 149 -42.70 -19.45 -50.03
CA PRO B 149 -43.52 -19.07 -48.90
C PRO B 149 -42.69 -18.95 -47.64
N PRO B 150 -42.82 -17.84 -46.90
CA PRO B 150 -42.17 -17.68 -45.61
C PRO B 150 -42.95 -18.38 -44.52
N LEU B 151 -42.90 -19.70 -44.58
CA LEU B 151 -43.80 -20.56 -43.83
C LEU B 151 -45.18 -19.91 -43.85
N ASN B 152 -45.92 -20.03 -42.75
CA ASN B 152 -47.19 -19.34 -42.59
C ASN B 152 -47.08 -18.24 -41.56
N LEU B 153 -45.93 -17.58 -41.52
CA LEU B 153 -45.63 -16.62 -40.47
C LEU B 153 -46.23 -15.27 -40.76
N VAL B 154 -46.48 -14.97 -42.04
CA VAL B 154 -46.81 -13.61 -42.43
C VAL B 154 -48.31 -13.38 -42.53
N GLY B 155 -49.06 -14.31 -43.10
CA GLY B 155 -50.51 -14.15 -43.24
C GLY B 155 -51.25 -14.59 -41.98
N ASP B 156 -50.98 -15.82 -41.49
CA ASP B 156 -51.71 -16.36 -40.36
C ASP B 156 -51.35 -15.59 -39.10
N PHE B 157 -50.05 -15.45 -38.82
CA PHE B 157 -49.65 -15.03 -37.48
C PHE B 157 -49.36 -13.53 -37.47
N GLY B 158 -48.31 -13.11 -38.17
CA GLY B 158 -47.92 -11.71 -38.21
C GLY B 158 -49.02 -10.77 -38.68
N GLY B 159 -49.68 -11.11 -39.79
CA GLY B 159 -50.69 -10.23 -40.36
C GLY B 159 -52.13 -10.68 -40.01
N GLY B 160 -52.23 -11.70 -39.15
CA GLY B 160 -53.48 -12.37 -38.88
C GLY B 160 -53.76 -12.39 -37.38
N SER B 161 -53.25 -13.39 -36.67
CA SER B 161 -53.52 -13.49 -35.24
C SER B 161 -53.15 -12.17 -34.55
N MET B 162 -52.06 -11.52 -34.98
CA MET B 162 -51.53 -10.42 -34.21
C MET B 162 -52.43 -9.20 -34.37
N PHE B 163 -53.03 -9.01 -35.53
CA PHE B 163 -53.98 -7.93 -35.71
C PHE B 163 -55.30 -8.27 -35.01
N LEU B 164 -55.70 -9.54 -35.00
CA LEU B 164 -56.85 -9.88 -34.19
C LEU B 164 -56.61 -9.44 -32.73
N LEU B 165 -55.42 -9.74 -32.16
CA LEU B 165 -55.07 -9.37 -30.79
C LEU B 165 -55.06 -7.86 -30.58
N VAL B 166 -54.42 -7.13 -31.49
CA VAL B 166 -54.41 -5.68 -31.38
C VAL B 166 -55.84 -5.14 -31.42
N GLY B 167 -56.72 -5.78 -32.19
CA GLY B 167 -58.12 -5.36 -32.25
C GLY B 167 -58.89 -5.75 -30.98
N ILE B 168 -58.70 -6.96 -30.47
CA ILE B 168 -59.41 -7.34 -29.28
C ILE B 168 -59.05 -6.37 -28.15
N LEU B 169 -57.75 -5.99 -28.06
CA LEU B 169 -57.28 -5.25 -26.90
C LEU B 169 -57.56 -3.76 -27.06
N ALA B 170 -57.52 -3.21 -28.27
CA ALA B 170 -57.93 -1.84 -28.47
C ALA B 170 -59.42 -1.65 -28.23
N ALA B 171 -60.22 -2.68 -28.55
CA ALA B 171 -61.65 -2.56 -28.35
C ALA B 171 -61.97 -2.59 -26.85
N LEU B 172 -61.24 -3.41 -26.08
CA LEU B 172 -61.39 -3.47 -24.63
C LEU B 172 -61.09 -2.13 -23.96
N TRP B 173 -60.09 -1.42 -24.48
CA TRP B 173 -59.75 -0.08 -24.03
C TRP B 173 -60.88 0.89 -24.36
N GLU B 174 -61.38 0.85 -25.61
CA GLU B 174 -62.48 1.72 -26.02
C GLU B 174 -63.71 1.48 -25.13
N ARG B 175 -63.98 0.21 -24.77
CA ARG B 175 -65.12 -0.21 -23.97
C ARG B 175 -65.07 0.39 -22.56
N GLN B 176 -63.85 0.61 -22.06
CA GLN B 176 -63.64 1.22 -20.76
C GLN B 176 -64.33 2.57 -20.68
N SER B 177 -64.49 3.24 -21.82
CA SER B 177 -65.05 4.57 -21.80
C SER B 177 -66.44 4.59 -22.43
N SER B 178 -66.86 3.54 -23.14
CA SER B 178 -68.11 3.63 -23.87
C SER B 178 -69.16 2.72 -23.24
N GLY B 179 -68.69 1.77 -22.41
CA GLY B 179 -69.55 0.79 -21.75
C GLY B 179 -69.88 -0.40 -22.64
N LYS B 180 -69.45 -0.35 -23.91
CA LYS B 180 -69.98 -1.21 -24.97
C LYS B 180 -68.88 -2.00 -25.68
N GLY B 181 -69.24 -3.22 -26.11
CA GLY B 181 -68.43 -4.01 -27.02
C GLY B 181 -68.61 -3.55 -28.47
N GLN B 182 -68.09 -4.35 -29.42
CA GLN B 182 -68.22 -4.11 -30.85
C GLN B 182 -67.54 -5.26 -31.63
N VAL B 183 -67.51 -5.15 -32.96
CA VAL B 183 -67.03 -6.24 -33.80
C VAL B 183 -65.66 -5.84 -34.38
N VAL B 184 -64.72 -6.77 -34.24
CA VAL B 184 -63.39 -6.65 -34.82
C VAL B 184 -63.32 -7.58 -36.05
N ASP B 185 -63.16 -6.98 -37.22
CA ASP B 185 -63.01 -7.70 -38.47
C ASP B 185 -61.53 -7.69 -38.84
N ALA B 186 -60.85 -8.79 -38.53
CA ALA B 186 -59.43 -8.94 -38.81
C ALA B 186 -59.27 -9.88 -40.01
N ALA B 187 -58.90 -9.26 -41.13
CA ALA B 187 -58.63 -9.99 -42.35
C ALA B 187 -57.11 -10.07 -42.62
N MET B 188 -56.62 -11.28 -42.90
CA MET B 188 -55.21 -11.52 -43.12
C MET B 188 -54.69 -10.70 -44.30
N VAL B 189 -55.54 -10.49 -45.29
CA VAL B 189 -55.08 -9.77 -46.45
C VAL B 189 -54.84 -8.29 -46.08
N ASP B 190 -55.54 -7.80 -45.05
CA ASP B 190 -55.39 -6.42 -44.56
C ASP B 190 -54.24 -6.30 -43.56
N GLY B 191 -54.24 -7.11 -42.51
CA GLY B 191 -53.19 -7.12 -41.50
C GLY B 191 -51.80 -7.27 -42.13
N SER B 192 -51.67 -8.24 -43.07
CA SER B 192 -50.38 -8.48 -43.65
C SER B 192 -49.97 -7.27 -44.49
N SER B 193 -50.93 -6.52 -45.08
CA SER B 193 -50.57 -5.33 -45.84
C SER B 193 -50.03 -4.22 -44.94
N VAL B 194 -50.55 -4.14 -43.71
CA VAL B 194 -50.08 -3.14 -42.76
C VAL B 194 -48.73 -3.60 -42.27
N LEU B 195 -48.59 -4.92 -42.12
CA LEU B 195 -47.36 -5.51 -41.63
C LEU B 195 -46.21 -5.12 -42.55
N ILE B 196 -46.51 -4.96 -43.86
CA ILE B 196 -45.53 -4.66 -44.88
C ILE B 196 -45.64 -3.19 -45.31
N GLN B 197 -46.17 -2.33 -44.44
CA GLN B 197 -46.29 -0.93 -44.80
C GLN B 197 -44.96 -0.29 -45.21
N MET B 198 -43.86 -0.70 -44.56
CA MET B 198 -42.54 -0.11 -44.85
C MET B 198 -42.19 -0.24 -46.34
N MET B 199 -42.51 -1.38 -46.97
CA MET B 199 -42.25 -1.54 -48.40
C MET B 199 -43.14 -0.62 -49.21
N TRP B 200 -44.40 -0.47 -48.86
CA TRP B 200 -45.25 0.40 -49.64
C TRP B 200 -44.72 1.85 -49.55
N ALA B 201 -44.17 2.24 -48.38
CA ALA B 201 -43.62 3.57 -48.17
C ALA B 201 -42.40 3.77 -49.07
N MET B 202 -41.44 2.84 -48.92
CA MET B 202 -40.26 2.79 -49.74
C MET B 202 -40.60 2.76 -51.23
N ARG B 203 -41.69 2.12 -51.66
CA ARG B 203 -41.96 2.07 -53.10
C ARG B 203 -42.33 3.46 -53.55
N ALA B 204 -43.09 4.19 -52.73
CA ALA B 204 -43.53 5.54 -53.09
C ALA B 204 -42.33 6.49 -53.27
N THR B 205 -41.30 6.37 -52.42
CA THR B 205 -40.11 7.18 -52.54
C THR B 205 -39.05 6.54 -53.45
N GLY B 206 -39.45 5.67 -54.38
CA GLY B 206 -38.54 4.99 -55.30
C GLY B 206 -37.42 4.19 -54.62
N MET B 207 -37.58 3.72 -53.37
CA MET B 207 -36.53 2.97 -52.68
C MET B 207 -36.83 1.47 -52.60
N TRP B 208 -37.88 1.03 -53.29
CA TRP B 208 -38.15 -0.40 -53.38
C TRP B 208 -38.65 -0.65 -54.78
N THR B 209 -38.19 -1.74 -55.45
CA THR B 209 -38.78 -2.16 -56.73
C THR B 209 -39.51 -3.49 -56.57
N ASP B 210 -40.37 -3.75 -57.56
CA ASP B 210 -41.12 -4.99 -57.67
C ASP B 210 -40.26 -6.15 -58.19
N THR B 211 -39.01 -5.90 -58.59
CA THR B 211 -38.10 -6.99 -58.94
C THR B 211 -37.71 -7.77 -57.68
N ARG B 212 -37.95 -9.09 -57.69
CA ARG B 212 -37.60 -9.94 -56.57
C ARG B 212 -36.08 -10.06 -56.51
N GLY B 213 -35.51 -10.00 -55.31
CA GLY B 213 -34.09 -10.23 -55.12
C GLY B 213 -33.23 -9.03 -55.49
N ALA B 214 -33.81 -7.83 -55.67
CA ALA B 214 -33.04 -6.66 -56.05
C ALA B 214 -33.22 -5.50 -55.05
N ASN B 215 -33.40 -5.80 -53.76
CA ASN B 215 -33.77 -4.77 -52.80
C ASN B 215 -32.87 -4.85 -51.56
N MET B 216 -32.96 -3.82 -50.72
CA MET B 216 -32.12 -3.77 -49.53
C MET B 216 -32.38 -4.93 -48.56
N LEU B 217 -33.65 -5.35 -48.42
CA LEU B 217 -34.05 -6.23 -47.33
C LEU B 217 -34.58 -7.57 -47.83
N ASP B 218 -34.42 -7.88 -49.12
CA ASP B 218 -35.03 -9.09 -49.69
C ASP B 218 -33.99 -10.14 -50.02
N GLY B 219 -32.72 -9.81 -49.80
CA GLY B 219 -31.65 -10.76 -50.01
C GLY B 219 -30.73 -10.25 -51.12
N GLY B 220 -31.20 -9.26 -51.85
CA GLY B 220 -30.45 -8.64 -52.93
C GLY B 220 -29.21 -7.87 -52.45
N ALA B 221 -29.19 -7.36 -51.22
CA ALA B 221 -28.05 -6.58 -50.78
C ALA B 221 -27.03 -7.52 -50.19
N PRO B 222 -25.74 -7.43 -50.61
CA PRO B 222 -24.71 -8.32 -50.10
C PRO B 222 -24.48 -8.20 -48.61
N TYR B 223 -24.86 -7.05 -48.05
CA TYR B 223 -24.71 -6.84 -46.62
C TYR B 223 -26.00 -7.16 -45.85
N TYR B 224 -27.05 -7.65 -46.51
CA TYR B 224 -28.25 -8.10 -45.83
C TYR B 224 -28.71 -9.42 -46.46
N ASP B 225 -28.06 -10.53 -46.06
CA ASP B 225 -28.29 -11.82 -46.69
C ASP B 225 -27.60 -12.87 -45.84
N THR B 226 -27.82 -14.13 -46.16
CA THR B 226 -27.07 -15.21 -45.55
C THR B 226 -25.89 -15.59 -46.46
N TYR B 227 -24.89 -16.22 -45.85
CA TYR B 227 -23.67 -16.64 -46.52
C TYR B 227 -23.36 -18.04 -46.02
N GLU B 228 -22.92 -18.89 -46.94
CA GLU B 228 -22.54 -20.24 -46.59
C GLU B 228 -21.08 -20.25 -46.14
N CYS B 229 -20.77 -21.02 -45.10
CA CYS B 229 -19.47 -21.02 -44.49
C CYS B 229 -18.76 -22.33 -44.86
N ALA B 230 -17.54 -22.53 -44.37
CA ALA B 230 -16.71 -23.64 -44.80
C ALA B 230 -17.34 -24.97 -44.44
N ASP B 231 -18.11 -25.02 -43.36
CA ASP B 231 -18.72 -26.27 -42.91
C ASP B 231 -20.09 -26.51 -43.54
N GLY B 232 -20.54 -25.64 -44.45
CA GLY B 232 -21.81 -25.83 -45.11
C GLY B 232 -22.98 -25.23 -44.33
N ARG B 233 -22.69 -24.67 -43.14
CA ARG B 233 -23.69 -23.98 -42.33
C ARG B 233 -23.63 -22.50 -42.73
N TYR B 234 -24.45 -21.67 -42.08
CA TYR B 234 -24.70 -20.33 -42.58
C TYR B 234 -24.52 -19.28 -41.49
N VAL B 235 -24.14 -18.08 -41.92
CA VAL B 235 -24.29 -16.89 -41.10
C VAL B 235 -25.26 -15.94 -41.75
N ALA B 236 -25.82 -15.06 -40.91
CA ALA B 236 -26.60 -13.98 -41.42
C ALA B 236 -25.84 -12.67 -41.20
N VAL B 237 -25.85 -11.84 -42.24
CA VAL B 237 -25.27 -10.53 -42.23
C VAL B 237 -26.38 -9.52 -42.43
N GLY B 238 -26.40 -8.48 -41.55
CA GLY B 238 -27.42 -7.46 -41.56
C GLY B 238 -26.85 -6.08 -41.27
N ALA B 239 -25.66 -5.83 -41.86
CA ALA B 239 -24.88 -4.64 -41.56
C ALA B 239 -25.27 -3.51 -42.49
N ILE B 240 -26.47 -3.00 -42.29
CA ILE B 240 -26.99 -1.91 -43.11
C ILE B 240 -26.19 -0.62 -42.86
N GLU B 241 -26.01 -0.26 -41.59
CA GLU B 241 -25.34 0.98 -41.21
C GLU B 241 -23.87 0.89 -41.62
N PRO B 242 -23.35 1.94 -42.29
CA PRO B 242 -21.97 1.93 -42.80
C PRO B 242 -20.91 1.58 -41.76
N GLN B 243 -21.12 2.05 -40.51
CA GLN B 243 -20.17 1.76 -39.46
C GLN B 243 -20.22 0.28 -39.11
N PHE B 244 -21.41 -0.33 -39.05
CA PHE B 244 -21.45 -1.75 -38.75
C PHE B 244 -20.83 -2.52 -39.91
N TYR B 245 -21.09 -2.06 -41.15
CA TYR B 245 -20.58 -2.69 -42.36
C TYR B 245 -19.04 -2.69 -42.33
N ALA B 246 -18.44 -1.55 -41.99
CA ALA B 246 -16.99 -1.45 -41.91
C ALA B 246 -16.41 -2.46 -40.93
N ALA B 247 -17.15 -2.71 -39.83
CA ALA B 247 -16.59 -3.53 -38.78
C ALA B 247 -16.59 -4.97 -39.26
N MET B 248 -17.64 -5.28 -40.02
CA MET B 248 -17.76 -6.59 -40.64
C MET B 248 -16.59 -6.85 -41.60
N LEU B 249 -16.33 -5.90 -42.51
CA LEU B 249 -15.22 -6.07 -43.47
C LEU B 249 -13.90 -6.34 -42.75
N ALA B 250 -13.59 -5.54 -41.72
CA ALA B 250 -12.35 -5.72 -40.95
C ALA B 250 -12.31 -7.11 -40.38
N GLY B 251 -13.42 -7.59 -39.82
CA GLY B 251 -13.42 -8.91 -39.24
C GLY B 251 -13.29 -10.03 -40.27
N LEU B 252 -13.74 -9.79 -41.50
CA LEU B 252 -13.56 -10.74 -42.58
C LEU B 252 -12.13 -10.73 -43.09
N GLY B 253 -11.38 -9.68 -42.79
CA GLY B 253 -10.01 -9.57 -43.26
C GLY B 253 -9.94 -8.80 -44.57
N LEU B 254 -10.93 -7.96 -44.85
CA LEU B 254 -11.07 -7.37 -46.16
C LEU B 254 -10.80 -5.89 -46.07
N ASP B 255 -10.00 -5.44 -47.01
CA ASP B 255 -9.61 -4.05 -47.03
C ASP B 255 -10.69 -3.31 -47.82
N ALA B 256 -11.40 -2.41 -47.14
CA ALA B 256 -12.48 -1.64 -47.76
C ALA B 256 -12.04 -0.97 -49.07
N ALA B 257 -10.77 -0.54 -49.16
CA ALA B 257 -10.25 0.16 -50.35
C ALA B 257 -10.35 -0.67 -51.64
N GLU B 258 -10.14 -2.00 -51.57
CA GLU B 258 -10.21 -2.92 -52.69
C GLU B 258 -11.65 -3.35 -53.04
N LEU B 259 -12.68 -2.79 -52.40
CA LEU B 259 -14.03 -3.27 -52.62
C LEU B 259 -14.82 -2.20 -53.35
N PRO B 260 -15.87 -2.58 -54.11
CA PRO B 260 -16.82 -1.61 -54.58
C PRO B 260 -17.52 -0.94 -53.40
N PRO B 261 -18.14 0.24 -53.57
CA PRO B 261 -18.90 0.86 -52.48
C PRO B 261 -20.09 0.01 -52.02
N GLN B 262 -20.42 0.14 -50.72
CA GLN B 262 -21.39 -0.70 -50.05
C GLN B 262 -22.72 -0.66 -50.81
N ASN B 263 -23.08 0.53 -51.29
CA ASN B 263 -24.39 0.76 -51.87
C ASN B 263 -24.28 1.09 -53.35
N ASP B 264 -23.21 0.66 -54.02
CA ASP B 264 -23.22 0.75 -55.49
C ASP B 264 -23.83 -0.53 -56.04
N ARG B 265 -25.13 -0.47 -56.36
CA ARG B 265 -25.94 -1.64 -56.64
C ARG B 265 -25.48 -2.32 -57.93
N ALA B 266 -25.01 -1.54 -58.89
CA ALA B 266 -24.47 -2.12 -60.11
C ALA B 266 -23.30 -3.05 -59.79
N ARG B 267 -22.55 -2.80 -58.71
CA ARG B 267 -21.41 -3.63 -58.39
C ARG B 267 -21.70 -4.62 -57.29
N TRP B 268 -22.98 -4.77 -56.92
CA TRP B 268 -23.34 -5.73 -55.89
C TRP B 268 -22.92 -7.15 -56.23
N PRO B 269 -23.11 -7.66 -57.46
CA PRO B 269 -22.66 -9.01 -57.76
C PRO B 269 -21.18 -9.20 -57.45
N GLU B 270 -20.37 -8.19 -57.74
CA GLU B 270 -18.94 -8.21 -57.49
C GLU B 270 -18.64 -8.21 -55.99
N LEU B 271 -19.28 -7.31 -55.24
CA LEU B 271 -19.12 -7.28 -53.78
C LEU B 271 -19.49 -8.63 -53.16
N ARG B 272 -20.63 -9.17 -53.58
CA ARG B 272 -21.11 -10.42 -53.03
C ARG B 272 -20.10 -11.54 -53.29
N ALA B 273 -19.49 -11.59 -54.49
CA ALA B 273 -18.50 -12.64 -54.77
C ALA B 273 -17.33 -12.56 -53.80
N LEU B 274 -16.92 -11.34 -53.47
CA LEU B 274 -15.82 -11.14 -52.52
C LEU B 274 -16.21 -11.54 -51.11
N LEU B 275 -17.41 -11.17 -50.66
CA LEU B 275 -17.86 -11.58 -49.35
C LEU B 275 -18.11 -13.08 -49.28
N THR B 276 -18.63 -13.66 -50.37
CA THR B 276 -18.86 -15.10 -50.41
C THR B 276 -17.56 -15.86 -50.19
N GLU B 277 -16.49 -15.44 -50.86
CA GLU B 277 -15.20 -16.12 -50.72
C GLU B 277 -14.65 -15.97 -49.30
N ALA B 278 -14.80 -14.78 -48.71
CA ALA B 278 -14.34 -14.57 -47.34
C ALA B 278 -15.11 -15.45 -46.34
N PHE B 279 -16.45 -15.46 -46.39
CA PHE B 279 -17.21 -16.22 -45.41
C PHE B 279 -16.96 -17.72 -45.58
N ALA B 280 -16.62 -18.14 -46.80
CA ALA B 280 -16.52 -19.57 -47.06
C ALA B 280 -15.23 -20.14 -46.49
N SER B 281 -14.31 -19.26 -46.11
CA SER B 281 -12.97 -19.68 -45.72
C SER B 281 -12.90 -20.15 -44.26
N HIS B 282 -13.92 -19.90 -43.43
CA HIS B 282 -14.03 -20.50 -42.11
C HIS B 282 -15.47 -20.94 -41.81
N ASP B 283 -15.60 -21.74 -40.75
CA ASP B 283 -16.87 -22.34 -40.41
C ASP B 283 -17.75 -21.36 -39.63
N ARG B 284 -19.01 -21.75 -39.44
CA ARG B 284 -20.02 -20.87 -38.88
C ARG B 284 -19.61 -20.44 -37.47
N ASP B 285 -19.12 -21.39 -36.69
CA ASP B 285 -18.84 -21.16 -35.28
C ASP B 285 -17.66 -20.21 -35.12
N HIS B 286 -16.67 -20.34 -36.00
CA HIS B 286 -15.59 -19.36 -36.08
C HIS B 286 -16.12 -17.95 -36.23
N TRP B 287 -17.05 -17.71 -37.16
CA TRP B 287 -17.56 -16.37 -37.36
C TRP B 287 -18.36 -15.90 -36.14
N GLY B 288 -19.05 -16.85 -35.48
CA GLY B 288 -19.83 -16.53 -34.30
C GLY B 288 -18.94 -15.96 -33.18
N ALA B 289 -17.80 -16.62 -32.99
CA ALA B 289 -16.79 -16.22 -32.02
C ALA B 289 -16.13 -14.89 -32.41
N VAL B 290 -15.53 -14.81 -33.60
CA VAL B 290 -14.98 -13.57 -34.14
C VAL B 290 -15.89 -12.36 -33.93
N PHE B 291 -17.20 -12.48 -34.18
CA PHE B 291 -18.09 -11.31 -34.15
C PHE B 291 -18.88 -11.18 -32.83
N ALA B 292 -18.59 -12.03 -31.84
CA ALA B 292 -19.19 -11.83 -30.52
C ALA B 292 -18.78 -10.47 -29.96
N ASN B 293 -19.78 -9.75 -29.40
CA ASN B 293 -19.62 -8.45 -28.74
C ASN B 293 -19.39 -7.35 -29.76
N SER B 294 -19.66 -7.67 -31.02
CA SER B 294 -19.41 -6.78 -32.12
C SER B 294 -20.71 -6.14 -32.62
N ASP B 295 -20.59 -4.99 -33.26
CA ASP B 295 -21.65 -4.37 -33.99
C ASP B 295 -21.63 -4.71 -35.49
N ALA B 296 -20.96 -5.79 -35.89
CA ALA B 296 -20.82 -6.14 -37.30
C ALA B 296 -22.12 -6.72 -37.92
N CYS B 297 -23.08 -7.11 -37.05
CA CYS B 297 -24.37 -7.66 -37.45
C CYS B 297 -24.19 -8.94 -38.23
N VAL B 298 -23.43 -9.85 -37.65
CA VAL B 298 -23.16 -11.15 -38.22
C VAL B 298 -23.52 -12.16 -37.14
N THR B 299 -24.44 -13.10 -37.42
CA THR B 299 -24.88 -14.05 -36.39
C THR B 299 -24.98 -15.43 -37.03
N PRO B 300 -24.72 -16.49 -36.25
CA PRO B 300 -24.91 -17.83 -36.75
C PRO B 300 -26.39 -18.08 -37.03
N VAL B 301 -26.66 -18.83 -38.10
CA VAL B 301 -28.03 -19.19 -38.45
C VAL B 301 -28.27 -20.57 -37.88
N LEU B 302 -28.99 -20.66 -36.77
CA LEU B 302 -29.16 -21.91 -36.03
C LEU B 302 -30.42 -22.63 -36.53
N ALA B 303 -30.31 -23.94 -36.66
CA ALA B 303 -31.46 -24.81 -36.85
C ALA B 303 -32.23 -24.95 -35.54
N PHE B 304 -33.53 -25.25 -35.63
CA PHE B 304 -34.35 -25.38 -34.42
C PHE B 304 -33.63 -26.22 -33.36
N GLY B 305 -33.04 -27.35 -33.77
CA GLY B 305 -32.45 -28.31 -32.84
C GLY B 305 -31.23 -27.78 -32.07
N GLU B 306 -30.65 -26.64 -32.47
CA GLU B 306 -29.45 -26.09 -31.86
C GLU B 306 -29.78 -24.90 -30.95
N VAL B 307 -31.02 -24.41 -31.00
CA VAL B 307 -31.35 -23.16 -30.34
C VAL B 307 -31.23 -23.31 -28.81
N HIS B 308 -31.54 -24.50 -28.29
CA HIS B 308 -31.43 -24.74 -26.86
C HIS B 308 -29.97 -24.69 -26.37
N ASN B 309 -28.98 -24.74 -27.27
CA ASN B 309 -27.58 -24.66 -26.85
C ASN B 309 -26.99 -23.25 -26.98
N GLU B 310 -27.78 -22.23 -27.31
CA GLU B 310 -27.23 -20.92 -27.57
C GLU B 310 -27.26 -20.11 -26.27
N PRO B 311 -26.10 -19.58 -25.77
CA PRO B 311 -26.10 -18.88 -24.50
C PRO B 311 -27.20 -17.84 -24.38
N HIS B 312 -27.37 -16.98 -25.39
CA HIS B 312 -28.29 -15.86 -25.20
C HIS B 312 -29.76 -16.32 -25.06
N ILE B 313 -30.06 -17.49 -25.64
CA ILE B 313 -31.37 -18.09 -25.56
C ILE B 313 -31.58 -18.71 -24.18
N ILE B 314 -30.59 -19.48 -23.71
CA ILE B 314 -30.69 -20.16 -22.43
C ILE B 314 -30.89 -19.13 -21.32
N GLU B 315 -30.08 -18.06 -21.33
CA GLU B 315 -30.01 -17.18 -20.18
C GLU B 315 -31.22 -16.26 -20.07
N ARG B 316 -31.97 -16.04 -21.14
CA ARG B 316 -33.17 -15.22 -21.01
C ARG B 316 -34.41 -16.12 -20.90
N ASN B 317 -34.23 -17.43 -20.85
CA ASN B 317 -35.37 -18.34 -20.80
C ASN B 317 -36.42 -18.00 -21.87
N THR B 318 -36.01 -17.94 -23.14
CA THR B 318 -36.92 -17.63 -24.22
C THR B 318 -37.84 -18.85 -24.42
N PHE B 319 -37.32 -20.03 -24.05
CA PHE B 319 -38.00 -21.31 -24.18
C PHE B 319 -38.15 -21.95 -22.81
N TYR B 320 -39.10 -22.89 -22.67
CA TYR B 320 -39.19 -23.81 -21.55
C TYR B 320 -39.28 -25.21 -22.13
N GLU B 321 -38.84 -26.23 -21.37
CA GLU B 321 -38.98 -27.62 -21.80
C GLU B 321 -40.44 -28.04 -21.59
N ALA B 322 -40.99 -28.87 -22.48
CA ALA B 322 -42.30 -29.46 -22.23
C ALA B 322 -42.31 -30.91 -22.72
N ASN B 323 -43.50 -31.52 -22.72
CA ASN B 323 -43.94 -32.49 -23.73
C ASN B 323 -42.75 -33.14 -24.44
N GLY B 324 -42.65 -32.99 -25.78
CA GLY B 324 -41.59 -33.60 -26.57
C GLY B 324 -40.28 -32.82 -26.47
N GLY B 325 -40.38 -31.49 -26.49
CA GLY B 325 -39.23 -30.64 -26.26
C GLY B 325 -39.62 -29.18 -26.05
N TRP B 326 -38.81 -28.29 -26.59
CA TRP B 326 -38.85 -26.88 -26.27
C TRP B 326 -40.04 -26.17 -26.92
N GLN B 327 -40.51 -25.14 -26.23
CA GLN B 327 -41.60 -24.29 -26.67
C GLN B 327 -41.27 -22.88 -26.21
N PRO B 328 -41.69 -21.84 -26.96
CA PRO B 328 -41.46 -20.46 -26.55
C PRO B 328 -42.29 -20.04 -25.35
N MET B 329 -41.61 -19.34 -24.41
CA MET B 329 -42.27 -18.73 -23.28
C MET B 329 -43.10 -17.58 -23.79
N PRO B 330 -44.13 -17.15 -23.02
CA PRO B 330 -44.96 -16.02 -23.45
C PRO B 330 -44.12 -14.83 -23.84
N ALA B 331 -44.67 -14.03 -24.75
CA ALA B 331 -44.12 -12.75 -25.12
C ALA B 331 -45.28 -11.77 -25.28
N PRO B 332 -45.07 -10.44 -25.07
CA PRO B 332 -43.81 -9.92 -24.53
C PRO B 332 -43.73 -10.13 -23.02
N ARG B 333 -42.77 -9.50 -22.34
CA ARG B 333 -42.60 -9.68 -20.90
C ARG B 333 -43.04 -8.43 -20.13
N PHE B 334 -43.52 -8.64 -18.88
CA PHE B 334 -44.11 -7.56 -18.07
C PHE B 334 -43.37 -7.42 -16.74
N SER B 335 -43.08 -6.19 -16.29
CA SER B 335 -42.27 -6.05 -15.07
C SER B 335 -43.07 -6.45 -13.83
N ARG B 336 -44.29 -5.93 -13.67
CA ARG B 336 -45.09 -6.14 -12.47
C ARG B 336 -45.94 -7.41 -12.58
N THR B 337 -46.75 -7.56 -13.64
CA THR B 337 -47.62 -8.73 -13.74
C THR B 337 -47.12 -9.69 -14.79
N ALA B 338 -46.15 -10.53 -14.37
CA ALA B 338 -45.41 -11.38 -15.27
C ALA B 338 -46.26 -12.59 -15.62
N SER B 339 -46.26 -12.94 -16.91
CA SER B 339 -46.82 -14.21 -17.33
C SER B 339 -46.09 -15.32 -16.59
N SER B 340 -46.68 -16.51 -16.57
CA SER B 340 -46.01 -17.67 -16.01
C SER B 340 -45.93 -18.72 -17.10
N GLN B 341 -45.19 -19.78 -16.81
CA GLN B 341 -45.07 -20.88 -17.74
C GLN B 341 -46.45 -21.36 -18.20
N PRO B 342 -46.68 -21.60 -19.50
CA PRO B 342 -47.94 -22.15 -19.96
C PRO B 342 -48.35 -23.47 -19.34
N ARG B 343 -49.67 -23.61 -19.14
CA ARG B 343 -50.25 -24.86 -18.73
C ARG B 343 -50.45 -25.74 -19.96
N PRO B 344 -50.03 -27.02 -19.91
CA PRO B 344 -50.24 -27.92 -21.03
C PRO B 344 -51.70 -28.03 -21.44
N PRO B 345 -51.96 -28.63 -22.62
CA PRO B 345 -53.33 -28.76 -23.09
C PRO B 345 -54.20 -29.56 -22.11
N ALA B 346 -55.33 -28.96 -21.67
CA ALA B 346 -56.04 -29.36 -20.45
C ALA B 346 -57.27 -30.20 -20.76
N ALA B 347 -57.05 -31.52 -20.92
CA ALA B 347 -58.05 -32.58 -21.04
C ALA B 347 -59.48 -32.07 -20.86
N THR B 348 -60.40 -32.64 -21.67
CA THR B 348 -61.73 -32.10 -21.88
C THR B 348 -62.42 -31.91 -20.54
N ILE B 349 -62.95 -30.71 -20.32
CA ILE B 349 -63.82 -30.49 -19.17
C ILE B 349 -65.24 -30.27 -19.69
N ASP B 350 -66.18 -30.23 -18.74
CA ASP B 350 -67.60 -30.23 -19.00
C ASP B 350 -68.11 -28.79 -18.92
N ILE B 351 -68.92 -28.40 -19.90
CA ILE B 351 -69.22 -27.00 -20.13
C ILE B 351 -70.04 -26.42 -18.97
N GLU B 352 -70.79 -27.29 -18.28
CA GLU B 352 -71.50 -26.93 -17.06
C GLU B 352 -70.52 -26.49 -15.97
N ALA B 353 -69.46 -27.29 -15.74
CA ALA B 353 -68.44 -26.98 -14.74
C ALA B 353 -67.94 -25.56 -14.93
N VAL B 354 -67.68 -25.20 -16.19
CA VAL B 354 -67.17 -23.88 -16.53
C VAL B 354 -68.21 -22.84 -16.13
N LEU B 355 -69.47 -23.07 -16.47
CA LEU B 355 -70.51 -22.13 -16.10
C LEU B 355 -70.63 -21.96 -14.59
N THR B 356 -70.38 -23.03 -13.81
CA THR B 356 -70.43 -22.95 -12.35
C THR B 356 -69.32 -22.00 -11.89
N ASP B 357 -68.07 -22.34 -12.23
CA ASP B 357 -66.89 -21.51 -12.07
C ASP B 357 -67.14 -20.03 -12.42
N TRP B 358 -67.77 -19.72 -13.55
CA TRP B 358 -68.00 -18.33 -13.95
C TRP B 358 -69.29 -17.75 -13.39
N ASP B 359 -70.06 -18.58 -12.64
CA ASP B 359 -71.50 -18.43 -12.43
C ASP B 359 -72.13 -17.70 -13.62
N MET C 1 59.66 -25.25 30.37
CA MET C 1 58.72 -26.17 29.64
C MET C 1 59.46 -26.84 28.48
N ALA C 2 59.47 -28.17 28.48
CA ALA C 2 60.25 -28.94 27.52
C ALA C 2 59.49 -29.05 26.20
N GLY C 3 60.22 -29.02 25.09
CA GLY C 3 59.72 -29.53 23.82
C GLY C 3 59.83 -28.48 22.74
N PRO C 4 59.55 -28.83 21.49
CA PRO C 4 59.82 -27.90 20.39
C PRO C 4 58.99 -26.62 20.41
N LEU C 5 57.89 -26.61 21.19
CA LEU C 5 57.03 -25.43 21.23
C LEU C 5 57.15 -24.70 22.58
N SER C 6 58.25 -24.90 23.30
CA SER C 6 58.60 -24.01 24.40
C SER C 6 58.47 -22.57 23.92
N GLY C 7 57.71 -21.76 24.66
CA GLY C 7 57.58 -20.34 24.36
C GLY C 7 56.33 -19.97 23.55
N LEU C 8 55.68 -20.92 22.84
CA LEU C 8 54.43 -20.62 22.15
C LEU C 8 53.33 -20.41 23.21
N ARG C 9 52.51 -19.38 23.02
CA ARG C 9 51.48 -19.07 23.98
C ARG C 9 50.10 -19.28 23.37
N VAL C 10 49.27 -20.07 24.08
CA VAL C 10 47.99 -20.50 23.51
C VAL C 10 46.83 -20.13 24.44
N VAL C 11 45.81 -19.50 23.84
CA VAL C 11 44.56 -19.31 24.57
C VAL C 11 43.46 -20.21 23.99
N GLU C 12 42.97 -21.10 24.85
CA GLU C 12 41.93 -22.07 24.54
C GLU C 12 40.58 -21.66 25.16
N LEU C 13 39.58 -21.34 24.33
CA LEU C 13 38.21 -21.19 24.79
C LEU C 13 37.57 -22.59 24.93
N ALA C 14 37.34 -23.02 26.17
CA ALA C 14 36.88 -24.37 26.44
C ALA C 14 35.67 -24.76 25.57
N GLY C 15 35.83 -25.92 24.91
CA GLY C 15 34.82 -26.57 24.11
C GLY C 15 34.93 -28.07 24.32
N ILE C 16 34.50 -28.87 23.33
CA ILE C 16 34.57 -30.32 23.49
C ILE C 16 35.13 -30.91 22.20
N GLY C 17 35.77 -32.08 22.32
CA GLY C 17 36.19 -32.80 21.12
C GLY C 17 37.51 -32.31 20.54
N PRO C 18 37.56 -31.81 19.29
CA PRO C 18 38.84 -31.51 18.66
C PRO C 18 39.65 -30.40 19.32
N GLY C 19 39.00 -29.25 19.61
CA GLY C 19 39.63 -28.12 20.25
C GLY C 19 40.53 -28.52 21.40
N PRO C 20 39.99 -29.18 22.45
CA PRO C 20 40.81 -29.57 23.58
C PRO C 20 41.90 -30.59 23.28
N HIS C 21 41.71 -31.34 22.20
CA HIS C 21 42.69 -32.36 21.84
C HIS C 21 43.86 -31.63 21.22
N ALA C 22 43.57 -30.68 20.35
CA ALA C 22 44.59 -29.87 19.70
C ALA C 22 45.39 -29.07 20.72
N ALA C 23 44.71 -28.57 21.75
CA ALA C 23 45.34 -27.78 22.78
C ALA C 23 46.22 -28.67 23.64
N MET C 24 45.76 -29.90 23.88
CA MET C 24 46.53 -30.87 24.64
C MET C 24 47.87 -31.15 23.94
N ILE C 25 47.82 -31.29 22.60
CA ILE C 25 49.01 -31.67 21.86
C ILE C 25 49.99 -30.50 21.85
N LEU C 26 49.48 -29.26 21.72
CA LEU C 26 50.33 -28.09 21.78
C LEU C 26 51.07 -28.06 23.11
N GLY C 27 50.34 -28.30 24.19
CA GLY C 27 50.91 -28.29 25.53
C GLY C 27 51.82 -29.49 25.80
N ASP C 28 51.51 -30.63 25.16
CA ASP C 28 52.33 -31.82 25.28
C ASP C 28 53.74 -31.50 24.79
N LEU C 29 53.82 -30.72 23.70
CA LEU C 29 55.05 -30.42 23.00
C LEU C 29 55.69 -29.11 23.52
N GLY C 30 55.15 -28.57 24.62
CA GLY C 30 55.83 -27.54 25.39
C GLY C 30 55.14 -26.17 25.34
N ALA C 31 54.09 -26.01 24.55
CA ALA C 31 53.37 -24.74 24.47
C ALA C 31 52.71 -24.41 25.81
N ASP C 32 52.50 -23.09 26.00
CA ASP C 32 51.99 -22.54 27.25
C ASP C 32 50.49 -22.33 27.05
N VAL C 33 49.69 -23.18 27.71
CA VAL C 33 48.31 -23.33 27.28
C VAL C 33 47.42 -22.89 28.43
N VAL C 34 46.70 -21.78 28.16
CA VAL C 34 45.74 -21.28 29.12
C VAL C 34 44.34 -21.44 28.54
N ARG C 35 43.53 -22.15 29.32
CA ARG C 35 42.18 -22.54 28.95
C ARG C 35 41.20 -21.76 29.81
N ILE C 36 40.36 -20.98 29.12
CA ILE C 36 39.31 -20.19 29.74
C ILE C 36 38.02 -21.01 29.74
N ASP C 37 37.60 -21.44 30.93
CA ASP C 37 36.34 -22.14 31.15
C ASP C 37 35.35 -21.21 31.84
N ARG C 38 34.04 -21.51 31.70
CA ARG C 38 32.96 -20.89 32.45
C ARG C 38 33.04 -21.24 33.94
N PRO C 39 32.73 -20.29 34.86
CA PRO C 39 32.78 -20.59 36.29
C PRO C 39 31.85 -21.74 36.67
N SER C 40 30.70 -21.80 35.98
CA SER C 40 29.64 -22.77 36.24
C SER C 40 30.15 -24.20 36.26
N SER C 41 31.27 -24.48 35.56
CA SER C 41 31.68 -25.84 35.25
C SER C 41 32.72 -26.42 36.23
N VAL C 42 33.67 -25.61 36.74
CA VAL C 42 34.69 -26.13 37.64
C VAL C 42 34.32 -25.75 39.09
N GLY C 44 36.61 -29.14 41.38
CA GLY C 44 37.95 -28.56 41.61
C GLY C 44 38.91 -28.84 40.47
N ILE C 45 39.81 -29.84 40.66
CA ILE C 45 40.77 -30.31 39.66
C ILE C 45 40.04 -31.29 38.75
N SER C 46 40.12 -31.09 37.41
CA SER C 46 39.42 -31.94 36.45
C SER C 46 39.98 -33.36 36.47
N ARG C 47 39.10 -34.33 36.27
CA ARG C 47 39.50 -35.72 36.20
C ARG C 47 39.53 -36.14 34.72
N ASP C 48 39.48 -35.16 33.80
CA ASP C 48 39.66 -35.42 32.37
C ASP C 48 41.15 -35.23 32.00
N ALA C 49 41.84 -36.35 31.77
CA ALA C 49 43.26 -36.33 31.42
C ALA C 49 43.51 -35.68 30.05
N MET C 50 42.45 -35.37 29.24
CA MET C 50 42.59 -34.58 28.02
C MET C 50 42.99 -33.13 28.34
N LEU C 51 42.95 -32.73 29.63
CA LEU C 51 43.23 -31.37 30.06
C LEU C 51 44.55 -31.30 30.82
N ARG C 52 45.46 -32.21 30.47
CA ARG C 52 46.83 -32.22 30.96
C ARG C 52 47.55 -31.09 30.23
N ASN C 53 48.66 -30.62 30.83
CA ASN C 53 49.51 -29.55 30.25
C ASN C 53 48.70 -28.28 30.02
N ARG C 54 48.02 -27.83 31.07
CA ARG C 54 47.05 -26.75 30.96
C ARG C 54 47.16 -25.80 32.16
N ARG C 55 46.90 -24.51 31.93
CA ARG C 55 46.40 -23.70 33.03
C ARG C 55 44.92 -23.40 32.75
N ILE C 56 44.09 -23.70 33.76
CA ILE C 56 42.64 -23.56 33.71
C ILE C 56 42.25 -22.26 34.41
N VAL C 57 41.64 -21.31 33.69
CA VAL C 57 41.08 -20.13 34.35
C VAL C 57 39.58 -20.00 34.07
N THR C 58 38.86 -19.54 35.11
CA THR C 58 37.44 -19.20 35.07
C THR C 58 37.21 -17.80 34.53
N ALA C 59 36.16 -17.63 33.71
CA ALA C 59 35.75 -16.30 33.28
C ALA C 59 34.42 -16.36 32.57
N ASP C 60 33.48 -15.57 33.10
CA ASP C 60 32.22 -15.26 32.44
C ASP C 60 32.49 -14.30 31.28
N LEU C 61 32.56 -14.82 30.05
CA LEU C 61 32.85 -14.02 28.86
C LEU C 61 31.63 -13.21 28.45
N LYS C 62 30.56 -13.41 29.22
CA LYS C 62 29.33 -12.67 28.98
C LYS C 62 29.44 -11.30 29.66
N SER C 63 30.13 -11.24 30.82
CA SER C 63 30.33 -10.02 31.59
C SER C 63 31.38 -9.12 30.93
N ASP C 64 31.50 -7.87 31.42
CA ASP C 64 32.43 -6.91 30.83
C ASP C 64 33.83 -7.18 31.36
N GLN C 65 33.91 -7.60 32.63
CA GLN C 65 35.18 -7.89 33.26
C GLN C 65 35.84 -9.04 32.52
N GLY C 66 35.26 -10.24 32.69
CA GLY C 66 35.52 -11.44 31.91
C GLY C 66 35.94 -11.17 30.45
N LEU C 67 35.18 -10.36 29.68
CA LEU C 67 35.52 -10.09 28.30
C LEU C 67 36.89 -9.42 28.18
N GLU C 68 37.27 -8.68 29.23
CA GLU C 68 38.40 -7.77 29.15
C GLU C 68 39.64 -8.47 29.72
N LEU C 69 39.51 -9.22 30.83
CA LEU C 69 40.50 -10.19 31.30
C LEU C 69 40.93 -11.13 30.16
N ALA C 70 39.97 -11.60 29.34
CA ALA C 70 40.24 -12.50 28.23
C ALA C 70 40.90 -11.77 27.08
N LEU C 71 40.50 -10.53 26.82
CA LEU C 71 41.10 -9.79 25.73
C LEU C 71 42.55 -9.41 26.07
N LYS C 72 42.89 -9.41 27.35
CA LYS C 72 44.25 -9.10 27.77
C LYS C 72 45.18 -10.29 27.57
N LEU C 73 44.71 -11.52 27.88
CA LEU C 73 45.42 -12.75 27.54
C LEU C 73 45.68 -12.82 26.04
N ILE C 74 44.64 -12.62 25.24
CA ILE C 74 44.75 -12.83 23.81
C ILE C 74 45.80 -11.87 23.24
N ALA C 75 46.00 -10.73 23.93
CA ALA C 75 46.91 -9.70 23.45
C ALA C 75 48.36 -10.12 23.68
N LYS C 76 48.60 -10.83 24.79
CA LYS C 76 49.89 -11.36 25.19
C LYS C 76 50.15 -12.79 24.68
N ALA C 77 49.55 -13.21 23.56
CA ALA C 77 49.53 -14.63 23.16
C ALA C 77 49.60 -14.82 21.65
N ASP C 78 49.96 -16.02 21.21
CA ASP C 78 50.21 -16.31 19.79
C ASP C 78 49.02 -16.93 19.06
N VAL C 79 48.31 -17.78 19.79
CA VAL C 79 47.30 -18.62 19.19
C VAL C 79 46.07 -18.60 20.08
N LEU C 80 44.93 -18.37 19.41
CA LEU C 80 43.64 -18.56 20.04
C LEU C 80 42.94 -19.77 19.39
N ILE C 81 42.42 -20.66 20.25
CA ILE C 81 41.60 -21.79 19.82
C ILE C 81 40.15 -21.61 20.32
N GLU C 82 39.19 -21.63 19.39
CA GLU C 82 37.78 -21.76 19.72
C GLU C 82 37.08 -22.79 18.83
N GLY C 83 36.18 -23.58 19.44
CA GLY C 83 35.40 -24.57 18.70
C GLY C 83 33.92 -24.53 19.07
N TYR C 84 33.35 -23.32 19.00
CA TYR C 84 31.94 -23.06 19.15
C TYR C 84 31.38 -22.88 17.75
N ARG C 85 30.05 -22.71 17.64
CA ARG C 85 29.46 -22.56 16.32
C ARG C 85 29.89 -21.22 15.74
N PRO C 86 29.92 -21.02 14.41
CA PRO C 86 30.19 -19.70 13.86
C PRO C 86 29.23 -18.66 14.45
N GLY C 87 29.80 -17.54 14.92
CA GLY C 87 29.08 -16.40 15.45
C GLY C 87 29.35 -16.24 16.94
N VAL C 88 29.69 -17.32 17.61
CA VAL C 88 29.67 -17.27 19.06
C VAL C 88 30.77 -16.37 19.58
N THR C 89 31.92 -16.32 18.89
CA THR C 89 33.01 -15.54 19.45
C THR C 89 32.76 -14.07 19.14
N GLU C 90 32.30 -13.80 17.91
CA GLU C 90 31.93 -12.45 17.53
C GLU C 90 31.07 -11.84 18.65
N ARG C 91 29.91 -12.46 18.88
CA ARG C 91 28.90 -11.95 19.79
C ARG C 91 29.47 -11.81 21.19
N LEU C 92 30.44 -12.62 21.59
CA LEU C 92 31.03 -12.42 22.90
C LEU C 92 31.93 -11.19 22.93
N GLY C 93 32.33 -10.69 21.76
CA GLY C 93 33.34 -9.63 21.64
C GLY C 93 34.76 -10.16 21.37
N LEU C 94 34.87 -11.47 21.14
CA LEU C 94 36.13 -12.19 21.02
C LEU C 94 36.31 -12.72 19.60
N GLY C 95 35.68 -12.10 18.61
CA GLY C 95 35.78 -12.54 17.22
C GLY C 95 37.15 -12.21 16.62
N PRO C 96 37.41 -12.57 15.34
CA PRO C 96 38.71 -12.32 14.75
C PRO C 96 39.07 -10.83 14.77
N GLU C 97 38.19 -10.02 14.16
CA GLU C 97 38.41 -8.60 13.96
C GLU C 97 38.60 -7.85 15.26
N GLU C 98 37.90 -8.30 16.31
CA GLU C 98 38.10 -7.76 17.64
C GLU C 98 39.44 -8.24 18.23
N CYS C 99 39.86 -9.46 17.89
CA CYS C 99 41.08 -10.00 18.47
C CYS C 99 42.26 -9.37 17.73
N ALA C 100 42.06 -9.11 16.43
CA ALA C 100 43.02 -8.46 15.54
C ALA C 100 43.37 -7.05 16.03
N LYS C 101 42.40 -6.37 16.64
CA LYS C 101 42.62 -5.04 17.16
C LYS C 101 43.61 -5.05 18.32
N VAL C 102 43.61 -6.07 19.18
CA VAL C 102 44.53 -6.07 20.33
C VAL C 102 45.80 -6.87 20.01
N ASN C 103 45.95 -7.40 18.77
CA ASN C 103 47.02 -8.35 18.44
C ASN C 103 46.89 -8.80 16.99
N ASP C 104 47.60 -8.12 16.09
CA ASP C 104 47.57 -8.42 14.66
C ASP C 104 48.50 -9.60 14.33
N ARG C 105 49.19 -10.11 15.35
CA ARG C 105 50.10 -11.23 15.15
C ARG C 105 49.34 -12.57 15.33
N LEU C 106 48.13 -12.53 15.89
CA LEU C 106 47.41 -13.69 16.39
C LEU C 106 47.13 -14.73 15.30
N ILE C 107 47.41 -16.00 15.65
CA ILE C 107 46.80 -17.12 14.94
C ILE C 107 45.43 -17.43 15.57
N TYR C 108 44.39 -17.18 14.76
CA TYR C 108 43.00 -17.33 15.17
C TYR C 108 42.47 -18.66 14.61
N ALA C 109 42.35 -19.63 15.51
CA ALA C 109 42.05 -21.01 15.12
C ALA C 109 40.60 -21.37 15.46
N ARG C 110 39.85 -21.66 14.40
CA ARG C 110 38.43 -21.93 14.46
C ARG C 110 38.14 -23.39 14.12
N MET C 111 37.72 -24.14 15.13
CA MET C 111 37.49 -25.58 15.05
C MET C 111 35.99 -25.91 14.99
N THR C 112 35.50 -26.28 13.80
CA THR C 112 34.11 -26.69 13.67
C THR C 112 34.02 -28.01 12.89
N GLY C 113 32.79 -28.53 12.82
CA GLY C 113 32.51 -29.67 11.99
C GLY C 113 32.16 -29.25 10.58
N TRP C 114 31.23 -28.28 10.45
CA TRP C 114 30.62 -28.08 9.15
C TRP C 114 31.30 -26.93 8.40
N GLY C 115 32.20 -26.19 9.07
CA GLY C 115 32.78 -24.99 8.45
C GLY C 115 32.12 -23.69 8.94
N GLN C 116 32.61 -22.56 8.41
CA GLN C 116 32.26 -21.24 8.94
C GLN C 116 30.97 -20.74 8.30
N THR C 117 30.69 -21.19 7.09
CA THR C 117 29.49 -20.83 6.37
C THR C 117 28.88 -22.09 5.75
N GLY C 118 27.70 -21.92 5.15
CA GLY C 118 27.01 -22.90 4.33
C GLY C 118 25.74 -23.38 5.03
N PRO C 119 24.91 -24.19 4.37
CA PRO C 119 23.60 -24.60 4.95
C PRO C 119 23.62 -25.32 6.31
N ARG C 120 24.72 -26.06 6.61
CA ARG C 120 24.84 -26.88 7.82
C ARG C 120 25.61 -26.16 8.92
N SER C 121 26.04 -24.93 8.62
CA SER C 121 26.98 -24.24 9.47
C SER C 121 26.44 -24.03 10.88
N GLN C 122 25.12 -24.12 11.12
CA GLN C 122 24.67 -23.91 12.49
C GLN C 122 24.08 -25.17 13.13
N GLN C 123 23.98 -26.27 12.37
CA GLN C 123 23.61 -27.57 12.91
C GLN C 123 24.61 -28.12 13.92
N ALA C 124 24.10 -28.49 15.09
CA ALA C 124 24.83 -29.33 16.03
C ALA C 124 25.20 -30.62 15.30
N GLY C 125 26.19 -31.28 15.85
CA GLY C 125 26.80 -32.42 15.21
C GLY C 125 27.87 -32.99 16.13
N HIS C 126 28.10 -34.29 15.94
CA HIS C 126 29.27 -34.97 16.46
C HIS C 126 29.99 -35.68 15.31
N ASP C 127 31.14 -36.27 15.66
CA ASP C 127 32.00 -37.00 14.74
C ASP C 127 31.18 -37.79 13.73
N ILE C 128 30.25 -38.64 14.21
CA ILE C 128 29.54 -39.55 13.32
C ILE C 128 28.81 -38.80 12.21
N ASN C 129 28.38 -37.55 12.49
CA ASN C 129 27.64 -36.74 11.53
C ASN C 129 28.58 -36.19 10.46
N TYR C 130 29.74 -35.69 10.89
CA TYR C 130 30.64 -35.01 9.96
C TYR C 130 31.19 -36.03 8.96
N ILE C 131 31.43 -37.27 9.42
CA ILE C 131 31.93 -38.32 8.53
C ILE C 131 30.83 -39.02 7.74
N SER C 132 29.57 -38.72 8.05
CA SER C 132 28.49 -39.37 7.29
C SER C 132 28.31 -38.68 5.94
N LEU C 133 28.62 -37.39 5.87
CA LEU C 133 28.27 -36.57 4.72
C LEU C 133 29.30 -36.67 3.60
N ASN C 134 30.51 -37.15 3.90
CA ASN C 134 31.59 -37.07 2.94
C ASN C 134 32.04 -38.45 2.47
N GLY C 135 31.23 -39.49 2.78
CA GLY C 135 31.44 -40.82 2.24
C GLY C 135 32.23 -41.75 3.17
N ILE C 136 32.85 -41.21 4.20
CA ILE C 136 33.72 -42.00 5.05
C ILE C 136 32.96 -43.07 5.81
N LEU C 137 31.92 -42.65 6.54
CA LEU C 137 31.18 -43.56 7.38
C LEU C 137 30.63 -44.71 6.55
N HIS C 138 30.20 -44.42 5.33
CA HIS C 138 29.57 -45.43 4.52
C HIS C 138 30.52 -46.57 4.21
N ALA C 139 31.82 -46.29 4.22
CA ALA C 139 32.86 -47.19 3.77
C ALA C 139 33.36 -48.10 4.89
N ILE C 140 32.88 -47.92 6.12
CA ILE C 140 33.44 -48.62 7.26
C ILE C 140 32.46 -49.65 7.80
N GLY C 141 32.91 -50.91 7.92
CA GLY C 141 32.12 -51.99 8.47
C GLY C 141 32.06 -53.17 7.52
N ARG C 142 31.41 -54.25 7.93
CA ARG C 142 31.14 -55.35 7.01
C ARG C 142 30.03 -55.01 6.02
N GLY C 143 29.99 -55.74 4.90
CA GLY C 143 29.09 -55.39 3.81
C GLY C 143 27.65 -55.79 4.11
N ASP C 144 27.48 -56.76 4.98
CA ASP C 144 26.16 -57.35 5.19
C ASP C 144 25.45 -56.64 6.34
N GLU C 145 25.99 -55.50 6.78
CA GLU C 145 25.52 -54.85 7.99
C GLU C 145 25.63 -53.34 7.85
N ARG C 146 25.06 -52.63 8.81
CA ARG C 146 25.04 -51.19 8.71
C ARG C 146 26.40 -50.60 9.11
N PRO C 147 26.76 -49.41 8.59
CA PRO C 147 28.08 -48.87 8.88
C PRO C 147 28.33 -48.72 10.37
N VAL C 148 29.59 -48.92 10.75
CA VAL C 148 29.94 -48.84 12.15
C VAL C 148 30.87 -47.64 12.36
N PRO C 149 30.60 -46.82 13.38
CA PRO C 149 31.46 -45.68 13.65
C PRO C 149 32.82 -46.13 14.15
N PRO C 150 33.89 -45.56 13.58
CA PRO C 150 35.25 -45.82 14.05
C PRO C 150 35.62 -44.97 15.25
N LEU C 151 34.92 -45.24 16.36
CA LEU C 151 34.86 -44.33 17.49
C LEU C 151 34.70 -42.90 16.93
N ASN C 152 35.34 -41.94 17.59
CA ASN C 152 35.37 -40.58 17.10
C ASN C 152 36.77 -40.22 16.61
N LEU C 153 37.47 -41.19 16.01
CA LEU C 153 38.89 -41.02 15.69
C LEU C 153 39.06 -40.26 14.38
N VAL C 154 38.10 -40.38 13.46
CA VAL C 154 38.31 -39.91 12.11
C VAL C 154 37.81 -38.47 11.95
N GLY C 155 36.73 -38.09 12.64
CA GLY C 155 36.20 -36.73 12.46
C GLY C 155 36.80 -35.76 13.46
N ASP C 156 36.64 -36.06 14.74
CA ASP C 156 37.18 -35.25 15.79
C ASP C 156 38.69 -35.10 15.66
N PHE C 157 39.41 -36.23 15.61
CA PHE C 157 40.83 -36.19 15.95
C PHE C 157 41.61 -36.18 14.65
N GLY C 158 41.56 -37.28 13.92
CA GLY C 158 42.40 -37.39 12.75
C GLY C 158 42.09 -36.31 11.73
N GLY C 159 40.80 -36.01 11.56
CA GLY C 159 40.35 -35.09 10.53
C GLY C 159 40.00 -33.74 11.14
N GLY C 160 40.23 -33.59 12.43
CA GLY C 160 39.73 -32.45 13.16
C GLY C 160 40.85 -31.69 13.86
N SER C 161 41.15 -32.09 15.09
CA SER C 161 42.22 -31.47 15.87
C SER C 161 43.51 -31.46 15.05
N MET C 162 43.81 -32.57 14.37
CA MET C 162 45.10 -32.69 13.72
C MET C 162 45.20 -31.68 12.58
N PHE C 163 44.13 -31.43 11.83
CA PHE C 163 44.17 -30.41 10.79
C PHE C 163 44.18 -29.01 11.40
N LEU C 164 43.55 -28.82 12.56
CA LEU C 164 43.68 -27.57 13.27
C LEU C 164 45.14 -27.28 13.57
N LEU C 165 45.84 -28.30 14.10
CA LEU C 165 47.24 -28.24 14.48
C LEU C 165 48.11 -27.91 13.26
N VAL C 166 47.91 -28.60 12.16
CA VAL C 166 48.66 -28.29 10.97
C VAL C 166 48.41 -26.83 10.55
N GLY C 167 47.18 -26.33 10.76
CA GLY C 167 46.85 -24.97 10.33
C GLY C 167 47.54 -23.93 11.21
N ILE C 168 47.43 -24.09 12.52
CA ILE C 168 48.11 -23.23 13.45
C ILE C 168 49.61 -23.15 13.09
N LEU C 169 50.27 -24.32 13.12
CA LEU C 169 51.72 -24.39 13.02
C LEU C 169 52.14 -23.87 11.63
N ALA C 170 51.35 -24.11 10.59
CA ALA C 170 51.73 -23.67 9.25
C ALA C 170 51.60 -22.14 9.12
N ALA C 171 50.62 -21.55 9.82
CA ALA C 171 50.41 -20.12 9.73
C ALA C 171 51.48 -19.40 10.55
N LEU C 172 51.90 -20.01 11.67
CA LEU C 172 53.06 -19.62 12.49
C LEU C 172 54.35 -19.55 11.68
N TRP C 173 54.57 -20.51 10.78
CA TRP C 173 55.69 -20.44 9.85
C TRP C 173 55.52 -19.23 8.95
N GLU C 174 54.32 -19.10 8.36
CA GLU C 174 54.00 -18.01 7.45
C GLU C 174 54.23 -16.66 8.12
N ARG C 175 53.87 -16.58 9.42
CA ARG C 175 53.99 -15.39 10.24
C ARG C 175 55.45 -14.97 10.43
N GLN C 176 56.39 -15.91 10.23
CA GLN C 176 57.82 -15.62 10.30
C GLN C 176 58.18 -14.72 9.12
N SER C 177 57.82 -15.04 7.89
CA SER C 177 57.92 -14.12 6.79
C SER C 177 57.26 -12.78 7.09
N SER C 178 55.93 -12.80 7.35
CA SER C 178 55.09 -11.63 7.13
C SER C 178 54.82 -10.80 8.39
N GLY C 179 55.15 -11.30 9.58
CA GLY C 179 54.90 -10.60 10.83
C GLY C 179 53.42 -10.54 11.23
N LYS C 180 52.54 -11.14 10.40
CA LYS C 180 51.09 -11.02 10.47
C LYS C 180 50.41 -12.39 10.75
N GLY C 181 49.48 -12.38 11.72
CA GLY C 181 48.59 -13.51 11.97
C GLY C 181 47.59 -13.76 10.83
N GLN C 182 46.61 -14.63 11.12
CA GLN C 182 45.48 -14.89 10.23
C GLN C 182 44.54 -15.87 10.93
N VAL C 183 43.49 -16.25 10.20
CA VAL C 183 42.46 -17.15 10.71
C VAL C 183 42.65 -18.51 10.04
N VAL C 184 42.62 -19.55 10.88
CA VAL C 184 42.56 -20.92 10.42
C VAL C 184 41.14 -21.45 10.59
N ASP C 185 40.50 -21.81 9.47
CA ASP C 185 39.20 -22.46 9.41
C ASP C 185 39.40 -23.97 9.19
N ALA C 186 39.40 -24.73 10.31
CA ALA C 186 39.47 -26.18 10.30
C ALA C 186 38.07 -26.77 10.50
N ALA C 187 37.48 -27.27 9.43
CA ALA C 187 36.25 -28.05 9.50
C ALA C 187 36.50 -29.55 9.34
N MET C 188 35.90 -30.36 10.23
CA MET C 188 36.07 -31.81 10.28
C MET C 188 35.66 -32.44 8.97
N VAL C 189 34.67 -31.86 8.31
CA VAL C 189 34.22 -32.45 7.06
C VAL C 189 35.27 -32.26 5.97
N ASP C 190 36.12 -31.22 6.09
CA ASP C 190 37.18 -30.99 5.12
C ASP C 190 38.38 -31.87 5.46
N GLY C 191 38.83 -31.78 6.71
CA GLY C 191 40.05 -32.45 7.16
C GLY C 191 39.92 -33.96 6.98
N SER C 192 38.75 -34.50 7.35
CA SER C 192 38.50 -35.92 7.28
C SER C 192 38.52 -36.32 5.80
N SER C 193 38.07 -35.43 4.91
CA SER C 193 38.11 -35.72 3.49
C SER C 193 39.56 -35.78 2.98
N VAL C 194 40.46 -34.96 3.52
CA VAL C 194 41.85 -34.99 3.08
C VAL C 194 42.53 -36.23 3.67
N LEU C 195 42.14 -36.56 4.90
CA LEU C 195 42.61 -37.76 5.57
C LEU C 195 42.37 -39.00 4.71
N ILE C 196 41.23 -39.05 4.02
CA ILE C 196 40.86 -40.21 3.22
C ILE C 196 41.15 -39.95 1.75
N GLN C 197 42.08 -39.03 1.44
CA GLN C 197 42.40 -38.74 0.03
C GLN C 197 42.80 -40.00 -0.74
N MET C 198 43.47 -40.95 -0.09
CA MET C 198 43.91 -42.16 -0.79
C MET C 198 42.74 -42.87 -1.48
N MET C 199 41.60 -42.92 -0.79
CA MET C 199 40.45 -43.66 -1.32
C MET C 199 39.85 -42.90 -2.49
N TRP C 200 39.83 -41.56 -2.43
CA TRP C 200 39.39 -40.76 -3.55
C TRP C 200 40.28 -40.99 -4.77
N ALA C 201 41.58 -41.09 -4.52
CA ALA C 201 42.52 -41.40 -5.60
C ALA C 201 42.27 -42.79 -6.17
N MET C 202 42.13 -43.78 -5.28
CA MET C 202 41.93 -45.13 -5.74
C MET C 202 40.59 -45.28 -6.46
N ARG C 203 39.59 -44.42 -6.17
CA ARG C 203 38.30 -44.56 -6.84
C ARG C 203 38.44 -44.10 -8.28
N ALA C 204 39.26 -43.06 -8.50
CA ALA C 204 39.48 -42.52 -9.84
C ALA C 204 40.15 -43.56 -10.73
N THR C 205 41.06 -44.36 -10.18
CA THR C 205 41.79 -45.31 -10.99
C THR C 205 41.09 -46.66 -10.98
N GLY C 206 39.78 -46.72 -10.63
CA GLY C 206 39.06 -47.98 -10.60
C GLY C 206 39.51 -48.92 -9.48
N MET C 207 40.36 -48.46 -8.56
CA MET C 207 40.95 -49.32 -7.54
C MET C 207 40.17 -49.34 -6.22
N TRP C 208 39.02 -48.67 -6.13
CA TRP C 208 38.28 -48.64 -4.88
C TRP C 208 36.82 -48.46 -5.25
N THR C 209 35.91 -49.28 -4.68
CA THR C 209 34.48 -49.27 -4.99
C THR C 209 33.67 -48.82 -3.77
N ASP C 210 32.49 -48.30 -4.08
CA ASP C 210 31.59 -47.78 -3.06
C ASP C 210 30.95 -48.91 -2.28
N THR C 211 31.09 -50.16 -2.71
CA THR C 211 30.60 -51.29 -1.95
C THR C 211 31.39 -51.44 -0.66
N ARG C 212 30.68 -51.53 0.45
CA ARG C 212 31.30 -51.74 1.74
C ARG C 212 31.77 -53.19 1.82
N GLY C 213 32.98 -53.38 2.35
CA GLY C 213 33.45 -54.71 2.67
C GLY C 213 33.99 -55.42 1.44
N ALA C 214 34.31 -54.69 0.37
CA ALA C 214 34.75 -55.35 -0.86
C ALA C 214 36.01 -54.72 -1.44
N ASN C 215 36.88 -54.16 -0.61
CA ASN C 215 38.06 -53.46 -1.09
C ASN C 215 39.28 -53.99 -0.34
N MET C 216 40.46 -53.46 -0.68
CA MET C 216 41.72 -53.99 -0.19
C MET C 216 41.88 -53.66 1.29
N LEU C 217 41.35 -52.52 1.72
CA LEU C 217 41.70 -51.99 3.01
C LEU C 217 40.51 -51.88 3.97
N ASP C 218 39.36 -52.47 3.63
CA ASP C 218 38.15 -52.25 4.39
C ASP C 218 37.74 -53.48 5.17
N GLY C 219 38.54 -54.55 5.01
CA GLY C 219 38.26 -55.83 5.62
C GLY C 219 37.83 -56.85 4.57
N GLY C 220 37.60 -56.40 3.33
CA GLY C 220 37.26 -57.25 2.21
C GLY C 220 38.37 -58.23 1.78
N ALA C 221 39.65 -57.81 1.83
CA ALA C 221 40.74 -58.68 1.44
C ALA C 221 41.01 -59.66 2.57
N PRO C 222 41.13 -60.98 2.26
CA PRO C 222 41.48 -61.96 3.27
C PRO C 222 42.83 -61.73 3.95
N TYR C 223 43.71 -61.02 3.23
CA TYR C 223 45.05 -60.76 3.72
C TYR C 223 45.16 -59.40 4.43
N TYR C 224 44.04 -58.65 4.53
CA TYR C 224 44.00 -57.40 5.29
C TYR C 224 42.73 -57.41 6.14
N ASP C 225 42.78 -58.04 7.31
CA ASP C 225 41.58 -58.28 8.11
C ASP C 225 41.96 -58.92 9.43
N THR C 226 40.99 -59.04 10.37
CA THR C 226 41.25 -59.72 11.61
C THR C 226 40.76 -61.16 11.44
N TYR C 227 41.33 -62.07 12.24
CA TYR C 227 40.91 -63.46 12.30
C TYR C 227 40.80 -63.90 13.74
N GLU C 228 39.79 -64.73 14.01
CA GLU C 228 39.61 -65.26 15.34
C GLU C 228 40.46 -66.52 15.51
N CYS C 229 41.05 -66.64 16.70
CA CYS C 229 41.98 -67.71 17.06
C CYS C 229 41.27 -68.73 17.95
N ALA C 230 41.97 -69.82 18.29
CA ALA C 230 41.39 -70.96 18.99
C ALA C 230 40.78 -70.48 20.29
N ASP C 231 41.38 -69.43 20.86
CA ASP C 231 41.04 -68.99 22.19
C ASP C 231 39.96 -67.93 22.17
N GLY C 232 39.38 -67.60 21.01
CA GLY C 232 38.40 -66.54 20.92
C GLY C 232 38.99 -65.12 20.82
N ARG C 233 40.34 -64.99 20.90
CA ARG C 233 41.05 -63.74 20.72
C ARG C 233 41.41 -63.61 19.24
N TYR C 234 41.92 -62.44 18.83
CA TYR C 234 42.11 -62.14 17.41
C TYR C 234 43.56 -61.84 17.07
N VAL C 235 43.94 -62.12 15.84
CA VAL C 235 45.12 -61.49 15.24
C VAL C 235 44.69 -60.58 14.11
N ALA C 236 45.61 -59.70 13.71
CA ALA C 236 45.45 -58.89 12.51
C ALA C 236 46.46 -59.32 11.45
N VAL C 237 45.99 -59.38 10.21
CA VAL C 237 46.82 -59.68 9.08
C VAL C 237 46.77 -58.49 8.14
N GLY C 238 47.96 -58.03 7.72
CA GLY C 238 48.11 -56.88 6.85
C GLY C 238 49.13 -57.13 5.75
N ALA C 239 49.21 -58.38 5.30
CA ALA C 239 50.19 -58.81 4.31
C ALA C 239 49.74 -58.47 2.91
N ILE C 240 49.85 -57.19 2.56
CA ILE C 240 49.50 -56.73 1.23
C ILE C 240 50.57 -57.13 0.19
N GLU C 241 51.85 -56.95 0.53
CA GLU C 241 52.94 -57.27 -0.39
C GLU C 241 53.03 -58.78 -0.58
N PRO C 242 53.20 -59.27 -1.83
CA PRO C 242 53.23 -60.72 -2.08
C PRO C 242 54.28 -61.49 -1.27
N GLN C 243 55.45 -60.89 -1.05
CA GLN C 243 56.47 -61.59 -0.28
C GLN C 243 55.97 -61.81 1.13
N PHE C 244 55.38 -60.77 1.72
CA PHE C 244 54.93 -60.85 3.10
C PHE C 244 53.80 -61.88 3.19
N TYR C 245 52.88 -61.82 2.23
CA TYR C 245 51.74 -62.72 2.19
C TYR C 245 52.24 -64.18 2.15
N ALA C 246 53.28 -64.42 1.33
CA ALA C 246 53.80 -65.77 1.12
C ALA C 246 54.39 -66.26 2.44
N ALA C 247 55.04 -65.36 3.20
CA ALA C 247 55.61 -65.76 4.49
C ALA C 247 54.50 -66.08 5.46
N MET C 248 53.42 -65.29 5.35
CA MET C 248 52.24 -65.54 6.18
C MET C 248 51.72 -66.96 5.95
N LEU C 249 51.46 -67.35 4.70
CA LEU C 249 50.90 -68.67 4.41
C LEU C 249 51.80 -69.78 4.97
N ALA C 250 53.15 -69.67 4.78
CA ALA C 250 54.03 -70.73 5.24
C ALA C 250 53.93 -70.86 6.75
N GLY C 251 53.87 -69.73 7.45
CA GLY C 251 53.76 -69.79 8.89
C GLY C 251 52.45 -70.43 9.35
N LEU C 252 51.39 -70.32 8.55
CA LEU C 252 50.14 -70.99 8.86
C LEU C 252 50.18 -72.47 8.50
N GLY C 253 51.18 -72.94 7.74
CA GLY C 253 51.25 -74.35 7.38
C GLY C 253 50.53 -74.62 6.07
N LEU C 254 50.25 -73.58 5.31
CA LEU C 254 49.53 -73.69 4.06
C LEU C 254 50.51 -73.63 2.91
N ASP C 255 50.19 -74.43 1.90
CA ASP C 255 50.96 -74.50 0.68
C ASP C 255 50.26 -73.62 -0.34
N ALA C 256 50.90 -72.49 -0.68
CA ALA C 256 50.39 -71.55 -1.68
C ALA C 256 49.87 -72.25 -2.93
N ALA C 257 50.50 -73.35 -3.33
CA ALA C 257 50.14 -74.01 -4.57
C ALA C 257 48.74 -74.60 -4.51
N GLU C 258 48.16 -74.80 -3.31
CA GLU C 258 46.82 -75.32 -3.13
C GLU C 258 45.77 -74.22 -2.90
N LEU C 259 46.11 -72.97 -3.11
CA LEU C 259 45.22 -71.89 -2.70
C LEU C 259 44.91 -71.05 -3.93
N PRO C 260 43.80 -70.29 -3.96
CA PRO C 260 43.61 -69.31 -5.00
C PRO C 260 44.65 -68.21 -4.95
N PRO C 261 44.80 -67.47 -6.05
CA PRO C 261 45.72 -66.33 -6.05
C PRO C 261 45.29 -65.31 -5.00
N GLN C 262 46.29 -64.62 -4.43
CA GLN C 262 46.11 -63.64 -3.39
C GLN C 262 45.09 -62.57 -3.80
N ASN C 263 45.10 -62.18 -5.09
CA ASN C 263 44.30 -61.06 -5.56
C ASN C 263 43.35 -61.50 -6.68
N ASP C 264 42.93 -62.76 -6.68
CA ASP C 264 41.72 -63.14 -7.40
C ASP C 264 40.49 -62.89 -6.53
N ARG C 265 39.82 -61.73 -6.74
CA ARG C 265 38.75 -61.30 -5.86
C ARG C 265 37.55 -62.25 -5.92
N ALA C 266 37.28 -62.80 -7.12
CA ALA C 266 36.21 -63.77 -7.28
C ALA C 266 36.33 -64.90 -6.24
N ARG C 267 37.55 -65.24 -5.79
CA ARG C 267 37.77 -66.41 -4.96
C ARG C 267 38.22 -66.03 -3.56
N TRP C 268 38.11 -64.74 -3.22
CA TRP C 268 38.39 -64.30 -1.86
C TRP C 268 37.57 -65.04 -0.80
N PRO C 269 36.26 -65.32 -0.98
CA PRO C 269 35.52 -66.08 0.03
C PRO C 269 36.13 -67.46 0.29
N GLU C 270 36.58 -68.11 -0.80
CA GLU C 270 37.24 -69.40 -0.73
C GLU C 270 38.56 -69.27 0.04
N LEU C 271 39.34 -68.24 -0.32
CA LEU C 271 40.62 -68.01 0.31
C LEU C 271 40.43 -67.73 1.80
N ARG C 272 39.44 -66.90 2.13
CA ARG C 272 39.17 -66.52 3.51
C ARG C 272 38.80 -67.76 4.33
N ALA C 273 38.02 -68.67 3.73
CA ALA C 273 37.64 -69.88 4.43
C ALA C 273 38.89 -70.68 4.86
N LEU C 274 39.91 -70.75 4.01
CA LEU C 274 41.09 -71.55 4.37
C LEU C 274 41.90 -70.85 5.46
N LEU C 275 42.08 -69.53 5.36
CA LEU C 275 42.83 -68.78 6.36
C LEU C 275 42.07 -68.79 7.67
N THR C 276 40.74 -68.70 7.60
CA THR C 276 39.93 -68.76 8.82
C THR C 276 40.21 -70.05 9.57
N GLU C 277 40.20 -71.17 8.83
CA GLU C 277 40.41 -72.46 9.47
C GLU C 277 41.82 -72.54 10.04
N ALA C 278 42.83 -72.04 9.31
CA ALA C 278 44.19 -72.15 9.81
C ALA C 278 44.38 -71.31 11.08
N PHE C 279 43.96 -70.02 11.06
CA PHE C 279 44.11 -69.19 12.25
C PHE C 279 43.34 -69.77 13.44
N ALA C 280 42.17 -70.37 13.19
CA ALA C 280 41.37 -70.84 14.30
C ALA C 280 42.00 -72.08 14.98
N SER C 281 43.04 -72.67 14.40
CA SER C 281 43.59 -73.90 14.96
C SER C 281 44.58 -73.64 16.10
N HIS C 282 45.01 -72.40 16.33
CA HIS C 282 45.85 -72.12 17.48
C HIS C 282 45.45 -70.79 18.10
N ASP C 283 45.91 -70.54 19.33
CA ASP C 283 45.52 -69.34 20.06
C ASP C 283 46.40 -68.16 19.64
N ARG C 284 46.01 -66.96 20.06
CA ARG C 284 46.58 -65.73 19.54
C ARG C 284 48.08 -65.68 19.87
N ASP C 285 48.43 -66.04 21.09
CA ASP C 285 49.79 -65.94 21.58
C ASP C 285 50.71 -66.86 20.80
N HIS C 286 50.16 -67.98 20.35
CA HIS C 286 50.89 -68.87 19.48
C HIS C 286 51.27 -68.18 18.18
N TRP C 287 50.29 -67.55 17.50
CA TRP C 287 50.58 -66.78 16.31
C TRP C 287 51.56 -65.66 16.60
N GLY C 288 51.40 -64.98 17.75
CA GLY C 288 52.34 -63.96 18.18
C GLY C 288 53.79 -64.45 18.14
N ALA C 289 54.03 -65.59 18.79
CA ALA C 289 55.36 -66.19 18.82
C ALA C 289 55.83 -66.58 17.43
N VAL C 290 55.08 -67.46 16.76
CA VAL C 290 55.42 -67.94 15.43
C VAL C 290 55.88 -66.82 14.50
N PHE C 291 55.26 -65.62 14.58
CA PHE C 291 55.51 -64.60 13.56
C PHE C 291 56.37 -63.43 14.08
N ALA C 292 56.87 -63.54 15.32
CA ALA C 292 57.82 -62.57 15.85
C ALA C 292 59.07 -62.59 14.99
N ASN C 293 59.55 -61.39 14.70
CA ASN C 293 60.71 -61.14 13.86
C ASN C 293 60.43 -61.43 12.40
N SER C 294 59.18 -61.69 12.03
CA SER C 294 58.86 -61.98 10.63
C SER C 294 58.24 -60.77 9.94
N ASP C 295 58.27 -60.82 8.61
CA ASP C 295 57.61 -59.90 7.71
C ASP C 295 56.20 -60.35 7.32
N ALA C 296 55.58 -61.23 8.10
CA ALA C 296 54.33 -61.82 7.68
C ALA C 296 53.14 -60.88 7.89
N CYS C 297 53.36 -59.77 8.62
CA CYS C 297 52.35 -58.74 8.91
C CYS C 297 51.19 -59.34 9.70
N VAL C 298 51.53 -60.08 10.75
CA VAL C 298 50.59 -60.73 11.63
C VAL C 298 50.92 -60.26 13.03
N THR C 299 49.90 -59.74 13.72
CA THR C 299 50.12 -59.17 15.05
C THR C 299 48.92 -59.52 15.94
N PRO C 300 49.16 -59.69 17.25
CA PRO C 300 48.07 -59.85 18.18
C PRO C 300 47.22 -58.59 18.26
N VAL C 301 45.89 -58.75 18.25
CA VAL C 301 45.00 -57.64 18.46
C VAL C 301 44.78 -57.54 19.96
N LEU C 302 45.47 -56.61 20.60
CA LEU C 302 45.40 -56.47 22.05
C LEU C 302 44.28 -55.49 22.43
N ALA C 303 43.64 -55.82 23.54
CA ALA C 303 42.72 -54.95 24.23
C ALA C 303 43.48 -53.93 25.09
N PHE C 304 42.82 -52.81 25.36
CA PHE C 304 43.44 -51.72 26.09
C PHE C 304 44.15 -52.27 27.32
N GLY C 305 43.42 -53.01 28.16
CA GLY C 305 43.94 -53.49 29.44
C GLY C 305 45.17 -54.41 29.35
N GLU C 306 45.51 -54.89 28.15
CA GLU C 306 46.63 -55.78 27.92
C GLU C 306 47.85 -55.08 27.33
N VAL C 307 47.71 -53.83 26.91
CA VAL C 307 48.73 -53.16 26.12
C VAL C 307 50.02 -52.91 26.92
N HIS C 308 49.86 -52.71 28.23
CA HIS C 308 50.95 -52.41 29.17
C HIS C 308 51.85 -53.64 29.40
N ASN C 309 51.36 -54.83 29.06
CA ASN C 309 52.17 -56.04 29.14
C ASN C 309 52.88 -56.33 27.84
N GLU C 310 52.82 -55.46 26.83
CA GLU C 310 53.43 -55.79 25.55
C GLU C 310 54.84 -55.24 25.49
N PRO C 311 55.89 -56.08 25.25
CA PRO C 311 57.29 -55.64 25.21
C PRO C 311 57.59 -54.44 24.34
N HIS C 312 57.09 -54.39 23.11
CA HIS C 312 57.41 -53.26 22.24
C HIS C 312 56.81 -51.93 22.75
N ILE C 313 55.69 -52.00 23.45
CA ILE C 313 55.07 -50.83 24.06
C ILE C 313 55.86 -50.38 25.31
N ILE C 314 56.19 -51.34 26.19
CA ILE C 314 56.96 -51.06 27.38
C ILE C 314 58.30 -50.43 27.02
N GLU C 315 59.04 -51.10 26.16
CA GLU C 315 60.42 -50.75 25.90
C GLU C 315 60.53 -49.40 25.23
N ARG C 316 59.53 -48.95 24.45
CA ARG C 316 59.63 -47.62 23.87
C ARG C 316 58.95 -46.51 24.69
N ASN C 317 58.38 -46.82 25.86
CA ASN C 317 57.75 -45.81 26.72
C ASN C 317 56.63 -45.08 25.97
N THR C 318 55.77 -45.82 25.29
CA THR C 318 54.68 -45.20 24.56
C THR C 318 53.65 -44.63 25.54
N PHE C 319 53.54 -45.25 26.73
CA PHE C 319 52.60 -44.87 27.78
C PHE C 319 53.33 -44.50 29.06
N TYR C 320 52.65 -43.77 29.97
CA TYR C 320 53.12 -43.45 31.33
C TYR C 320 51.94 -43.69 32.27
N GLU C 321 52.22 -44.05 33.54
CA GLU C 321 51.16 -44.22 34.54
C GLU C 321 50.72 -42.87 35.10
N ALA C 322 49.45 -42.76 35.50
CA ALA C 322 48.87 -41.53 36.02
C ALA C 322 47.46 -41.85 36.47
N ASN C 323 47.13 -41.59 37.74
CA ASN C 323 45.75 -41.65 38.17
C ASN C 323 45.15 -43.00 37.81
N GLY C 324 45.72 -44.08 38.38
CA GLY C 324 45.23 -45.44 38.19
C GLY C 324 44.83 -45.72 36.73
N GLY C 325 45.73 -45.36 35.81
CA GLY C 325 45.50 -45.61 34.39
C GLY C 325 46.69 -45.15 33.57
N TRP C 326 46.99 -45.91 32.54
CA TRP C 326 47.99 -45.52 31.58
C TRP C 326 47.44 -44.44 30.66
N GLN C 327 48.35 -43.54 30.23
CA GLN C 327 48.04 -42.49 29.30
C GLN C 327 49.19 -42.48 28.30
N PRO C 328 48.94 -42.10 27.05
CA PRO C 328 49.99 -42.05 26.08
C PRO C 328 50.91 -40.86 26.26
N MET C 329 52.19 -41.11 26.03
CA MET C 329 53.19 -40.06 26.04
C MET C 329 53.00 -39.21 24.80
N PRO C 330 53.50 -37.96 24.84
CA PRO C 330 53.50 -37.07 23.69
C PRO C 330 54.04 -37.74 22.44
N ALA C 331 53.49 -37.35 21.30
CA ALA C 331 53.94 -37.78 20.00
C ALA C 331 53.88 -36.58 19.08
N PRO C 332 54.73 -36.47 18.04
CA PRO C 332 55.82 -37.40 17.81
C PRO C 332 56.98 -37.12 18.75
N ARG C 333 58.16 -37.72 18.49
CA ARG C 333 59.33 -37.54 19.34
C ARG C 333 60.37 -36.67 18.63
N PHE C 334 61.15 -35.96 19.44
CA PHE C 334 62.12 -34.97 18.97
C PHE C 334 63.51 -35.32 19.51
N SER C 335 64.53 -35.28 18.63
CA SER C 335 65.89 -35.60 19.04
C SER C 335 66.46 -34.56 20.02
N ARG C 336 66.35 -33.27 19.69
CA ARG C 336 67.02 -32.23 20.48
C ARG C 336 66.10 -31.70 21.59
N THR C 337 64.97 -31.07 21.23
CA THR C 337 64.06 -30.52 22.23
C THR C 337 62.98 -31.55 22.58
N ALA C 338 63.31 -32.46 23.48
CA ALA C 338 62.40 -33.56 23.77
C ALA C 338 61.27 -33.09 24.67
N SER C 339 60.08 -33.66 24.47
CA SER C 339 58.94 -33.44 25.35
C SER C 339 59.16 -34.10 26.70
N SER C 340 58.49 -33.60 27.74
CA SER C 340 58.50 -34.24 29.04
C SER C 340 57.17 -34.95 29.29
N GLN C 341 57.16 -35.74 30.34
CA GLN C 341 55.94 -36.34 30.83
C GLN C 341 54.89 -35.25 31.01
N PRO C 342 53.63 -35.45 30.57
CA PRO C 342 52.61 -34.43 30.76
C PRO C 342 52.31 -34.10 32.23
N ARG C 343 51.95 -32.84 32.49
CA ARG C 343 51.55 -32.36 33.81
C ARG C 343 50.07 -32.68 33.97
N PRO C 344 49.65 -33.35 35.07
CA PRO C 344 48.22 -33.58 35.30
C PRO C 344 47.43 -32.28 35.30
N PRO C 345 46.09 -32.30 35.10
CA PRO C 345 45.31 -31.06 35.12
C PRO C 345 45.45 -30.34 36.45
N ALA C 346 45.79 -29.04 36.38
CA ALA C 346 46.08 -28.24 37.57
C ALA C 346 44.78 -27.73 38.16
N ALA C 347 44.83 -27.26 39.41
CA ALA C 347 43.70 -26.54 40.02
C ALA C 347 43.48 -25.24 39.26
N THR C 348 42.28 -24.68 39.42
CA THR C 348 41.94 -23.40 38.81
C THR C 348 42.97 -22.38 39.28
N ILE C 349 43.44 -21.59 38.33
CA ILE C 349 44.36 -20.49 38.59
C ILE C 349 43.50 -19.25 38.41
N ASP C 350 43.93 -18.15 39.05
CA ASP C 350 43.30 -16.85 38.86
C ASP C 350 43.83 -16.22 37.58
N ILE C 351 42.91 -15.72 36.73
CA ILE C 351 43.31 -15.23 35.42
C ILE C 351 44.25 -14.02 35.51
N GLU C 352 44.29 -13.37 36.68
CA GLU C 352 45.19 -12.24 36.92
C GLU C 352 46.62 -12.73 37.10
N ALA C 353 46.79 -13.81 37.87
CA ALA C 353 48.09 -14.43 38.13
C ALA C 353 48.78 -14.81 36.82
N VAL C 354 47.99 -15.24 35.83
CA VAL C 354 48.50 -15.60 34.52
C VAL C 354 49.04 -14.33 33.86
N LEU C 355 48.27 -13.23 33.98
CA LEU C 355 48.63 -11.96 33.34
C LEU C 355 49.91 -11.36 33.94
N THR C 356 50.16 -11.62 35.23
CA THR C 356 51.43 -11.26 35.85
C THR C 356 52.54 -12.06 35.16
N ASP C 357 52.49 -13.39 35.31
CA ASP C 357 53.46 -14.32 34.74
C ASP C 357 53.80 -13.91 33.30
N TRP C 358 52.79 -13.60 32.48
CA TRP C 358 53.00 -13.27 31.08
C TRP C 358 53.44 -11.82 30.86
N ASP C 359 53.70 -11.07 31.94
CA ASP C 359 54.10 -9.67 31.87
C ASP C 359 53.18 -8.92 30.89
N MET D 1 53.88 -19.82 -5.50
CA MET D 1 53.08 -20.94 -4.92
C MET D 1 52.20 -20.47 -3.75
N ALA D 2 50.87 -20.69 -3.87
CA ALA D 2 49.89 -20.20 -2.90
C ALA D 2 49.95 -20.98 -1.60
N GLY D 3 49.84 -20.26 -0.49
CA GLY D 3 49.43 -20.85 0.76
C GLY D 3 50.46 -20.53 1.81
N PRO D 4 50.22 -20.87 3.09
CA PRO D 4 51.08 -20.41 4.16
C PRO D 4 52.45 -21.05 4.20
N LEU D 5 52.66 -22.13 3.43
CA LEU D 5 53.93 -22.85 3.50
C LEU D 5 54.74 -22.50 2.26
N SER D 6 54.33 -21.43 1.55
CA SER D 6 55.14 -20.85 0.50
C SER D 6 56.56 -20.61 1.03
N GLY D 7 57.56 -21.06 0.27
CA GLY D 7 58.96 -20.89 0.65
C GLY D 7 59.56 -22.09 1.38
N LEU D 8 58.73 -23.10 1.71
CA LEU D 8 59.22 -24.30 2.37
C LEU D 8 59.67 -25.31 1.33
N ARG D 9 60.89 -25.83 1.52
CA ARG D 9 61.48 -26.80 0.61
C ARG D 9 61.55 -28.18 1.26
N VAL D 10 61.01 -29.16 0.53
CA VAL D 10 60.81 -30.47 1.12
C VAL D 10 61.35 -31.51 0.15
N VAL D 11 62.22 -32.35 0.70
CA VAL D 11 62.68 -33.54 0.00
C VAL D 11 62.06 -34.77 0.63
N GLU D 12 61.33 -35.54 -0.18
CA GLU D 12 60.61 -36.73 0.24
C GLU D 12 61.26 -37.93 -0.44
N LEU D 13 61.74 -38.91 0.35
CA LEU D 13 62.17 -40.18 -0.22
C LEU D 13 60.96 -41.10 -0.36
N ALA D 14 60.67 -41.44 -1.62
CA ALA D 14 59.45 -42.14 -1.99
C ALA D 14 59.23 -43.38 -1.14
N GLY D 15 58.10 -43.35 -0.40
CA GLY D 15 57.62 -44.53 0.29
C GLY D 15 56.15 -44.76 0.00
N ILE D 16 55.46 -45.36 0.98
CA ILE D 16 54.04 -45.67 0.86
C ILE D 16 53.34 -45.30 2.16
N GLY D 17 52.05 -44.93 2.02
CA GLY D 17 51.20 -44.67 3.18
C GLY D 17 51.43 -43.28 3.71
N PRO D 18 51.89 -43.14 4.97
CA PRO D 18 51.87 -41.88 5.66
C PRO D 18 52.82 -40.86 5.04
N GLY D 19 54.01 -41.34 4.70
CA GLY D 19 55.04 -40.45 4.17
C GLY D 19 54.53 -39.63 3.01
N PRO D 20 53.98 -40.23 1.94
CA PRO D 20 53.45 -39.44 0.84
C PRO D 20 52.22 -38.57 1.16
N HIS D 21 51.41 -38.96 2.15
CA HIS D 21 50.27 -38.16 2.55
C HIS D 21 50.80 -36.88 3.21
N ALA D 22 51.77 -37.04 4.14
CA ALA D 22 52.40 -35.89 4.79
C ALA D 22 52.97 -34.92 3.75
N ALA D 23 53.72 -35.47 2.81
CA ALA D 23 54.32 -34.66 1.77
C ALA D 23 53.24 -34.00 0.93
N MET D 24 52.11 -34.68 0.76
CA MET D 24 51.05 -34.15 -0.07
C MET D 24 50.46 -32.90 0.59
N ILE D 25 50.27 -32.96 1.89
CA ILE D 25 49.64 -31.86 2.58
C ILE D 25 50.57 -30.66 2.62
N LEU D 26 51.89 -30.89 2.79
CA LEU D 26 52.86 -29.81 2.72
C LEU D 26 52.77 -29.09 1.38
N GLY D 27 52.81 -29.84 0.28
CA GLY D 27 52.60 -29.26 -1.04
C GLY D 27 51.28 -28.51 -1.14
N ASP D 28 50.19 -29.15 -0.68
CA ASP D 28 48.84 -28.58 -0.67
C ASP D 28 48.87 -27.14 -0.14
N LEU D 29 49.57 -26.95 1.00
CA LEU D 29 49.66 -25.66 1.68
C LEU D 29 50.82 -24.76 1.18
N GLY D 30 51.31 -25.03 -0.04
CA GLY D 30 52.25 -24.13 -0.68
C GLY D 30 53.70 -24.63 -0.80
N ALA D 31 54.09 -25.64 -0.01
CA ALA D 31 55.48 -26.08 0.06
C ALA D 31 55.94 -26.59 -1.29
N ASP D 32 57.25 -26.41 -1.53
CA ASP D 32 57.93 -26.94 -2.70
C ASP D 32 58.48 -28.32 -2.34
N VAL D 33 57.85 -29.33 -2.94
CA VAL D 33 58.09 -30.70 -2.52
C VAL D 33 58.71 -31.40 -3.72
N VAL D 34 59.91 -31.93 -3.44
CA VAL D 34 60.62 -32.74 -4.42
C VAL D 34 60.72 -34.15 -3.86
N ARG D 35 60.15 -35.06 -4.64
CA ARG D 35 60.09 -36.48 -4.32
C ARG D 35 61.16 -37.24 -5.09
N ILE D 36 62.12 -37.82 -4.38
CA ILE D 36 63.10 -38.70 -5.01
C ILE D 36 62.55 -40.12 -5.06
N ASP D 37 62.18 -40.61 -6.24
CA ASP D 37 61.76 -41.99 -6.41
C ASP D 37 62.93 -42.75 -7.04
N ARG D 38 62.85 -44.07 -7.14
CA ARG D 38 63.89 -44.82 -7.84
C ARG D 38 63.51 -44.98 -9.30
N PRO D 39 64.48 -45.11 -10.23
CA PRO D 39 64.15 -45.16 -11.65
C PRO D 39 63.27 -46.35 -12.01
N SER D 40 63.51 -47.44 -11.27
CA SER D 40 62.71 -48.66 -11.24
C SER D 40 61.21 -48.37 -11.26
N SER D 41 60.75 -47.21 -10.77
CA SER D 41 59.32 -46.87 -10.81
C SER D 41 59.03 -45.70 -11.77
N VAL D 42 59.51 -45.73 -13.03
CA VAL D 42 59.35 -44.60 -13.94
C VAL D 42 58.40 -45.02 -15.06
N ASP D 43 57.35 -44.20 -15.29
CA ASP D 43 56.33 -44.52 -16.27
C ASP D 43 55.55 -43.27 -16.70
N GLY D 44 56.23 -42.13 -16.84
CA GLY D 44 55.55 -40.88 -17.17
C GLY D 44 54.69 -40.39 -16.01
N ILE D 45 53.60 -39.69 -16.34
CA ILE D 45 52.78 -39.01 -15.34
C ILE D 45 52.12 -40.08 -14.46
N SER D 46 52.26 -39.94 -13.13
CA SER D 46 51.61 -40.86 -12.18
C SER D 46 50.09 -40.63 -12.15
N ARG D 47 49.35 -41.74 -11.95
CA ARG D 47 47.89 -41.73 -11.94
C ARG D 47 47.38 -41.74 -10.50
N ASP D 48 48.28 -41.47 -9.53
CA ASP D 48 47.96 -41.41 -8.12
C ASP D 48 47.83 -39.95 -7.69
N ALA D 49 46.59 -39.50 -7.45
CA ALA D 49 46.33 -38.13 -7.08
C ALA D 49 46.90 -37.80 -5.70
N MET D 50 47.44 -38.80 -4.97
CA MET D 50 48.17 -38.49 -3.74
C MET D 50 49.54 -37.85 -4.01
N LEU D 51 50.03 -37.96 -5.26
CA LEU D 51 51.31 -37.42 -5.68
C LEU D 51 51.12 -36.03 -6.27
N ARG D 52 49.99 -35.40 -5.99
CA ARG D 52 49.73 -34.04 -6.45
C ARG D 52 50.66 -33.08 -5.71
N ASN D 53 50.84 -31.87 -6.27
CA ASN D 53 51.68 -30.82 -5.69
C ASN D 53 53.13 -31.25 -5.46
N ARG D 54 53.75 -31.89 -6.46
CA ARG D 54 55.11 -32.38 -6.37
C ARG D 54 55.87 -32.08 -7.66
N ARG D 55 57.20 -32.06 -7.54
CA ARG D 55 58.01 -32.44 -8.70
C ARG D 55 58.68 -33.78 -8.37
N ILE D 56 58.54 -34.75 -9.28
CA ILE D 56 59.12 -36.07 -9.12
C ILE D 56 60.48 -36.13 -9.83
N VAL D 57 61.53 -36.54 -9.11
CA VAL D 57 62.79 -36.94 -9.73
C VAL D 57 63.08 -38.40 -9.43
N THR D 58 63.93 -39.03 -10.24
CA THR D 58 64.47 -40.34 -9.91
C THR D 58 65.97 -40.23 -9.66
N ALA D 59 66.50 -41.22 -8.91
CA ALA D 59 67.88 -41.27 -8.50
C ALA D 59 68.14 -42.67 -7.93
N ASP D 60 69.25 -43.28 -8.32
CA ASP D 60 69.63 -44.54 -7.70
C ASP D 60 70.50 -44.23 -6.49
N LEU D 61 69.94 -44.31 -5.27
CA LEU D 61 70.67 -43.87 -4.09
C LEU D 61 71.77 -44.85 -3.71
N LYS D 62 71.81 -45.99 -4.42
CA LYS D 62 72.88 -46.95 -4.22
C LYS D 62 74.08 -46.59 -5.08
N SER D 63 73.89 -45.81 -6.14
CA SER D 63 75.02 -45.32 -6.90
C SER D 63 75.70 -44.15 -6.18
N ASP D 64 76.89 -43.76 -6.64
CA ASP D 64 77.62 -42.66 -6.02
C ASP D 64 77.02 -41.34 -6.51
N GLN D 65 76.66 -41.31 -7.79
CA GLN D 65 76.12 -40.09 -8.37
C GLN D 65 74.75 -39.77 -7.76
N GLY D 66 73.87 -40.78 -7.71
CA GLY D 66 72.56 -40.70 -7.08
C GLY D 66 72.62 -40.14 -5.66
N LEU D 67 73.50 -40.70 -4.82
CA LEU D 67 73.70 -40.24 -3.45
C LEU D 67 74.16 -38.79 -3.41
N GLU D 68 75.02 -38.40 -4.36
CA GLU D 68 75.61 -37.07 -4.31
C GLU D 68 74.54 -36.03 -4.66
N LEU D 69 73.77 -36.29 -5.74
CA LEU D 69 72.67 -35.41 -6.14
C LEU D 69 71.62 -35.33 -5.03
N ALA D 70 71.39 -36.43 -4.31
CA ALA D 70 70.40 -36.41 -3.25
C ALA D 70 70.87 -35.52 -2.11
N LEU D 71 72.17 -35.61 -1.76
CA LEU D 71 72.72 -34.83 -0.66
C LEU D 71 72.82 -33.34 -1.04
N LYS D 72 72.90 -33.03 -2.33
CA LYS D 72 72.89 -31.64 -2.75
C LYS D 72 71.51 -31.04 -2.55
N LEU D 73 70.47 -31.73 -3.08
CA LEU D 73 69.07 -31.40 -2.82
C LEU D 73 68.81 -31.14 -1.35
N ILE D 74 69.19 -32.10 -0.50
CA ILE D 74 68.96 -32.00 0.93
C ILE D 74 69.66 -30.79 1.54
N ALA D 75 70.81 -30.36 0.99
CA ALA D 75 71.58 -29.25 1.53
C ALA D 75 70.80 -27.93 1.38
N LYS D 76 70.01 -27.82 0.29
CA LYS D 76 69.23 -26.64 -0.04
C LYS D 76 67.82 -26.67 0.56
N ALA D 77 67.46 -27.68 1.38
CA ALA D 77 66.08 -27.93 1.74
C ALA D 77 65.86 -27.66 3.22
N ASP D 78 64.57 -27.53 3.59
CA ASP D 78 64.22 -27.34 4.98
C ASP D 78 63.89 -28.66 5.66
N VAL D 79 63.28 -29.56 4.89
CA VAL D 79 62.71 -30.79 5.45
C VAL D 79 63.10 -32.00 4.62
N LEU D 80 63.39 -33.09 5.34
CA LEU D 80 63.52 -34.39 4.70
C LEU D 80 62.49 -35.34 5.29
N ILE D 81 61.76 -36.02 4.39
CA ILE D 81 60.85 -37.08 4.80
C ILE D 81 61.33 -38.43 4.26
N GLU D 82 61.39 -39.41 5.18
CA GLU D 82 61.59 -40.80 4.82
C GLU D 82 60.69 -41.71 5.67
N GLY D 83 60.26 -42.81 5.03
CA GLY D 83 59.45 -43.81 5.70
C GLY D 83 59.87 -45.24 5.36
N TYR D 84 61.17 -45.49 5.50
CA TYR D 84 61.77 -46.81 5.32
C TYR D 84 61.98 -47.38 6.71
N ARG D 85 62.36 -48.65 6.78
CA ARG D 85 62.73 -49.25 8.07
C ARG D 85 63.86 -48.43 8.68
N PRO D 86 63.93 -48.36 10.03
CA PRO D 86 65.11 -47.81 10.66
C PRO D 86 66.39 -48.51 10.15
N GLY D 87 67.45 -47.69 9.98
CA GLY D 87 68.72 -48.20 9.53
C GLY D 87 68.90 -48.02 8.03
N VAL D 88 67.80 -47.89 7.27
CA VAL D 88 67.91 -47.86 5.83
C VAL D 88 68.63 -46.58 5.36
N THR D 89 68.26 -45.41 5.89
CA THR D 89 68.84 -44.20 5.31
C THR D 89 70.31 -44.12 5.70
N GLU D 90 70.61 -44.54 6.94
CA GLU D 90 71.97 -44.64 7.46
C GLU D 90 72.86 -45.41 6.48
N ARG D 91 72.52 -46.68 6.19
CA ARG D 91 73.34 -47.52 5.33
C ARG D 91 73.38 -46.98 3.90
N LEU D 92 72.42 -46.14 3.48
CA LEU D 92 72.50 -45.49 2.17
C LEU D 92 73.41 -44.25 2.15
N GLY D 93 73.85 -43.79 3.34
CA GLY D 93 74.59 -42.54 3.50
C GLY D 93 73.70 -41.27 3.55
N LEU D 94 72.38 -41.45 3.82
CA LEU D 94 71.40 -40.36 3.92
C LEU D 94 70.81 -40.30 5.32
N GLY D 95 71.50 -40.88 6.30
CA GLY D 95 71.03 -40.87 7.67
C GLY D 95 71.07 -39.45 8.24
N PRO D 96 70.49 -39.25 9.44
CA PRO D 96 70.52 -37.92 10.06
C PRO D 96 71.93 -37.37 10.23
N GLU D 97 72.92 -38.21 10.56
CA GLU D 97 74.26 -37.68 10.83
C GLU D 97 74.91 -37.20 9.53
N GLU D 98 74.79 -37.98 8.46
CA GLU D 98 75.31 -37.55 7.18
C GLU D 98 74.64 -36.25 6.71
N CYS D 99 73.34 -36.12 6.97
CA CYS D 99 72.56 -34.97 6.55
C CYS D 99 72.93 -33.74 7.42
N ALA D 100 73.24 -33.96 8.69
CA ALA D 100 73.58 -32.87 9.60
C ALA D 100 74.89 -32.20 9.17
N LYS D 101 75.72 -32.93 8.44
CA LYS D 101 76.97 -32.40 7.92
C LYS D 101 76.74 -31.54 6.69
N VAL D 102 75.67 -31.71 5.93
CA VAL D 102 75.51 -30.85 4.77
C VAL D 102 74.50 -29.75 5.06
N ASN D 103 73.83 -29.77 6.23
CA ASN D 103 72.67 -28.89 6.43
C ASN D 103 72.17 -29.07 7.85
N ASP D 104 72.69 -28.26 8.78
CA ASP D 104 72.33 -28.37 10.19
C ASP D 104 71.00 -27.68 10.47
N ARG D 105 70.32 -27.16 9.45
CA ARG D 105 69.01 -26.55 9.64
C ARG D 105 67.89 -27.50 9.24
N LEU D 106 68.27 -28.74 8.85
CA LEU D 106 67.35 -29.70 8.27
C LEU D 106 66.37 -30.23 9.32
N ILE D 107 65.09 -30.26 8.94
CA ILE D 107 64.16 -31.07 9.73
C ILE D 107 64.14 -32.47 9.14
N TYR D 108 64.56 -33.44 9.97
CA TYR D 108 64.74 -34.82 9.53
C TYR D 108 63.59 -35.64 10.09
N ALA D 109 62.64 -35.91 9.20
CA ALA D 109 61.34 -36.48 9.56
C ALA D 109 61.31 -37.98 9.20
N ARG D 110 61.24 -38.81 10.23
CA ARG D 110 61.25 -40.27 10.10
C ARG D 110 59.86 -40.88 10.37
N MET D 111 59.24 -41.36 9.31
CA MET D 111 57.90 -41.92 9.38
C MET D 111 57.94 -43.46 9.44
N THR D 112 57.61 -44.04 10.59
CA THR D 112 57.51 -45.49 10.72
C THR D 112 56.24 -45.87 11.46
N GLY D 113 56.04 -47.18 11.58
CA GLY D 113 54.92 -47.76 12.27
C GLY D 113 55.30 -48.05 13.73
N TRP D 114 56.44 -48.74 13.88
CA TRP D 114 56.82 -49.30 15.17
C TRP D 114 57.78 -48.39 15.92
N GLY D 115 58.37 -47.42 15.24
CA GLY D 115 59.39 -46.61 15.88
C GLY D 115 60.80 -46.99 15.42
N GLN D 116 61.75 -46.24 15.96
CA GLN D 116 63.13 -46.33 15.54
C GLN D 116 63.83 -47.45 16.33
N THR D 117 63.38 -47.75 17.56
CA THR D 117 63.99 -48.84 18.29
C THR D 117 62.93 -49.84 18.71
N GLY D 118 63.38 -50.94 19.33
CA GLY D 118 62.51 -51.87 20.03
C GLY D 118 62.27 -53.15 19.24
N PRO D 119 61.66 -54.14 19.90
CA PRO D 119 61.63 -55.49 19.37
C PRO D 119 60.91 -55.67 18.07
N ARG D 120 60.01 -54.75 17.70
CA ARG D 120 59.23 -54.94 16.46
C ARG D 120 59.73 -53.99 15.41
N SER D 121 60.82 -53.29 15.72
CA SER D 121 61.18 -52.11 14.95
C SER D 121 61.67 -52.47 13.57
N GLN D 122 61.95 -53.76 13.31
CA GLN D 122 62.32 -54.16 11.96
C GLN D 122 61.24 -54.98 11.26
N GLN D 123 60.12 -55.29 11.93
CA GLN D 123 59.04 -56.04 11.28
C GLN D 123 58.33 -55.18 10.24
N ALA D 124 58.10 -55.70 9.04
CA ALA D 124 57.17 -55.07 8.11
C ALA D 124 55.78 -54.98 8.73
N GLY D 125 55.00 -54.02 8.25
CA GLY D 125 53.63 -53.91 8.66
C GLY D 125 52.86 -52.87 7.85
N HIS D 126 51.55 -52.88 8.12
CA HIS D 126 50.60 -51.90 7.62
C HIS D 126 49.73 -51.40 8.77
N ASP D 127 48.93 -50.38 8.46
CA ASP D 127 48.07 -49.69 9.42
C ASP D 127 47.46 -50.67 10.43
N ILE D 128 46.82 -51.72 9.90
CA ILE D 128 46.05 -52.66 10.71
C ILE D 128 46.94 -53.28 11.78
N ASN D 129 48.24 -53.38 11.51
CA ASN D 129 49.17 -53.97 12.46
C ASN D 129 49.48 -52.98 13.58
N TYR D 130 49.68 -51.71 13.22
CA TYR D 130 50.16 -50.75 14.21
C TYR D 130 49.01 -50.50 15.18
N ILE D 131 47.76 -50.46 14.69
CA ILE D 131 46.63 -50.23 15.59
C ILE D 131 46.15 -51.50 16.30
N SER D 132 46.60 -52.68 15.90
CA SER D 132 46.29 -53.87 16.68
C SER D 132 46.99 -53.85 18.03
N LEU D 133 48.19 -53.27 18.11
CA LEU D 133 49.03 -53.49 19.26
C LEU D 133 48.75 -52.50 20.39
N ASN D 134 48.03 -51.40 20.12
CA ASN D 134 47.86 -50.38 21.14
C ASN D 134 46.40 -50.28 21.61
N GLY D 135 45.59 -51.30 21.34
CA GLY D 135 44.22 -51.38 21.84
C GLY D 135 43.17 -50.81 20.88
N ILE D 136 43.59 -50.10 19.84
CA ILE D 136 42.66 -49.36 19.00
C ILE D 136 41.79 -50.33 18.20
N LEU D 137 42.41 -51.29 17.47
CA LEU D 137 41.67 -52.14 16.55
C LEU D 137 40.61 -52.94 17.31
N HIS D 138 40.98 -53.45 18.48
CA HIS D 138 40.09 -54.24 19.30
C HIS D 138 38.79 -53.51 19.66
N ALA D 139 38.86 -52.17 19.70
CA ALA D 139 37.74 -51.35 20.14
C ALA D 139 36.79 -51.01 18.98
N ILE D 140 37.10 -51.42 17.74
CA ILE D 140 36.27 -51.02 16.61
C ILE D 140 35.45 -52.19 16.06
N GLY D 141 34.13 -51.96 15.93
CA GLY D 141 33.21 -52.90 15.31
C GLY D 141 32.14 -53.35 16.28
N ARG D 142 31.25 -54.22 15.80
CA ARG D 142 30.13 -54.69 16.60
C ARG D 142 30.67 -55.67 17.63
N GLY D 143 29.94 -55.79 18.76
CA GLY D 143 30.28 -56.65 19.88
C GLY D 143 30.15 -58.13 19.54
N ASP D 144 29.31 -58.47 18.58
CA ASP D 144 29.03 -59.85 18.25
C ASP D 144 29.94 -60.36 17.13
N GLU D 145 30.98 -59.60 16.77
CA GLU D 145 31.78 -59.95 15.61
C GLU D 145 33.24 -59.63 15.89
N ARG D 146 34.12 -60.02 14.98
CA ARG D 146 35.54 -59.71 15.14
C ARG D 146 35.85 -58.27 14.73
N PRO D 147 36.93 -57.65 15.26
CA PRO D 147 37.23 -56.26 14.98
C PRO D 147 37.28 -55.96 13.49
N VAL D 148 36.85 -54.74 13.15
CA VAL D 148 36.82 -54.34 11.76
C VAL D 148 37.80 -53.18 11.57
N PRO D 149 38.68 -53.26 10.54
CA PRO D 149 39.60 -52.18 10.28
C PRO D 149 38.90 -50.92 9.83
N PRO D 150 39.19 -49.78 10.48
CA PRO D 150 38.64 -48.49 10.05
C PRO D 150 39.43 -47.92 8.88
N LEU D 151 39.29 -48.60 7.76
CA LEU D 151 40.21 -48.45 6.65
C LEU D 151 41.63 -48.36 7.21
N ASN D 152 42.47 -47.58 6.53
CA ASN D 152 43.83 -47.23 6.98
C ASN D 152 43.87 -45.78 7.48
N LEU D 153 42.81 -45.34 8.17
CA LEU D 153 42.64 -43.91 8.48
C LEU D 153 43.29 -43.55 9.80
N VAL D 154 43.36 -44.51 10.71
CA VAL D 154 43.76 -44.22 12.06
C VAL D 154 45.27 -44.36 12.26
N GLY D 155 45.89 -45.35 11.64
CA GLY D 155 47.33 -45.55 11.74
C GLY D 155 48.13 -44.74 10.71
N ASP D 156 47.88 -45.00 9.42
CA ASP D 156 48.58 -44.31 8.34
C ASP D 156 48.41 -42.80 8.50
N PHE D 157 47.17 -42.31 8.57
CA PHE D 157 46.94 -40.89 8.34
C PHE D 157 46.78 -40.20 9.69
N GLY D 158 45.68 -40.48 10.37
CA GLY D 158 45.36 -39.74 11.57
C GLY D 158 46.47 -39.81 12.60
N GLY D 159 46.99 -41.01 12.86
CA GLY D 159 48.01 -41.19 13.89
C GLY D 159 49.41 -41.30 13.27
N GLY D 160 49.51 -41.07 11.97
CA GLY D 160 50.73 -41.33 11.21
C GLY D 160 51.25 -40.05 10.55
N SER D 161 50.82 -39.82 9.31
CA SER D 161 51.18 -38.64 8.55
C SER D 161 50.91 -37.37 9.37
N MET D 162 49.76 -37.32 10.09
CA MET D 162 49.36 -36.08 10.69
C MET D 162 50.33 -35.73 11.81
N PHE D 163 50.86 -36.74 12.48
CA PHE D 163 51.76 -36.48 13.57
C PHE D 163 53.13 -36.13 13.00
N LEU D 164 53.49 -36.73 11.87
CA LEU D 164 54.67 -36.31 11.14
C LEU D 164 54.57 -34.81 10.77
N LEU D 165 53.40 -34.37 10.30
CA LEU D 165 53.15 -32.97 9.95
C LEU D 165 53.27 -32.06 11.18
N VAL D 166 52.63 -32.41 12.28
CA VAL D 166 52.81 -31.63 13.49
C VAL D 166 54.27 -31.54 13.93
N GLY D 167 55.02 -32.64 13.84
CA GLY D 167 56.41 -32.68 14.30
C GLY D 167 57.31 -31.76 13.45
N ILE D 168 57.16 -31.90 12.14
CA ILE D 168 57.86 -31.08 11.18
C ILE D 168 57.60 -29.62 11.48
N LEU D 169 56.33 -29.23 11.50
CA LEU D 169 56.00 -27.82 11.65
C LEU D 169 56.36 -27.31 13.05
N ALA D 170 56.31 -28.15 14.08
CA ALA D 170 56.74 -27.71 15.40
C ALA D 170 58.26 -27.52 15.49
N ALA D 171 59.01 -28.44 14.85
CA ALA D 171 60.45 -28.37 14.77
C ALA D 171 60.89 -27.05 14.13
N LEU D 172 60.21 -26.63 13.04
CA LEU D 172 60.40 -25.38 12.33
C LEU D 172 60.14 -24.18 13.23
N TRP D 173 59.07 -24.23 14.01
CA TRP D 173 58.92 -23.29 15.10
C TRP D 173 60.23 -23.18 15.88
N GLU D 174 60.67 -24.29 16.46
CA GLU D 174 61.81 -24.28 17.35
C GLU D 174 63.03 -23.72 16.61
N ARG D 175 63.24 -24.14 15.36
CA ARG D 175 64.37 -23.72 14.55
C ARG D 175 64.46 -22.20 14.46
N GLN D 176 63.34 -21.51 14.67
CA GLN D 176 63.30 -20.08 14.47
C GLN D 176 64.11 -19.41 15.56
N SER D 177 64.18 -20.00 16.76
CA SER D 177 64.99 -19.41 17.80
C SER D 177 66.30 -20.17 18.10
N SER D 178 66.50 -21.38 17.56
CA SER D 178 67.71 -22.16 17.83
C SER D 178 68.75 -22.06 16.70
N GLY D 179 68.30 -21.73 15.48
CA GLY D 179 69.12 -21.81 14.29
C GLY D 179 69.29 -23.23 13.72
N LYS D 180 68.77 -24.26 14.44
CA LYS D 180 69.08 -25.66 14.19
C LYS D 180 67.83 -26.50 13.89
N GLY D 181 68.01 -27.44 12.94
CA GLY D 181 67.10 -28.57 12.76
C GLY D 181 67.27 -29.65 13.84
N GLN D 182 66.69 -30.83 13.56
CA GLN D 182 66.63 -31.96 14.48
C GLN D 182 65.79 -33.07 13.83
N VAL D 183 65.75 -34.22 14.52
CA VAL D 183 65.08 -35.42 14.03
C VAL D 183 63.69 -35.53 14.66
N VAL D 184 62.68 -35.67 13.79
CA VAL D 184 61.33 -36.04 14.20
C VAL D 184 61.13 -37.54 14.02
N ASP D 185 60.90 -38.26 15.13
CA ASP D 185 60.59 -39.69 15.18
C ASP D 185 59.07 -39.86 15.33
N ALA D 186 58.36 -39.96 14.20
CA ALA D 186 56.92 -40.23 14.20
C ALA D 186 56.64 -41.72 13.94
N ALA D 187 56.18 -42.38 14.99
CA ALA D 187 55.75 -43.77 14.94
C ALA D 187 54.22 -43.85 14.98
N MET D 188 53.60 -44.59 14.04
CA MET D 188 52.16 -44.75 13.97
C MET D 188 51.61 -45.31 15.28
N VAL D 189 52.37 -46.14 16.00
CA VAL D 189 51.85 -46.76 17.21
C VAL D 189 51.75 -45.73 18.33
N ASP D 190 52.62 -44.71 18.28
CA ASP D 190 52.59 -43.62 19.26
C ASP D 190 51.48 -42.64 18.85
N GLY D 191 51.56 -42.19 17.61
CA GLY D 191 50.65 -41.20 17.07
C GLY D 191 49.19 -41.60 17.27
N SER D 192 48.85 -42.84 16.91
CA SER D 192 47.48 -43.31 17.02
C SER D 192 47.10 -43.41 18.49
N SER D 193 48.07 -43.64 19.39
CA SER D 193 47.74 -43.73 20.81
C SER D 193 47.37 -42.34 21.37
N VAL D 194 48.04 -41.29 20.90
CA VAL D 194 47.66 -39.94 21.29
C VAL D 194 46.33 -39.53 20.64
N LEU D 195 46.09 -40.00 19.42
CA LEU D 195 44.81 -39.74 18.77
C LEU D 195 43.65 -40.27 19.61
N ILE D 196 43.86 -41.38 20.32
CA ILE D 196 42.81 -42.03 21.09
C ILE D 196 42.98 -41.72 22.58
N GLN D 197 43.62 -40.59 22.91
CA GLN D 197 43.86 -40.27 24.32
C GLN D 197 42.52 -40.17 25.09
N MET D 198 41.46 -39.68 24.45
CA MET D 198 40.16 -39.61 25.08
C MET D 198 39.76 -40.93 25.72
N MET D 199 39.90 -42.04 24.98
CA MET D 199 39.49 -43.34 25.50
C MET D 199 40.39 -43.77 26.66
N TRP D 200 41.69 -43.48 26.62
CA TRP D 200 42.56 -43.82 27.75
C TRP D 200 42.15 -43.07 29.04
N ALA D 201 41.73 -41.80 28.88
CA ALA D 201 41.22 -40.96 29.96
C ALA D 201 39.92 -41.51 30.52
N MET D 202 38.94 -41.72 29.63
CA MET D 202 37.63 -42.21 30.05
C MET D 202 37.76 -43.57 30.74
N ARG D 203 38.65 -44.42 30.25
CA ARG D 203 38.89 -45.72 30.83
C ARG D 203 39.39 -45.57 32.27
N ALA D 204 40.23 -44.57 32.53
CA ALA D 204 40.79 -44.36 33.86
C ALA D 204 39.69 -43.94 34.83
N THR D 205 38.63 -43.31 34.33
CA THR D 205 37.55 -42.83 35.17
C THR D 205 36.34 -43.78 35.12
N GLY D 206 36.48 -44.99 34.55
CA GLY D 206 35.40 -45.96 34.50
C GLY D 206 34.30 -45.67 33.46
N MET D 207 34.51 -44.70 32.54
CA MET D 207 33.54 -44.29 31.53
C MET D 207 33.84 -44.92 30.17
N TRP D 208 34.83 -45.81 30.09
CA TRP D 208 35.06 -46.58 28.88
C TRP D 208 35.45 -47.99 29.31
N THR D 209 34.86 -49.01 28.68
CA THR D 209 35.28 -50.38 28.95
C THR D 209 35.86 -50.99 27.69
N ASP D 210 36.55 -52.10 27.92
CA ASP D 210 37.25 -52.85 26.91
C ASP D 210 36.31 -53.75 26.10
N THR D 211 35.04 -53.83 26.49
CA THR D 211 34.09 -54.59 25.68
C THR D 211 33.76 -53.81 24.42
N ARG D 212 33.95 -54.46 23.27
CA ARG D 212 33.64 -53.82 22.00
C ARG D 212 32.14 -53.67 21.84
N GLY D 213 31.73 -52.54 21.26
CA GLY D 213 30.35 -52.30 20.92
C GLY D 213 29.48 -52.08 22.16
N ALA D 214 30.06 -51.64 23.28
CA ALA D 214 29.31 -51.46 24.51
C ALA D 214 29.67 -50.13 25.18
N ASN D 215 30.03 -49.13 24.40
CA ASN D 215 30.38 -47.82 24.95
C ASN D 215 29.62 -46.72 24.20
N MET D 216 29.80 -45.47 24.61
CA MET D 216 28.96 -44.41 24.11
C MET D 216 29.31 -44.09 22.66
N LEU D 217 30.59 -44.22 22.27
CA LEU D 217 30.98 -43.78 20.94
C LEU D 217 31.39 -44.91 19.99
N ASP D 218 31.12 -46.18 20.31
CA ASP D 218 31.59 -47.28 19.48
C ASP D 218 30.42 -47.98 18.77
N GLY D 219 29.20 -47.42 18.90
CA GLY D 219 28.01 -47.99 18.32
C GLY D 219 27.09 -48.65 19.37
N GLY D 220 27.59 -48.86 20.58
CA GLY D 220 26.83 -49.38 21.72
C GLY D 220 25.66 -48.48 22.16
N ALA D 221 25.74 -47.15 21.94
CA ALA D 221 24.66 -46.28 22.37
C ALA D 221 23.62 -46.12 21.26
N PRO D 222 22.31 -46.34 21.52
CA PRO D 222 21.30 -46.18 20.50
C PRO D 222 21.27 -44.81 19.84
N TYR D 223 21.72 -43.79 20.59
CA TYR D 223 21.72 -42.43 20.10
C TYR D 223 23.05 -42.01 19.49
N TYR D 224 23.95 -42.99 19.27
CA TYR D 224 25.22 -42.72 18.60
C TYR D 224 25.55 -43.93 17.75
N ASP D 225 24.94 -43.98 16.56
CA ASP D 225 25.05 -45.14 15.69
C ASP D 225 24.39 -44.81 14.37
N THR D 226 24.46 -45.76 13.43
CA THR D 226 23.70 -45.66 12.21
C THR D 226 22.43 -46.48 12.32
N TYR D 227 21.46 -46.13 11.46
CA TYR D 227 20.21 -46.85 11.37
C TYR D 227 19.86 -47.05 9.90
N GLU D 228 19.29 -48.21 9.65
CA GLU D 228 18.83 -48.53 8.33
C GLU D 228 17.43 -47.93 8.13
N CYS D 229 17.24 -47.34 6.95
CA CYS D 229 16.01 -46.67 6.56
C CYS D 229 15.19 -47.58 5.66
N ALA D 230 14.00 -47.09 5.25
CA ALA D 230 13.00 -47.93 4.58
C ALA D 230 13.56 -48.38 3.23
N ASP D 231 14.44 -47.57 2.66
CA ASP D 231 15.00 -47.84 1.34
C ASP D 231 16.29 -48.66 1.46
N GLY D 232 16.72 -49.05 2.66
CA GLY D 232 17.97 -49.78 2.78
C GLY D 232 19.21 -48.89 2.85
N ARG D 233 19.05 -47.57 2.80
CA ARG D 233 20.18 -46.68 3.02
C ARG D 233 20.21 -46.25 4.48
N TYR D 234 21.22 -45.48 4.88
CA TYR D 234 21.43 -45.25 6.29
C TYR D 234 21.42 -43.77 6.64
N VAL D 235 21.05 -43.51 7.89
CA VAL D 235 21.29 -42.25 8.54
C VAL D 235 22.24 -42.51 9.68
N ALA D 236 22.87 -41.43 10.13
CA ALA D 236 23.70 -41.43 11.32
C ALA D 236 23.05 -40.57 12.39
N VAL D 237 23.09 -41.07 13.62
CA VAL D 237 22.56 -40.38 14.77
C VAL D 237 23.70 -40.16 15.73
N GLY D 238 23.81 -38.92 16.21
CA GLY D 238 24.87 -38.52 17.11
C GLY D 238 24.39 -37.58 18.21
N ALA D 239 23.15 -37.82 18.69
CA ALA D 239 22.45 -36.99 19.65
C ALA D 239 22.85 -37.33 21.08
N ILE D 240 24.05 -36.91 21.43
CA ILE D 240 24.55 -37.20 22.76
C ILE D 240 23.90 -36.27 23.77
N GLU D 241 23.88 -34.98 23.48
CA GLU D 241 23.34 -34.01 24.45
C GLU D 241 21.82 -34.19 24.57
N PRO D 242 21.26 -34.15 25.79
CA PRO D 242 19.84 -34.39 26.01
C PRO D 242 18.91 -33.54 25.14
N GLN D 243 19.30 -32.29 24.86
CA GLN D 243 18.40 -31.41 24.13
C GLN D 243 18.39 -31.75 22.64
N PHE D 244 19.52 -32.24 22.12
CA PHE D 244 19.56 -32.68 20.73
C PHE D 244 18.79 -34.02 20.62
N TYR D 245 18.97 -34.88 21.60
CA TYR D 245 18.24 -36.12 21.67
C TYR D 245 16.73 -35.87 21.66
N ALA D 246 16.25 -34.88 22.41
CA ALA D 246 14.81 -34.61 22.46
C ALA D 246 14.30 -34.11 21.12
N ALA D 247 15.09 -33.27 20.42
CA ALA D 247 14.68 -32.78 19.12
C ALA D 247 14.55 -33.95 18.17
N MET D 248 15.45 -34.92 18.35
CA MET D 248 15.48 -36.07 17.47
C MET D 248 14.19 -36.89 17.68
N LEU D 249 13.81 -37.17 18.93
CA LEU D 249 12.61 -37.98 19.19
C LEU D 249 11.37 -37.33 18.59
N ALA D 250 11.25 -36.01 18.75
CA ALA D 250 10.11 -35.27 18.25
C ALA D 250 9.98 -35.43 16.75
N GLY D 251 11.14 -35.30 16.05
CA GLY D 251 11.23 -35.52 14.61
C GLY D 251 10.85 -36.92 14.18
N LEU D 252 11.11 -37.91 15.03
CA LEU D 252 10.81 -39.30 14.69
C LEU D 252 9.33 -39.61 14.95
N GLY D 253 8.67 -38.78 15.75
CA GLY D 253 7.28 -39.04 16.06
C GLY D 253 7.17 -39.84 17.34
N LEU D 254 8.25 -39.96 18.10
CA LEU D 254 8.27 -40.74 19.33
C LEU D 254 8.10 -39.81 20.50
N ASP D 255 7.25 -40.24 21.41
CA ASP D 255 6.96 -39.51 22.62
C ASP D 255 7.96 -40.00 23.66
N ALA D 256 8.63 -39.09 24.37
CA ALA D 256 9.60 -39.42 25.39
C ALA D 256 8.99 -40.30 26.48
N ALA D 257 7.68 -40.15 26.72
CA ALA D 257 7.00 -40.84 27.81
C ALA D 257 6.89 -42.34 27.55
N GLU D 258 7.02 -42.78 26.29
CA GLU D 258 6.89 -44.18 25.96
C GLU D 258 8.25 -44.87 25.96
N LEU D 259 9.33 -44.08 26.08
CA LEU D 259 10.66 -44.61 25.83
C LEU D 259 11.38 -44.83 27.15
N PRO D 260 12.34 -45.77 27.20
CA PRO D 260 13.25 -45.78 28.33
C PRO D 260 14.10 -44.50 28.37
N PRO D 261 14.69 -44.14 29.53
CA PRO D 261 15.58 -42.99 29.58
C PRO D 261 16.76 -43.15 28.62
N GLN D 262 17.20 -42.03 28.04
CA GLN D 262 18.25 -42.01 27.03
C GLN D 262 19.48 -42.75 27.50
N ASN D 263 19.80 -42.60 28.79
CA ASN D 263 21.04 -43.13 29.32
C ASN D 263 20.82 -44.22 30.35
N ASP D 264 19.65 -44.87 30.36
CA ASP D 264 19.48 -46.11 31.11
C ASP D 264 20.00 -47.30 30.26
N ARG D 265 21.28 -47.66 30.49
CA ARG D 265 21.99 -48.62 29.64
C ARG D 265 21.33 -49.98 29.69
N ALA D 266 20.75 -50.32 30.83
CA ALA D 266 20.10 -51.61 30.99
C ALA D 266 18.92 -51.72 30.05
N ARG D 267 18.37 -50.59 29.60
CA ARG D 267 17.20 -50.65 28.74
C ARG D 267 17.53 -50.23 27.31
N TRP D 268 18.82 -50.17 26.98
CA TRP D 268 19.23 -49.81 25.62
C TRP D 268 18.69 -50.77 24.58
N PRO D 269 18.58 -52.09 24.87
CA PRO D 269 17.93 -53.01 23.94
C PRO D 269 16.57 -52.54 23.46
N GLU D 270 15.73 -52.16 24.41
CA GLU D 270 14.40 -51.68 24.14
C GLU D 270 14.46 -50.37 23.36
N LEU D 271 15.31 -49.45 23.82
CA LEU D 271 15.42 -48.15 23.17
C LEU D 271 15.87 -48.36 21.72
N ARG D 272 16.83 -49.26 21.51
CA ARG D 272 17.31 -49.48 20.15
C ARG D 272 16.18 -50.02 19.28
N ALA D 273 15.41 -50.97 19.78
CA ALA D 273 14.30 -51.49 18.99
C ALA D 273 13.32 -50.39 18.61
N LEU D 274 12.98 -49.50 19.56
CA LEU D 274 12.06 -48.41 19.25
C LEU D 274 12.64 -47.48 18.20
N LEU D 275 13.89 -47.01 18.36
CA LEU D 275 14.50 -46.17 17.34
C LEU D 275 14.60 -46.88 15.98
N THR D 276 14.91 -48.19 16.00
CA THR D 276 15.16 -48.96 14.77
C THR D 276 13.87 -48.97 13.94
N GLU D 277 12.74 -49.23 14.62
CA GLU D 277 11.42 -49.29 14.00
C GLU D 277 11.08 -47.93 13.43
N ALA D 278 11.37 -46.85 14.16
CA ALA D 278 10.99 -45.53 13.68
C ALA D 278 11.80 -45.18 12.45
N PHE D 279 13.14 -45.35 12.45
CA PHE D 279 13.95 -44.88 11.33
C PHE D 279 13.63 -45.74 10.11
N ALA D 280 13.26 -47.00 10.34
CA ALA D 280 12.94 -47.91 9.25
C ALA D 280 11.65 -47.52 8.53
N SER D 281 10.85 -46.62 9.10
CA SER D 281 9.53 -46.37 8.55
C SER D 281 9.55 -45.33 7.42
N HIS D 282 10.67 -44.66 7.20
CA HIS D 282 10.80 -43.71 6.11
C HIS D 282 12.19 -43.86 5.50
N ASP D 283 12.37 -43.29 4.32
CA ASP D 283 13.61 -43.51 3.59
C ASP D 283 14.62 -42.47 4.07
N ARG D 284 15.88 -42.66 3.68
CA ARG D 284 16.97 -41.82 4.14
C ARG D 284 16.77 -40.35 3.75
N ASP D 285 16.40 -40.07 2.49
CA ASP D 285 16.30 -38.69 2.03
C ASP D 285 15.16 -37.97 2.77
N HIS D 286 14.16 -38.74 3.23
CA HIS D 286 13.12 -38.18 4.06
C HIS D 286 13.69 -37.62 5.35
N TRP D 287 14.51 -38.42 6.06
CA TRP D 287 15.06 -38.01 7.33
C TRP D 287 16.01 -36.84 7.12
N GLY D 288 16.73 -36.82 5.97
CA GLY D 288 17.69 -35.75 5.72
C GLY D 288 16.99 -34.38 5.66
N ALA D 289 15.80 -34.39 5.04
CA ALA D 289 14.97 -33.20 4.90
C ALA D 289 14.37 -32.81 6.25
N VAL D 290 13.56 -33.71 6.83
CA VAL D 290 12.97 -33.54 8.15
C VAL D 290 13.98 -32.88 9.11
N PHE D 291 15.25 -33.31 9.09
CA PHE D 291 16.18 -32.81 10.11
C PHE D 291 17.11 -31.70 9.61
N ALA D 292 17.02 -31.34 8.33
CA ALA D 292 17.67 -30.14 7.83
C ALA D 292 17.43 -28.98 8.80
N ASN D 293 18.53 -28.33 9.24
CA ASN D 293 18.52 -27.08 10.00
C ASN D 293 18.18 -27.33 11.45
N SER D 294 18.23 -28.61 11.84
CA SER D 294 17.89 -29.02 13.19
C SER D 294 19.16 -29.42 13.94
N ASP D 295 19.05 -29.42 15.25
CA ASP D 295 20.10 -29.82 16.16
C ASP D 295 19.94 -31.29 16.61
N ALA D 296 19.16 -32.05 15.85
CA ALA D 296 18.83 -33.43 16.18
C ALA D 296 20.01 -34.39 15.97
N CYS D 297 21.02 -33.96 15.20
CA CYS D 297 22.25 -34.71 14.99
C CYS D 297 21.95 -36.00 14.22
N VAL D 298 21.17 -35.84 13.15
CA VAL D 298 20.77 -36.90 12.25
C VAL D 298 21.14 -36.46 10.84
N THR D 299 21.96 -37.25 10.15
CA THR D 299 22.49 -36.90 8.85
C THR D 299 22.41 -38.13 7.97
N PRO D 300 22.20 -37.95 6.67
CA PRO D 300 22.25 -39.08 5.77
C PRO D 300 23.69 -39.57 5.61
N VAL D 301 23.84 -40.90 5.51
CA VAL D 301 25.13 -41.51 5.28
C VAL D 301 25.30 -41.69 3.79
N LEU D 302 26.11 -40.81 3.21
CA LEU D 302 26.30 -40.78 1.77
C LEU D 302 27.43 -41.73 1.34
N ALA D 303 27.20 -42.43 0.24
CA ALA D 303 28.24 -43.14 -0.48
C ALA D 303 29.16 -42.13 -1.19
N PHE D 304 30.44 -42.48 -1.35
CA PHE D 304 31.38 -41.62 -2.05
C PHE D 304 30.75 -40.96 -3.27
N GLY D 305 30.08 -41.78 -4.11
CA GLY D 305 29.57 -41.34 -5.39
C GLY D 305 28.41 -40.34 -5.31
N GLU D 306 27.79 -40.16 -4.13
CA GLU D 306 26.71 -39.20 -3.95
C GLU D 306 27.20 -37.92 -3.33
N VAL D 307 28.44 -37.89 -2.83
CA VAL D 307 28.91 -36.76 -2.04
C VAL D 307 28.85 -35.47 -2.87
N HIS D 308 29.09 -35.56 -4.20
CA HIS D 308 29.18 -34.37 -5.05
C HIS D 308 27.83 -33.64 -5.16
N ASN D 309 26.71 -34.27 -4.76
CA ASN D 309 25.39 -33.69 -4.89
C ASN D 309 24.90 -33.07 -3.59
N GLU D 310 25.71 -33.16 -2.54
CA GLU D 310 25.29 -32.66 -1.26
C GLU D 310 25.50 -31.14 -1.24
N PRO D 311 24.45 -30.33 -1.01
CA PRO D 311 24.58 -28.88 -1.02
C PRO D 311 25.69 -28.32 -0.14
N HIS D 312 25.85 -28.82 1.09
CA HIS D 312 26.84 -28.19 1.94
C HIS D 312 28.24 -28.47 1.40
N ILE D 313 28.40 -29.59 0.69
CA ILE D 313 29.68 -29.96 0.10
C ILE D 313 29.99 -29.08 -1.12
N ILE D 314 29.04 -29.02 -2.08
CA ILE D 314 29.13 -28.16 -3.26
C ILE D 314 29.46 -26.73 -2.84
N GLU D 315 28.71 -26.17 -1.92
CA GLU D 315 28.78 -24.74 -1.66
C GLU D 315 30.13 -24.31 -1.08
N ARG D 316 30.70 -25.14 -0.19
CA ARG D 316 31.98 -24.83 0.42
C ARG D 316 33.17 -25.31 -0.44
N ASN D 317 32.93 -25.96 -1.58
CA ASN D 317 34.04 -26.45 -2.39
C ASN D 317 35.02 -27.26 -1.55
N THR D 318 34.52 -28.26 -0.85
CA THR D 318 35.34 -29.22 -0.15
C THR D 318 36.13 -30.08 -1.15
N PHE D 319 35.55 -30.30 -2.34
CA PHE D 319 36.12 -31.09 -3.41
C PHE D 319 36.31 -30.24 -4.67
N TYR D 320 37.27 -30.63 -5.53
CA TYR D 320 37.42 -30.13 -6.88
C TYR D 320 37.45 -31.33 -7.82
N GLU D 321 37.08 -31.10 -9.08
CA GLU D 321 37.07 -32.14 -10.08
C GLU D 321 38.44 -32.21 -10.74
N ALA D 322 38.95 -33.42 -10.95
CA ALA D 322 40.24 -33.57 -11.61
C ALA D 322 40.20 -34.81 -12.49
N ASN D 323 41.38 -35.34 -12.79
CA ASN D 323 41.58 -36.79 -12.72
C ASN D 323 40.44 -37.43 -13.52
N GLY D 324 40.02 -38.62 -13.08
CA GLY D 324 38.70 -39.16 -13.39
C GLY D 324 37.63 -38.48 -12.54
N GLY D 325 37.82 -38.44 -11.22
CA GLY D 325 36.79 -37.97 -10.31
C GLY D 325 37.24 -36.84 -9.39
N TRP D 326 36.45 -36.64 -8.35
CA TRP D 326 36.64 -35.60 -7.37
C TRP D 326 37.76 -35.99 -6.42
N GLN D 327 38.39 -34.95 -5.87
CA GLN D 327 39.50 -35.06 -4.95
C GLN D 327 39.25 -33.96 -3.95
N PRO D 328 39.64 -34.15 -2.67
CA PRO D 328 39.47 -33.10 -1.68
C PRO D 328 40.43 -31.93 -1.89
N MET D 329 39.88 -30.73 -1.66
CA MET D 329 40.65 -29.51 -1.67
C MET D 329 41.48 -29.54 -0.41
N PRO D 330 42.58 -28.75 -0.37
CA PRO D 330 43.44 -28.67 0.79
C PRO D 330 42.64 -28.32 2.02
N ALA D 331 43.16 -28.75 3.18
CA ALA D 331 42.62 -28.39 4.47
C ALA D 331 43.79 -28.20 5.42
N PRO D 332 43.66 -27.41 6.51
CA PRO D 332 42.51 -26.55 6.73
C PRO D 332 42.55 -25.34 5.78
N ARG D 333 41.81 -24.27 6.12
CA ARG D 333 41.69 -23.10 5.26
C ARG D 333 42.28 -21.87 5.98
N PHE D 334 42.88 -20.97 5.17
CA PHE D 334 43.59 -19.80 5.69
C PHE D 334 42.95 -18.50 5.13
N SER D 335 42.70 -17.53 6.02
CA SER D 335 42.01 -16.29 5.63
C SER D 335 42.80 -15.47 4.60
N ARG D 336 44.11 -15.25 4.87
CA ARG D 336 44.97 -14.42 4.03
C ARG D 336 45.77 -15.21 2.99
N THR D 337 46.57 -16.20 3.42
CA THR D 337 47.36 -17.00 2.47
C THR D 337 46.63 -18.28 2.07
N ALA D 338 45.65 -18.16 1.18
CA ALA D 338 44.74 -19.24 0.89
C ALA D 338 45.45 -20.28 0.01
N SER D 339 45.33 -21.57 0.35
CA SER D 339 45.86 -22.61 -0.51
C SER D 339 45.23 -22.45 -1.88
N SER D 340 45.83 -23.02 -2.90
CA SER D 340 45.18 -23.03 -4.20
C SER D 340 44.87 -24.46 -4.58
N GLN D 341 44.07 -24.59 -5.64
CA GLN D 341 43.78 -25.90 -6.18
C GLN D 341 45.10 -26.66 -6.41
N PRO D 342 45.17 -27.97 -6.10
CA PRO D 342 46.38 -28.75 -6.32
C PRO D 342 46.73 -28.96 -7.79
N ARG D 343 48.04 -28.98 -8.07
CA ARG D 343 48.58 -29.27 -9.40
C ARG D 343 48.60 -30.78 -9.56
N PRO D 344 48.19 -31.33 -10.73
CA PRO D 344 48.27 -32.76 -10.94
C PRO D 344 49.69 -33.31 -10.90
N PRO D 345 49.88 -34.65 -10.86
CA PRO D 345 51.21 -35.24 -10.86
C PRO D 345 52.05 -34.79 -12.06
N ALA D 346 53.21 -34.19 -11.77
CA ALA D 346 54.13 -33.71 -12.78
C ALA D 346 54.99 -34.87 -13.30
N ALA D 347 55.01 -35.06 -14.63
CA ALA D 347 56.06 -35.82 -15.32
C ALA D 347 57.43 -35.66 -14.64
N THR D 348 58.26 -36.72 -14.73
CA THR D 348 59.61 -36.69 -14.17
C THR D 348 60.32 -35.45 -14.71
N ILE D 349 61.12 -34.83 -13.86
CA ILE D 349 62.08 -33.85 -14.32
C ILE D 349 63.45 -34.30 -13.85
N ASP D 350 64.49 -33.66 -14.39
CA ASP D 350 65.86 -33.99 -14.07
C ASP D 350 66.25 -33.30 -12.77
N ILE D 351 66.99 -34.01 -11.93
CA ILE D 351 67.35 -33.55 -10.60
C ILE D 351 68.31 -32.36 -10.70
N GLU D 352 69.00 -32.24 -11.84
CA GLU D 352 69.88 -31.11 -12.12
C GLU D 352 69.06 -29.83 -12.27
N ALA D 353 67.95 -29.89 -13.02
CA ALA D 353 67.04 -28.76 -13.18
C ALA D 353 66.52 -28.27 -11.83
N VAL D 354 66.28 -29.19 -10.89
CA VAL D 354 65.79 -28.75 -9.60
C VAL D 354 66.92 -28.06 -8.84
N LEU D 355 68.16 -28.52 -9.01
CA LEU D 355 69.28 -27.94 -8.29
C LEU D 355 69.57 -26.53 -8.81
N THR D 356 69.37 -26.33 -10.13
CA THR D 356 69.50 -25.04 -10.78
C THR D 356 68.50 -24.06 -10.18
N ASP D 357 67.23 -24.50 -10.16
CA ASP D 357 66.10 -23.75 -9.63
C ASP D 357 66.30 -23.33 -8.18
N TRP D 358 66.81 -24.21 -7.30
CA TRP D 358 66.96 -23.88 -5.89
C TRP D 358 68.27 -23.13 -5.63
N ASP D 359 68.82 -22.50 -6.69
CA ASP D 359 70.21 -22.05 -6.73
C ASP D 359 70.62 -21.48 -5.38
N MET E 1 17.68 8.20 -51.59
CA MET E 1 17.16 8.05 -50.20
C MET E 1 15.64 8.20 -50.20
N ALA E 2 14.93 7.28 -49.52
CA ALA E 2 13.47 7.28 -49.55
C ALA E 2 12.84 8.16 -48.46
N GLY E 3 11.79 8.90 -48.84
CA GLY E 3 10.87 9.45 -47.87
C GLY E 3 10.69 10.94 -48.10
N PRO E 4 9.76 11.63 -47.41
CA PRO E 4 9.48 13.02 -47.71
C PRO E 4 10.60 14.02 -47.41
N LEU E 5 11.62 13.60 -46.65
CA LEU E 5 12.68 14.51 -46.28
C LEU E 5 13.93 14.26 -47.12
N SER E 6 13.79 13.49 -48.21
CA SER E 6 14.90 13.26 -49.12
C SER E 6 15.49 14.61 -49.51
N GLY E 7 16.84 14.70 -49.45
CA GLY E 7 17.54 15.91 -49.86
C GLY E 7 17.70 16.94 -48.73
N LEU E 8 16.96 16.80 -47.62
CA LEU E 8 17.25 17.56 -46.40
C LEU E 8 18.58 17.09 -45.77
N ARG E 9 19.39 18.06 -45.31
CA ARG E 9 20.71 17.78 -44.82
C ARG E 9 20.89 18.28 -43.39
N VAL E 10 21.42 17.37 -42.56
CA VAL E 10 21.37 17.55 -41.12
C VAL E 10 22.73 17.19 -40.53
N VAL E 11 23.23 18.11 -39.70
CA VAL E 11 24.42 17.87 -38.90
C VAL E 11 23.98 17.75 -37.46
N GLU E 12 24.34 16.59 -36.89
CA GLU E 12 24.06 16.21 -35.51
C GLU E 12 25.35 16.17 -34.67
N LEU E 13 25.39 17.02 -33.64
CA LEU E 13 26.48 16.94 -32.67
C LEU E 13 26.10 15.94 -31.59
N ALA E 14 26.83 14.81 -31.54
CA ALA E 14 26.49 13.67 -30.71
C ALA E 14 26.21 14.09 -29.26
N GLY E 15 25.03 13.69 -28.78
CA GLY E 15 24.58 13.88 -27.42
C GLY E 15 23.86 12.61 -26.94
N ILE E 16 23.02 12.75 -25.90
CA ILE E 16 22.21 11.64 -25.42
C ILE E 16 20.73 12.05 -25.34
N GLY E 17 19.84 11.07 -25.56
CA GLY E 17 18.40 11.23 -25.34
C GLY E 17 17.70 11.91 -26.50
N PRO E 18 17.14 13.12 -26.32
CA PRO E 18 16.27 13.68 -27.34
C PRO E 18 16.99 14.00 -28.65
N GLY E 19 18.22 14.53 -28.57
CA GLY E 19 18.95 14.92 -29.74
C GLY E 19 19.05 13.79 -30.75
N PRO E 20 19.64 12.64 -30.37
CA PRO E 20 19.75 11.52 -31.29
C PRO E 20 18.43 10.91 -31.74
N HIS E 21 17.34 11.17 -31.01
CA HIS E 21 16.07 10.57 -31.39
C HIS E 21 15.47 11.44 -32.48
N ALA E 22 15.53 12.77 -32.29
CA ALA E 22 15.17 13.70 -33.35
C ALA E 22 16.00 13.43 -34.61
N ALA E 23 17.31 13.25 -34.46
CA ALA E 23 18.12 13.02 -35.66
C ALA E 23 17.69 11.70 -36.32
N MET E 24 17.28 10.72 -35.50
CA MET E 24 16.91 9.40 -35.99
C MET E 24 15.68 9.47 -36.87
N ILE E 25 14.68 10.21 -36.42
CA ILE E 25 13.42 10.31 -37.16
C ILE E 25 13.66 11.10 -38.45
N LEU E 26 14.46 12.17 -38.43
CA LEU E 26 14.74 12.90 -39.66
C LEU E 26 15.33 11.92 -40.67
N GLY E 27 16.30 11.12 -40.21
CA GLY E 27 16.89 10.07 -41.03
C GLY E 27 15.89 9.01 -41.48
N ASP E 28 15.00 8.60 -40.56
CA ASP E 28 13.95 7.66 -40.88
C ASP E 28 13.17 8.18 -42.08
N LEU E 29 12.86 9.48 -42.11
CA LEU E 29 11.99 10.02 -43.14
C LEU E 29 12.80 10.47 -44.36
N GLY E 30 14.06 10.04 -44.47
CA GLY E 30 14.81 10.16 -45.71
C GLY E 30 15.87 11.27 -45.70
N ALA E 31 15.93 12.06 -44.62
CA ALA E 31 16.91 13.13 -44.50
C ALA E 31 18.32 12.57 -44.47
N ASP E 32 19.28 13.43 -44.89
CA ASP E 32 20.69 13.06 -44.98
C ASP E 32 21.37 13.54 -43.70
N VAL E 33 21.69 12.58 -42.82
CA VAL E 33 22.02 12.92 -41.44
C VAL E 33 23.46 12.51 -41.19
N VAL E 34 24.27 13.51 -40.76
CA VAL E 34 25.68 13.27 -40.49
C VAL E 34 25.95 13.62 -39.04
N ARG E 35 26.43 12.62 -38.30
CA ARG E 35 26.56 12.73 -36.86
C ARG E 35 28.04 12.82 -36.51
N ILE E 36 28.41 13.92 -35.86
CA ILE E 36 29.80 14.14 -35.46
C ILE E 36 29.99 13.64 -34.02
N ASP E 37 30.78 12.58 -33.84
CA ASP E 37 31.14 12.12 -32.51
C ASP E 37 32.57 12.53 -32.15
N ARG E 38 32.93 12.42 -30.87
CA ARG E 38 34.34 12.42 -30.47
C ARG E 38 35.10 11.22 -31.08
N PRO E 39 36.44 11.31 -31.24
CA PRO E 39 37.21 10.14 -31.64
C PRO E 39 37.33 9.11 -30.50
N SER E 40 37.25 9.58 -29.24
CA SER E 40 37.18 8.73 -28.05
C SER E 40 35.75 8.25 -27.80
N SER E 41 35.20 7.46 -28.75
CA SER E 41 33.76 7.26 -28.92
C SER E 41 32.95 7.68 -27.69
N ILE E 45 31.16 0.30 -35.69
CA ILE E 45 29.74 -0.11 -35.92
C ILE E 45 29.04 -0.18 -34.56
N SER E 46 28.15 0.79 -34.29
CA SER E 46 27.38 0.89 -33.06
C SER E 46 26.32 -0.21 -33.01
N ARG E 47 26.04 -0.72 -31.79
CA ARG E 47 24.94 -1.64 -31.57
C ARG E 47 23.68 -0.88 -31.12
N ASP E 48 23.79 0.44 -30.86
CA ASP E 48 22.65 1.26 -30.49
C ASP E 48 21.83 1.63 -31.73
N ALA E 49 20.69 0.95 -31.94
CA ALA E 49 19.90 1.11 -33.15
C ALA E 49 19.21 2.48 -33.19
N MET E 50 19.37 3.31 -32.12
CA MET E 50 18.94 4.70 -32.22
C MET E 50 19.81 5.48 -33.22
N LEU E 51 20.95 4.88 -33.65
CA LEU E 51 21.90 5.50 -34.57
C LEU E 51 21.76 4.98 -36.00
N ARG E 52 20.57 4.50 -36.35
CA ARG E 52 20.24 4.10 -37.71
C ARG E 52 20.00 5.33 -38.56
N ASN E 53 20.01 5.14 -39.88
CA ASN E 53 19.88 6.19 -40.88
C ASN E 53 20.85 7.35 -40.68
N ARG E 54 22.12 7.04 -40.43
CA ARG E 54 23.14 8.04 -40.12
C ARG E 54 24.41 7.77 -40.94
N ARG E 55 25.23 8.82 -41.14
CA ARG E 55 26.67 8.67 -41.28
C ARG E 55 27.37 9.22 -40.04
N ILE E 56 28.20 8.38 -39.43
CA ILE E 56 28.98 8.75 -38.25
C ILE E 56 30.37 9.22 -38.69
N VAL E 57 30.81 10.38 -38.19
CA VAL E 57 32.16 10.88 -38.42
C VAL E 57 32.71 11.36 -37.08
N THR E 58 34.03 11.23 -36.87
CA THR E 58 34.66 11.75 -35.66
C THR E 58 35.48 12.99 -35.98
N ALA E 59 35.70 13.79 -34.93
CA ALA E 59 36.37 15.07 -35.02
C ALA E 59 36.43 15.70 -33.62
N ASP E 60 37.66 15.94 -33.14
CA ASP E 60 37.90 16.68 -31.93
C ASP E 60 37.58 18.15 -32.20
N LEU E 61 36.38 18.58 -31.81
CA LEU E 61 35.93 19.95 -32.09
C LEU E 61 36.68 20.96 -31.23
N LYS E 62 37.44 20.48 -30.25
CA LYS E 62 38.30 21.35 -29.48
C LYS E 62 39.57 21.71 -30.26
N SER E 63 39.96 20.89 -31.26
CA SER E 63 41.11 21.21 -32.09
C SER E 63 40.75 22.19 -33.22
N ASP E 64 41.76 22.85 -33.79
CA ASP E 64 41.57 23.82 -34.86
C ASP E 64 41.12 23.14 -36.16
N GLN E 65 41.67 21.96 -36.45
CA GLN E 65 41.29 21.23 -37.65
C GLN E 65 39.84 20.74 -37.55
N GLY E 66 39.48 20.12 -36.41
CA GLY E 66 38.12 19.66 -36.15
C GLY E 66 37.08 20.76 -36.29
N LEU E 67 37.30 21.93 -35.67
CA LEU E 67 36.35 23.02 -35.76
C LEU E 67 36.16 23.45 -37.22
N GLU E 68 37.25 23.44 -37.99
CA GLU E 68 37.19 23.94 -39.34
C GLU E 68 36.41 22.97 -40.22
N LEU E 69 36.65 21.67 -40.09
CA LEU E 69 35.91 20.66 -40.86
C LEU E 69 34.41 20.69 -40.54
N ALA E 70 34.07 20.83 -39.26
CA ALA E 70 32.69 20.85 -38.82
C ALA E 70 31.97 22.10 -39.31
N LEU E 71 32.71 23.23 -39.39
CA LEU E 71 32.11 24.45 -39.90
C LEU E 71 31.87 24.31 -41.41
N LYS E 72 32.61 23.42 -42.07
CA LYS E 72 32.43 23.18 -43.49
C LYS E 72 31.16 22.37 -43.69
N LEU E 73 31.04 21.19 -43.05
CA LEU E 73 29.80 20.41 -43.05
C LEU E 73 28.61 21.31 -42.82
N ILE E 74 28.68 22.15 -41.78
CA ILE E 74 27.53 22.95 -41.40
C ILE E 74 27.16 23.95 -42.49
N ALA E 75 28.13 24.37 -43.33
CA ALA E 75 27.89 25.34 -44.39
C ALA E 75 27.09 24.73 -45.56
N LYS E 76 27.21 23.41 -45.75
CA LYS E 76 26.49 22.71 -46.81
C LYS E 76 25.18 22.09 -46.31
N ALA E 77 24.70 22.44 -45.10
CA ALA E 77 23.61 21.72 -44.45
C ALA E 77 22.44 22.66 -44.19
N ASP E 78 21.27 22.06 -43.94
CA ASP E 78 20.04 22.77 -43.64
C ASP E 78 19.86 22.94 -42.13
N VAL E 79 20.29 21.92 -41.39
CA VAL E 79 19.93 21.82 -40.00
C VAL E 79 21.14 21.37 -39.21
N LEU E 80 21.31 22.04 -38.07
CA LEU E 80 22.23 21.53 -37.07
C LEU E 80 21.43 21.22 -35.80
N ILE E 81 21.76 20.08 -35.21
CA ILE E 81 21.18 19.66 -33.94
C ILE E 81 22.30 19.56 -32.92
N GLU E 82 22.11 20.24 -31.78
CA GLU E 82 23.02 20.10 -30.65
C GLU E 82 22.20 19.97 -29.37
N GLY E 83 22.72 19.18 -28.41
CA GLY E 83 22.03 18.97 -27.15
C GLY E 83 22.97 18.98 -25.95
N TYR E 84 23.89 19.96 -25.95
CA TYR E 84 24.80 20.21 -24.83
C TYR E 84 24.20 21.29 -23.94
N ARG E 85 24.83 21.56 -22.79
CA ARG E 85 24.36 22.68 -22.00
C ARG E 85 24.53 23.93 -22.84
N PRO E 86 23.72 24.97 -22.57
CA PRO E 86 23.92 26.27 -23.20
C PRO E 86 25.34 26.75 -23.00
N GLY E 87 25.94 27.31 -24.06
CA GLY E 87 27.25 27.92 -23.97
C GLY E 87 28.34 27.01 -24.53
N VAL E 88 28.04 25.72 -24.62
CA VAL E 88 29.02 24.76 -25.07
C VAL E 88 29.35 24.94 -26.55
N THR E 89 28.32 25.08 -27.39
CA THR E 89 28.63 25.24 -28.80
C THR E 89 29.31 26.60 -28.96
N GLU E 90 28.80 27.62 -28.27
CA GLU E 90 29.38 28.95 -28.36
C GLU E 90 30.88 28.83 -28.08
N ARG E 91 31.25 28.12 -27.01
CA ARG E 91 32.64 28.02 -26.60
C ARG E 91 33.47 27.28 -27.63
N LEU E 92 32.92 26.26 -28.27
CA LEU E 92 33.68 25.53 -29.29
C LEU E 92 33.82 26.38 -30.55
N GLY E 93 33.06 27.50 -30.65
CA GLY E 93 32.99 28.34 -31.84
C GLY E 93 32.03 27.80 -32.90
N LEU E 94 31.06 26.97 -32.47
CA LEU E 94 30.05 26.34 -33.31
C LEU E 94 28.70 26.88 -32.89
N GLY E 95 28.70 28.04 -32.23
CA GLY E 95 27.49 28.69 -31.75
C GLY E 95 26.65 29.20 -32.91
N PRO E 96 25.42 29.68 -32.63
CA PRO E 96 24.55 30.08 -33.72
C PRO E 96 25.22 31.16 -34.56
N GLU E 97 25.91 32.11 -33.89
CA GLU E 97 26.44 33.28 -34.59
C GLU E 97 27.57 32.91 -35.53
N GLU E 98 28.53 32.11 -35.06
CA GLU E 98 29.57 31.56 -35.90
C GLU E 98 29.01 30.75 -37.07
N CYS E 99 27.88 30.08 -36.84
CA CYS E 99 27.30 29.21 -37.84
C CYS E 99 26.65 30.07 -38.93
N ALA E 100 26.05 31.18 -38.51
CA ALA E 100 25.35 32.10 -39.40
C ALA E 100 26.33 32.82 -40.33
N LYS E 101 27.59 32.89 -39.93
CA LYS E 101 28.62 33.50 -40.75
C LYS E 101 28.83 32.65 -41.98
N VAL E 102 28.80 31.33 -41.84
CA VAL E 102 29.08 30.43 -42.96
C VAL E 102 27.81 29.86 -43.61
N ASN E 103 26.62 30.28 -43.15
CA ASN E 103 25.34 29.72 -43.57
C ASN E 103 24.19 30.48 -42.90
N ASP E 104 23.69 31.53 -43.57
CA ASP E 104 22.58 32.35 -43.07
C ASP E 104 21.22 31.65 -43.22
N ARG E 105 21.20 30.40 -43.76
CA ARG E 105 19.96 29.69 -44.00
C ARG E 105 19.80 28.52 -43.03
N LEU E 106 20.67 28.47 -42.01
CA LEU E 106 20.77 27.29 -41.15
C LEU E 106 19.66 27.33 -40.12
N ILE E 107 18.99 26.19 -39.97
CA ILE E 107 18.12 25.98 -38.83
C ILE E 107 18.96 25.40 -37.70
N TYR E 108 19.06 26.18 -36.62
CA TYR E 108 19.95 25.84 -35.51
C TYR E 108 19.11 25.29 -34.34
N ALA E 109 19.13 23.97 -34.12
CA ALA E 109 18.15 23.37 -33.22
C ALA E 109 18.85 22.98 -31.92
N ARG E 110 18.43 23.66 -30.85
CA ARG E 110 19.03 23.52 -29.54
C ARG E 110 18.11 22.73 -28.60
N MET E 111 18.59 21.54 -28.24
CA MET E 111 17.85 20.53 -27.49
C MET E 111 18.34 20.50 -26.05
N THR E 112 17.55 21.07 -25.15
CA THR E 112 17.90 21.06 -23.74
C THR E 112 16.70 20.59 -22.93
N GLY E 113 16.92 20.44 -21.61
CA GLY E 113 15.87 20.12 -20.68
C GLY E 113 15.33 21.38 -20.06
N TRP E 114 16.22 22.24 -19.54
CA TRP E 114 15.79 23.44 -18.82
C TRP E 114 15.65 24.68 -19.72
N GLY E 115 16.18 24.61 -20.94
CA GLY E 115 16.19 25.76 -21.84
C GLY E 115 17.50 26.54 -21.80
N GLN E 116 17.50 27.67 -22.50
CA GLN E 116 18.73 28.35 -22.86
C GLN E 116 19.10 29.34 -21.76
N THR E 117 18.15 29.78 -20.93
CA THR E 117 18.46 30.70 -19.85
C THR E 117 17.63 30.35 -18.63
N GLY E 118 17.87 31.10 -17.54
CA GLY E 118 17.17 30.93 -16.29
C GLY E 118 18.07 30.19 -15.31
N PRO E 119 17.66 30.17 -14.03
CA PRO E 119 18.49 29.66 -12.94
C PRO E 119 18.94 28.20 -13.10
N ARG E 120 18.14 27.38 -13.81
CA ARG E 120 18.48 25.96 -13.93
C ARG E 120 19.19 25.67 -15.24
N SER E 121 19.49 26.70 -16.04
CA SER E 121 19.95 26.49 -17.41
C SER E 121 21.27 25.72 -17.46
N GLN E 122 22.03 25.72 -16.35
CA GLN E 122 23.30 25.01 -16.34
C GLN E 122 23.26 23.74 -15.49
N GLN E 123 22.15 23.44 -14.81
CA GLN E 123 22.04 22.22 -14.03
C GLN E 123 21.93 21.00 -14.94
N ALA E 124 22.67 19.96 -14.58
CA ALA E 124 22.48 18.65 -15.21
C ALA E 124 21.06 18.12 -14.90
N GLY E 125 20.64 17.13 -15.68
CA GLY E 125 19.29 16.65 -15.58
C GLY E 125 19.06 15.44 -16.47
N HIS E 126 18.01 14.71 -16.13
CA HIS E 126 17.43 13.70 -16.98
C HIS E 126 15.91 13.88 -16.99
N ASP E 127 15.25 13.06 -17.82
CA ASP E 127 13.82 13.16 -18.06
C ASP E 127 13.08 13.40 -16.77
N ILE E 128 13.34 12.53 -15.80
CA ILE E 128 12.56 12.53 -14.56
C ILE E 128 12.61 13.87 -13.84
N ASN E 129 13.73 14.59 -14.01
CA ASN E 129 13.90 15.92 -13.42
C ASN E 129 13.04 16.97 -14.14
N TYR E 130 13.05 16.94 -15.47
CA TYR E 130 12.35 17.96 -16.25
C TYR E 130 10.85 17.87 -16.02
N ILE E 131 10.34 16.62 -15.91
CA ILE E 131 8.92 16.40 -15.67
C ILE E 131 8.55 16.52 -14.20
N SER E 132 9.53 16.59 -13.30
CA SER E 132 9.16 16.78 -11.91
C SER E 132 8.77 18.25 -11.65
N LEU E 133 9.34 19.17 -12.43
CA LEU E 133 9.24 20.57 -12.08
C LEU E 133 7.97 21.22 -12.64
N ASN E 134 7.28 20.54 -13.58
CA ASN E 134 6.16 21.13 -14.31
C ASN E 134 4.84 20.41 -14.02
N GLY E 135 4.84 19.54 -12.99
CA GLY E 135 3.60 18.95 -12.48
C GLY E 135 3.28 17.58 -13.07
N ILE E 136 4.01 17.17 -14.13
CA ILE E 136 3.71 15.92 -14.82
C ILE E 136 3.96 14.71 -13.91
N LEU E 137 5.19 14.53 -13.43
CA LEU E 137 5.53 13.35 -12.69
C LEU E 137 4.59 13.14 -11.49
N HIS E 138 4.21 14.24 -10.86
CA HIS E 138 3.37 14.14 -9.68
C HIS E 138 2.04 13.45 -10.01
N ALA E 139 1.59 13.54 -11.28
CA ALA E 139 0.25 13.11 -11.66
C ALA E 139 0.21 11.64 -12.08
N ILE E 140 1.37 10.96 -12.07
CA ILE E 140 1.50 9.63 -12.63
C ILE E 140 1.72 8.58 -11.54
N GLY E 141 0.84 7.56 -11.51
CA GLY E 141 0.95 6.42 -10.61
C GLY E 141 -0.29 6.31 -9.72
N ARG E 142 -0.30 5.31 -8.83
CA ARG E 142 -1.42 5.10 -7.94
C ARG E 142 -1.42 6.14 -6.83
N GLY E 143 -2.61 6.38 -6.28
CA GLY E 143 -2.82 7.43 -5.28
C GLY E 143 -2.10 7.11 -3.97
N ASP E 144 -1.92 5.83 -3.69
CA ASP E 144 -1.46 5.40 -2.38
C ASP E 144 0.06 5.23 -2.38
N GLU E 145 0.78 5.76 -3.38
CA GLU E 145 2.18 5.44 -3.56
C GLU E 145 2.93 6.63 -4.15
N ARG E 146 4.26 6.56 -4.12
CA ARG E 146 5.02 7.65 -4.70
C ARG E 146 4.94 7.65 -6.23
N PRO E 147 5.14 8.82 -6.88
CA PRO E 147 5.00 8.90 -8.32
C PRO E 147 5.92 7.93 -9.05
N VAL E 148 5.46 7.46 -10.20
CA VAL E 148 6.24 6.49 -10.95
C VAL E 148 6.65 7.14 -12.27
N PRO E 149 7.92 7.01 -12.68
CA PRO E 149 8.34 7.53 -13.96
C PRO E 149 7.78 6.75 -15.14
N PRO E 150 7.20 7.47 -16.12
CA PRO E 150 6.71 6.85 -17.32
C PRO E 150 7.85 6.64 -18.31
N LEU E 151 8.75 5.73 -17.93
CA LEU E 151 10.08 5.63 -18.49
C LEU E 151 10.61 7.06 -18.75
N ASN E 152 11.31 7.25 -19.87
CA ASN E 152 11.72 8.58 -20.29
C ASN E 152 10.95 9.00 -21.53
N LEU E 153 9.65 8.69 -21.57
CA LEU E 153 8.86 8.87 -22.78
C LEU E 153 8.34 10.29 -22.83
N VAL E 154 8.05 10.88 -21.68
CA VAL E 154 7.35 12.14 -21.67
C VAL E 154 8.32 13.33 -21.78
N GLY E 155 9.50 13.28 -21.16
CA GLY E 155 10.39 14.44 -21.21
C GLY E 155 11.34 14.37 -22.40
N ASP E 156 12.09 13.26 -22.50
CA ASP E 156 13.05 13.11 -23.59
C ASP E 156 12.35 13.11 -24.94
N PHE E 157 11.32 12.28 -25.12
CA PHE E 157 10.81 12.01 -26.46
C PHE E 157 9.55 12.84 -26.72
N GLY E 158 8.46 12.58 -26.00
CA GLY E 158 7.20 13.23 -26.33
C GLY E 158 7.29 14.74 -26.20
N GLY E 159 7.95 15.21 -25.14
CA GLY E 159 7.98 16.64 -24.86
C GLY E 159 9.33 17.25 -25.22
N GLY E 160 10.19 16.45 -25.86
CA GLY E 160 11.59 16.76 -26.07
C GLY E 160 11.96 16.68 -27.57
N SER E 161 12.44 15.51 -27.99
CA SER E 161 12.77 15.28 -29.39
C SER E 161 11.62 15.68 -30.32
N MET E 162 10.38 15.35 -29.97
CA MET E 162 9.28 15.53 -30.89
C MET E 162 9.02 17.02 -31.11
N PHE E 163 9.21 17.85 -30.07
CA PHE E 163 9.08 19.29 -30.21
C PHE E 163 10.28 19.90 -30.97
N LEU E 164 11.46 19.31 -30.81
CA LEU E 164 12.61 19.70 -31.61
C LEU E 164 12.22 19.51 -33.08
N LEU E 165 11.67 18.34 -33.41
CA LEU E 165 11.29 18.04 -34.79
C LEU E 165 10.27 19.07 -35.29
N VAL E 166 9.21 19.31 -34.53
CA VAL E 166 8.22 20.29 -34.96
C VAL E 166 8.91 21.65 -35.19
N GLY E 167 9.85 22.00 -34.33
CA GLY E 167 10.52 23.30 -34.43
C GLY E 167 11.34 23.39 -35.73
N ILE E 168 12.15 22.37 -35.98
CA ILE E 168 12.96 22.30 -37.17
C ILE E 168 12.09 22.40 -38.43
N LEU E 169 11.01 21.59 -38.48
CA LEU E 169 10.23 21.48 -39.71
C LEU E 169 9.36 22.73 -39.88
N ALA E 170 8.83 23.31 -38.80
CA ALA E 170 8.17 24.60 -38.92
C ALA E 170 9.14 25.69 -39.36
N ALA E 171 10.41 25.58 -38.96
CA ALA E 171 11.36 26.63 -39.30
C ALA E 171 11.76 26.51 -40.77
N LEU E 172 11.90 25.28 -41.28
CA LEU E 172 12.15 25.00 -42.69
C LEU E 172 10.98 25.53 -43.54
N TRP E 173 9.76 25.46 -43.02
CA TRP E 173 8.63 26.02 -43.73
C TRP E 173 8.74 27.54 -43.87
N GLU E 174 9.04 28.20 -42.74
CA GLU E 174 9.19 29.64 -42.70
C GLU E 174 10.32 30.10 -43.62
N ARG E 175 11.44 29.36 -43.61
CA ARG E 175 12.56 29.64 -44.49
C ARG E 175 12.14 29.75 -45.95
N GLN E 176 11.10 29.00 -46.36
CA GLN E 176 10.72 28.89 -47.77
C GLN E 176 10.29 30.28 -48.22
N SER E 177 9.69 31.07 -47.34
CA SER E 177 9.24 32.41 -47.68
C SER E 177 10.19 33.50 -47.19
N SER E 178 11.01 33.26 -46.17
CA SER E 178 11.83 34.36 -45.65
C SER E 178 13.25 34.31 -46.21
N GLY E 179 13.68 33.15 -46.73
CA GLY E 179 15.04 32.96 -47.21
C GLY E 179 16.07 32.84 -46.07
N LYS E 180 15.62 32.96 -44.81
CA LYS E 180 16.52 32.93 -43.66
C LYS E 180 16.27 31.73 -42.73
N GLY E 181 17.32 31.34 -42.00
CA GLY E 181 17.24 30.39 -40.90
C GLY E 181 16.94 31.09 -39.58
N GLN E 182 17.14 30.37 -38.46
CA GLN E 182 16.89 30.92 -37.14
C GLN E 182 17.20 29.84 -36.11
N VAL E 183 17.10 30.20 -34.81
CA VAL E 183 17.45 29.30 -33.73
C VAL E 183 16.18 28.71 -33.12
N VAL E 184 16.16 27.37 -33.00
CA VAL E 184 15.06 26.67 -32.33
C VAL E 184 15.50 26.25 -30.92
N ASP E 185 14.88 26.87 -29.90
CA ASP E 185 15.06 26.56 -28.49
C ASP E 185 13.95 25.59 -28.04
N ALA E 186 14.28 24.28 -28.04
CA ALA E 186 13.41 23.22 -27.56
C ALA E 186 13.89 22.73 -26.19
N ALA E 187 13.18 23.16 -25.16
CA ALA E 187 13.38 22.71 -23.80
C ALA E 187 12.30 21.68 -23.40
N MET E 188 12.76 20.51 -22.89
CA MET E 188 11.87 19.44 -22.43
C MET E 188 10.82 19.93 -21.44
N VAL E 189 11.19 20.90 -20.59
CA VAL E 189 10.25 21.38 -19.60
C VAL E 189 9.08 22.15 -20.25
N ASP E 190 9.34 22.74 -21.42
CA ASP E 190 8.33 23.46 -22.18
C ASP E 190 7.47 22.46 -22.97
N GLY E 191 8.15 21.64 -23.74
CA GLY E 191 7.47 20.72 -24.64
C GLY E 191 6.52 19.80 -23.87
N SER E 192 7.02 19.23 -22.76
CA SER E 192 6.27 18.29 -21.96
C SER E 192 5.04 19.01 -21.40
N SER E 193 5.15 20.33 -21.13
CA SER E 193 4.02 21.09 -20.64
C SER E 193 2.93 21.24 -21.73
N VAL E 194 3.33 21.37 -22.99
CA VAL E 194 2.34 21.52 -24.06
C VAL E 194 1.72 20.15 -24.29
N LEU E 195 2.55 19.13 -24.09
CA LEU E 195 2.13 17.77 -24.31
C LEU E 195 0.96 17.47 -23.36
N ILE E 196 0.96 18.09 -22.18
CA ILE E 196 -0.03 17.82 -21.14
C ILE E 196 -1.02 18.99 -21.03
N GLN E 197 -1.15 19.76 -22.11
CA GLN E 197 -2.05 20.90 -22.13
C GLN E 197 -3.48 20.50 -21.75
N MET E 198 -3.95 19.33 -22.19
CA MET E 198 -5.29 18.87 -21.83
C MET E 198 -5.52 18.90 -20.31
N MET E 199 -4.56 18.37 -19.54
CA MET E 199 -4.71 18.34 -18.10
C MET E 199 -4.82 19.78 -17.58
N TRP E 200 -4.02 20.71 -18.11
CA TRP E 200 -4.09 22.10 -17.64
C TRP E 200 -5.45 22.71 -17.98
N ALA E 201 -6.03 22.30 -19.10
CA ALA E 201 -7.34 22.78 -19.54
C ALA E 201 -8.44 22.21 -18.65
N MET E 202 -8.46 20.88 -18.53
CA MET E 202 -9.38 20.21 -17.63
C MET E 202 -9.26 20.81 -16.23
N ARG E 203 -8.05 21.17 -15.81
CA ARG E 203 -7.86 21.63 -14.43
C ARG E 203 -8.57 22.95 -14.21
N ALA E 204 -8.61 23.77 -15.27
CA ALA E 204 -9.28 25.06 -15.27
C ALA E 204 -10.79 24.90 -15.10
N THR E 205 -11.40 23.89 -15.72
CA THR E 205 -12.83 23.70 -15.66
C THR E 205 -13.20 22.71 -14.55
N GLY E 206 -12.34 22.55 -13.54
CA GLY E 206 -12.53 21.59 -12.46
C GLY E 206 -12.73 20.14 -12.89
N MET E 207 -12.29 19.75 -14.09
CA MET E 207 -12.44 18.38 -14.53
C MET E 207 -11.17 17.55 -14.27
N TRP E 208 -10.15 18.14 -13.62
CA TRP E 208 -8.92 17.44 -13.28
C TRP E 208 -8.44 17.97 -11.94
N THR E 209 -8.08 17.09 -11.00
CA THR E 209 -7.49 17.47 -9.72
C THR E 209 -6.04 17.00 -9.61
N ASP E 210 -5.35 17.66 -8.68
CA ASP E 210 -3.96 17.39 -8.37
C ASP E 210 -3.77 16.12 -7.56
N THR E 211 -4.87 15.50 -7.10
CA THR E 211 -4.81 14.22 -6.44
C THR E 211 -4.42 13.14 -7.44
N ARG E 212 -3.33 12.43 -7.12
CA ARG E 212 -2.87 11.35 -7.96
C ARG E 212 -3.85 10.21 -7.86
N GLY E 213 -4.12 9.55 -9.00
CA GLY E 213 -4.93 8.33 -9.04
C GLY E 213 -6.42 8.58 -8.77
N ALA E 214 -6.91 9.80 -9.01
CA ALA E 214 -8.31 10.14 -8.77
C ALA E 214 -8.94 10.91 -9.94
N ASN E 215 -8.48 10.69 -11.16
CA ASN E 215 -9.02 11.39 -12.33
C ASN E 215 -9.42 10.37 -13.40
N MET E 216 -10.01 10.83 -14.50
CA MET E 216 -10.55 9.92 -15.49
C MET E 216 -9.43 9.11 -16.16
N LEU E 217 -8.24 9.71 -16.30
CA LEU E 217 -7.26 9.17 -17.23
C LEU E 217 -5.96 8.76 -16.54
N ASP E 218 -5.92 8.72 -15.21
CA ASP E 218 -4.68 8.41 -14.50
C ASP E 218 -4.72 7.05 -13.82
N GLY E 219 -5.78 6.26 -14.09
CA GLY E 219 -5.99 4.98 -13.44
C GLY E 219 -7.10 5.07 -12.40
N GLY E 220 -7.54 6.28 -12.05
CA GLY E 220 -8.62 6.43 -11.07
C GLY E 220 -10.01 5.95 -11.52
N ALA E 221 -10.27 5.94 -12.83
CA ALA E 221 -11.56 5.51 -13.32
C ALA E 221 -11.56 4.00 -13.51
N PRO E 222 -12.54 3.27 -12.97
CA PRO E 222 -12.62 1.84 -13.19
C PRO E 222 -12.71 1.39 -14.64
N TYR E 223 -13.21 2.28 -15.51
CA TYR E 223 -13.34 1.98 -16.93
C TYR E 223 -12.13 2.46 -17.74
N TYR E 224 -11.09 3.01 -17.08
CA TYR E 224 -9.89 3.47 -17.76
C TYR E 224 -8.69 3.06 -16.90
N ASP E 225 -8.30 1.78 -17.01
CA ASP E 225 -7.28 1.22 -16.12
C ASP E 225 -6.95 -0.18 -16.63
N THR E 226 -5.96 -0.83 -16.01
CA THR E 226 -5.66 -2.21 -16.33
C THR E 226 -6.33 -3.11 -15.28
N TYR E 227 -6.51 -4.38 -15.64
CA TYR E 227 -7.06 -5.39 -14.75
C TYR E 227 -6.26 -6.67 -14.89
N GLU E 228 -6.03 -7.31 -13.74
CA GLU E 228 -5.34 -8.57 -13.75
C GLU E 228 -6.31 -9.69 -14.08
N CYS E 229 -5.87 -10.65 -14.88
CA CYS E 229 -6.68 -11.76 -15.36
C CYS E 229 -6.35 -13.06 -14.62
N ALA E 230 -7.10 -14.13 -14.93
CA ALA E 230 -6.97 -15.40 -14.22
C ALA E 230 -5.54 -15.92 -14.32
N ASP E 231 -4.82 -15.61 -15.40
CA ASP E 231 -3.48 -16.15 -15.58
C ASP E 231 -2.40 -15.21 -15.03
N GLY E 232 -2.78 -14.13 -14.36
CA GLY E 232 -1.79 -13.19 -13.86
C GLY E 232 -1.30 -12.19 -14.92
N ARG E 233 -1.78 -12.28 -16.17
CA ARG E 233 -1.54 -11.27 -17.18
C ARG E 233 -2.68 -10.25 -17.15
N TYR E 234 -2.52 -9.16 -17.93
CA TYR E 234 -3.38 -8.00 -17.82
C TYR E 234 -4.10 -7.68 -19.12
N VAL E 235 -5.23 -7.00 -18.97
CA VAL E 235 -5.95 -6.37 -20.06
C VAL E 235 -6.02 -4.89 -19.71
N ALA E 236 -6.24 -4.07 -20.72
CA ALA E 236 -6.52 -2.66 -20.52
C ALA E 236 -7.94 -2.36 -20.97
N VAL E 237 -8.58 -1.48 -20.21
CA VAL E 237 -9.93 -1.03 -20.41
C VAL E 237 -9.88 0.48 -20.59
N GLY E 238 -10.48 0.95 -21.70
CA GLY E 238 -10.51 2.36 -22.03
C GLY E 238 -11.88 2.82 -22.49
N ALA E 239 -12.92 2.25 -21.86
CA ALA E 239 -14.29 2.38 -22.30
C ALA E 239 -14.89 3.63 -21.70
N ILE E 240 -14.48 4.77 -22.26
CA ILE E 240 -14.90 6.05 -21.73
C ILE E 240 -16.33 6.36 -22.18
N GLU E 241 -16.64 6.14 -23.46
CA GLU E 241 -17.95 6.50 -24.02
C GLU E 241 -19.00 5.51 -23.49
N PRO E 242 -20.18 5.99 -23.07
CA PRO E 242 -21.17 5.12 -22.43
C PRO E 242 -21.50 3.86 -23.23
N GLN E 243 -21.54 3.97 -24.56
CA GLN E 243 -21.97 2.85 -25.40
C GLN E 243 -20.90 1.78 -25.41
N PHE E 244 -19.64 2.25 -25.42
CA PHE E 244 -18.52 1.34 -25.39
C PHE E 244 -18.46 0.64 -24.03
N TYR E 245 -18.68 1.40 -22.96
CA TYR E 245 -18.72 0.88 -21.59
C TYR E 245 -19.82 -0.20 -21.49
N ALA E 246 -21.00 0.08 -22.02
CA ALA E 246 -22.10 -0.90 -22.02
C ALA E 246 -21.70 -2.20 -22.71
N ALA E 247 -20.99 -2.07 -23.84
CA ALA E 247 -20.59 -3.23 -24.60
C ALA E 247 -19.65 -4.08 -23.76
N MET E 248 -18.83 -3.38 -22.98
CA MET E 248 -17.86 -4.04 -22.12
C MET E 248 -18.53 -4.85 -21.01
N LEU E 249 -19.47 -4.21 -20.30
CA LEU E 249 -20.20 -4.89 -19.24
C LEU E 249 -20.83 -6.19 -19.77
N ALA E 250 -21.50 -6.09 -20.93
CA ALA E 250 -22.18 -7.23 -21.53
C ALA E 250 -21.19 -8.33 -21.85
N GLY E 251 -20.01 -7.97 -22.37
CA GLY E 251 -19.03 -8.99 -22.66
C GLY E 251 -18.52 -9.63 -21.38
N LEU E 252 -18.57 -8.91 -20.26
CA LEU E 252 -18.10 -9.43 -18.98
C LEU E 252 -19.19 -10.27 -18.31
N GLY E 253 -20.37 -10.31 -18.91
CA GLY E 253 -21.47 -11.06 -18.32
C GLY E 253 -22.08 -10.27 -17.16
N LEU E 254 -21.91 -8.95 -17.11
CA LEU E 254 -22.42 -8.16 -16.01
C LEU E 254 -23.63 -7.39 -16.50
N ASP E 255 -24.61 -7.30 -15.65
CA ASP E 255 -25.87 -6.68 -15.98
C ASP E 255 -25.78 -5.26 -15.43
N ALA E 256 -25.81 -4.28 -16.31
CA ALA E 256 -25.70 -2.87 -15.95
C ALA E 256 -26.64 -2.49 -14.82
N ALA E 257 -27.79 -3.16 -14.77
CA ALA E 257 -28.91 -2.83 -13.89
C ALA E 257 -28.50 -2.99 -12.43
N GLU E 258 -27.54 -3.88 -12.18
CA GLU E 258 -27.05 -4.20 -10.87
C GLU E 258 -25.76 -3.48 -10.50
N LEU E 259 -25.21 -2.59 -11.35
CA LEU E 259 -23.93 -1.94 -11.08
C LEU E 259 -24.18 -0.49 -10.71
N PRO E 260 -23.27 0.18 -9.98
CA PRO E 260 -23.40 1.62 -9.79
C PRO E 260 -23.26 2.33 -11.12
N PRO E 261 -23.71 3.57 -11.31
CA PRO E 261 -23.52 4.24 -12.60
C PRO E 261 -22.03 4.47 -12.96
N GLN E 262 -21.74 4.54 -14.26
CA GLN E 262 -20.36 4.54 -14.72
C GLN E 262 -19.53 5.69 -14.11
N ASN E 263 -20.15 6.87 -13.93
CA ASN E 263 -19.47 8.08 -13.53
C ASN E 263 -19.98 8.58 -12.19
N ASP E 264 -20.57 7.71 -11.36
CA ASP E 264 -20.73 8.01 -9.93
C ASP E 264 -19.42 7.69 -9.21
N ARG E 265 -18.61 8.72 -9.00
CA ARG E 265 -17.27 8.53 -8.48
C ARG E 265 -17.31 8.01 -7.05
N ALA E 266 -18.35 8.36 -6.29
CA ALA E 266 -18.42 7.96 -4.90
C ALA E 266 -18.39 6.44 -4.83
N ARG E 267 -18.86 5.79 -5.92
CA ARG E 267 -19.07 4.35 -5.95
C ARG E 267 -18.06 3.66 -6.85
N TRP E 268 -17.05 4.40 -7.31
CA TRP E 268 -16.00 3.82 -8.09
C TRP E 268 -15.34 2.65 -7.38
N PRO E 269 -15.02 2.68 -6.06
CA PRO E 269 -14.41 1.50 -5.45
C PRO E 269 -15.30 0.26 -5.58
N GLU E 270 -16.61 0.45 -5.37
CA GLU E 270 -17.58 -0.64 -5.54
C GLU E 270 -17.60 -1.14 -6.99
N LEU E 271 -17.67 -0.22 -7.97
CA LEU E 271 -17.61 -0.61 -9.37
C LEU E 271 -16.32 -1.37 -9.70
N ARG E 272 -15.18 -0.85 -9.24
CA ARG E 272 -13.89 -1.47 -9.50
C ARG E 272 -13.87 -2.91 -8.99
N ALA E 273 -14.45 -3.14 -7.79
CA ALA E 273 -14.44 -4.48 -7.22
C ALA E 273 -15.21 -5.46 -8.13
N LEU E 274 -16.34 -5.05 -8.69
CA LEU E 274 -17.13 -5.94 -9.54
C LEU E 274 -16.39 -6.23 -10.84
N LEU E 275 -15.74 -5.22 -11.44
CA LEU E 275 -14.94 -5.42 -12.65
C LEU E 275 -13.74 -6.32 -12.36
N THR E 276 -13.07 -6.09 -11.24
CA THR E 276 -11.91 -6.87 -10.87
C THR E 276 -12.28 -8.35 -10.84
N GLU E 277 -13.39 -8.70 -10.17
CA GLU E 277 -13.79 -10.09 -10.04
C GLU E 277 -14.13 -10.70 -11.41
N ALA E 278 -14.81 -9.95 -12.28
CA ALA E 278 -15.11 -10.43 -13.62
C ALA E 278 -13.85 -10.67 -14.43
N PHE E 279 -12.89 -9.72 -14.45
CA PHE E 279 -11.74 -9.92 -15.30
C PHE E 279 -10.89 -11.06 -14.75
N ALA E 280 -10.93 -11.26 -13.42
CA ALA E 280 -10.08 -12.27 -12.81
C ALA E 280 -10.57 -13.69 -13.13
N SER E 281 -11.79 -13.82 -13.67
CA SER E 281 -12.41 -15.11 -13.84
C SER E 281 -12.00 -15.78 -15.16
N HIS E 282 -11.38 -15.07 -16.09
CA HIS E 282 -10.79 -15.70 -17.26
C HIS E 282 -9.40 -15.12 -17.55
N ASP E 283 -8.67 -15.77 -18.43
CA ASP E 283 -7.30 -15.41 -18.74
C ASP E 283 -7.26 -14.33 -19.83
N ARG E 284 -6.07 -13.72 -20.04
CA ARG E 284 -5.98 -12.52 -20.86
C ARG E 284 -6.44 -12.81 -22.29
N ASP E 285 -5.98 -13.93 -22.84
CA ASP E 285 -6.26 -14.28 -24.22
C ASP E 285 -7.75 -14.52 -24.44
N HIS E 286 -8.41 -15.17 -23.47
CA HIS E 286 -9.86 -15.29 -23.52
C HIS E 286 -10.52 -13.92 -23.76
N TRP E 287 -10.13 -12.92 -22.97
CA TRP E 287 -10.76 -11.61 -23.09
C TRP E 287 -10.43 -10.98 -24.43
N GLY E 288 -9.24 -11.29 -24.96
CA GLY E 288 -8.75 -10.84 -26.25
C GLY E 288 -9.66 -11.27 -27.39
N ALA E 289 -10.01 -12.56 -27.39
CA ALA E 289 -10.95 -13.22 -28.31
C ALA E 289 -12.34 -12.62 -28.23
N VAL E 290 -12.94 -12.73 -27.05
CA VAL E 290 -14.28 -12.26 -26.75
C VAL E 290 -14.49 -10.82 -27.22
N PHE E 291 -13.48 -9.96 -27.04
CA PHE E 291 -13.65 -8.54 -27.38
C PHE E 291 -13.06 -8.18 -28.75
N ALA E 292 -12.45 -9.15 -29.46
CA ALA E 292 -12.04 -8.95 -30.85
C ALA E 292 -13.22 -8.47 -31.69
N ASN E 293 -12.97 -7.40 -32.45
CA ASN E 293 -13.95 -6.76 -33.32
C ASN E 293 -15.00 -5.98 -32.53
N SER E 294 -14.83 -5.74 -31.23
CA SER E 294 -15.83 -4.96 -30.48
C SER E 294 -15.35 -3.54 -30.23
N ASP E 295 -16.31 -2.69 -29.87
CA ASP E 295 -16.02 -1.36 -29.41
C ASP E 295 -15.93 -1.28 -27.88
N ALA E 296 -15.67 -2.43 -27.25
CA ALA E 296 -15.63 -2.48 -25.79
C ALA E 296 -14.40 -1.76 -25.21
N CYS E 297 -13.37 -1.52 -26.04
CA CYS E 297 -12.14 -0.83 -25.63
C CYS E 297 -11.41 -1.67 -24.59
N VAL E 298 -11.31 -2.98 -24.85
CA VAL E 298 -10.60 -3.90 -23.99
C VAL E 298 -9.57 -4.56 -24.87
N THR E 299 -8.28 -4.45 -24.50
CA THR E 299 -7.18 -5.01 -25.27
C THR E 299 -6.24 -5.76 -24.33
N PRO E 300 -5.53 -6.77 -24.83
CA PRO E 300 -4.53 -7.42 -24.02
C PRO E 300 -3.32 -6.52 -23.86
N VAL E 301 -2.72 -6.59 -22.66
CA VAL E 301 -1.50 -5.85 -22.39
C VAL E 301 -0.34 -6.76 -22.72
N LEU E 302 0.29 -6.55 -23.88
CA LEU E 302 1.40 -7.39 -24.34
C LEU E 302 2.73 -6.83 -23.85
N ALA E 303 3.59 -7.77 -23.44
CA ALA E 303 5.00 -7.54 -23.17
C ALA E 303 5.75 -7.41 -24.49
N PHE E 304 6.84 -6.62 -24.49
CA PHE E 304 7.65 -6.43 -25.68
C PHE E 304 7.82 -7.75 -26.43
N GLY E 305 8.25 -8.79 -25.74
CA GLY E 305 8.61 -10.07 -26.37
C GLY E 305 7.44 -10.76 -27.09
N GLU E 306 6.20 -10.37 -26.77
CA GLU E 306 5.01 -10.97 -27.35
C GLU E 306 4.48 -10.16 -28.54
N VAL E 307 4.96 -8.93 -28.74
CA VAL E 307 4.33 -8.01 -29.67
C VAL E 307 4.45 -8.53 -31.11
N HIS E 308 5.57 -9.22 -31.41
CA HIS E 308 5.86 -9.76 -32.73
C HIS E 308 4.81 -10.80 -33.15
N ASN E 309 4.13 -11.43 -32.17
CA ASN E 309 3.12 -12.44 -32.45
C ASN E 309 1.70 -11.89 -32.56
N GLU E 310 1.49 -10.57 -32.53
CA GLU E 310 0.13 -10.06 -32.50
C GLU E 310 -0.32 -9.74 -33.93
N PRO E 311 -1.44 -10.32 -34.43
CA PRO E 311 -1.85 -10.15 -35.82
C PRO E 311 -1.87 -8.72 -36.32
N HIS E 312 -2.46 -7.78 -35.56
CA HIS E 312 -2.55 -6.41 -36.05
C HIS E 312 -1.16 -5.75 -36.21
N ILE E 313 -0.21 -6.15 -35.36
CA ILE E 313 1.15 -5.64 -35.45
C ILE E 313 1.80 -6.23 -36.70
N ILE E 314 1.56 -7.51 -36.94
CA ILE E 314 2.30 -8.23 -37.97
C ILE E 314 1.91 -7.67 -39.33
N GLU E 315 0.61 -7.45 -39.52
CA GLU E 315 0.06 -7.22 -40.84
C GLU E 315 0.18 -5.75 -41.23
N ARG E 316 0.53 -4.88 -40.27
CA ARG E 316 0.80 -3.51 -40.65
C ARG E 316 2.32 -3.24 -40.72
N ASN E 317 3.17 -4.25 -40.49
CA ASN E 317 4.62 -4.09 -40.49
C ASN E 317 5.00 -2.90 -39.61
N THR E 318 4.51 -2.89 -38.37
CA THR E 318 4.81 -1.79 -37.48
C THR E 318 6.27 -1.94 -37.07
N PHE E 319 6.78 -3.20 -37.08
CA PHE E 319 8.17 -3.51 -36.78
C PHE E 319 8.86 -4.19 -37.98
N TYR E 320 10.19 -4.17 -37.97
CA TYR E 320 11.02 -4.96 -38.87
C TYR E 320 12.06 -5.66 -38.01
N GLU E 321 12.62 -6.76 -38.48
CA GLU E 321 13.66 -7.45 -37.74
C GLU E 321 15.02 -6.83 -38.03
N ALA E 322 15.93 -6.84 -37.05
CA ALA E 322 17.28 -6.34 -37.28
C ALA E 322 18.18 -6.76 -36.13
N ASN E 323 19.23 -7.51 -36.44
CA ASN E 323 20.24 -7.82 -35.44
C ASN E 323 19.59 -8.38 -34.18
N GLY E 324 19.09 -9.63 -34.28
CA GLY E 324 18.45 -10.32 -33.17
C GLY E 324 17.59 -9.37 -32.32
N GLY E 325 16.66 -8.68 -32.98
CA GLY E 325 15.70 -7.86 -32.26
C GLY E 325 14.84 -7.04 -33.21
N TRP E 326 13.51 -7.11 -33.01
CA TRP E 326 12.58 -6.22 -33.68
C TRP E 326 12.84 -4.75 -33.31
N GLN E 327 12.57 -3.87 -34.27
CA GLN E 327 12.71 -2.44 -34.13
C GLN E 327 11.50 -1.83 -34.81
N PRO E 328 11.02 -0.65 -34.38
CA PRO E 328 9.91 -0.02 -35.04
C PRO E 328 10.29 0.59 -36.37
N MET E 329 9.39 0.42 -37.33
CA MET E 329 9.51 1.02 -38.63
C MET E 329 9.20 2.49 -38.48
N PRO E 330 9.62 3.33 -39.44
CA PRO E 330 9.37 4.75 -39.40
C PRO E 330 7.92 5.12 -39.20
N ALA E 331 7.69 6.31 -38.66
CA ALA E 331 6.36 6.80 -38.45
C ALA E 331 6.40 8.31 -38.62
N PRO E 332 5.34 9.00 -39.08
CA PRO E 332 4.15 8.34 -39.61
C PRO E 332 4.44 7.79 -41.02
N ARG E 333 3.39 7.52 -41.79
CA ARG E 333 3.53 6.91 -43.10
C ARG E 333 3.03 7.87 -44.17
N PHE E 334 3.61 7.74 -45.38
CA PHE E 334 3.35 8.67 -46.48
C PHE E 334 2.89 7.89 -47.73
N SER E 335 1.81 8.37 -48.35
CA SER E 335 1.20 7.74 -49.52
C SER E 335 2.13 7.83 -50.72
N ARG E 336 2.57 9.05 -51.06
CA ARG E 336 3.40 9.25 -52.25
C ARG E 336 4.88 8.98 -51.98
N THR E 337 5.53 9.72 -51.06
CA THR E 337 6.96 9.56 -50.81
C THR E 337 7.20 8.71 -49.57
N ALA E 338 7.11 7.39 -49.73
CA ALA E 338 7.04 6.53 -48.57
C ALA E 338 8.44 6.39 -47.96
N SER E 339 8.52 6.30 -46.63
CA SER E 339 9.79 5.93 -46.01
C SER E 339 10.22 4.56 -46.49
N SER E 340 11.44 4.16 -46.15
CA SER E 340 11.94 2.85 -46.45
C SER E 340 12.57 2.28 -45.18
N GLN E 341 12.98 1.02 -45.26
CA GLN E 341 13.47 0.36 -44.07
C GLN E 341 14.75 1.02 -43.57
N PRO E 342 14.86 1.35 -42.26
CA PRO E 342 16.09 1.93 -41.73
C PRO E 342 17.35 1.12 -42.04
N ARG E 343 18.42 1.87 -42.33
CA ARG E 343 19.76 1.33 -42.52
C ARG E 343 20.42 1.26 -41.15
N PRO E 344 21.07 0.11 -40.85
CA PRO E 344 21.86 -0.03 -39.63
C PRO E 344 22.96 1.01 -39.49
N PRO E 345 23.42 1.35 -38.26
CA PRO E 345 24.61 2.20 -38.14
C PRO E 345 25.81 1.59 -38.85
N ALA E 346 26.52 2.42 -39.64
CA ALA E 346 27.67 1.97 -40.40
C ALA E 346 28.92 2.12 -39.53
N ALA E 347 30.09 1.84 -40.10
CA ALA E 347 31.36 2.27 -39.54
C ALA E 347 31.58 3.74 -39.92
N THR E 348 32.48 4.40 -39.19
CA THR E 348 32.89 5.77 -39.49
C THR E 348 33.34 5.87 -40.96
N ILE E 349 32.45 6.36 -41.83
CA ILE E 349 32.84 7.26 -42.89
C ILE E 349 33.59 8.43 -42.22
N ASP E 350 34.74 8.87 -42.76
CA ASP E 350 35.44 10.02 -42.21
C ASP E 350 35.17 11.27 -43.06
N ILE E 351 35.42 12.44 -42.47
CA ILE E 351 34.59 13.62 -42.66
C ILE E 351 34.83 14.31 -44.00
N GLU E 352 35.97 14.07 -44.65
CA GLU E 352 36.33 14.71 -45.91
C GLU E 352 35.48 14.11 -47.03
N ALA E 353 35.20 12.80 -46.90
CA ALA E 353 34.42 12.01 -47.85
C ALA E 353 32.98 12.53 -47.98
N VAL E 354 32.45 13.05 -46.86
CA VAL E 354 31.10 13.59 -46.84
C VAL E 354 31.07 14.95 -47.54
N LEU E 355 32.11 15.77 -47.27
CA LEU E 355 32.26 17.08 -47.90
C LEU E 355 32.33 16.94 -49.42
N THR E 356 33.05 15.90 -49.89
CA THR E 356 33.05 15.47 -51.28
C THR E 356 31.61 15.25 -51.73
N ASP E 357 30.92 14.28 -51.10
CA ASP E 357 29.55 13.96 -51.46
C ASP E 357 28.70 15.23 -51.54
N TRP E 358 28.82 16.14 -50.56
CA TRP E 358 27.96 17.31 -50.52
C TRP E 358 28.48 18.45 -51.42
N ASP E 359 29.41 18.12 -52.35
CA ASP E 359 30.14 19.10 -53.14
C ASP E 359 30.95 19.99 -52.21
N MET F 1 -0.53 37.24 -37.76
CA MET F 1 -0.36 36.02 -36.92
C MET F 1 1.13 35.72 -36.70
N ALA F 2 1.56 35.78 -35.42
CA ALA F 2 2.96 35.55 -35.06
C ALA F 2 3.35 34.06 -35.14
N GLY F 3 4.58 33.81 -35.56
CA GLY F 3 5.14 32.48 -35.49
C GLY F 3 5.50 31.91 -36.84
N PRO F 4 6.33 30.85 -36.86
CA PRO F 4 6.94 30.36 -38.08
C PRO F 4 6.00 29.75 -39.10
N LEU F 5 4.80 29.37 -38.66
CA LEU F 5 3.84 28.72 -39.55
C LEU F 5 2.81 29.74 -40.05
N SER F 6 3.05 31.02 -39.78
CA SER F 6 2.25 32.12 -40.32
C SER F 6 2.05 31.88 -41.81
N GLY F 7 0.77 31.98 -42.22
CA GLY F 7 0.35 31.80 -43.60
C GLY F 7 -0.04 30.37 -43.94
N LEU F 8 0.19 29.42 -43.04
CA LEU F 8 -0.29 28.06 -43.26
C LEU F 8 -1.76 28.03 -42.88
N ARG F 9 -2.58 27.38 -43.73
CA ARG F 9 -4.02 27.29 -43.54
C ARG F 9 -4.43 25.87 -43.23
N VAL F 10 -5.21 25.69 -42.15
CA VAL F 10 -5.49 24.33 -41.72
C VAL F 10 -6.98 24.12 -41.53
N VAL F 11 -7.43 23.01 -42.10
CA VAL F 11 -8.81 22.55 -41.90
C VAL F 11 -8.80 21.30 -41.03
N GLU F 12 -9.49 21.43 -39.89
CA GLU F 12 -9.57 20.36 -38.92
C GLU F 12 -11.02 19.89 -38.80
N LEU F 13 -11.25 18.63 -39.15
CA LEU F 13 -12.54 18.01 -38.85
C LEU F 13 -12.58 17.58 -37.38
N ALA F 14 -13.40 18.29 -36.58
CA ALA F 14 -13.52 18.11 -35.13
C ALA F 14 -13.51 16.64 -34.70
N GLY F 15 -12.55 16.34 -33.82
CA GLY F 15 -12.34 15.03 -33.23
C GLY F 15 -12.02 15.17 -31.74
N ILE F 16 -11.40 14.12 -31.20
CA ILE F 16 -10.96 14.12 -29.80
C ILE F 16 -9.55 13.59 -29.77
N GLY F 17 -8.79 14.05 -28.76
CA GLY F 17 -7.48 13.48 -28.50
C GLY F 17 -6.40 14.11 -29.37
N PRO F 18 -5.71 13.31 -30.20
CA PRO F 18 -4.53 13.77 -30.92
C PRO F 18 -4.83 14.83 -31.96
N GLY F 19 -5.89 14.59 -32.74
CA GLY F 19 -6.32 15.52 -33.77
C GLY F 19 -6.37 16.95 -33.27
N PRO F 20 -7.18 17.27 -32.26
CA PRO F 20 -7.20 18.62 -31.73
C PRO F 20 -5.89 19.14 -31.11
N HIS F 21 -5.03 18.22 -30.69
CA HIS F 21 -3.79 18.65 -30.04
C HIS F 21 -2.83 19.10 -31.13
N ALA F 22 -2.71 18.32 -32.21
CA ALA F 22 -1.91 18.71 -33.38
C ALA F 22 -2.41 20.02 -33.97
N ALA F 23 -3.71 20.17 -34.08
CA ALA F 23 -4.25 21.41 -34.61
C ALA F 23 -3.91 22.57 -33.68
N MET F 24 -3.95 22.32 -32.38
CA MET F 24 -3.68 23.38 -31.44
C MET F 24 -2.25 23.90 -31.67
N ILE F 25 -1.33 22.97 -31.81
CA ILE F 25 0.07 23.35 -31.90
C ILE F 25 0.31 24.12 -33.20
N LEU F 26 -0.23 23.64 -34.34
CA LEU F 26 -0.19 24.38 -35.60
C LEU F 26 -0.63 25.83 -35.39
N GLY F 27 -1.77 26.03 -34.73
CA GLY F 27 -2.23 27.36 -34.33
C GLY F 27 -1.27 28.11 -33.39
N ASP F 28 -0.83 27.44 -32.32
CA ASP F 28 0.21 27.99 -31.45
C ASP F 28 1.34 28.65 -32.25
N LEU F 29 1.86 27.96 -33.28
CA LEU F 29 3.02 28.39 -34.08
C LEU F 29 2.66 29.33 -35.25
N GLY F 30 1.39 29.81 -35.33
CA GLY F 30 1.02 30.89 -36.24
C GLY F 30 0.09 30.49 -37.40
N ALA F 31 -0.10 29.19 -37.64
CA ALA F 31 -1.09 28.72 -38.59
C ALA F 31 -2.49 29.26 -38.30
N ASP F 32 -3.23 29.35 -39.41
CA ASP F 32 -4.62 29.75 -39.51
C ASP F 32 -5.46 28.47 -39.53
N VAL F 33 -6.15 28.21 -38.41
CA VAL F 33 -6.74 26.90 -38.18
C VAL F 33 -8.25 27.08 -38.09
N VAL F 34 -8.93 26.31 -38.95
CA VAL F 34 -10.39 26.36 -38.98
C VAL F 34 -10.94 24.95 -38.73
N ARG F 35 -11.75 24.91 -37.67
CA ARG F 35 -12.26 23.67 -37.13
C ARG F 35 -13.74 23.56 -37.48
N ILE F 36 -14.05 22.58 -38.30
CA ILE F 36 -15.42 22.24 -38.67
C ILE F 36 -15.96 21.21 -37.67
N ASP F 37 -16.82 21.66 -36.75
CA ASP F 37 -17.58 20.74 -35.90
C ASP F 37 -18.93 20.39 -36.54
N ARG F 38 -19.67 19.44 -35.95
CA ARG F 38 -21.08 19.26 -36.29
C ARG F 38 -21.89 20.24 -35.44
N PRO F 39 -23.02 20.83 -35.93
CA PRO F 39 -23.73 21.86 -35.16
C PRO F 39 -24.43 21.34 -33.91
N SER F 40 -24.75 20.03 -33.91
CA SER F 40 -25.40 19.37 -32.78
C SER F 40 -24.58 19.57 -31.52
N SER F 41 -23.27 19.32 -31.58
CA SER F 41 -22.43 19.51 -30.41
C SER F 41 -21.57 20.76 -30.60
N VAL F 42 -22.14 21.96 -30.42
CA VAL F 42 -21.36 23.21 -30.33
C VAL F 42 -21.90 24.03 -29.15
N ASP F 43 -22.76 25.02 -29.40
CA ASP F 43 -23.30 25.84 -28.33
C ASP F 43 -22.14 26.32 -27.41
N ILE F 45 -19.21 29.33 -27.25
CA ILE F 45 -17.78 29.55 -26.84
C ILE F 45 -17.34 28.35 -25.99
N SER F 46 -16.32 27.61 -26.47
CA SER F 46 -15.81 26.43 -25.78
C SER F 46 -15.02 26.83 -24.53
N ARG F 47 -15.11 25.98 -23.49
CA ARG F 47 -14.31 26.14 -22.29
C ARG F 47 -13.17 25.12 -22.27
N ASP F 48 -13.01 24.36 -23.37
CA ASP F 48 -11.82 23.55 -23.61
C ASP F 48 -10.71 24.44 -24.19
N ALA F 49 -9.69 24.74 -23.38
CA ALA F 49 -8.56 25.58 -23.78
C ALA F 49 -7.66 24.92 -24.84
N MET F 50 -7.82 23.61 -25.12
CA MET F 50 -7.16 22.95 -26.26
C MET F 50 -7.64 23.46 -27.63
N LEU F 51 -8.79 24.17 -27.66
CA LEU F 51 -9.37 24.80 -28.85
C LEU F 51 -8.94 26.25 -28.98
N ARG F 52 -7.81 26.61 -28.34
CA ARG F 52 -7.20 27.91 -28.53
C ARG F 52 -6.61 28.02 -29.94
N ASN F 53 -6.38 29.25 -30.40
CA ASN F 53 -5.80 29.52 -31.72
C ASN F 53 -6.63 28.88 -32.84
N ARG F 54 -7.95 29.06 -32.75
CA ARG F 54 -8.90 28.43 -33.66
C ARG F 54 -9.93 29.45 -34.11
N ARG F 55 -10.42 29.24 -35.34
CA ARG F 55 -11.77 29.64 -35.68
C ARG F 55 -12.64 28.38 -35.78
N ILE F 56 -13.82 28.44 -35.15
CA ILE F 56 -14.76 27.33 -35.13
C ILE F 56 -15.93 27.64 -36.07
N VAL F 57 -16.18 26.77 -37.05
CA VAL F 57 -17.43 26.80 -37.78
C VAL F 57 -18.16 25.46 -37.66
N THR F 58 -19.46 25.42 -38.00
CA THR F 58 -20.28 24.21 -37.91
C THR F 58 -20.82 23.83 -39.30
N ALA F 59 -21.20 22.56 -39.50
CA ALA F 59 -21.60 22.09 -40.82
C ALA F 59 -21.99 20.61 -40.83
N ASP F 60 -23.20 20.32 -41.30
CA ASP F 60 -23.62 18.94 -41.40
C ASP F 60 -23.07 18.34 -42.69
N LEU F 61 -22.07 17.48 -42.55
CA LEU F 61 -21.32 16.94 -43.68
C LEU F 61 -22.08 15.80 -44.33
N LYS F 62 -23.16 15.39 -43.70
CA LYS F 62 -24.06 14.42 -44.29
C LYS F 62 -24.89 15.13 -45.38
N SER F 63 -25.25 16.41 -45.13
CA SER F 63 -26.05 17.20 -46.04
C SER F 63 -25.30 17.53 -47.35
N ASP F 64 -26.08 17.96 -48.35
CA ASP F 64 -25.55 18.34 -49.64
C ASP F 64 -24.74 19.64 -49.48
N GLN F 65 -25.28 20.59 -48.70
CA GLN F 65 -24.66 21.89 -48.59
C GLN F 65 -23.39 21.84 -47.74
N GLY F 66 -23.45 21.17 -46.57
CA GLY F 66 -22.29 21.08 -45.69
C GLY F 66 -21.09 20.51 -46.44
N LEU F 67 -21.30 19.38 -47.15
CA LEU F 67 -20.22 18.78 -47.91
C LEU F 67 -19.58 19.81 -48.86
N GLU F 68 -20.43 20.63 -49.46
CA GLU F 68 -19.97 21.59 -50.45
C GLU F 68 -19.11 22.67 -49.80
N LEU F 69 -19.61 23.34 -48.75
CA LEU F 69 -18.84 24.38 -48.06
C LEU F 69 -17.49 23.84 -47.54
N ALA F 70 -17.47 22.71 -46.85
CA ALA F 70 -16.23 22.08 -46.44
C ALA F 70 -15.27 21.81 -47.60
N LEU F 71 -15.80 21.37 -48.77
CA LEU F 71 -14.95 21.03 -49.89
C LEU F 71 -14.31 22.28 -50.48
N LYS F 72 -14.98 23.43 -50.29
CA LYS F 72 -14.45 24.72 -50.73
C LYS F 72 -13.37 25.20 -49.78
N LEU F 73 -13.58 25.07 -48.46
CA LEU F 73 -12.56 25.43 -47.50
C LEU F 73 -11.29 24.64 -47.80
N ILE F 74 -11.48 23.35 -48.05
CA ILE F 74 -10.36 22.45 -48.26
C ILE F 74 -9.61 22.83 -49.54
N ALA F 75 -10.35 23.44 -50.49
CA ALA F 75 -9.78 23.84 -51.75
C ALA F 75 -8.82 25.03 -51.56
N LYS F 76 -9.07 25.89 -50.56
CA LYS F 76 -8.24 27.04 -50.26
C LYS F 76 -7.16 26.75 -49.22
N ALA F 77 -7.05 25.50 -48.73
CA ALA F 77 -6.26 25.23 -47.53
C ALA F 77 -5.07 24.36 -47.88
N ASP F 78 -4.08 24.30 -46.98
CA ASP F 78 -2.86 23.53 -47.17
C ASP F 78 -2.93 22.17 -46.50
N VAL F 79 -3.63 22.16 -45.36
CA VAL F 79 -3.66 20.97 -44.53
C VAL F 79 -5.10 20.62 -44.15
N LEU F 80 -5.39 19.32 -44.27
CA LEU F 80 -6.60 18.79 -43.65
C LEU F 80 -6.24 17.78 -42.56
N ILE F 81 -6.89 17.94 -41.40
CA ILE F 81 -6.78 16.98 -40.30
C ILE F 81 -8.14 16.33 -40.03
N GLU F 82 -8.13 15.00 -40.02
CA GLU F 82 -9.28 14.23 -39.56
C GLU F 82 -8.79 13.07 -38.69
N GLY F 83 -9.57 12.75 -37.64
CA GLY F 83 -9.27 11.61 -36.78
C GLY F 83 -10.48 10.73 -36.45
N TYR F 84 -11.22 10.32 -37.49
CA TYR F 84 -12.35 9.41 -37.37
C TYR F 84 -11.84 8.07 -37.84
N ARG F 85 -12.69 7.03 -37.75
CA ARG F 85 -12.27 5.68 -38.12
C ARG F 85 -11.93 5.65 -39.61
N PRO F 86 -11.07 4.74 -40.08
CA PRO F 86 -10.95 4.59 -41.52
C PRO F 86 -12.30 4.29 -42.20
N GLY F 87 -12.51 4.92 -43.37
CA GLY F 87 -13.71 4.73 -44.16
C GLY F 87 -14.68 5.88 -43.94
N VAL F 88 -14.52 6.63 -42.84
CA VAL F 88 -15.52 7.61 -42.50
C VAL F 88 -15.52 8.74 -43.52
N THR F 89 -14.34 9.35 -43.77
CA THR F 89 -14.30 10.56 -44.61
C THR F 89 -14.66 10.16 -46.04
N GLU F 90 -14.16 9.03 -46.52
CA GLU F 90 -14.58 8.47 -47.78
C GLU F 90 -16.11 8.56 -47.93
N ARG F 91 -16.86 8.07 -46.92
CA ARG F 91 -18.31 7.95 -46.97
C ARG F 91 -18.97 9.30 -46.92
N LEU F 92 -18.30 10.30 -46.34
CA LEU F 92 -18.86 11.64 -46.39
C LEU F 92 -18.48 12.33 -47.70
N GLY F 93 -17.62 11.65 -48.52
CA GLY F 93 -17.06 12.19 -49.76
C GLY F 93 -16.03 13.32 -49.53
N LEU F 94 -15.33 13.28 -48.38
CA LEU F 94 -14.18 14.13 -48.07
C LEU F 94 -12.97 13.21 -47.93
N GLY F 95 -13.01 12.05 -48.58
CA GLY F 95 -11.85 11.16 -48.65
C GLY F 95 -10.63 11.90 -49.21
N PRO F 96 -9.46 11.23 -49.28
CA PRO F 96 -8.30 11.81 -49.95
C PRO F 96 -8.59 12.12 -51.43
N GLU F 97 -9.26 11.17 -52.10
CA GLU F 97 -9.48 11.27 -53.54
C GLU F 97 -10.45 12.39 -53.88
N GLU F 98 -11.52 12.53 -53.10
CA GLU F 98 -12.42 13.65 -53.34
C GLU F 98 -11.73 14.98 -53.05
N CYS F 99 -10.74 14.94 -52.14
CA CYS F 99 -10.03 16.15 -51.74
C CYS F 99 -8.97 16.45 -52.80
N ALA F 100 -8.24 15.42 -53.24
CA ALA F 100 -7.26 15.51 -54.30
C ALA F 100 -7.85 16.08 -55.60
N LYS F 101 -9.17 15.96 -55.77
CA LYS F 101 -9.82 16.46 -56.96
C LYS F 101 -10.00 17.97 -56.88
N VAL F 102 -10.13 18.56 -55.69
CA VAL F 102 -10.29 20.01 -55.63
C VAL F 102 -9.00 20.70 -55.16
N ASN F 103 -7.91 19.95 -54.93
CA ASN F 103 -6.72 20.51 -54.31
C ASN F 103 -5.65 19.43 -54.23
N ASP F 104 -4.81 19.34 -55.26
CA ASP F 104 -3.78 18.33 -55.29
C ASP F 104 -2.55 18.77 -54.48
N ARG F 105 -2.64 19.92 -53.79
CA ARG F 105 -1.53 20.40 -52.98
C ARG F 105 -1.77 20.10 -51.50
N LEU F 106 -2.90 19.44 -51.21
CA LEU F 106 -3.38 19.28 -49.86
C LEU F 106 -2.52 18.27 -49.13
N ILE F 107 -2.15 18.61 -47.88
CA ILE F 107 -1.67 17.60 -46.95
C ILE F 107 -2.86 17.04 -46.18
N TYR F 108 -3.12 15.75 -46.42
CA TYR F 108 -4.32 15.08 -45.96
C TYR F 108 -3.92 14.24 -44.74
N ALA F 109 -4.20 14.77 -43.55
CA ALA F 109 -3.56 14.20 -42.36
C ALA F 109 -4.57 13.33 -41.60
N ARG F 110 -4.29 12.02 -41.57
CA ARG F 110 -5.17 11.02 -40.99
C ARG F 110 -4.61 10.46 -39.65
N MET F 111 -5.34 10.76 -38.57
CA MET F 111 -4.94 10.49 -37.19
C MET F 111 -5.79 9.36 -36.61
N THR F 112 -5.23 8.16 -36.52
CA THR F 112 -5.95 7.07 -35.89
C THR F 112 -5.08 6.46 -34.80
N GLY F 113 -5.66 5.49 -34.07
CA GLY F 113 -4.91 4.68 -33.13
C GLY F 113 -4.35 3.43 -33.80
N TRP F 114 -5.20 2.69 -34.53
CA TRP F 114 -4.79 1.40 -35.07
C TRP F 114 -4.27 1.52 -36.52
N GLY F 115 -4.51 2.65 -37.20
CA GLY F 115 -4.12 2.74 -38.60
C GLY F 115 -5.29 2.62 -39.58
N GLN F 116 -4.96 2.54 -40.88
CA GLN F 116 -5.98 2.60 -41.91
C GLN F 116 -6.44 1.20 -42.25
N THR F 117 -5.63 0.16 -41.99
CA THR F 117 -5.98 -1.21 -42.36
C THR F 117 -5.61 -2.16 -41.23
N GLY F 118 -6.03 -3.43 -41.36
CA GLY F 118 -5.66 -4.50 -40.44
C GLY F 118 -6.82 -4.87 -39.53
N PRO F 119 -6.70 -5.98 -38.78
CA PRO F 119 -7.83 -6.55 -38.03
C PRO F 119 -8.47 -5.65 -36.97
N ARG F 120 -7.70 -4.70 -36.40
CA ARG F 120 -8.21 -3.83 -35.35
C ARG F 120 -8.62 -2.47 -35.88
N SER F 121 -8.57 -2.26 -37.20
CA SER F 121 -8.66 -0.92 -37.76
C SER F 121 -10.01 -0.29 -37.51
N GLN F 122 -11.01 -1.12 -37.18
CA GLN F 122 -12.35 -0.57 -36.94
C GLN F 122 -12.76 -0.60 -35.46
N GLN F 123 -11.94 -1.16 -34.56
CA GLN F 123 -12.26 -1.09 -33.14
C GLN F 123 -12.12 0.33 -32.57
N ALA F 124 -13.13 0.78 -31.83
CA ALA F 124 -12.95 1.92 -30.96
C ALA F 124 -11.80 1.70 -29.96
N GLY F 125 -11.30 2.82 -29.42
CA GLY F 125 -10.05 2.78 -28.71
C GLY F 125 -9.75 4.13 -28.07
N HIS F 126 -8.94 4.04 -26.99
CA HIS F 126 -8.33 5.21 -26.40
C HIS F 126 -6.85 4.89 -26.17
N ASP F 127 -6.10 5.93 -25.77
CA ASP F 127 -4.65 5.84 -25.56
C ASP F 127 -4.27 4.54 -24.88
N ILE F 128 -4.90 4.23 -23.73
CA ILE F 128 -4.52 3.06 -22.96
C ILE F 128 -4.56 1.79 -23.83
N ASN F 129 -5.51 1.74 -24.78
CA ASN F 129 -5.61 0.59 -25.69
C ASN F 129 -4.43 0.50 -26.68
N TYR F 130 -4.10 1.65 -27.30
CA TYR F 130 -3.09 1.68 -28.35
C TYR F 130 -1.73 1.31 -27.75
N ILE F 131 -1.42 1.80 -26.55
CA ILE F 131 -0.14 1.47 -25.91
C ILE F 131 -0.12 0.11 -25.24
N SER F 132 -1.27 -0.56 -25.08
CA SER F 132 -1.29 -1.90 -24.51
C SER F 132 -0.75 -2.91 -25.50
N LEU F 133 -0.98 -2.69 -26.81
CA LEU F 133 -0.66 -3.68 -27.83
C LEU F 133 0.83 -3.75 -28.18
N ASN F 134 1.57 -2.66 -27.96
CA ASN F 134 2.92 -2.56 -28.49
C ASN F 134 3.99 -2.59 -27.39
N GLY F 135 3.62 -3.10 -26.19
CA GLY F 135 4.59 -3.37 -25.14
C GLY F 135 4.80 -2.20 -24.18
N ILE F 136 4.27 -1.03 -24.51
CA ILE F 136 4.56 0.17 -23.73
C ILE F 136 3.89 0.10 -22.35
N LEU F 137 2.58 -0.12 -22.33
CA LEU F 137 1.84 -0.06 -21.08
C LEU F 137 2.41 -1.07 -20.08
N HIS F 138 2.69 -2.28 -20.57
CA HIS F 138 3.23 -3.33 -19.74
C HIS F 138 4.52 -2.91 -19.02
N ALA F 139 5.29 -1.98 -19.59
CA ALA F 139 6.58 -1.60 -19.03
C ALA F 139 6.47 -0.48 -17.97
N ILE F 140 5.25 0.02 -17.72
CA ILE F 140 5.08 1.18 -16.85
C ILE F 140 4.40 0.82 -15.53
N GLY F 141 5.07 1.16 -14.42
CA GLY F 141 4.53 0.97 -13.08
C GLY F 141 5.49 0.16 -12.21
N ARG F 142 5.13 -0.01 -10.93
CA ARG F 142 5.93 -0.81 -10.02
C ARG F 142 5.79 -2.27 -10.42
N GLY F 143 6.79 -3.09 -10.05
CA GLY F 143 6.87 -4.48 -10.50
C GLY F 143 5.89 -5.39 -9.76
N ASP F 144 5.45 -4.97 -8.59
CA ASP F 144 4.62 -5.83 -7.77
C ASP F 144 3.14 -5.50 -8.01
N GLU F 145 2.86 -4.69 -9.04
CA GLU F 145 1.53 -4.13 -9.24
C GLU F 145 1.19 -4.23 -10.73
N ARG F 146 -0.08 -4.02 -11.04
CA ARG F 146 -0.53 -4.03 -12.41
C ARG F 146 -0.11 -2.72 -13.09
N PRO F 147 0.08 -2.76 -14.41
CA PRO F 147 0.54 -1.59 -15.14
C PRO F 147 -0.30 -0.37 -14.85
N VAL F 148 0.38 0.78 -14.85
CA VAL F 148 -0.33 2.01 -14.59
C VAL F 148 -0.25 2.89 -15.84
N PRO F 149 -1.37 3.47 -16.29
CA PRO F 149 -1.35 4.32 -17.47
C PRO F 149 -0.61 5.63 -17.22
N PRO F 150 0.33 6.04 -18.09
CA PRO F 150 0.98 7.33 -17.97
C PRO F 150 0.11 8.45 -18.52
N LEU F 151 -1.00 8.66 -17.84
CA LEU F 151 -2.09 9.48 -18.36
C LEU F 151 -2.32 9.09 -19.82
N ASN F 152 -2.71 10.05 -20.65
CA ASN F 152 -2.82 9.80 -22.06
C ASN F 152 -1.66 10.46 -22.80
N LEU F 153 -0.45 10.38 -22.25
CA LEU F 153 0.63 11.22 -22.77
C LEU F 153 1.36 10.51 -23.90
N VAL F 154 1.39 9.17 -23.88
CA VAL F 154 2.29 8.45 -24.75
C VAL F 154 1.61 8.10 -26.07
N GLY F 155 0.32 7.75 -26.00
CA GLY F 155 -0.38 7.29 -27.19
C GLY F 155 -1.00 8.48 -27.94
N ASP F 156 -1.84 9.25 -27.26
CA ASP F 156 -2.48 10.40 -27.86
C ASP F 156 -1.49 11.48 -28.29
N PHE F 157 -0.53 11.85 -27.41
CA PHE F 157 0.22 13.08 -27.63
C PHE F 157 1.61 12.75 -28.16
N GLY F 158 2.47 12.19 -27.31
CA GLY F 158 3.83 11.87 -27.70
C GLY F 158 3.89 11.01 -28.96
N GLY F 159 3.03 9.99 -29.03
CA GLY F 159 3.10 8.96 -30.06
C GLY F 159 2.01 9.16 -31.11
N GLY F 160 1.29 10.28 -30.99
CA GLY F 160 0.03 10.49 -31.68
C GLY F 160 0.05 11.80 -32.46
N SER F 161 -0.43 12.87 -31.81
CA SER F 161 -0.40 14.21 -32.35
C SER F 161 0.98 14.59 -32.85
N MET F 162 2.03 14.34 -32.06
CA MET F 162 3.33 14.87 -32.40
C MET F 162 3.82 14.26 -33.72
N PHE F 163 3.51 12.98 -33.95
CA PHE F 163 3.92 12.31 -35.17
C PHE F 163 3.03 12.74 -36.34
N LEU F 164 1.77 13.08 -36.06
CA LEU F 164 0.94 13.69 -37.07
C LEU F 164 1.63 14.99 -37.54
N LEU F 165 2.04 15.83 -36.57
CA LEU F 165 2.67 17.12 -36.83
C LEU F 165 3.94 17.01 -37.67
N VAL F 166 4.83 16.09 -37.29
CA VAL F 166 6.01 15.77 -38.04
C VAL F 166 5.63 15.39 -39.46
N GLY F 167 4.56 14.60 -39.63
CA GLY F 167 4.19 14.11 -40.95
C GLY F 167 3.69 15.25 -41.84
N ILE F 168 2.82 16.07 -41.27
CA ILE F 168 2.31 17.26 -41.92
C ILE F 168 3.47 18.14 -42.36
N LEU F 169 4.32 18.54 -41.41
CA LEU F 169 5.40 19.46 -41.67
C LEU F 169 6.43 18.82 -42.61
N ALA F 170 6.73 17.53 -42.48
CA ALA F 170 7.63 16.86 -43.41
C ALA F 170 7.04 16.81 -44.82
N ALA F 171 5.71 16.69 -44.92
CA ALA F 171 5.07 16.62 -46.22
C ALA F 171 5.04 18.00 -46.88
N LEU F 172 4.91 19.06 -46.08
CA LEU F 172 4.98 20.43 -46.58
C LEU F 172 6.36 20.73 -47.15
N TRP F 173 7.41 20.08 -46.61
CA TRP F 173 8.76 20.25 -47.12
C TRP F 173 8.88 19.57 -48.47
N GLU F 174 8.34 18.35 -48.56
CA GLU F 174 8.41 17.61 -49.80
C GLU F 174 7.62 18.38 -50.88
N ARG F 175 6.44 18.86 -50.52
CA ARG F 175 5.60 19.64 -51.43
C ARG F 175 6.34 20.81 -52.08
N GLN F 176 7.29 21.44 -51.38
CA GLN F 176 7.97 22.60 -51.92
C GLN F 176 8.81 22.21 -53.15
N SER F 177 9.15 20.92 -53.32
CA SER F 177 9.87 20.49 -54.49
C SER F 177 9.11 19.45 -55.34
N SER F 178 7.81 19.21 -55.10
CA SER F 178 7.05 18.29 -55.94
C SER F 178 5.81 18.99 -56.49
N GLY F 179 5.41 20.10 -55.87
CA GLY F 179 4.16 20.77 -56.20
C GLY F 179 2.92 20.08 -55.61
N LYS F 180 3.10 18.88 -55.04
CA LYS F 180 2.00 17.96 -54.74
C LYS F 180 1.85 17.70 -53.23
N GLY F 181 0.58 17.71 -52.78
CA GLY F 181 0.18 17.16 -51.50
C GLY F 181 0.39 15.65 -51.44
N GLN F 182 -0.14 15.04 -50.36
CA GLN F 182 -0.21 13.58 -50.20
C GLN F 182 -0.90 13.27 -48.86
N VAL F 183 -0.96 11.96 -48.56
CA VAL F 183 -1.65 11.44 -47.37
C VAL F 183 -0.60 11.07 -46.31
N VAL F 184 -0.82 11.63 -45.12
CA VAL F 184 -0.10 11.21 -43.92
C VAL F 184 -0.98 10.29 -43.08
N ASP F 185 -0.53 9.05 -42.93
CA ASP F 185 -1.18 8.06 -42.08
C ASP F 185 -0.41 7.96 -40.75
N ALA F 186 -0.88 8.70 -39.73
CA ALA F 186 -0.34 8.62 -38.37
C ALA F 186 -1.20 7.71 -37.49
N ALA F 187 -0.65 6.55 -37.13
CA ALA F 187 -1.29 5.66 -36.16
C ALA F 187 -0.54 5.70 -34.83
N MET F 188 -1.31 5.96 -33.75
CA MET F 188 -0.74 5.99 -32.40
C MET F 188 0.02 4.72 -32.06
N VAL F 189 -0.35 3.57 -32.61
CA VAL F 189 0.38 2.35 -32.29
C VAL F 189 1.77 2.38 -32.94
N ASP F 190 1.89 3.13 -34.04
CA ASP F 190 3.17 3.26 -34.73
C ASP F 190 4.03 4.36 -34.09
N GLY F 191 3.44 5.56 -33.99
CA GLY F 191 4.11 6.70 -33.39
C GLY F 191 4.70 6.36 -32.02
N SER F 192 3.89 5.71 -31.16
CA SER F 192 4.32 5.43 -29.79
C SER F 192 5.44 4.39 -29.80
N SER F 193 5.44 3.50 -30.80
CA SER F 193 6.51 2.51 -30.92
C SER F 193 7.83 3.19 -31.30
N VAL F 194 7.75 4.21 -32.16
CA VAL F 194 8.97 4.92 -32.52
C VAL F 194 9.43 5.76 -31.32
N LEU F 195 8.48 6.32 -30.56
CA LEU F 195 8.76 7.07 -29.35
C LEU F 195 9.60 6.24 -28.40
N ILE F 196 9.39 4.93 -28.36
CA ILE F 196 10.06 4.05 -27.42
C ILE F 196 11.13 3.23 -28.12
N GLN F 197 11.68 3.74 -29.22
CA GLN F 197 12.67 2.98 -29.96
C GLN F 197 13.86 2.67 -29.05
N MET F 198 14.15 3.60 -28.13
CA MET F 198 15.29 3.35 -27.25
C MET F 198 15.18 1.99 -26.55
N MET F 199 13.98 1.68 -26.02
CA MET F 199 13.81 0.45 -25.26
C MET F 199 13.93 -0.75 -26.21
N TRP F 200 13.43 -0.63 -27.45
CA TRP F 200 13.61 -1.72 -28.41
C TRP F 200 15.09 -1.97 -28.70
N ALA F 201 15.88 -0.90 -28.82
CA ALA F 201 17.32 -1.00 -29.02
C ALA F 201 18.03 -1.58 -27.81
N MET F 202 17.71 -1.09 -26.62
CA MET F 202 18.32 -1.62 -25.40
C MET F 202 17.96 -3.09 -25.21
N ARG F 203 16.74 -3.51 -25.60
CA ARG F 203 16.35 -4.92 -25.48
C ARG F 203 17.25 -5.78 -26.38
N ALA F 204 17.52 -5.31 -27.59
CA ALA F 204 18.36 -6.02 -28.56
C ALA F 204 19.74 -6.31 -27.99
N THR F 205 20.28 -5.41 -27.14
CA THR F 205 21.63 -5.55 -26.62
C THR F 205 21.61 -6.08 -25.20
N GLY F 206 20.46 -6.51 -24.68
CA GLY F 206 20.39 -7.01 -23.31
C GLY F 206 20.43 -5.94 -22.21
N MET F 207 20.23 -4.65 -22.52
CA MET F 207 20.22 -3.65 -21.46
C MET F 207 18.79 -3.23 -21.09
N TRP F 208 17.79 -4.03 -21.48
CA TRP F 208 16.42 -3.78 -21.04
C TRP F 208 15.69 -5.10 -20.98
N THR F 209 15.02 -5.41 -19.86
CA THR F 209 14.24 -6.65 -19.78
C THR F 209 12.75 -6.31 -19.74
N ASP F 210 11.95 -7.32 -20.04
CA ASP F 210 10.51 -7.21 -20.06
C ASP F 210 9.92 -7.18 -18.65
N THR F 211 10.71 -7.45 -17.61
CA THR F 211 10.22 -7.35 -16.24
C THR F 211 9.98 -5.88 -15.91
N ARG F 212 8.75 -5.60 -15.44
CA ARG F 212 8.35 -4.28 -15.02
C ARG F 212 9.04 -3.91 -13.71
N GLY F 213 9.50 -2.66 -13.60
CA GLY F 213 10.08 -2.16 -12.37
C GLY F 213 11.48 -2.68 -12.10
N ALA F 214 12.16 -3.23 -13.13
CA ALA F 214 13.49 -3.82 -12.98
C ALA F 214 14.52 -3.23 -13.94
N ASN F 215 14.38 -2.01 -14.44
CA ASN F 215 15.33 -1.51 -15.43
C ASN F 215 15.83 -0.15 -14.98
N MET F 216 16.73 0.45 -15.78
CA MET F 216 17.41 1.66 -15.37
C MET F 216 16.45 2.83 -15.31
N LEU F 217 15.43 2.87 -16.20
CA LEU F 217 14.63 4.07 -16.35
C LEU F 217 13.15 3.89 -15.99
N ASP F 218 12.79 2.75 -15.39
CA ASP F 218 11.39 2.46 -15.10
C ASP F 218 11.09 2.59 -13.61
N GLY F 219 12.06 3.02 -12.81
CA GLY F 219 11.90 3.07 -11.36
C GLY F 219 12.66 1.97 -10.64
N GLY F 220 13.17 0.97 -11.36
CA GLY F 220 13.94 -0.08 -10.70
C GLY F 220 15.32 0.34 -10.20
N ALA F 221 15.96 1.35 -10.81
CA ALA F 221 17.26 1.82 -10.33
C ALA F 221 17.06 2.76 -9.16
N PRO F 222 17.73 2.59 -8.00
CA PRO F 222 17.57 3.51 -6.88
C PRO F 222 17.96 4.96 -7.13
N TYR F 223 18.83 5.15 -8.12
CA TYR F 223 19.25 6.49 -8.52
C TYR F 223 18.37 7.09 -9.63
N TYR F 224 17.32 6.39 -10.12
CA TYR F 224 16.36 6.98 -11.07
C TYR F 224 14.93 6.65 -10.61
N ASP F 225 14.36 7.47 -9.70
CA ASP F 225 13.08 7.18 -9.09
C ASP F 225 12.67 8.37 -8.23
N THR F 226 11.44 8.34 -7.70
CA THR F 226 10.98 9.31 -6.72
C THR F 226 11.25 8.76 -5.32
N TYR F 227 11.38 9.67 -4.35
CA TYR F 227 11.59 9.30 -2.95
C TYR F 227 10.65 10.16 -2.12
N GLU F 228 9.99 9.51 -1.14
CA GLU F 228 9.16 10.24 -0.22
C GLU F 228 10.00 10.91 0.86
N CYS F 229 9.63 12.17 1.14
CA CYS F 229 10.33 13.01 2.09
C CYS F 229 9.59 12.98 3.44
N ALA F 230 10.18 13.63 4.44
CA ALA F 230 9.65 13.63 5.80
C ALA F 230 8.25 14.24 5.82
N ASP F 231 7.96 15.22 4.96
CA ASP F 231 6.63 15.83 4.93
C ASP F 231 5.64 15.05 4.06
N GLY F 232 5.96 13.87 3.52
CA GLY F 232 5.05 13.16 2.63
C GLY F 232 4.99 13.70 1.19
N ARG F 233 5.83 14.70 0.84
CA ARG F 233 5.99 15.15 -0.54
C ARG F 233 7.17 14.40 -1.13
N TYR F 234 7.56 14.71 -2.36
CA TYR F 234 8.48 13.83 -3.08
C TYR F 234 9.55 14.62 -3.80
N VAL F 235 10.71 13.97 -3.96
CA VAL F 235 11.76 14.47 -4.81
C VAL F 235 11.99 13.42 -5.86
N ALA F 236 12.49 13.89 -7.01
CA ALA F 236 12.88 12.99 -8.07
C ALA F 236 14.39 12.97 -8.13
N VAL F 237 14.94 11.76 -8.30
CA VAL F 237 16.35 11.58 -8.47
C VAL F 237 16.62 10.97 -9.84
N GLY F 238 17.59 11.56 -10.56
CA GLY F 238 17.93 11.10 -11.89
C GLY F 238 19.42 11.07 -12.11
N ALA F 239 20.17 10.64 -11.09
CA ALA F 239 21.61 10.78 -11.07
C ALA F 239 22.26 9.58 -11.69
N ILE F 240 22.11 9.49 -13.01
CA ILE F 240 22.61 8.32 -13.74
C ILE F 240 24.14 8.33 -13.81
N GLU F 241 24.70 9.48 -14.19
CA GLU F 241 26.14 9.62 -14.34
C GLU F 241 26.81 9.53 -12.96
N PRO F 242 27.91 8.75 -12.86
CA PRO F 242 28.59 8.54 -11.58
C PRO F 242 28.89 9.84 -10.84
N GLN F 243 29.35 10.85 -11.59
CA GLN F 243 29.76 12.09 -10.97
C GLN F 243 28.56 12.78 -10.36
N PHE F 244 27.39 12.71 -11.02
CA PHE F 244 26.21 13.36 -10.47
C PHE F 244 25.71 12.52 -9.29
N TYR F 245 25.75 11.20 -9.43
CA TYR F 245 25.44 10.32 -8.32
C TYR F 245 26.27 10.67 -7.07
N ALA F 246 27.55 10.98 -7.25
CA ALA F 246 28.42 11.27 -6.12
C ALA F 246 27.97 12.58 -5.48
N ALA F 247 27.56 13.56 -6.30
CA ALA F 247 27.11 14.85 -5.74
C ALA F 247 25.84 14.64 -4.92
N MET F 248 25.02 13.70 -5.38
CA MET F 248 23.77 13.40 -4.71
C MET F 248 24.06 12.80 -3.34
N LEU F 249 24.93 11.79 -3.27
CA LEU F 249 25.30 11.20 -1.97
C LEU F 249 25.80 12.26 -0.97
N ALA F 250 26.66 13.16 -1.46
CA ALA F 250 27.27 14.15 -0.59
C ALA F 250 26.21 15.04 0.02
N GLY F 251 25.23 15.46 -0.79
CA GLY F 251 24.14 16.28 -0.26
C GLY F 251 23.24 15.50 0.70
N LEU F 252 23.14 14.16 0.52
CA LEU F 252 22.33 13.33 1.42
C LEU F 252 23.06 13.17 2.73
N GLY F 253 24.38 13.33 2.71
CA GLY F 253 25.13 13.12 3.94
C GLY F 253 25.52 11.67 4.10
N LEU F 254 25.44 10.89 3.01
CA LEU F 254 25.88 9.51 3.01
C LEU F 254 27.30 9.39 2.47
N ASP F 255 28.08 8.57 3.16
CA ASP F 255 29.45 8.29 2.81
C ASP F 255 29.44 7.18 1.77
N ALA F 256 29.99 7.41 0.57
CA ALA F 256 29.98 6.41 -0.48
C ALA F 256 30.61 5.10 -0.03
N ALA F 257 31.60 5.15 0.89
CA ALA F 257 32.27 3.97 1.41
C ALA F 257 31.32 3.01 2.14
N GLU F 258 30.23 3.53 2.71
CA GLU F 258 29.28 2.71 3.45
C GLU F 258 28.25 2.04 2.53
N LEU F 259 28.26 2.34 1.22
CA LEU F 259 27.13 2.01 0.36
C LEU F 259 27.55 0.90 -0.60
N PRO F 260 26.63 0.06 -1.10
CA PRO F 260 26.94 -0.75 -2.27
C PRO F 260 27.29 0.13 -3.48
N PRO F 261 28.04 -0.39 -4.47
CA PRO F 261 28.28 0.38 -5.69
C PRO F 261 26.98 0.70 -6.44
N GLN F 262 26.98 1.85 -7.11
CA GLN F 262 25.82 2.43 -7.73
C GLN F 262 25.16 1.45 -8.68
N ASN F 263 25.97 0.73 -9.45
CA ASN F 263 25.42 -0.15 -10.44
C ASN F 263 25.70 -1.61 -10.10
N ASP F 264 25.85 -1.95 -8.82
CA ASP F 264 25.71 -3.35 -8.45
C ASP F 264 24.23 -3.68 -8.26
N ARG F 265 23.61 -4.23 -9.31
CA ARG F 265 22.18 -4.47 -9.35
C ARG F 265 21.78 -5.45 -8.27
N ALA F 266 22.63 -6.44 -7.98
CA ALA F 266 22.29 -7.45 -6.99
C ALA F 266 22.05 -6.81 -5.63
N ARG F 267 22.64 -5.64 -5.36
CA ARG F 267 22.53 -4.99 -4.06
C ARG F 267 21.71 -3.69 -4.08
N TRP F 268 20.98 -3.48 -5.18
CA TRP F 268 20.01 -2.41 -5.25
C TRP F 268 18.99 -2.48 -4.11
N PRO F 269 18.54 -3.65 -3.59
CA PRO F 269 17.68 -3.63 -2.40
C PRO F 269 18.28 -2.83 -1.25
N GLU F 270 19.57 -3.05 -0.96
CA GLU F 270 20.19 -2.41 0.19
C GLU F 270 20.37 -0.93 -0.13
N LEU F 271 20.83 -0.65 -1.36
CA LEU F 271 21.07 0.73 -1.75
C LEU F 271 19.77 1.53 -1.65
N ARG F 272 18.70 0.94 -2.18
CA ARG F 272 17.40 1.58 -2.13
C ARG F 272 17.00 1.88 -0.68
N ALA F 273 17.23 0.91 0.21
CA ALA F 273 16.85 1.13 1.61
C ALA F 273 17.65 2.30 2.21
N LEU F 274 18.93 2.39 1.88
CA LEU F 274 19.76 3.47 2.40
C LEU F 274 19.30 4.83 1.90
N LEU F 275 19.01 4.96 0.59
CA LEU F 275 18.57 6.25 0.06
C LEU F 275 17.19 6.62 0.59
N THR F 276 16.30 5.62 0.73
CA THR F 276 14.95 5.81 1.22
C THR F 276 15.00 6.44 2.62
N GLU F 277 15.81 5.88 3.53
CA GLU F 277 15.92 6.41 4.90
C GLU F 277 16.50 7.83 4.87
N ALA F 278 17.48 8.10 4.01
CA ALA F 278 18.07 9.42 3.96
C ALA F 278 17.07 10.47 3.47
N PHE F 279 16.43 10.24 2.31
CA PHE F 279 15.50 11.23 1.80
C PHE F 279 14.34 11.41 2.78
N ALA F 280 13.98 10.34 3.50
CA ALA F 280 12.81 10.41 4.39
C ALA F 280 13.13 11.23 5.65
N SER F 281 14.41 11.60 5.87
CA SER F 281 14.79 12.20 7.15
C SER F 281 14.65 13.73 7.11
N HIS F 282 14.28 14.29 5.97
CA HIS F 282 13.99 15.72 5.87
C HIS F 282 12.91 15.94 4.81
N ASP F 283 12.33 17.15 4.86
CA ASP F 283 11.21 17.51 4.02
C ASP F 283 11.72 17.94 2.63
N ARG F 284 10.78 18.13 1.70
CA ARG F 284 11.10 18.29 0.30
C ARG F 284 11.87 19.59 0.12
N ASP F 285 11.38 20.64 0.79
CA ASP F 285 12.01 21.95 0.76
C ASP F 285 13.45 21.85 1.20
N HIS F 286 13.72 21.08 2.26
CA HIS F 286 15.08 20.94 2.73
C HIS F 286 15.98 20.46 1.59
N TRP F 287 15.49 19.50 0.78
CA TRP F 287 16.30 18.93 -0.29
C TRP F 287 16.42 19.93 -1.45
N GLY F 288 15.35 20.71 -1.69
CA GLY F 288 15.45 21.86 -2.58
C GLY F 288 16.64 22.78 -2.25
N ALA F 289 16.78 23.16 -0.97
CA ALA F 289 17.88 23.99 -0.53
C ALA F 289 19.22 23.26 -0.66
N VAL F 290 19.32 22.03 -0.16
CA VAL F 290 20.58 21.31 -0.28
C VAL F 290 20.99 21.27 -1.75
N PHE F 291 20.07 20.96 -2.67
CA PHE F 291 20.55 20.57 -3.99
C PHE F 291 20.53 21.73 -4.97
N ALA F 292 19.68 22.74 -4.77
CA ALA F 292 19.49 23.75 -5.80
C ALA F 292 20.83 24.24 -6.32
N ASN F 293 20.81 24.49 -7.63
CA ASN F 293 21.97 24.88 -8.44
C ASN F 293 23.00 23.74 -8.53
N SER F 294 22.64 22.46 -8.31
CA SER F 294 23.67 21.42 -8.35
C SER F 294 23.43 20.39 -9.45
N ASP F 295 24.49 19.69 -9.84
CA ASP F 295 24.39 18.62 -10.79
C ASP F 295 23.99 17.29 -10.17
N ALA F 296 23.45 17.29 -8.96
CA ALA F 296 23.06 16.06 -8.30
C ALA F 296 21.83 15.40 -8.94
N CYS F 297 21.08 16.12 -9.81
CA CYS F 297 19.89 15.62 -10.48
C CYS F 297 18.79 15.20 -9.48
N VAL F 298 18.56 16.11 -8.54
CA VAL F 298 17.51 15.93 -7.56
C VAL F 298 16.61 17.14 -7.62
N THR F 299 15.33 16.96 -7.89
CA THR F 299 14.40 18.07 -8.02
C THR F 299 13.14 17.74 -7.22
N PRO F 300 12.43 18.76 -6.72
CA PRO F 300 11.12 18.55 -6.12
C PRO F 300 10.05 18.14 -7.13
N VAL F 301 9.17 17.21 -6.72
CA VAL F 301 8.06 16.78 -7.55
C VAL F 301 6.87 17.68 -7.23
N LEU F 302 6.71 18.74 -8.02
CA LEU F 302 5.69 19.71 -7.76
C LEU F 302 4.39 19.22 -8.39
N ALA F 303 3.31 19.44 -7.61
CA ALA F 303 1.93 19.30 -8.07
C ALA F 303 1.61 20.48 -8.98
N PHE F 304 0.66 20.31 -9.92
CA PHE F 304 0.29 21.36 -10.85
C PHE F 304 0.16 22.72 -10.13
N GLY F 305 -0.61 22.73 -9.05
CA GLY F 305 -0.97 23.97 -8.38
C GLY F 305 0.23 24.75 -7.84
N GLU F 306 1.39 24.12 -7.71
CA GLU F 306 2.58 24.75 -7.14
C GLU F 306 3.56 25.20 -8.22
N VAL F 307 3.35 24.74 -9.46
CA VAL F 307 4.29 25.01 -10.54
C VAL F 307 4.53 26.50 -10.75
N HIS F 308 3.45 27.29 -10.67
CA HIS F 308 3.49 28.73 -10.88
C HIS F 308 4.41 29.45 -9.87
N ASN F 309 4.81 28.81 -8.77
CA ASN F 309 5.68 29.46 -7.80
C ASN F 309 7.13 29.04 -7.98
N GLU F 310 7.46 28.31 -9.04
CA GLU F 310 8.83 27.85 -9.22
C GLU F 310 9.64 28.87 -10.02
N PRO F 311 10.75 29.39 -9.48
CA PRO F 311 11.52 30.46 -10.12
C PRO F 311 11.86 30.22 -11.58
N HIS F 312 12.40 29.04 -11.93
CA HIS F 312 12.83 28.77 -13.30
C HIS F 312 11.65 28.73 -14.28
N ILE F 313 10.47 28.32 -13.78
CA ILE F 313 9.23 28.29 -14.54
C ILE F 313 8.76 29.71 -14.84
N ILE F 314 8.62 30.51 -13.78
CA ILE F 314 8.25 31.93 -13.86
C ILE F 314 9.17 32.66 -14.84
N GLU F 315 10.47 32.59 -14.62
CA GLU F 315 11.41 33.40 -15.37
C GLU F 315 11.44 33.13 -16.87
N ARG F 316 11.16 31.90 -17.31
CA ARG F 316 11.18 31.57 -18.73
C ARG F 316 9.79 31.70 -19.35
N ASN F 317 8.78 32.13 -18.56
CA ASN F 317 7.42 32.27 -19.06
C ASN F 317 6.93 31.01 -19.76
N THR F 318 7.11 29.87 -19.08
CA THR F 318 6.67 28.59 -19.61
C THR F 318 5.13 28.60 -19.68
N PHE F 319 4.50 29.32 -18.74
CA PHE F 319 3.04 29.35 -18.61
C PHE F 319 2.58 30.80 -18.74
N TYR F 320 1.36 30.97 -19.26
CA TYR F 320 0.64 32.24 -19.22
C TYR F 320 -0.69 32.03 -18.47
N GLU F 321 -1.25 33.07 -17.90
CA GLU F 321 -2.51 32.91 -17.19
C GLU F 321 -3.66 33.22 -18.14
N ALA F 322 -4.43 32.20 -18.51
CA ALA F 322 -5.68 32.43 -19.22
C ALA F 322 -6.81 32.50 -18.20
N ASN F 323 -7.95 33.03 -18.63
CA ASN F 323 -9.23 32.44 -18.28
C ASN F 323 -9.23 32.09 -16.79
N GLY F 324 -9.18 30.79 -16.45
CA GLY F 324 -9.37 30.34 -15.09
C GLY F 324 -8.21 29.46 -14.62
N GLY F 325 -6.97 29.84 -14.97
CA GLY F 325 -5.78 29.11 -14.55
C GLY F 325 -4.68 29.19 -15.60
N TRP F 326 -3.49 28.71 -15.21
CA TRP F 326 -2.32 28.69 -16.06
C TRP F 326 -2.51 27.72 -17.23
N GLN F 327 -1.89 28.07 -18.36
CA GLN F 327 -1.87 27.24 -19.56
C GLN F 327 -0.46 27.32 -20.11
N PRO F 328 0.04 26.27 -20.77
CA PRO F 328 1.39 26.33 -21.30
C PRO F 328 1.49 27.25 -22.51
N MET F 329 2.54 28.09 -22.53
CA MET F 329 2.89 28.87 -23.71
C MET F 329 3.34 27.90 -24.80
N PRO F 330 3.31 28.31 -26.09
CA PRO F 330 3.76 27.47 -27.19
C PRO F 330 5.17 26.95 -27.01
N ALA F 331 5.40 25.79 -27.64
CA ALA F 331 6.73 25.22 -27.72
C ALA F 331 6.90 24.57 -29.10
N PRO F 332 8.14 24.48 -29.66
CA PRO F 332 9.32 25.12 -29.06
C PRO F 332 9.38 26.63 -29.35
N ARG F 333 10.54 27.23 -29.08
CA ARG F 333 10.69 28.68 -29.23
C ARG F 333 11.58 29.00 -30.42
N PHE F 334 11.31 30.16 -31.03
CA PHE F 334 11.96 30.55 -32.29
C PHE F 334 12.61 31.92 -32.08
N SER F 335 13.89 32.05 -32.45
CA SER F 335 14.62 33.32 -32.22
C SER F 335 14.05 34.49 -33.03
N ARG F 336 13.68 34.24 -34.30
CA ARG F 336 13.24 35.29 -35.20
C ARG F 336 11.72 35.40 -35.23
N THR F 337 11.00 34.38 -35.72
CA THR F 337 9.54 34.45 -35.78
C THR F 337 8.93 33.80 -34.54
N ALA F 338 8.92 34.54 -33.44
CA ALA F 338 8.49 34.00 -32.18
C ALA F 338 6.96 33.92 -32.17
N SER F 339 6.44 32.83 -31.58
CA SER F 339 5.02 32.66 -31.40
C SER F 339 4.56 33.72 -30.44
N SER F 340 3.26 33.97 -30.39
CA SER F 340 2.66 34.87 -29.42
C SER F 340 1.74 34.07 -28.49
N GLN F 341 1.26 34.76 -27.46
CA GLN F 341 0.37 34.17 -26.49
C GLN F 341 -0.85 33.64 -27.23
N PRO F 342 -1.29 32.38 -27.00
CA PRO F 342 -2.43 31.83 -27.73
C PRO F 342 -3.66 32.71 -27.55
N ARG F 343 -4.49 32.76 -28.60
CA ARG F 343 -5.78 33.43 -28.56
C ARG F 343 -6.83 32.46 -28.03
N PRO F 344 -7.72 32.92 -27.10
CA PRO F 344 -8.70 32.03 -26.48
C PRO F 344 -9.68 31.38 -27.45
N PRO F 345 -10.43 30.35 -26.99
CA PRO F 345 -11.47 29.78 -27.84
C PRO F 345 -12.43 30.88 -28.31
N ALA F 346 -12.55 31.02 -29.64
CA ALA F 346 -13.38 32.04 -30.25
C ALA F 346 -14.87 31.70 -30.08
N ALA F 347 -15.77 32.65 -30.36
CA ALA F 347 -17.15 32.31 -30.62
C ALA F 347 -17.26 31.80 -32.06
N THR F 348 -18.28 30.94 -32.30
CA THR F 348 -18.47 30.30 -33.60
C THR F 348 -18.65 31.38 -34.65
N ILE F 349 -18.25 31.09 -35.88
CA ILE F 349 -18.43 32.05 -36.96
C ILE F 349 -18.88 31.26 -38.19
N ASP F 350 -19.56 31.95 -39.14
CA ASP F 350 -20.12 31.30 -40.32
C ASP F 350 -18.99 30.91 -41.26
N ILE F 351 -19.13 29.75 -41.87
CA ILE F 351 -18.18 29.21 -42.82
C ILE F 351 -18.08 30.08 -44.08
N GLU F 352 -19.04 31.00 -44.26
CA GLU F 352 -19.11 31.89 -45.41
C GLU F 352 -18.10 33.00 -45.17
N ALA F 353 -18.19 33.68 -44.00
CA ALA F 353 -17.26 34.71 -43.57
C ALA F 353 -15.80 34.24 -43.71
N VAL F 354 -15.55 32.96 -43.39
CA VAL F 354 -14.21 32.38 -43.52
C VAL F 354 -13.84 32.30 -45.01
N LEU F 355 -14.74 31.78 -45.84
CA LEU F 355 -14.43 31.60 -47.27
C LEU F 355 -14.11 32.95 -47.93
N THR F 356 -14.69 34.06 -47.42
CA THR F 356 -14.41 35.43 -47.88
C THR F 356 -12.95 35.76 -47.59
N ASP F 357 -12.61 35.90 -46.30
CA ASP F 357 -11.25 36.03 -45.80
C ASP F 357 -10.22 35.36 -46.71
N TRP F 358 -10.42 34.07 -47.03
CA TRP F 358 -9.56 33.34 -47.95
C TRP F 358 -10.09 33.47 -49.39
N ASP F 359 -10.04 34.69 -49.98
CA ASP F 359 -10.59 34.90 -51.31
C ASP F 359 -9.52 34.61 -52.36
N MET G 1 52.07 7.08 21.93
CA MET G 1 51.75 8.35 21.21
C MET G 1 51.20 8.04 19.82
N ALA G 2 50.05 8.64 19.48
CA ALA G 2 49.33 8.34 18.24
C ALA G 2 49.99 9.03 17.05
N GLY G 3 50.00 8.31 15.91
CA GLY G 3 50.29 8.89 14.61
C GLY G 3 51.47 8.20 13.93
N PRO G 4 51.72 8.50 12.65
CA PRO G 4 52.70 7.75 11.89
C PRO G 4 54.13 8.00 12.32
N LEU G 5 54.34 9.05 13.13
CA LEU G 5 55.69 9.43 13.49
C LEU G 5 56.00 8.96 14.91
N SER G 6 55.05 8.26 15.53
CA SER G 6 55.23 7.54 16.79
C SER G 6 56.63 6.94 16.88
N GLY G 7 57.32 7.25 17.98
CA GLY G 7 58.68 6.79 18.20
C GLY G 7 59.76 7.62 17.51
N LEU G 8 59.41 8.68 16.76
CA LEU G 8 60.46 9.57 16.28
C LEU G 8 60.87 10.51 17.41
N ARG G 9 62.16 10.79 17.50
CA ARG G 9 62.68 11.63 18.58
C ARG G 9 63.38 12.87 18.01
N VAL G 10 62.95 14.00 18.56
CA VAL G 10 63.24 15.30 17.96
C VAL G 10 63.75 16.21 19.06
N VAL G 11 64.92 16.81 18.80
CA VAL G 11 65.40 17.84 19.72
C VAL G 11 65.26 19.20 19.03
N GLU G 12 64.56 20.12 19.72
CA GLU G 12 64.26 21.44 19.17
C GLU G 12 64.92 22.54 20.00
N LEU G 13 65.90 23.23 19.38
CA LEU G 13 66.49 24.43 19.94
C LEU G 13 65.55 25.63 19.72
N ALA G 14 64.91 26.08 20.80
CA ALA G 14 63.88 27.12 20.73
C ALA G 14 64.33 28.33 19.90
N GLY G 15 63.47 28.61 18.90
CA GLY G 15 63.56 29.78 18.03
C GLY G 15 62.19 30.39 17.86
N ILE G 16 62.02 31.13 16.74
CA ILE G 16 60.76 31.78 16.42
C ILE G 16 60.43 31.44 14.97
N GLY G 17 59.11 31.39 14.70
CA GLY G 17 58.66 31.27 13.32
C GLY G 17 58.64 29.83 12.83
N PRO G 18 59.44 29.50 11.80
CA PRO G 18 59.32 28.23 11.11
C PRO G 18 59.80 27.02 11.89
N GLY G 19 60.91 27.15 12.64
CA GLY G 19 61.43 26.06 13.44
C GLY G 19 60.36 25.50 14.37
N PRO G 20 59.73 26.33 15.21
CA PRO G 20 58.68 25.84 16.12
C PRO G 20 57.43 25.27 15.46
N HIS G 21 57.15 25.70 14.22
CA HIS G 21 55.98 25.22 13.51
C HIS G 21 56.27 23.81 12.98
N ALA G 22 57.45 23.63 12.38
CA ALA G 22 57.92 22.30 12.01
C ALA G 22 57.83 21.32 13.18
N ALA G 23 58.29 21.75 14.36
CA ALA G 23 58.39 20.86 15.49
C ALA G 23 56.99 20.53 15.98
N MET G 24 56.09 21.52 15.87
CA MET G 24 54.69 21.33 16.20
C MET G 24 54.11 20.19 15.35
N ILE G 25 54.34 20.23 14.03
CA ILE G 25 53.74 19.26 13.11
C ILE G 25 54.31 17.85 13.38
N LEU G 26 55.64 17.73 13.50
CA LEU G 26 56.25 16.47 13.91
C LEU G 26 55.56 15.92 15.16
N GLY G 27 55.44 16.72 16.21
CA GLY G 27 54.74 16.30 17.42
C GLY G 27 53.27 16.00 17.18
N ASP G 28 52.65 16.74 16.24
CA ASP G 28 51.26 16.57 15.90
C ASP G 28 51.01 15.14 15.40
N LEU G 29 51.95 14.65 14.57
CA LEU G 29 51.87 13.34 13.95
C LEU G 29 52.52 12.23 14.82
N GLY G 30 52.82 12.54 16.10
CA GLY G 30 53.20 11.54 17.10
C GLY G 30 54.70 11.46 17.44
N ALA G 31 55.54 12.34 16.90
CA ALA G 31 56.94 12.39 17.28
C ALA G 31 57.06 12.86 18.73
N ASP G 32 58.18 12.44 19.34
CA ASP G 32 58.60 12.80 20.68
C ASP G 32 59.56 13.99 20.59
N VAL G 33 59.03 15.15 20.98
CA VAL G 33 59.67 16.42 20.69
C VAL G 33 60.05 17.08 22.01
N VAL G 34 61.36 17.28 22.14
CA VAL G 34 61.88 17.92 23.34
C VAL G 34 62.45 19.26 22.93
N ARG G 35 61.83 20.31 23.48
CA ARG G 35 62.21 21.69 23.15
C ARG G 35 63.10 22.26 24.24
N ILE G 36 64.33 22.65 23.87
CA ILE G 36 65.29 23.23 24.79
C ILE G 36 65.22 24.75 24.67
N ASP G 37 64.61 25.42 25.67
CA ASP G 37 64.62 26.87 25.78
C ASP G 37 65.66 27.31 26.82
N ARG G 38 66.29 28.48 26.59
CA ARG G 38 67.10 29.15 27.62
C ARG G 38 66.23 29.48 28.84
N PRO G 39 66.78 29.47 30.08
CA PRO G 39 65.97 29.62 31.30
C PRO G 39 65.35 30.99 31.54
N SER G 40 66.00 32.04 31.01
CA SER G 40 65.51 33.41 31.11
C SER G 40 64.15 33.52 30.42
N SER G 41 63.98 32.79 29.30
CA SER G 41 62.74 32.78 28.55
C SER G 41 61.60 32.08 29.29
N VAL G 42 61.88 31.29 30.34
CA VAL G 42 60.92 30.28 30.81
C VAL G 42 59.75 30.93 31.57
N ASP G 43 59.79 30.99 32.91
CA ASP G 43 58.77 31.65 33.73
C ASP G 43 57.55 30.75 34.02
N GLY G 44 56.58 30.66 33.10
CA GLY G 44 55.31 29.99 33.36
C GLY G 44 55.03 28.85 32.37
N ILE G 45 53.85 28.21 32.51
CA ILE G 45 53.28 27.39 31.45
C ILE G 45 53.06 28.30 30.24
N SER G 46 53.45 27.83 29.04
CA SER G 46 53.37 28.64 27.83
C SER G 46 51.92 28.72 27.34
N ARG G 47 51.56 29.91 26.85
CA ARG G 47 50.22 30.21 26.35
C ARG G 47 50.22 30.18 24.82
N ASP G 48 51.39 29.92 24.19
CA ASP G 48 51.53 29.80 22.74
C ASP G 48 51.15 28.39 22.30
N ALA G 49 49.98 28.27 21.68
CA ALA G 49 49.49 26.99 21.20
C ALA G 49 50.34 26.47 20.02
N MET G 50 51.28 27.26 19.49
CA MET G 50 52.30 26.68 18.62
C MET G 50 53.23 25.70 19.35
N LEU G 51 53.25 25.77 20.70
CA LEU G 51 54.11 24.92 21.51
C LEU G 51 53.38 23.67 22.01
N ARG G 52 52.27 23.29 21.38
CA ARG G 52 51.58 22.03 21.71
C ARG G 52 52.45 20.82 21.31
N ASN G 53 52.08 19.65 21.84
CA ASN G 53 52.76 18.38 21.58
C ASN G 53 54.27 18.45 21.83
N ARG G 54 54.67 19.02 22.97
CA ARG G 54 56.09 19.16 23.31
C ARG G 54 56.36 18.71 24.75
N ARG G 55 57.65 18.54 25.07
CA ARG G 55 58.10 18.76 26.43
C ARG G 55 59.13 19.89 26.40
N ILE G 56 58.98 20.85 27.32
CA ILE G 56 59.91 21.97 27.37
C ILE G 56 60.97 21.73 28.43
N VAL G 57 62.24 21.97 28.07
CA VAL G 57 63.31 21.94 29.05
C VAL G 57 64.22 23.18 28.93
N THR G 58 64.78 23.54 30.08
CA THR G 58 65.54 24.75 30.35
C THR G 58 67.04 24.44 30.35
N ALA G 59 67.90 25.43 30.05
CA ALA G 59 69.31 25.11 29.96
C ALA G 59 70.12 26.20 29.25
N ASP G 60 71.23 26.59 29.87
CA ASP G 60 72.14 27.58 29.34
C ASP G 60 73.23 26.89 28.51
N LEU G 61 73.19 27.02 27.19
CA LEU G 61 74.10 26.28 26.32
C LEU G 61 75.47 26.96 26.25
N LYS G 62 75.60 28.12 26.91
CA LYS G 62 76.88 28.77 27.06
C LYS G 62 77.65 28.13 28.23
N SER G 63 76.92 27.64 29.25
CA SER G 63 77.49 26.89 30.35
C SER G 63 78.07 25.54 29.86
N ASP G 64 78.90 24.93 30.71
CA ASP G 64 79.54 23.65 30.39
C ASP G 64 78.56 22.51 30.64
N GLN G 65 77.69 22.69 31.65
CA GLN G 65 76.68 21.71 31.99
C GLN G 65 75.66 21.59 30.85
N GLY G 66 75.02 22.73 30.53
CA GLY G 66 74.04 22.80 29.47
C GLY G 66 74.56 22.15 28.18
N LEU G 67 75.75 22.56 27.72
CA LEU G 67 76.31 22.02 26.49
C LEU G 67 76.29 20.50 26.57
N GLU G 68 76.63 19.95 27.74
CA GLU G 68 76.81 18.51 27.89
C GLU G 68 75.46 17.81 28.04
N LEU G 69 74.54 18.34 28.87
CA LEU G 69 73.18 17.81 28.98
C LEU G 69 72.46 17.80 27.61
N ALA G 70 72.70 18.85 26.81
CA ALA G 70 72.07 19.01 25.50
C ALA G 70 72.64 17.99 24.52
N LEU G 71 73.95 17.74 24.64
CA LEU G 71 74.61 16.79 23.77
C LEU G 71 74.21 15.36 24.15
N LYS G 72 73.59 15.20 25.33
CA LYS G 72 73.12 13.90 25.78
C LYS G 72 71.74 13.62 25.17
N LEU G 73 70.86 14.63 25.15
CA LEU G 73 69.62 14.52 24.40
C LEU G 73 69.96 14.22 22.95
N ILE G 74 70.76 15.08 22.35
CA ILE G 74 71.02 14.97 20.93
C ILE G 74 71.58 13.59 20.59
N ALA G 75 72.16 12.90 21.59
CA ALA G 75 72.81 11.61 21.34
C ALA G 75 71.76 10.52 21.18
N LYS G 76 70.65 10.64 21.93
CA LYS G 76 69.56 9.67 21.91
C LYS G 76 68.42 10.07 20.97
N ALA G 77 68.65 10.91 19.96
CA ALA G 77 67.54 11.45 19.17
C ALA G 77 67.79 11.24 17.69
N ASP G 78 66.73 11.42 16.88
CA ASP G 78 66.80 11.22 15.43
C ASP G 78 67.05 12.52 14.69
N VAL G 79 66.47 13.58 15.27
CA VAL G 79 66.39 14.86 14.59
C VAL G 79 66.75 15.99 15.55
N LEU G 80 67.60 16.89 15.02
CA LEU G 80 67.80 18.20 15.62
C LEU G 80 67.34 19.32 14.68
N ILE G 81 66.60 20.25 15.31
CA ILE G 81 66.10 21.45 14.66
C ILE G 81 66.69 22.65 15.38
N GLU G 82 67.42 23.47 14.62
CA GLU G 82 67.76 24.80 15.10
C GLU G 82 67.38 25.86 14.06
N GLY G 83 66.93 27.03 14.51
CA GLY G 83 66.74 28.16 13.59
C GLY G 83 67.40 29.47 14.05
N TYR G 84 68.74 29.44 14.26
CA TYR G 84 69.53 30.59 14.67
C TYR G 84 70.34 31.01 13.46
N ARG G 85 71.02 32.17 13.54
CA ARG G 85 71.80 32.59 12.40
C ARG G 85 72.86 31.52 12.12
N PRO G 86 73.34 31.41 10.88
CA PRO G 86 74.43 30.49 10.60
C PRO G 86 75.64 30.85 11.45
N GLY G 87 76.27 29.81 11.97
CA GLY G 87 77.50 29.95 12.70
C GLY G 87 77.20 29.89 14.19
N VAL G 88 75.92 29.97 14.57
CA VAL G 88 75.63 30.07 15.99
C VAL G 88 75.89 28.73 16.69
N THR G 89 75.27 27.64 16.22
CA THR G 89 75.39 26.37 16.91
C THR G 89 76.86 25.94 16.89
N GLU G 90 77.57 26.12 15.76
CA GLU G 90 78.99 25.86 15.72
C GLU G 90 79.68 26.44 16.98
N ARG G 91 79.58 27.77 17.21
CA ARG G 91 80.17 28.43 18.38
C ARG G 91 79.58 27.96 19.71
N LEU G 92 78.37 27.40 19.75
CA LEU G 92 77.96 26.81 21.02
C LEU G 92 78.55 25.40 21.18
N GLY G 93 79.23 24.92 20.11
CA GLY G 93 79.64 23.52 19.93
C GLY G 93 78.50 22.48 19.86
N LEU G 94 77.30 22.91 19.39
CA LEU G 94 76.21 22.02 19.00
C LEU G 94 76.10 22.02 17.47
N GLY G 95 77.17 22.39 16.78
CA GLY G 95 77.23 22.39 15.34
C GLY G 95 77.10 20.98 14.78
N PRO G 96 76.89 20.79 13.46
CA PRO G 96 76.77 19.45 12.92
C PRO G 96 78.00 18.58 13.20
N GLU G 97 79.21 19.16 13.16
CA GLU G 97 80.46 18.43 13.36
C GLU G 97 80.50 17.80 14.74
N GLU G 98 80.21 18.59 15.76
CA GLU G 98 80.16 18.12 17.14
C GLU G 98 79.02 17.14 17.37
N CYS G 99 77.93 17.33 16.63
CA CYS G 99 76.73 16.53 16.85
C CYS G 99 76.97 15.14 16.24
N ALA G 100 77.67 15.09 15.10
CA ALA G 100 77.95 13.84 14.38
C ALA G 100 79.01 13.01 15.10
N LYS G 101 79.54 13.53 16.23
CA LYS G 101 80.49 12.78 17.03
C LYS G 101 79.76 11.96 18.07
N VAL G 102 78.61 12.41 18.57
CA VAL G 102 77.89 11.64 19.56
C VAL G 102 76.70 10.91 18.91
N ASN G 103 76.55 11.03 17.58
CA ASN G 103 75.38 10.53 16.88
C ASN G 103 75.56 10.75 15.38
N ASP G 104 76.14 9.77 14.67
CA ASP G 104 76.29 9.91 13.23
C ASP G 104 74.98 9.51 12.54
N ARG G 105 73.91 9.27 13.31
CA ARG G 105 72.62 8.93 12.73
C ARG G 105 71.71 10.16 12.60
N LEU G 106 72.18 11.31 13.10
CA LEU G 106 71.31 12.43 13.39
C LEU G 106 70.97 13.21 12.12
N ILE G 107 69.69 13.57 12.00
CA ILE G 107 69.31 14.54 10.99
C ILE G 107 69.42 15.92 11.62
N TYR G 108 70.36 16.70 11.10
CA TYR G 108 70.66 18.02 11.65
C TYR G 108 69.97 19.05 10.76
N ALA G 109 68.87 19.60 11.26
CA ALA G 109 67.98 20.37 10.40
C ALA G 109 68.14 21.85 10.70
N ARG G 110 68.69 22.61 9.75
CA ARG G 110 68.96 24.03 9.94
C ARG G 110 67.91 24.90 9.21
N MET G 111 67.16 25.69 9.99
CA MET G 111 66.04 26.52 9.50
C MET G 111 66.43 28.00 9.48
N THR G 112 66.70 28.53 8.30
CA THR G 112 66.97 29.96 8.20
C THR G 112 66.14 30.59 7.08
N GLY G 113 66.35 31.90 6.90
CA GLY G 113 65.70 32.67 5.85
C GLY G 113 66.61 32.79 4.64
N TRP G 114 67.85 33.19 4.92
CA TRP G 114 68.76 33.53 3.84
C TRP G 114 69.63 32.33 3.48
N GLY G 115 69.72 31.34 4.37
CA GLY G 115 70.59 30.22 4.07
C GLY G 115 71.86 30.24 4.92
N GLN G 116 72.80 29.34 4.60
CA GLN G 116 73.94 29.06 5.45
C GLN G 116 75.12 29.93 5.06
N THR G 117 75.17 30.38 3.80
CA THR G 117 76.24 31.24 3.32
C THR G 117 75.68 32.35 2.44
N GLY G 118 76.58 33.26 2.03
CA GLY G 118 76.29 34.31 1.07
C GLY G 118 76.12 35.65 1.76
N PRO G 119 76.05 36.75 0.99
CA PRO G 119 76.11 38.10 1.55
C PRO G 119 75.07 38.45 2.62
N ARG G 120 73.86 37.85 2.54
CA ARG G 120 72.77 38.23 3.45
C ARG G 120 72.69 37.26 4.61
N SER G 121 73.59 36.29 4.68
CA SER G 121 73.47 35.17 5.62
C SER G 121 73.50 35.59 7.09
N GLN G 122 73.99 36.80 7.41
CA GLN G 122 74.02 37.22 8.81
C GLN G 122 72.99 38.33 9.11
N GLN G 123 72.31 38.81 8.07
CA GLN G 123 71.23 39.76 8.25
C GLN G 123 70.03 39.17 9.02
N ALA G 124 69.61 39.85 10.07
CA ALA G 124 68.28 39.62 10.61
C ALA G 124 67.19 39.80 9.54
N GLY G 125 66.07 39.13 9.77
CA GLY G 125 64.98 39.21 8.82
C GLY G 125 63.74 38.53 9.39
N HIS G 126 62.60 38.82 8.76
CA HIS G 126 61.37 38.09 8.98
C HIS G 126 60.79 37.69 7.63
N ASP G 127 59.63 37.01 7.67
CA ASP G 127 58.95 36.52 6.46
C ASP G 127 59.00 37.56 5.33
N ILE G 128 58.55 38.80 5.59
CA ILE G 128 58.37 39.80 4.56
C ILE G 128 59.69 40.09 3.81
N ASN G 129 60.80 39.96 4.52
CA ASN G 129 62.11 40.19 3.92
C ASN G 129 62.48 39.06 2.95
N TYR G 130 62.30 37.82 3.40
CA TYR G 130 62.70 36.65 2.62
C TYR G 130 61.91 36.60 1.32
N ILE G 131 60.59 36.90 1.36
CA ILE G 131 59.80 36.89 0.14
C ILE G 131 59.96 38.16 -0.69
N SER G 132 60.58 39.23 -0.18
CA SER G 132 60.76 40.40 -1.02
C SER G 132 61.85 40.15 -2.07
N LEU G 133 62.80 39.30 -1.74
CA LEU G 133 64.01 39.14 -2.53
C LEU G 133 63.81 38.22 -3.74
N ASN G 134 62.77 37.35 -3.76
CA ASN G 134 62.70 36.32 -4.79
C ASN G 134 61.48 36.48 -5.69
N GLY G 135 60.92 37.70 -5.70
CA GLY G 135 59.82 38.05 -6.58
C GLY G 135 58.44 37.86 -5.95
N ILE G 136 58.35 37.14 -4.84
CA ILE G 136 57.04 36.73 -4.38
C ILE G 136 56.22 37.95 -3.93
N LEU G 137 56.82 38.76 -3.05
CA LEU G 137 56.09 39.85 -2.39
C LEU G 137 55.61 40.84 -3.44
N HIS G 138 56.46 41.09 -4.43
CA HIS G 138 56.11 42.00 -5.51
C HIS G 138 54.83 41.57 -6.26
N ALA G 139 54.55 40.26 -6.32
CA ALA G 139 53.44 39.72 -7.10
C ALA G 139 52.10 39.77 -6.37
N ILE G 140 52.10 40.15 -5.09
CA ILE G 140 50.93 40.04 -4.23
C ILE G 140 50.29 41.42 -4.01
N GLY G 141 48.98 41.53 -4.27
CA GLY G 141 48.23 42.73 -3.94
C GLY G 141 47.58 43.29 -5.19
N ARG G 142 46.86 44.42 -5.04
CA ARG G 142 46.24 45.10 -6.16
C ARG G 142 47.29 45.87 -6.96
N GLY G 143 47.03 46.07 -8.26
CA GLY G 143 48.04 46.64 -9.14
C GLY G 143 48.25 48.14 -8.86
N ASP G 144 47.22 48.79 -8.31
CA ASP G 144 47.22 50.23 -8.15
C ASP G 144 47.88 50.61 -6.83
N GLU G 145 48.54 49.66 -6.16
CA GLU G 145 48.86 49.81 -4.74
C GLU G 145 50.16 49.08 -4.44
N ARG G 146 50.73 49.38 -3.27
CA ARG G 146 51.96 48.75 -2.90
C ARG G 146 51.67 47.31 -2.49
N PRO G 147 52.68 46.42 -2.63
CA PRO G 147 52.53 45.02 -2.28
C PRO G 147 52.05 44.83 -0.85
N VAL G 148 51.22 43.81 -0.64
CA VAL G 148 50.69 43.53 0.67
C VAL G 148 51.23 42.18 1.11
N PRO G 149 51.69 42.08 2.37
CA PRO G 149 52.16 40.80 2.85
C PRO G 149 51.00 39.81 3.03
N PRO G 150 51.18 38.59 2.50
CA PRO G 150 50.23 37.51 2.78
C PRO G 150 50.48 36.85 4.13
N LEU G 151 50.22 37.63 5.19
CA LEU G 151 50.65 37.33 6.55
C LEU G 151 52.10 36.84 6.48
N ASN G 152 52.44 35.87 7.34
CA ASN G 152 53.74 35.19 7.27
C ASN G 152 53.58 33.73 6.79
N LEU G 153 52.66 33.52 5.84
CA LEU G 153 52.26 32.17 5.47
C LEU G 153 53.20 31.57 4.43
N VAL G 154 53.80 32.42 3.60
CA VAL G 154 54.48 31.95 2.41
C VAL G 154 55.95 31.70 2.73
N GLY G 155 56.56 32.60 3.49
CA GLY G 155 57.99 32.54 3.81
C GLY G 155 58.27 31.68 5.04
N ASP G 156 57.64 31.98 6.17
CA ASP G 156 57.86 31.21 7.38
C ASP G 156 57.34 29.78 7.23
N PHE G 157 56.10 29.62 6.76
CA PHE G 157 55.45 28.31 6.90
C PHE G 157 55.51 27.56 5.58
N GLY G 158 54.72 28.01 4.60
CA GLY G 158 54.66 27.33 3.31
C GLY G 158 56.04 27.06 2.72
N GLY G 159 56.92 28.04 2.78
CA GLY G 159 58.24 27.97 2.15
C GLY G 159 59.36 27.79 3.18
N GLY G 160 58.99 27.57 4.45
CA GLY G 160 59.90 27.51 5.56
C GLY G 160 59.79 26.19 6.34
N SER G 161 58.92 26.17 7.32
CA SER G 161 58.73 24.98 8.13
C SER G 161 58.41 23.78 7.23
N MET G 162 57.52 23.97 6.25
CA MET G 162 57.05 22.84 5.45
C MET G 162 58.21 22.20 4.70
N PHE G 163 59.14 22.98 4.12
CA PHE G 163 60.31 22.41 3.47
C PHE G 163 61.33 21.83 4.48
N LEU G 164 61.39 22.37 5.71
CA LEU G 164 62.21 21.76 6.72
C LEU G 164 61.69 20.34 6.94
N LEU G 165 60.37 20.23 7.09
CA LEU G 165 59.71 18.97 7.34
C LEU G 165 59.99 17.99 6.22
N VAL G 166 59.81 18.43 4.97
CA VAL G 166 60.08 17.58 3.83
C VAL G 166 61.51 17.07 3.91
N GLY G 167 62.45 17.97 4.22
CA GLY G 167 63.86 17.63 4.24
C GLY G 167 64.15 16.64 5.37
N ILE G 168 63.61 16.91 6.56
CA ILE G 168 63.78 16.02 7.70
C ILE G 168 63.26 14.63 7.30
N LEU G 169 62.00 14.59 6.85
CA LEU G 169 61.36 13.32 6.58
C LEU G 169 62.02 12.62 5.40
N ALA G 170 62.53 13.35 4.38
CA ALA G 170 63.24 12.75 3.27
C ALA G 170 64.59 12.16 3.68
N ALA G 171 65.25 12.80 4.65
CA ALA G 171 66.55 12.41 5.12
C ALA G 171 66.41 11.16 5.97
N LEU G 172 65.31 11.07 6.73
CA LEU G 172 65.00 9.89 7.53
C LEU G 172 64.80 8.67 6.62
N TRP G 173 64.19 8.88 5.46
CA TRP G 173 64.00 7.80 4.50
C TRP G 173 65.37 7.36 4.01
N GLU G 174 66.26 8.33 3.75
CA GLU G 174 67.54 8.05 3.10
C GLU G 174 68.38 7.24 4.10
N ARG G 175 68.14 7.54 5.37
CA ARG G 175 68.85 6.95 6.48
C ARG G 175 68.58 5.46 6.56
N GLN G 176 67.40 5.03 6.10
CA GLN G 176 67.01 3.63 6.15
C GLN G 176 67.95 2.79 5.28
N SER G 177 68.44 3.33 4.15
CA SER G 177 69.52 2.67 3.42
C SER G 177 70.86 2.90 4.12
N SER G 178 71.34 4.14 4.02
CA SER G 178 72.72 4.52 4.31
C SER G 178 73.16 4.16 5.73
N GLY G 179 72.28 4.28 6.74
CA GLY G 179 72.65 4.15 8.15
C GLY G 179 73.10 5.47 8.79
N LYS G 180 73.29 6.50 7.95
CA LYS G 180 73.91 7.77 8.31
C LYS G 180 72.92 8.93 8.22
N GLY G 181 72.99 9.84 9.20
CA GLY G 181 72.31 11.13 9.19
C GLY G 181 72.93 12.05 8.13
N GLN G 182 72.54 13.33 8.18
CA GLN G 182 73.14 14.37 7.37
C GLN G 182 72.52 15.72 7.75
N VAL G 183 72.95 16.78 7.06
CA VAL G 183 72.48 18.12 7.37
C VAL G 183 71.47 18.55 6.30
N VAL G 184 70.34 19.07 6.78
CA VAL G 184 69.33 19.68 5.93
C VAL G 184 69.42 21.20 6.03
N ASP G 185 69.73 21.86 4.91
CA ASP G 185 69.77 23.31 4.88
C ASP G 185 68.45 23.83 4.29
N ALA G 186 67.52 24.25 5.16
CA ALA G 186 66.25 24.83 4.74
C ALA G 186 66.28 26.34 4.86
N ALA G 187 66.30 27.00 3.71
CA ALA G 187 66.27 28.46 3.65
C ALA G 187 64.92 28.92 3.07
N MET G 188 64.25 29.84 3.78
CA MET G 188 62.96 30.37 3.34
C MET G 188 63.00 30.96 1.95
N VAL G 189 64.11 31.61 1.55
CA VAL G 189 64.20 32.19 0.22
C VAL G 189 64.21 31.11 -0.87
N ASP G 190 64.67 29.90 -0.51
CA ASP G 190 64.67 28.77 -1.42
C ASP G 190 63.31 28.06 -1.39
N GLY G 191 62.87 27.71 -0.18
CA GLY G 191 61.62 27.01 -0.01
C GLY G 191 60.50 27.78 -0.68
N SER G 192 60.45 29.09 -0.43
CA SER G 192 59.39 29.91 -0.98
C SER G 192 59.49 29.97 -2.51
N SER G 193 60.71 29.90 -3.07
CA SER G 193 60.87 29.94 -4.52
C SER G 193 60.32 28.64 -5.16
N VAL G 194 60.53 27.49 -4.52
CA VAL G 194 59.99 26.23 -5.01
C VAL G 194 58.47 26.24 -4.84
N LEU G 195 57.98 26.89 -3.76
CA LEU G 195 56.54 27.02 -3.54
C LEU G 195 55.86 27.77 -4.70
N ILE G 196 56.55 28.71 -5.35
CA ILE G 196 55.96 29.49 -6.43
C ILE G 196 56.48 29.05 -7.81
N GLN G 197 56.92 27.79 -7.91
CA GLN G 197 57.47 27.29 -9.17
C GLN G 197 56.50 27.45 -10.34
N MET G 198 55.21 27.27 -10.09
CA MET G 198 54.23 27.41 -11.15
C MET G 198 54.40 28.76 -11.84
N MET G 199 54.59 29.84 -11.06
CA MET G 199 54.68 31.16 -11.68
C MET G 199 55.95 31.26 -12.52
N TRP G 200 57.07 30.72 -12.03
CA TRP G 200 58.31 30.77 -12.78
C TRP G 200 58.11 30.04 -14.11
N ALA G 201 57.40 28.89 -14.04
CA ALA G 201 57.04 28.08 -15.22
C ALA G 201 56.18 28.86 -16.22
N MET G 202 55.07 29.41 -15.74
CA MET G 202 54.16 30.17 -16.60
C MET G 202 54.87 31.40 -17.16
N ARG G 203 55.78 31.96 -16.38
CA ARG G 203 56.52 33.14 -16.85
C ARG G 203 57.33 32.78 -18.09
N ALA G 204 57.88 31.55 -18.13
CA ALA G 204 58.77 31.11 -19.20
C ALA G 204 58.04 31.05 -20.53
N THR G 205 56.73 30.76 -20.48
CA THR G 205 55.91 30.53 -21.65
C THR G 205 54.94 31.70 -21.84
N GLY G 206 55.26 32.84 -21.22
CA GLY G 206 54.48 34.05 -21.41
C GLY G 206 53.08 34.00 -20.81
N MET G 207 52.76 33.05 -19.93
CA MET G 207 51.42 33.02 -19.32
C MET G 207 51.42 33.72 -17.96
N TRP G 208 52.48 34.44 -17.60
CA TRP G 208 52.42 35.24 -16.37
C TRP G 208 53.32 36.45 -16.54
N THR G 209 52.86 37.65 -16.14
CA THR G 209 53.69 38.84 -16.24
C THR G 209 54.03 39.37 -14.84
N ASP G 210 55.09 40.19 -14.80
CA ASP G 210 55.59 40.78 -13.58
C ASP G 210 54.69 41.92 -13.09
N THR G 211 53.68 42.32 -13.87
CA THR G 211 52.72 43.32 -13.42
C THR G 211 51.78 42.77 -12.36
N ARG G 212 51.76 43.44 -11.22
CA ARG G 212 50.90 43.04 -10.11
C ARG G 212 49.45 43.25 -10.52
N GLY G 213 48.62 42.27 -10.18
CA GLY G 213 47.17 42.38 -10.34
C GLY G 213 46.68 42.19 -11.78
N ALA G 214 47.46 41.61 -12.68
CA ALA G 214 47.04 41.43 -14.05
C ALA G 214 47.32 40.01 -14.53
N ASN G 215 47.13 38.99 -13.68
CA ASN G 215 47.36 37.61 -14.05
C ASN G 215 46.14 36.77 -13.68
N MET G 216 46.13 35.49 -14.06
CA MET G 216 44.94 34.67 -13.83
C MET G 216 44.68 34.47 -12.34
N LEU G 217 45.73 34.43 -11.52
CA LEU G 217 45.61 33.95 -10.14
C LEU G 217 45.93 35.00 -9.06
N ASP G 218 46.14 36.27 -9.40
CA ASP G 218 46.56 37.31 -8.45
C ASP G 218 45.44 38.31 -8.19
N GLY G 219 44.29 38.06 -8.82
CA GLY G 219 43.14 38.92 -8.67
C GLY G 219 42.88 39.72 -9.94
N GLY G 220 43.74 39.59 -10.93
CA GLY G 220 43.54 40.23 -12.22
C GLY G 220 42.35 39.67 -13.01
N ALA G 221 42.00 38.38 -12.86
CA ALA G 221 40.94 37.76 -13.66
C ALA G 221 39.63 37.88 -12.91
N PRO G 222 38.57 38.40 -13.57
CA PRO G 222 37.29 38.59 -12.91
C PRO G 222 36.66 37.32 -12.36
N TYR G 223 37.07 36.18 -12.88
CA TYR G 223 36.50 34.92 -12.41
C TYR G 223 37.42 34.27 -11.35
N TYR G 224 38.48 34.97 -10.92
CA TYR G 224 39.31 34.48 -9.84
C TYR G 224 39.67 35.66 -8.94
N ASP G 225 38.73 35.98 -8.04
CA ASP G 225 38.84 37.16 -7.19
C ASP G 225 37.72 37.15 -6.17
N THR G 226 37.77 38.09 -5.20
CA THR G 226 36.72 38.28 -4.22
C THR G 226 35.82 39.39 -4.74
N TYR G 227 34.59 39.41 -4.25
CA TYR G 227 33.59 40.38 -4.67
C TYR G 227 32.84 40.78 -3.40
N GLU G 228 32.52 42.08 -3.33
CA GLU G 228 31.79 42.61 -2.22
C GLU G 228 30.30 42.45 -2.50
N CYS G 229 29.57 42.06 -1.45
CA CYS G 229 28.15 41.79 -1.50
C CYS G 229 27.37 42.99 -0.92
N ALA G 230 26.04 42.91 -0.94
CA ALA G 230 25.16 44.02 -0.54
C ALA G 230 25.40 44.40 0.92
N ASP G 231 25.84 43.44 1.74
CA ASP G 231 25.98 43.62 3.17
C ASP G 231 27.41 44.00 3.57
N GLY G 232 28.32 44.26 2.62
CA GLY G 232 29.71 44.59 2.96
C GLY G 232 30.56 43.34 3.19
N ARG G 233 29.98 42.13 3.09
CA ARG G 233 30.78 40.93 3.23
C ARG G 233 31.21 40.46 1.85
N TYR G 234 31.96 39.35 1.77
CA TYR G 234 32.60 38.98 0.52
C TYR G 234 32.38 37.51 0.19
N VAL G 235 32.42 37.24 -1.11
CA VAL G 235 32.43 35.91 -1.66
C VAL G 235 33.72 35.80 -2.44
N ALA G 236 34.20 34.57 -2.58
CA ALA G 236 35.31 34.26 -3.44
C ALA G 236 34.74 33.56 -4.66
N VAL G 237 35.23 33.96 -5.83
CA VAL G 237 34.96 33.29 -7.08
C VAL G 237 36.26 32.70 -7.61
N GLY G 238 36.22 31.40 -7.95
CA GLY G 238 37.36 30.74 -8.55
C GLY G 238 37.01 29.87 -9.76
N ALA G 239 36.15 30.41 -10.62
CA ALA G 239 35.53 29.62 -11.66
C ALA G 239 36.37 29.70 -12.91
N ILE G 240 37.49 28.96 -12.90
CA ILE G 240 38.44 29.05 -13.98
C ILE G 240 37.89 28.28 -15.17
N GLU G 241 37.36 27.09 -14.87
CA GLU G 241 36.90 26.18 -15.91
C GLU G 241 35.62 26.75 -16.50
N PRO G 242 35.52 26.76 -17.84
CA PRO G 242 34.38 27.38 -18.51
C PRO G 242 33.03 26.84 -18.03
N GLN G 243 32.98 25.54 -17.77
CA GLN G 243 31.75 24.92 -17.32
C GLN G 243 31.38 25.43 -15.93
N PHE G 244 32.38 25.64 -15.06
CA PHE G 244 32.07 26.11 -13.72
C PHE G 244 31.66 27.58 -13.82
N TYR G 245 32.34 28.31 -14.70
CA TYR G 245 32.02 29.72 -14.90
C TYR G 245 30.56 29.89 -15.36
N ALA G 246 30.15 29.03 -16.29
CA ALA G 246 28.77 29.10 -16.80
C ALA G 246 27.79 28.93 -15.65
N ALA G 247 28.07 27.99 -14.75
CA ALA G 247 27.19 27.75 -13.61
C ALA G 247 27.13 28.98 -12.71
N MET G 248 28.27 29.68 -12.62
CA MET G 248 28.37 30.87 -11.79
C MET G 248 27.44 31.93 -12.37
N LEU G 249 27.53 32.17 -13.69
CA LEU G 249 26.70 33.17 -14.38
C LEU G 249 25.21 32.89 -14.17
N ALA G 250 24.84 31.61 -14.25
CA ALA G 250 23.44 31.23 -14.16
C ALA G 250 22.92 31.53 -12.76
N GLY G 251 23.74 31.26 -11.74
CA GLY G 251 23.29 31.55 -10.38
C GLY G 251 23.20 33.06 -10.16
N LEU G 252 24.02 33.85 -10.87
CA LEU G 252 24.02 35.31 -10.76
C LEU G 252 22.82 35.90 -11.51
N GLY G 253 22.22 35.11 -12.40
CA GLY G 253 21.13 35.59 -13.23
C GLY G 253 21.65 36.41 -14.40
N LEU G 254 22.91 36.17 -14.79
CA LEU G 254 23.47 36.83 -15.94
C LEU G 254 23.40 35.91 -17.15
N ASP G 255 22.89 36.50 -18.22
CA ASP G 255 22.82 35.87 -19.51
C ASP G 255 24.18 36.02 -20.17
N ALA G 256 24.83 34.88 -20.44
CA ALA G 256 26.18 34.82 -21.00
C ALA G 256 26.25 35.51 -22.37
N ALA G 257 25.11 35.63 -23.08
CA ALA G 257 25.10 36.32 -24.35
C ALA G 257 25.40 37.82 -24.19
N GLU G 258 24.99 38.42 -23.07
CA GLU G 258 25.16 39.86 -22.86
C GLU G 258 26.56 40.22 -22.33
N LEU G 259 27.47 39.24 -22.15
CA LEU G 259 28.73 39.50 -21.48
C LEU G 259 29.84 39.34 -22.49
N PRO G 260 31.01 39.96 -22.31
CA PRO G 260 32.16 39.55 -23.08
C PRO G 260 32.57 38.11 -22.76
N PRO G 261 33.44 37.48 -23.58
CA PRO G 261 33.93 36.14 -23.30
C PRO G 261 34.82 36.09 -22.05
N GLN G 262 34.68 34.99 -21.32
CA GLN G 262 35.36 34.81 -20.06
C GLN G 262 36.83 35.20 -20.16
N ASN G 263 37.49 34.82 -21.25
CA ASN G 263 38.93 35.02 -21.37
C ASN G 263 39.35 35.99 -22.46
N ASP G 264 38.47 36.91 -22.89
CA ASP G 264 38.93 38.06 -23.64
C ASP G 264 39.48 39.10 -22.67
N ARG G 265 40.80 39.12 -22.50
CA ARG G 265 41.45 39.86 -21.43
C ARG G 265 41.28 41.36 -21.66
N ALA G 266 41.17 41.75 -22.95
CA ALA G 266 40.95 43.13 -23.30
C ALA G 266 39.60 43.62 -22.79
N ARG G 267 38.62 42.74 -22.53
CA ARG G 267 37.34 43.20 -22.07
C ARG G 267 37.11 42.82 -20.62
N TRP G 268 38.18 42.46 -19.91
CA TRP G 268 38.04 42.17 -18.49
C TRP G 268 37.45 43.36 -17.72
N PRO G 269 37.78 44.64 -18.05
CA PRO G 269 37.19 45.79 -17.37
C PRO G 269 35.68 45.80 -17.37
N GLU G 270 35.09 45.55 -18.54
CA GLU G 270 33.64 45.47 -18.65
C GLU G 270 33.11 44.30 -17.84
N LEU G 271 33.74 43.13 -18.02
CA LEU G 271 33.29 41.90 -17.37
C LEU G 271 33.31 42.09 -15.85
N ARG G 272 34.43 42.64 -15.34
CA ARG G 272 34.53 42.89 -13.92
C ARG G 272 33.39 43.80 -13.47
N ALA G 273 33.07 44.83 -14.27
CA ALA G 273 32.00 45.72 -13.88
C ALA G 273 30.68 44.97 -13.76
N LEU G 274 30.40 44.05 -14.69
CA LEU G 274 29.13 43.35 -14.72
C LEU G 274 29.02 42.40 -13.52
N LEU G 275 30.11 41.68 -13.24
CA LEU G 275 30.12 40.77 -12.09
C LEU G 275 30.02 41.58 -10.80
N THR G 276 30.74 42.71 -10.69
CA THR G 276 30.73 43.50 -9.46
C THR G 276 29.30 43.88 -9.10
N GLU G 277 28.56 44.39 -10.11
CA GLU G 277 27.17 44.85 -9.93
C GLU G 277 26.27 43.67 -9.55
N ALA G 278 26.45 42.55 -10.25
CA ALA G 278 25.65 41.38 -9.89
C ALA G 278 25.94 40.98 -8.45
N PHE G 279 27.20 40.80 -8.05
CA PHE G 279 27.41 40.25 -6.71
C PHE G 279 27.02 41.27 -5.65
N ALA G 280 27.12 42.57 -5.99
CA ALA G 280 26.75 43.62 -5.05
C ALA G 280 25.24 43.65 -4.83
N SER G 281 24.45 43.00 -5.67
CA SER G 281 23.00 43.21 -5.62
C SER G 281 22.33 42.36 -4.53
N HIS G 282 23.00 41.33 -4.01
CA HIS G 282 22.50 40.61 -2.86
C HIS G 282 23.61 40.42 -1.81
N ASP G 283 23.22 40.00 -0.61
CA ASP G 283 24.15 39.78 0.48
C ASP G 283 24.87 38.43 0.36
N ARG G 284 25.90 38.24 1.19
CA ARG G 284 26.75 37.06 1.11
C ARG G 284 25.94 35.78 1.36
N ASP G 285 25.02 35.78 2.33
CA ASP G 285 24.26 34.58 2.62
C ASP G 285 23.35 34.20 1.44
N HIS G 286 22.80 35.20 0.74
CA HIS G 286 22.05 34.94 -0.49
C HIS G 286 22.86 34.09 -1.48
N TRP G 287 24.12 34.46 -1.72
CA TRP G 287 24.98 33.73 -2.65
C TRP G 287 25.36 32.38 -2.06
N GLY G 288 25.60 32.35 -0.73
CA GLY G 288 25.82 31.09 -0.01
C GLY G 288 24.75 30.07 -0.40
N ALA G 289 23.49 30.51 -0.41
CA ALA G 289 22.36 29.65 -0.64
C ALA G 289 22.24 29.35 -2.13
N VAL G 290 22.31 30.38 -2.98
CA VAL G 290 22.17 30.22 -4.43
C VAL G 290 23.19 29.17 -4.91
N PHE G 291 24.42 29.17 -4.35
CA PHE G 291 25.48 28.37 -4.93
C PHE G 291 25.66 27.04 -4.20
N ALA G 292 25.25 26.96 -2.93
CA ALA G 292 24.88 25.70 -2.30
C ALA G 292 25.85 24.55 -2.60
N ASN G 293 25.40 23.61 -3.46
CA ASN G 293 26.04 22.31 -3.62
C ASN G 293 26.77 22.29 -4.96
N SER G 294 27.21 23.45 -5.47
CA SER G 294 27.39 23.56 -6.91
C SER G 294 28.86 23.68 -7.31
N ASP G 295 29.13 23.38 -8.59
CA ASP G 295 30.43 23.57 -9.20
C ASP G 295 30.71 25.03 -9.62
N ALA G 296 29.92 26.00 -9.15
CA ALA G 296 30.10 27.40 -9.53
C ALA G 296 31.41 28.01 -9.00
N CYS G 297 32.02 27.40 -7.96
CA CYS G 297 33.29 27.86 -7.40
C CYS G 297 33.08 29.26 -6.77
N VAL G 298 31.99 29.40 -6.02
CA VAL G 298 31.67 30.62 -5.31
C VAL G 298 31.46 30.23 -3.87
N THR G 299 32.24 30.79 -2.94
CA THR G 299 32.19 30.40 -1.53
C THR G 299 32.17 31.66 -0.70
N PRO G 300 31.54 31.65 0.49
CA PRO G 300 31.60 32.78 1.39
C PRO G 300 33.02 32.97 1.92
N VAL G 301 33.49 34.22 1.97
CA VAL G 301 34.76 34.56 2.61
C VAL G 301 34.48 34.74 4.09
N LEU G 302 34.79 33.71 4.87
CA LEU G 302 34.46 33.71 6.29
C LEU G 302 35.62 34.29 7.10
N ALA G 303 35.25 35.03 8.16
CA ALA G 303 36.19 35.54 9.15
C ALA G 303 36.47 34.43 10.14
N PHE G 304 37.65 34.46 10.77
CA PHE G 304 38.02 33.41 11.71
C PHE G 304 36.84 33.09 12.64
N GLY G 305 36.21 34.14 13.18
CA GLY G 305 35.22 33.97 14.24
C GLY G 305 33.94 33.24 13.80
N GLU G 306 33.74 33.09 12.48
CA GLU G 306 32.59 32.43 11.90
C GLU G 306 32.86 30.99 11.43
N VAL G 307 34.15 30.60 11.37
CA VAL G 307 34.53 29.34 10.76
C VAL G 307 33.92 28.17 11.51
N HIS G 308 33.77 28.28 12.83
CA HIS G 308 33.21 27.22 13.65
C HIS G 308 31.73 26.98 13.31
N ASN G 309 31.04 27.90 12.61
CA ASN G 309 29.64 27.67 12.27
C ASN G 309 29.46 27.10 10.87
N GLU G 310 30.53 26.77 10.18
CA GLU G 310 30.40 26.30 8.82
C GLU G 310 30.24 24.77 8.82
N PRO G 311 29.12 24.25 8.27
CA PRO G 311 28.84 22.80 8.25
C PRO G 311 30.03 21.90 7.88
N HIS G 312 30.74 22.20 6.77
CA HIS G 312 31.78 21.30 6.28
C HIS G 312 32.99 21.27 7.23
N ILE G 313 33.22 22.37 7.95
CA ILE G 313 34.30 22.49 8.90
C ILE G 313 33.96 21.66 10.13
N ILE G 314 32.73 21.80 10.62
CA ILE G 314 32.28 21.09 11.81
C ILE G 314 32.33 19.59 11.54
N GLU G 315 31.66 19.14 10.49
CA GLU G 315 31.55 17.72 10.25
C GLU G 315 32.90 17.03 10.05
N ARG G 316 33.92 17.69 9.51
CA ARG G 316 35.20 17.01 9.29
C ARG G 316 36.14 17.18 10.49
N ASN G 317 35.70 17.86 11.54
CA ASN G 317 36.55 18.06 12.70
C ASN G 317 37.88 18.70 12.29
N THR G 318 37.81 19.75 11.47
CA THR G 318 39.02 20.46 11.06
C THR G 318 39.68 21.15 12.27
N PHE G 319 38.88 21.57 13.27
CA PHE G 319 39.30 22.27 14.48
C PHE G 319 38.85 21.51 15.72
N TYR G 320 39.49 21.79 16.88
CA TYR G 320 39.07 21.31 18.20
C TYR G 320 39.10 22.51 19.16
N GLU G 321 38.33 22.47 20.26
CA GLU G 321 38.30 23.59 21.19
C GLU G 321 39.43 23.47 22.19
N ALA G 322 40.03 24.60 22.57
CA ALA G 322 41.11 24.63 23.56
C ALA G 322 41.23 26.04 24.17
N ASN G 323 41.06 26.15 25.49
CA ASN G 323 41.46 27.34 26.22
C ASN G 323 40.79 28.57 25.61
N GLY G 324 39.45 28.56 25.54
CA GLY G 324 38.68 29.62 24.89
C GLY G 324 39.28 30.01 23.53
N GLY G 325 39.42 29.01 22.64
CA GLY G 325 39.95 29.24 21.30
C GLY G 325 40.04 27.97 20.48
N TRP G 326 39.37 27.96 19.32
CA TRP G 326 39.52 26.90 18.35
C TRP G 326 40.96 26.84 17.85
N GLN G 327 41.40 25.63 17.49
CA GLN G 327 42.74 25.39 16.96
C GLN G 327 42.60 24.32 15.90
N PRO G 328 43.48 24.30 14.90
CA PRO G 328 43.39 23.29 13.86
C PRO G 328 43.87 21.93 14.34
N MET G 329 43.15 20.87 13.94
CA MET G 329 43.61 19.52 14.17
C MET G 329 44.77 19.20 13.25
N PRO G 330 45.59 18.21 13.63
CA PRO G 330 46.70 17.80 12.80
C PRO G 330 46.32 17.55 11.33
N ALA G 331 47.25 17.79 10.43
CA ALA G 331 47.06 17.51 9.02
C ALA G 331 48.40 17.01 8.52
N PRO G 332 48.42 16.17 7.46
CA PRO G 332 47.21 15.59 6.87
C PRO G 332 46.69 14.46 7.74
N ARG G 333 45.73 13.67 7.22
CA ARG G 333 45.15 12.58 7.99
C ARG G 333 45.60 11.22 7.43
N PHE G 334 45.67 10.24 8.36
CA PHE G 334 46.19 8.91 8.10
C PHE G 334 45.10 7.87 8.41
N SER G 335 44.84 6.94 7.48
CA SER G 335 43.76 5.95 7.67
C SER G 335 44.08 4.93 8.78
N ARG G 336 45.32 4.44 8.90
CA ARG G 336 45.65 3.43 9.91
C ARG G 336 46.15 4.04 11.23
N THR G 337 47.23 4.84 11.16
CA THR G 337 47.87 5.42 12.34
C THR G 337 47.46 6.88 12.49
N ALA G 338 46.23 7.11 12.94
CA ALA G 338 45.65 8.45 13.01
C ALA G 338 46.26 9.26 14.14
N SER G 339 46.41 10.56 13.91
CA SER G 339 46.87 11.49 14.93
C SER G 339 45.77 11.67 15.96
N SER G 340 46.17 12.04 17.16
CA SER G 340 45.20 12.31 18.20
C SER G 340 45.10 13.82 18.34
N GLN G 341 44.18 14.24 19.20
CA GLN G 341 44.09 15.65 19.54
C GLN G 341 45.40 16.10 20.19
N PRO G 342 45.94 17.26 19.78
CA PRO G 342 47.16 17.75 20.39
C PRO G 342 47.02 17.92 21.89
N ARG G 343 48.13 17.66 22.61
CA ARG G 343 48.22 17.92 24.03
C ARG G 343 48.64 19.36 24.23
N PRO G 344 48.04 20.10 25.19
CA PRO G 344 48.41 21.48 25.39
C PRO G 344 49.84 21.59 25.91
N PRO G 345 50.48 22.77 25.77
CA PRO G 345 51.86 22.93 26.21
C PRO G 345 52.13 22.44 27.63
N ALA G 346 53.27 21.73 27.79
CA ALA G 346 53.61 20.89 28.94
C ALA G 346 54.68 21.53 29.82
N ALA G 347 54.24 22.06 30.98
CA ALA G 347 55.06 22.75 31.99
C ALA G 347 56.50 22.24 32.00
N THR G 348 57.44 23.12 32.39
CA THR G 348 58.86 22.79 32.32
C THR G 348 59.10 21.45 33.01
N ILE G 349 60.01 20.69 32.39
CA ILE G 349 60.39 19.40 32.87
C ILE G 349 61.91 19.47 32.99
N ASP G 350 62.45 18.65 33.88
CA ASP G 350 63.88 18.53 34.10
C ASP G 350 64.50 17.76 32.95
N ILE G 351 65.57 18.31 32.37
CA ILE G 351 66.29 17.67 31.28
C ILE G 351 66.82 16.29 31.68
N GLU G 352 67.05 16.10 33.00
CA GLU G 352 67.42 14.81 33.59
C GLU G 352 66.32 13.78 33.36
N ALA G 353 65.09 14.11 33.79
CA ALA G 353 63.94 13.22 33.75
C ALA G 353 63.66 12.77 32.31
N VAL G 354 64.09 13.56 31.32
CA VAL G 354 63.86 13.22 29.93
C VAL G 354 64.92 12.20 29.48
N LEU G 355 66.18 12.37 29.90
CA LEU G 355 67.20 11.37 29.62
C LEU G 355 66.91 10.04 30.33
N THR G 356 66.18 10.07 31.47
CA THR G 356 65.68 8.89 32.17
C THR G 356 64.79 8.11 31.22
N ASP G 357 63.65 8.74 30.90
CA ASP G 357 62.60 8.18 30.08
C ASP G 357 63.14 7.67 28.74
N TRP G 358 64.19 8.29 28.18
CA TRP G 358 64.77 7.83 26.93
C TRP G 358 65.91 6.83 27.13
N ASP G 359 66.09 6.33 28.37
CA ASP G 359 67.30 5.65 28.82
C ASP G 359 68.43 6.68 28.95
N MET H 1 69.82 8.29 -9.74
CA MET H 1 69.15 9.60 -9.53
C MET H 1 69.68 10.23 -8.25
N ALA H 2 70.08 11.52 -8.28
CA ALA H 2 70.66 12.18 -7.11
C ALA H 2 69.55 12.69 -6.18
N GLY H 3 69.81 12.63 -4.88
CA GLY H 3 68.95 13.25 -3.88
C GLY H 3 68.65 12.25 -2.76
N PRO H 4 68.05 12.64 -1.63
CA PRO H 4 67.81 11.67 -0.55
C PRO H 4 66.72 10.64 -0.83
N LEU H 5 65.96 10.83 -1.91
CA LEU H 5 64.80 9.99 -2.15
C LEU H 5 65.11 9.03 -3.30
N SER H 6 66.38 8.95 -3.73
CA SER H 6 66.87 7.84 -4.54
C SER H 6 66.24 6.53 -4.08
N GLY H 7 65.64 5.85 -5.06
CA GLY H 7 65.08 4.54 -4.83
C GLY H 7 63.58 4.56 -4.66
N LEU H 8 63.01 5.71 -4.28
CA LEU H 8 61.57 5.87 -4.07
C LEU H 8 60.86 5.90 -5.42
N ARG H 9 59.83 5.06 -5.51
CA ARG H 9 59.04 4.94 -6.73
C ARG H 9 57.63 5.47 -6.49
N VAL H 10 57.23 6.35 -7.41
CA VAL H 10 56.03 7.16 -7.25
C VAL H 10 55.22 7.11 -8.55
N VAL H 11 53.94 6.76 -8.41
CA VAL H 11 53.02 6.83 -9.52
C VAL H 11 52.07 7.99 -9.25
N GLU H 12 52.01 8.90 -10.21
CA GLU H 12 51.16 10.07 -10.16
C GLU H 12 50.05 9.96 -11.22
N LEU H 13 48.79 9.97 -10.75
CA LEU H 13 47.66 10.17 -11.66
C LEU H 13 47.47 11.66 -11.94
N ALA H 14 47.85 12.07 -13.15
CA ALA H 14 47.84 13.46 -13.59
C ALA H 14 46.59 14.19 -13.12
N GLY H 15 46.84 15.33 -12.45
CA GLY H 15 45.82 16.30 -12.08
C GLY H 15 46.35 17.73 -12.22
N ILE H 16 45.74 18.66 -11.49
CA ILE H 16 46.17 20.05 -11.54
C ILE H 16 46.45 20.56 -10.11
N GLY H 17 47.41 21.48 -10.02
CA GLY H 17 47.70 22.20 -8.78
C GLY H 17 48.58 21.40 -7.81
N PRO H 18 48.07 21.03 -6.60
CA PRO H 18 48.94 20.47 -5.56
C PRO H 18 49.57 19.15 -5.94
N GLY H 19 48.77 18.25 -6.52
CA GLY H 19 49.25 16.94 -6.92
C GLY H 19 50.52 17.02 -7.73
N PRO H 20 50.52 17.68 -8.91
CA PRO H 20 51.77 17.81 -9.69
C PRO H 20 52.92 18.52 -8.96
N HIS H 21 52.61 19.40 -8.00
CA HIS H 21 53.67 20.12 -7.30
C HIS H 21 54.37 19.16 -6.32
N ALA H 22 53.60 18.38 -5.57
CA ALA H 22 54.18 17.36 -4.71
C ALA H 22 54.99 16.35 -5.53
N ALA H 23 54.41 15.82 -6.60
CA ALA H 23 55.13 14.88 -7.44
C ALA H 23 56.45 15.47 -7.85
N MET H 24 56.44 16.75 -8.25
CA MET H 24 57.63 17.46 -8.73
C MET H 24 58.70 17.50 -7.64
N ILE H 25 58.28 17.74 -6.40
CA ILE H 25 59.24 17.92 -5.33
C ILE H 25 59.85 16.56 -5.05
N LEU H 26 59.02 15.50 -5.05
CA LEU H 26 59.53 14.15 -4.79
C LEU H 26 60.60 13.86 -5.82
N GLY H 27 60.32 14.19 -7.08
CA GLY H 27 61.26 14.00 -8.17
C GLY H 27 62.47 14.92 -8.09
N ASP H 28 62.28 16.12 -7.53
CA ASP H 28 63.39 17.05 -7.36
C ASP H 28 64.47 16.44 -6.46
N LEU H 29 64.04 15.66 -5.45
CA LEU H 29 64.86 15.06 -4.42
C LEU H 29 65.28 13.61 -4.77
N GLY H 30 65.07 13.21 -6.03
CA GLY H 30 65.62 11.97 -6.54
C GLY H 30 64.62 10.80 -6.67
N ALA H 31 63.33 11.02 -6.36
CA ALA H 31 62.31 9.99 -6.52
C ALA H 31 62.19 9.60 -7.99
N ASP H 32 61.80 8.35 -8.23
CA ASP H 32 61.50 7.89 -9.57
C ASP H 32 60.00 8.04 -9.78
N VAL H 33 59.65 9.07 -10.57
CA VAL H 33 58.27 9.52 -10.64
C VAL H 33 57.73 9.26 -12.03
N VAL H 34 56.62 8.53 -12.05
CA VAL H 34 55.98 8.14 -13.30
C VAL H 34 54.56 8.71 -13.30
N ARG H 35 54.31 9.55 -14.30
CA ARG H 35 53.05 10.27 -14.33
C ARG H 35 52.18 9.67 -15.41
N ILE H 36 50.99 9.18 -15.02
CA ILE H 36 50.06 8.65 -15.99
C ILE H 36 49.16 9.79 -16.44
N ASP H 37 49.21 10.14 -17.72
CA ASP H 37 48.26 11.09 -18.27
C ASP H 37 47.17 10.34 -19.06
N ARG H 38 46.02 11.01 -19.26
CA ARG H 38 45.01 10.52 -20.18
C ARG H 38 45.54 10.70 -21.61
N PRO H 39 45.10 9.85 -22.56
CA PRO H 39 45.77 9.79 -23.86
C PRO H 39 45.59 11.10 -24.61
N SER H 40 44.36 11.67 -24.49
CA SER H 40 43.94 12.98 -24.94
C SER H 40 45.14 13.94 -25.04
N SER H 41 45.49 14.63 -23.94
CA SER H 41 46.77 15.32 -23.82
C SER H 41 47.90 14.49 -24.46
N ILE H 45 56.63 16.51 -25.74
CA ILE H 45 57.56 17.39 -24.95
C ILE H 45 56.71 18.49 -24.31
N SER H 46 56.44 18.40 -22.98
CA SER H 46 55.66 19.42 -22.30
C SER H 46 56.54 20.64 -22.01
N ARG H 47 55.90 21.82 -21.97
CA ARG H 47 56.56 23.06 -21.60
C ARG H 47 56.16 23.48 -20.19
N ASP H 48 55.19 22.80 -19.57
CA ASP H 48 54.89 23.04 -18.17
C ASP H 48 56.05 22.54 -17.33
N ALA H 49 56.89 23.47 -16.85
CA ALA H 49 58.11 23.13 -16.12
C ALA H 49 57.77 22.60 -14.72
N MET H 50 56.48 22.58 -14.33
CA MET H 50 56.03 21.86 -13.13
C MET H 50 56.07 20.32 -13.35
N LEU H 51 56.26 19.88 -14.61
CA LEU H 51 56.41 18.47 -14.96
C LEU H 51 57.88 18.12 -15.22
N ARG H 52 58.80 18.79 -14.53
CA ARG H 52 60.20 18.39 -14.51
C ARG H 52 60.31 17.12 -13.65
N ASN H 53 61.44 16.40 -13.78
CA ASN H 53 61.77 15.22 -12.98
C ASN H 53 60.69 14.14 -13.05
N ARG H 54 60.16 13.88 -14.26
CA ARG H 54 59.13 12.88 -14.48
C ARG H 54 59.52 11.95 -15.64
N ARG H 55 58.87 10.77 -15.68
CA ARG H 55 58.52 10.12 -16.95
C ARG H 55 57.01 10.19 -17.10
N ILE H 56 56.58 10.64 -18.28
CA ILE H 56 55.17 10.74 -18.66
C ILE H 56 54.77 9.52 -19.50
N VAL H 57 53.66 8.86 -19.15
CA VAL H 57 53.08 7.80 -19.98
C VAL H 57 51.59 8.07 -20.10
N THR H 58 50.97 7.60 -21.20
CA THR H 58 49.52 7.74 -21.36
C THR H 58 48.82 6.40 -21.20
N ALA H 59 47.52 6.45 -20.98
CA ALA H 59 46.74 5.25 -20.69
C ALA H 59 45.31 5.65 -20.36
N ASP H 60 44.37 5.24 -21.23
CA ASP H 60 42.96 5.32 -20.92
C ASP H 60 42.68 4.35 -19.78
N LEU H 61 42.31 4.90 -18.60
CA LEU H 61 42.11 4.12 -17.39
C LEU H 61 40.71 3.55 -17.35
N LYS H 62 39.88 3.90 -18.34
CA LYS H 62 38.57 3.28 -18.49
C LYS H 62 38.65 2.04 -19.38
N SER H 63 39.73 1.88 -20.17
CA SER H 63 40.14 0.59 -20.74
C SER H 63 40.23 -0.53 -19.69
N ASP H 64 40.16 -1.78 -20.18
CA ASP H 64 40.66 -2.91 -19.40
C ASP H 64 42.18 -2.93 -19.51
N GLN H 65 42.69 -2.61 -20.70
CA GLN H 65 44.11 -2.56 -20.95
C GLN H 65 44.75 -1.55 -20.00
N GLY H 66 44.39 -0.27 -20.17
CA GLY H 66 44.87 0.84 -19.33
C GLY H 66 44.82 0.55 -17.83
N LEU H 67 43.69 0.05 -17.31
CA LEU H 67 43.53 -0.24 -15.90
C LEU H 67 44.54 -1.31 -15.47
N GLU H 68 44.77 -2.30 -16.34
CA GLU H 68 45.66 -3.39 -15.99
C GLU H 68 47.10 -2.88 -15.90
N LEU H 69 47.55 -2.13 -16.92
CA LEU H 69 48.89 -1.56 -16.95
C LEU H 69 49.16 -0.64 -15.75
N ALA H 70 48.22 0.24 -15.42
CA ALA H 70 48.41 1.13 -14.28
C ALA H 70 48.63 0.31 -13.01
N LEU H 71 47.80 -0.73 -12.81
CA LEU H 71 47.90 -1.62 -11.67
C LEU H 71 49.22 -2.39 -11.63
N LYS H 72 49.81 -2.68 -12.80
CA LYS H 72 51.14 -3.27 -12.82
C LYS H 72 52.11 -2.30 -12.18
N LEU H 73 52.13 -1.04 -12.70
CA LEU H 73 52.95 0.06 -12.20
C LEU H 73 52.79 0.23 -10.69
N ILE H 74 51.54 0.29 -10.24
CA ILE H 74 51.25 0.57 -8.85
C ILE H 74 51.76 -0.57 -7.97
N ALA H 75 51.85 -1.78 -8.51
CA ALA H 75 52.26 -2.94 -7.73
C ALA H 75 53.76 -2.89 -7.45
N LYS H 76 54.53 -2.31 -8.39
CA LYS H 76 55.96 -2.12 -8.25
C LYS H 76 56.34 -0.80 -7.56
N ALA H 77 55.39 -0.03 -6.99
CA ALA H 77 55.65 1.35 -6.55
C ALA H 77 55.47 1.49 -5.04
N ASP H 78 55.97 2.61 -4.48
CA ASP H 78 55.85 2.89 -3.06
C ASP H 78 54.70 3.84 -2.77
N VAL H 79 54.54 4.80 -3.69
CA VAL H 79 53.60 5.89 -3.48
C VAL H 79 52.69 6.05 -4.70
N LEU H 80 51.41 6.25 -4.39
CA LEU H 80 50.44 6.68 -5.39
C LEU H 80 49.87 8.03 -4.97
N ILE H 81 49.81 8.92 -5.97
CA ILE H 81 49.27 10.27 -5.84
C ILE H 81 48.11 10.42 -6.82
N GLU H 82 46.98 10.87 -6.28
CA GLU H 82 45.82 11.24 -7.08
C GLU H 82 45.18 12.50 -6.49
N GLY H 83 44.72 13.41 -7.37
CA GLY H 83 44.01 14.60 -6.93
C GLY H 83 42.68 14.80 -7.66
N TYR H 84 41.91 13.72 -7.88
CA TYR H 84 40.58 13.87 -8.43
C TYR H 84 39.58 14.00 -7.29
N ARG H 85 38.32 14.24 -7.65
CA ARG H 85 37.28 14.22 -6.65
C ARG H 85 37.24 12.85 -5.98
N PRO H 86 36.82 12.79 -4.70
CA PRO H 86 36.60 11.51 -4.05
C PRO H 86 35.62 10.64 -4.81
N GLY H 87 35.97 9.36 -4.91
CA GLY H 87 35.12 8.37 -5.56
C GLY H 87 35.61 8.11 -6.97
N VAL H 88 36.50 8.96 -7.47
CA VAL H 88 36.88 8.79 -8.86
C VAL H 88 37.78 7.57 -9.02
N THR H 89 38.87 7.48 -8.25
CA THR H 89 39.77 6.36 -8.36
C THR H 89 39.01 5.06 -8.06
N GLU H 90 38.08 5.06 -7.10
CA GLU H 90 37.29 3.89 -6.79
C GLU H 90 36.58 3.33 -8.02
N ARG H 91 35.83 4.18 -8.76
CA ARG H 91 35.12 3.78 -9.96
C ARG H 91 36.07 3.39 -11.08
N LEU H 92 37.28 3.93 -11.13
CA LEU H 92 38.18 3.50 -12.19
C LEU H 92 38.76 2.11 -11.94
N GLY H 93 38.60 1.58 -10.72
CA GLY H 93 39.25 0.35 -10.30
C GLY H 93 40.63 0.57 -9.65
N LEU H 94 40.97 1.83 -9.33
CA LEU H 94 42.28 2.24 -8.83
C LEU H 94 42.18 2.76 -7.41
N GLY H 95 41.07 2.49 -6.72
CA GLY H 95 40.86 2.95 -5.36
C GLY H 95 41.79 2.26 -4.37
N PRO H 96 41.86 2.76 -3.12
CA PRO H 96 42.77 2.18 -2.13
C PRO H 96 42.63 0.66 -2.03
N GLU H 97 41.38 0.16 -1.98
CA GLU H 97 41.14 -1.27 -1.79
C GLU H 97 41.63 -2.10 -2.98
N GLU H 98 41.33 -1.68 -4.20
CA GLU H 98 41.92 -2.34 -5.36
C GLU H 98 43.45 -2.28 -5.36
N CYS H 99 44.02 -1.22 -4.78
CA CYS H 99 45.46 -1.04 -4.81
C CYS H 99 46.13 -1.93 -3.73
N ALA H 100 45.51 -2.00 -2.55
CA ALA H 100 45.94 -2.85 -1.46
C ALA H 100 46.10 -4.31 -1.90
N LYS H 101 45.17 -4.81 -2.73
CA LYS H 101 45.22 -6.17 -3.24
C LYS H 101 46.49 -6.46 -4.02
N VAL H 102 46.96 -5.51 -4.83
CA VAL H 102 48.17 -5.75 -5.60
C VAL H 102 49.41 -5.26 -4.84
N ASN H 103 49.27 -4.67 -3.64
CA ASN H 103 50.39 -3.99 -2.97
C ASN H 103 49.96 -3.45 -1.63
N ASP H 104 50.20 -4.23 -0.56
CA ASP H 104 49.83 -3.85 0.80
C ASP H 104 50.82 -2.85 1.40
N ARG H 105 51.86 -2.46 0.64
CA ARG H 105 52.86 -1.52 1.13
C ARG H 105 52.67 -0.10 0.56
N LEU H 106 51.58 0.11 -0.19
CA LEU H 106 51.40 1.33 -0.96
C LEU H 106 51.09 2.48 -0.01
N ILE H 107 51.74 3.64 -0.24
CA ILE H 107 51.25 4.88 0.34
C ILE H 107 50.27 5.47 -0.68
N TYR H 108 49.00 5.49 -0.29
CA TYR H 108 47.93 5.97 -1.14
C TYR H 108 47.59 7.40 -0.71
N ALA H 109 47.98 8.35 -1.56
CA ALA H 109 47.98 9.76 -1.20
C ALA H 109 46.92 10.49 -2.03
N ARG H 110 45.92 10.99 -1.31
CA ARG H 110 44.76 11.62 -1.90
C ARG H 110 44.81 13.13 -1.62
N MET H 111 44.97 13.90 -2.69
CA MET H 111 45.04 15.35 -2.61
C MET H 111 43.68 15.95 -2.95
N THR H 112 42.99 16.54 -1.98
CA THR H 112 41.81 17.31 -2.32
C THR H 112 41.82 18.68 -1.64
N GLY H 113 40.86 19.50 -2.00
CA GLY H 113 40.64 20.74 -1.28
C GLY H 113 39.72 20.54 -0.10
N TRP H 114 38.58 19.87 -0.35
CA TRP H 114 37.55 19.79 0.68
C TRP H 114 37.72 18.55 1.54
N GLY H 115 38.51 17.59 1.06
CA GLY H 115 38.66 16.32 1.77
C GLY H 115 37.76 15.22 1.23
N GLN H 116 37.78 14.08 1.94
CA GLN H 116 37.28 12.83 1.39
C GLN H 116 35.81 12.67 1.69
N THR H 117 35.33 13.27 2.79
CA THR H 117 33.91 13.20 3.13
C THR H 117 33.37 14.60 3.43
N GLY H 118 32.07 14.68 3.70
CA GLY H 118 31.43 15.89 4.18
C GLY H 118 30.67 16.61 3.05
N PRO H 119 29.83 17.62 3.36
CA PRO H 119 28.91 18.21 2.37
C PRO H 119 29.55 18.80 1.11
N ARG H 120 30.79 19.31 1.21
CA ARG H 120 31.42 19.94 0.06
C ARG H 120 32.35 19.00 -0.67
N SER H 121 32.40 17.72 -0.27
CA SER H 121 33.42 16.80 -0.76
C SER H 121 33.33 16.59 -2.26
N GLN H 122 32.18 16.92 -2.88
CA GLN H 122 32.04 16.74 -4.33
C GLN H 122 32.03 18.05 -5.10
N GLN H 123 32.13 19.16 -4.37
CA GLN H 123 32.14 20.50 -4.95
C GLN H 123 33.48 20.81 -5.59
N ALA H 124 33.43 21.21 -6.86
CA ALA H 124 34.59 21.75 -7.53
C ALA H 124 35.11 22.97 -6.77
N GLY H 125 36.35 23.33 -7.03
CA GLY H 125 36.95 24.43 -6.29
C GLY H 125 38.38 24.68 -6.74
N HIS H 126 38.86 25.87 -6.37
CA HIS H 126 40.25 26.20 -6.51
C HIS H 126 40.77 26.81 -5.21
N ASP H 127 42.07 27.15 -5.21
CA ASP H 127 42.78 27.63 -4.02
C ASP H 127 41.92 28.63 -3.26
N ILE H 128 41.45 29.66 -3.99
CA ILE H 128 40.75 30.77 -3.38
C ILE H 128 39.50 30.30 -2.63
N ASN H 129 38.84 29.23 -3.09
CA ASN H 129 37.67 28.73 -2.41
C ASN H 129 38.06 28.04 -1.10
N TYR H 130 39.09 27.19 -1.16
CA TYR H 130 39.47 26.43 0.02
C TYR H 130 39.93 27.37 1.14
N ILE H 131 40.62 28.45 0.80
CA ILE H 131 41.10 29.39 1.82
C ILE H 131 40.02 30.38 2.24
N SER H 132 38.89 30.43 1.53
CA SER H 132 37.83 31.37 1.91
C SER H 132 37.01 30.83 3.09
N LEU H 133 37.00 29.52 3.26
CA LEU H 133 36.05 28.92 4.18
C LEU H 133 36.65 28.80 5.58
N ASN H 134 37.97 28.96 5.71
CA ASN H 134 38.61 28.70 7.00
C ASN H 134 39.27 29.94 7.59
N GLY H 135 38.88 31.14 7.10
CA GLY H 135 39.27 32.37 7.77
C GLY H 135 40.47 33.05 7.12
N ILE H 136 41.19 32.34 6.24
CA ILE H 136 42.50 32.80 5.78
C ILE H 136 42.37 33.97 4.81
N LEU H 137 41.64 33.77 3.70
CA LEU H 137 41.46 34.80 2.69
C LEU H 137 40.95 36.09 3.30
N HIS H 138 40.06 35.95 4.26
CA HIS H 138 39.48 37.11 4.89
C HIS H 138 40.56 38.01 5.51
N ALA H 139 41.66 37.41 5.93
CA ALA H 139 42.67 38.09 6.72
C ALA H 139 43.72 38.78 5.88
N ILE H 140 43.69 38.58 4.55
CA ILE H 140 44.73 39.03 3.64
C ILE H 140 44.26 40.24 2.84
N GLY H 141 45.01 41.37 2.94
CA GLY H 141 44.84 42.55 2.10
C GLY H 141 44.69 43.80 2.98
N ARG H 142 44.48 44.98 2.39
CA ARG H 142 44.29 46.20 3.18
C ARG H 142 42.87 46.22 3.76
N GLY H 143 42.70 46.89 4.91
CA GLY H 143 41.43 46.92 5.63
C GLY H 143 40.35 47.71 4.87
N ASP H 144 40.74 48.68 4.06
CA ASP H 144 39.78 49.49 3.32
C ASP H 144 39.30 48.83 2.03
N GLU H 145 39.80 47.65 1.67
CA GLU H 145 39.42 47.01 0.42
C GLU H 145 39.02 45.57 0.64
N ARG H 146 38.58 44.91 -0.42
CA ARG H 146 38.16 43.53 -0.32
C ARG H 146 39.39 42.62 -0.30
N PRO H 147 39.30 41.40 0.30
CA PRO H 147 40.46 40.54 0.46
C PRO H 147 41.14 40.31 -0.87
N VAL H 148 42.46 40.12 -0.83
CA VAL H 148 43.19 39.81 -2.04
C VAL H 148 43.77 38.38 -1.96
N PRO H 149 43.63 37.59 -3.03
CA PRO H 149 44.20 36.26 -3.03
C PRO H 149 45.72 36.28 -3.06
N PRO H 150 46.39 35.53 -2.16
CA PRO H 150 47.84 35.44 -2.14
C PRO H 150 48.33 34.41 -3.14
N LEU H 151 48.03 34.77 -4.39
CA LEU H 151 48.08 33.87 -5.53
C LEU H 151 47.41 32.59 -5.10
N ASN H 152 47.98 31.46 -5.52
CA ASN H 152 47.51 30.15 -5.08
C ASN H 152 48.54 29.50 -4.15
N LEU H 153 49.25 30.32 -3.35
CA LEU H 153 50.38 29.82 -2.58
C LEU H 153 49.93 29.08 -1.33
N VAL H 154 48.78 29.46 -0.75
CA VAL H 154 48.49 29.05 0.61
C VAL H 154 47.67 27.77 0.59
N GLY H 155 46.76 27.65 -0.38
CA GLY H 155 45.89 26.50 -0.43
C GLY H 155 46.51 25.40 -1.27
N ASP H 156 46.88 25.71 -2.51
CA ASP H 156 47.46 24.69 -3.38
C ASP H 156 48.77 24.14 -2.86
N PHE H 157 49.72 25.01 -2.46
CA PHE H 157 51.08 24.55 -2.23
C PHE H 157 51.32 24.51 -0.72
N GLY H 158 51.37 25.66 -0.05
CA GLY H 158 51.74 25.67 1.36
C GLY H 158 50.85 24.76 2.21
N GLY H 159 49.53 24.82 1.98
CA GLY H 159 48.55 24.07 2.75
C GLY H 159 48.06 22.82 1.99
N GLY H 160 48.73 22.51 0.89
CA GLY H 160 48.19 21.56 -0.07
C GLY H 160 49.22 20.48 -0.38
N SER H 161 49.99 20.70 -1.44
CA SER H 161 51.07 19.80 -1.81
C SER H 161 52.01 19.56 -0.64
N MET H 162 52.26 20.57 0.21
CA MET H 162 53.31 20.43 1.21
C MET H 162 52.86 19.47 2.30
N PHE H 163 51.57 19.49 2.62
CA PHE H 163 51.01 18.54 3.57
C PHE H 163 50.82 17.16 2.93
N LEU H 164 50.52 17.07 1.64
CA LEU H 164 50.59 15.79 0.95
C LEU H 164 52.00 15.20 1.17
N LEU H 165 53.03 15.98 0.89
CA LEU H 165 54.39 15.51 1.02
C LEU H 165 54.72 15.08 2.43
N VAL H 166 54.37 15.89 3.43
CA VAL H 166 54.67 15.51 4.81
C VAL H 166 54.00 14.17 5.13
N GLY H 167 52.75 14.00 4.67
CA GLY H 167 51.99 12.79 4.91
C GLY H 167 52.60 11.56 4.22
N ILE H 168 52.97 11.71 2.95
CA ILE H 168 53.68 10.66 2.25
C ILE H 168 54.91 10.22 3.05
N LEU H 169 55.75 11.19 3.43
CA LEU H 169 57.06 10.87 3.98
C LEU H 169 56.88 10.40 5.41
N ALA H 170 55.90 10.92 6.16
CA ALA H 170 55.65 10.37 7.48
C ALA H 170 55.20 8.91 7.32
N ALA H 171 54.37 8.64 6.32
CA ALA H 171 53.77 7.32 6.22
C ALA H 171 54.86 6.30 5.83
N LEU H 172 55.85 6.73 5.04
CA LEU H 172 57.00 5.91 4.68
C LEU H 172 57.79 5.62 5.94
N TRP H 173 58.01 6.63 6.79
CA TRP H 173 58.66 6.39 8.07
C TRP H 173 57.92 5.28 8.80
N GLU H 174 56.60 5.44 8.96
CA GLU H 174 55.83 4.50 9.74
C GLU H 174 55.89 3.09 9.15
N ARG H 175 56.00 3.00 7.82
CA ARG H 175 56.08 1.74 7.12
C ARG H 175 57.33 0.96 7.50
N GLN H 176 58.46 1.67 7.66
CA GLN H 176 59.73 1.01 7.91
C GLN H 176 59.62 0.14 9.15
N SER H 177 58.62 0.42 9.98
CA SER H 177 58.44 -0.28 11.23
C SER H 177 57.21 -1.20 11.20
N SER H 178 56.20 -0.94 10.36
CA SER H 178 54.99 -1.75 10.35
C SER H 178 54.91 -2.69 9.13
N GLY H 179 55.82 -2.57 8.16
CA GLY H 179 55.73 -3.29 6.89
C GLY H 179 54.53 -2.89 6.01
N LYS H 180 53.68 -1.97 6.48
CA LYS H 180 52.38 -1.68 5.87
C LYS H 180 52.23 -0.23 5.38
N GLY H 181 51.61 -0.10 4.19
CA GLY H 181 51.12 1.16 3.66
C GLY H 181 49.85 1.68 4.38
N GLN H 182 49.33 2.82 3.93
CA GLN H 182 48.06 3.33 4.43
C GLN H 182 47.62 4.47 3.52
N VAL H 183 46.45 5.07 3.82
CA VAL H 183 45.89 6.18 3.03
C VAL H 183 46.21 7.51 3.73
N VAL H 184 46.79 8.42 2.95
CA VAL H 184 46.99 9.83 3.33
C VAL H 184 45.91 10.68 2.67
N ASP H 185 45.07 11.28 3.50
CA ASP H 185 43.98 12.20 3.14
C ASP H 185 44.46 13.64 3.42
N ALA H 186 45.00 14.30 2.40
CA ALA H 186 45.47 15.68 2.48
C ALA H 186 44.44 16.59 1.84
N ALA H 187 43.81 17.40 2.69
CA ALA H 187 42.79 18.36 2.24
C ALA H 187 43.30 19.78 2.43
N MET H 188 43.25 20.61 1.37
CA MET H 188 43.77 21.97 1.39
C MET H 188 43.17 22.79 2.51
N VAL H 189 41.91 22.51 2.88
CA VAL H 189 41.23 23.30 3.89
C VAL H 189 41.80 22.97 5.27
N ASP H 190 42.37 21.77 5.43
CA ASP H 190 42.98 21.39 6.70
C ASP H 190 44.42 21.89 6.77
N GLY H 191 45.19 21.49 5.76
CA GLY H 191 46.59 21.86 5.63
C GLY H 191 46.81 23.36 5.80
N SER H 192 45.93 24.15 5.16
CA SER H 192 46.07 25.60 5.19
C SER H 192 45.71 26.08 6.58
N SER H 193 44.82 25.37 7.30
CA SER H 193 44.48 25.77 8.65
C SER H 193 45.68 25.53 9.57
N VAL H 194 46.45 24.46 9.34
CA VAL H 194 47.61 24.21 10.19
C VAL H 194 48.73 25.20 9.82
N LEU H 195 48.77 25.60 8.55
CA LEU H 195 49.72 26.60 8.11
C LEU H 195 49.56 27.89 8.92
N ILE H 196 48.30 28.24 9.26
CA ILE H 196 47.96 29.53 9.87
C ILE H 196 47.70 29.32 11.37
N GLN H 197 48.23 28.20 11.91
CA GLN H 197 47.99 27.90 13.31
C GLN H 197 48.43 29.06 14.23
N MET H 198 49.48 29.79 13.84
CA MET H 198 49.96 30.92 14.63
C MET H 198 48.86 31.96 14.90
N MET H 199 48.06 32.27 13.88
CA MET H 199 46.98 33.23 14.05
C MET H 199 45.89 32.66 14.95
N TRP H 200 45.59 31.37 14.84
CA TRP H 200 44.58 30.83 15.73
C TRP H 200 45.07 30.94 17.18
N ALA H 201 46.38 30.75 17.39
CA ALA H 201 46.98 30.83 18.72
C ALA H 201 46.93 32.27 19.25
N MET H 202 47.47 33.19 18.44
CA MET H 202 47.42 34.62 18.75
C MET H 202 45.99 35.10 19.01
N ARG H 203 45.02 34.54 18.29
CA ARG H 203 43.64 35.00 18.41
C ARG H 203 43.12 34.70 19.81
N ALA H 204 43.48 33.51 20.32
CA ALA H 204 42.98 32.99 21.59
C ALA H 204 43.57 33.76 22.77
N THR H 205 44.74 34.39 22.59
CA THR H 205 45.37 35.22 23.62
C THR H 205 45.06 36.71 23.41
N GLY H 206 44.13 37.06 22.50
CA GLY H 206 43.88 38.47 22.18
C GLY H 206 45.05 39.18 21.48
N MET H 207 46.00 38.48 20.85
CA MET H 207 47.04 39.15 20.09
C MET H 207 46.77 39.14 18.57
N TRP H 208 45.55 38.76 18.14
CA TRP H 208 45.21 38.88 16.74
C TRP H 208 43.71 39.12 16.65
N THR H 209 43.26 39.99 15.73
CA THR H 209 41.83 40.20 15.59
C THR H 209 41.42 40.00 14.14
N ASP H 210 40.10 39.84 13.96
CA ASP H 210 39.51 39.47 12.69
C ASP H 210 39.41 40.68 11.78
N THR H 211 39.73 41.87 12.30
CA THR H 211 39.80 43.06 11.47
C THR H 211 41.00 42.95 10.53
N ARG H 212 40.73 43.00 9.22
CA ARG H 212 41.77 43.00 8.21
C ARG H 212 42.60 44.29 8.22
N GLY H 213 43.92 44.13 8.16
CA GLY H 213 44.84 45.24 8.03
C GLY H 213 45.14 45.92 9.36
N ALA H 214 44.88 45.25 10.47
CA ALA H 214 45.01 45.87 11.79
C ALA H 214 45.80 44.99 12.76
N ASN H 215 46.76 44.21 12.28
CA ASN H 215 47.49 43.28 13.13
C ASN H 215 48.98 43.43 12.82
N MET H 216 49.84 42.75 13.57
CA MET H 216 51.27 42.96 13.43
C MET H 216 51.79 42.42 12.09
N LEU H 217 51.19 41.35 11.55
CA LEU H 217 51.81 40.67 10.41
C LEU H 217 50.98 40.72 9.12
N ASP H 218 49.97 41.59 9.02
CA ASP H 218 49.07 41.63 7.88
C ASP H 218 49.21 42.91 7.06
N GLY H 219 50.11 43.84 7.48
CA GLY H 219 50.31 45.13 6.85
C GLY H 219 49.87 46.28 7.76
N GLY H 220 49.17 45.98 8.85
CA GLY H 220 48.74 47.04 9.76
C GLY H 220 49.88 47.70 10.54
N ALA H 221 50.95 46.98 10.86
CA ALA H 221 52.05 47.55 11.63
C ALA H 221 52.98 48.30 10.68
N PRO H 222 53.29 49.59 10.97
CA PRO H 222 54.22 50.37 10.19
C PRO H 222 55.61 49.78 10.03
N TYR H 223 56.04 48.97 11.00
CA TYR H 223 57.34 48.32 10.91
C TYR H 223 57.30 46.92 10.28
N TYR H 224 56.16 46.51 9.71
CA TYR H 224 55.98 45.22 9.06
C TYR H 224 55.07 45.44 7.85
N ASP H 225 55.66 45.99 6.78
CA ASP H 225 54.88 46.39 5.61
C ASP H 225 55.84 46.83 4.51
N THR H 226 55.27 47.15 3.33
CA THR H 226 56.08 47.73 2.27
C THR H 226 55.90 49.24 2.25
N TYR H 227 56.89 49.93 1.66
CA TYR H 227 56.91 51.38 1.48
C TYR H 227 57.37 51.69 0.06
N GLU H 228 56.76 52.73 -0.51
CA GLU H 228 57.18 53.17 -1.82
C GLU H 228 58.39 54.11 -1.71
N CYS H 229 59.34 54.00 -2.66
CA CYS H 229 60.57 54.78 -2.69
C CYS H 229 60.49 55.88 -3.76
N ALA H 230 61.53 56.72 -3.81
CA ALA H 230 61.51 57.90 -4.67
C ALA H 230 61.31 57.49 -6.13
N ASP H 231 61.69 56.25 -6.50
CA ASP H 231 61.63 55.80 -7.89
C ASP H 231 60.34 55.05 -8.19
N GLY H 232 59.42 54.95 -7.24
CA GLY H 232 58.19 54.19 -7.48
C GLY H 232 58.35 52.70 -7.26
N ARG H 233 59.55 52.24 -6.84
CA ARG H 233 59.76 50.83 -6.47
C ARG H 233 59.64 50.70 -4.97
N TYR H 234 59.73 49.48 -4.40
CA TYR H 234 59.34 49.28 -3.01
C TYR H 234 60.45 48.66 -2.19
N VAL H 235 60.43 48.97 -0.89
CA VAL H 235 61.15 48.19 0.09
C VAL H 235 60.15 47.49 1.00
N ALA H 236 60.64 46.42 1.62
CA ALA H 236 59.96 45.72 2.69
C ALA H 236 60.70 45.96 4.00
N VAL H 237 59.92 46.29 5.03
CA VAL H 237 60.32 46.46 6.41
C VAL H 237 59.67 45.36 7.24
N GLY H 238 60.50 44.70 8.05
CA GLY H 238 60.03 43.64 8.94
C GLY H 238 60.71 43.74 10.31
N ALA H 239 60.93 44.98 10.77
CA ALA H 239 61.69 45.24 11.99
C ALA H 239 60.82 45.12 13.25
N ILE H 240 60.50 43.87 13.61
CA ILE H 240 59.62 43.58 14.71
C ILE H 240 60.29 43.85 16.05
N GLU H 241 61.49 43.29 16.20
CA GLU H 241 62.23 43.39 17.45
C GLU H 241 62.68 44.84 17.66
N PRO H 242 62.64 45.38 18.88
CA PRO H 242 63.01 46.77 19.13
C PRO H 242 64.38 47.20 18.62
N GLN H 243 65.38 46.33 18.78
CA GLN H 243 66.74 46.67 18.43
C GLN H 243 66.85 46.80 16.91
N PHE H 244 66.10 45.96 16.18
CA PHE H 244 66.15 45.99 14.73
C PHE H 244 65.42 47.24 14.29
N TYR H 245 64.33 47.56 14.97
CA TYR H 245 63.54 48.74 14.67
C TYR H 245 64.39 50.00 14.86
N ALA H 246 65.10 50.05 15.99
CA ALA H 246 65.99 51.16 16.31
C ALA H 246 67.05 51.38 15.24
N ALA H 247 67.61 50.26 14.72
CA ALA H 247 68.63 50.34 13.68
C ALA H 247 68.05 50.91 12.41
N MET H 248 66.81 50.52 12.14
CA MET H 248 66.09 51.04 10.99
C MET H 248 65.88 52.56 11.05
N LEU H 249 65.42 53.08 12.20
CA LEU H 249 65.16 54.50 12.37
C LEU H 249 66.43 55.32 12.10
N ALA H 250 67.52 54.87 12.71
CA ALA H 250 68.81 55.54 12.60
C ALA H 250 69.27 55.58 11.15
N GLY H 251 68.99 54.51 10.39
CA GLY H 251 69.35 54.45 8.98
C GLY H 251 68.47 55.35 8.12
N LEU H 252 67.24 55.65 8.57
CA LEU H 252 66.35 56.56 7.86
C LEU H 252 66.61 58.01 8.26
N GLY H 253 67.42 58.18 9.31
CA GLY H 253 67.77 59.51 9.78
C GLY H 253 66.69 60.02 10.70
N LEU H 254 65.98 59.13 11.38
CA LEU H 254 64.89 59.53 12.24
C LEU H 254 65.31 59.31 13.68
N ASP H 255 64.93 60.30 14.47
CA ASP H 255 65.35 60.39 15.83
C ASP H 255 64.17 59.86 16.63
N ALA H 256 64.40 58.74 17.33
CA ALA H 256 63.37 58.00 18.05
C ALA H 256 62.58 58.90 19.02
N ALA H 257 63.24 59.87 19.65
CA ALA H 257 62.57 60.73 20.62
C ALA H 257 61.49 61.60 19.95
N GLU H 258 61.53 61.75 18.62
CA GLU H 258 60.56 62.57 17.90
C GLU H 258 59.38 61.75 17.36
N LEU H 259 59.34 60.44 17.64
CA LEU H 259 58.39 59.55 16.98
C LEU H 259 57.42 59.00 18.02
N PRO H 260 56.21 58.58 17.65
CA PRO H 260 55.42 57.75 18.56
C PRO H 260 56.15 56.47 18.96
N PRO H 261 55.78 55.81 20.06
CA PRO H 261 56.35 54.50 20.37
C PRO H 261 56.01 53.45 19.30
N GLN H 262 56.89 52.45 19.15
CA GLN H 262 56.81 51.47 18.08
C GLN H 262 55.47 50.72 18.15
N ASN H 263 54.99 50.43 19.36
CA ASN H 263 53.83 49.56 19.56
C ASN H 263 52.65 50.29 20.18
N ASP H 264 52.63 51.61 20.08
CA ASP H 264 51.43 52.38 20.34
C ASP H 264 50.58 52.42 19.07
N ARG H 265 49.60 51.51 19.05
CA ARG H 265 48.74 51.27 17.90
C ARG H 265 47.87 52.47 17.60
N ALA H 266 47.50 53.24 18.64
CA ALA H 266 46.68 54.43 18.47
C ALA H 266 47.37 55.44 17.53
N ARG H 267 48.73 55.44 17.55
CA ARG H 267 49.48 56.43 16.80
C ARG H 267 50.17 55.84 15.59
N TRP H 268 49.74 54.63 15.19
CA TRP H 268 50.41 53.99 14.09
C TRP H 268 50.22 54.80 12.79
N PRO H 269 49.06 55.43 12.53
CA PRO H 269 48.94 56.26 11.32
C PRO H 269 49.99 57.37 11.26
N GLU H 270 50.26 57.96 12.42
CA GLU H 270 51.28 58.99 12.53
C GLU H 270 52.69 58.44 12.28
N LEU H 271 53.05 57.33 12.95
CA LEU H 271 54.30 56.63 12.70
C LEU H 271 54.49 56.34 11.21
N ARG H 272 53.43 55.79 10.60
CA ARG H 272 53.47 55.35 9.22
C ARG H 272 53.71 56.54 8.30
N ALA H 273 53.07 57.68 8.63
CA ALA H 273 53.25 58.88 7.82
C ALA H 273 54.72 59.32 7.84
N LEU H 274 55.34 59.30 9.01
CA LEU H 274 56.74 59.68 9.13
C LEU H 274 57.64 58.75 8.34
N LEU H 275 57.43 57.41 8.48
CA LEU H 275 58.25 56.43 7.76
C LEU H 275 58.01 56.56 6.26
N THR H 276 56.76 56.84 5.85
CA THR H 276 56.41 56.99 4.44
C THR H 276 57.24 58.10 3.82
N GLU H 277 57.26 59.27 4.44
CA GLU H 277 58.08 60.38 3.98
C GLU H 277 59.56 60.01 3.91
N ALA H 278 60.09 59.35 4.94
CA ALA H 278 61.51 58.99 4.96
C ALA H 278 61.84 58.07 3.79
N PHE H 279 61.12 56.95 3.60
CA PHE H 279 61.45 56.01 2.51
C PHE H 279 61.24 56.63 1.13
N ALA H 280 60.28 57.58 1.02
CA ALA H 280 60.04 58.23 -0.25
C ALA H 280 61.19 59.16 -0.68
N SER H 281 62.14 59.49 0.20
CA SER H 281 63.11 60.51 -0.16
C SER H 281 64.30 59.91 -0.93
N HIS H 282 64.43 58.58 -0.97
CA HIS H 282 65.44 57.95 -1.80
C HIS H 282 64.85 56.76 -2.56
N ASP H 283 65.63 56.31 -3.56
CA ASP H 283 65.41 55.13 -4.37
C ASP H 283 65.45 53.84 -3.55
N ARG H 284 64.85 52.79 -4.13
CA ARG H 284 64.86 51.46 -3.56
C ARG H 284 66.30 50.98 -3.35
N ASP H 285 67.14 51.13 -4.39
CA ASP H 285 68.50 50.60 -4.37
C ASP H 285 69.35 51.37 -3.36
N HIS H 286 69.05 52.65 -3.17
CA HIS H 286 69.71 53.38 -2.10
C HIS H 286 69.49 52.69 -0.76
N TRP H 287 68.23 52.35 -0.42
CA TRP H 287 67.96 51.77 0.88
C TRP H 287 68.56 50.37 0.98
N GLY H 288 68.55 49.63 -0.13
CA GLY H 288 69.09 48.28 -0.09
C GLY H 288 70.56 48.32 0.29
N ALA H 289 71.30 49.20 -0.39
CA ALA H 289 72.71 49.44 -0.08
C ALA H 289 72.91 49.99 1.34
N VAL H 290 72.17 51.04 1.72
CA VAL H 290 72.31 51.61 3.05
C VAL H 290 72.12 50.55 4.14
N PHE H 291 71.21 49.60 3.94
CA PHE H 291 70.90 48.66 5.00
C PHE H 291 71.49 47.27 4.73
N ALA H 292 72.29 47.11 3.67
CA ALA H 292 73.14 45.92 3.52
C ALA H 292 74.02 45.73 4.76
N ASN H 293 74.00 44.50 5.29
CA ASN H 293 74.80 44.02 6.41
C ASN H 293 74.25 44.49 7.74
N SER H 294 73.02 45.02 7.73
CA SER H 294 72.38 45.53 8.93
C SER H 294 71.28 44.59 9.37
N ASP H 295 70.92 44.74 10.64
CA ASP H 295 69.78 44.09 11.22
C ASP H 295 68.52 44.97 11.16
N ALA H 296 68.47 45.93 10.23
CA ALA H 296 67.30 46.81 10.17
C ALA H 296 66.05 46.12 9.59
N CYS H 297 66.20 44.94 8.97
CA CYS H 297 65.09 44.18 8.36
C CYS H 297 64.42 45.03 7.29
N VAL H 298 65.26 45.62 6.43
CA VAL H 298 64.78 46.36 5.29
C VAL H 298 65.40 45.74 4.06
N THR H 299 64.57 45.33 3.09
CA THR H 299 65.08 44.70 1.87
C THR H 299 64.38 45.29 0.68
N PRO H 300 65.04 45.29 -0.50
CA PRO H 300 64.35 45.66 -1.73
C PRO H 300 63.32 44.61 -2.14
N VAL H 301 62.21 45.10 -2.69
CA VAL H 301 61.17 44.23 -3.22
C VAL H 301 61.43 44.08 -4.70
N LEU H 302 61.96 42.92 -5.06
CA LEU H 302 62.36 42.64 -6.43
C LEU H 302 61.20 41.97 -7.15
N ALA H 303 60.95 42.45 -8.37
CA ALA H 303 60.14 41.71 -9.32
C ALA H 303 60.89 40.47 -9.84
N PHE H 304 60.13 39.44 -10.25
CA PHE H 304 60.68 38.20 -10.77
C PHE H 304 61.82 38.45 -11.74
N GLY H 305 61.57 39.36 -12.70
CA GLY H 305 62.50 39.74 -13.74
C GLY H 305 63.83 40.29 -13.23
N GLU H 306 63.92 40.67 -11.94
CA GLU H 306 65.13 41.28 -11.40
C GLU H 306 65.92 40.31 -10.51
N VAL H 307 65.33 39.16 -10.17
CA VAL H 307 65.84 38.35 -9.10
C VAL H 307 67.20 37.76 -9.47
N HIS H 308 67.40 37.52 -10.78
CA HIS H 308 68.60 36.85 -11.24
C HIS H 308 69.83 37.73 -11.08
N ASN H 309 69.64 39.07 -10.98
CA ASN H 309 70.74 40.00 -10.77
C ASN H 309 71.03 40.28 -9.30
N GLU H 310 70.38 39.61 -8.37
CA GLU H 310 70.61 39.86 -6.96
C GLU H 310 71.77 38.99 -6.49
N PRO H 311 72.85 39.57 -5.93
CA PRO H 311 74.00 38.81 -5.46
C PRO H 311 73.67 37.61 -4.58
N HIS H 312 72.78 37.78 -3.60
CA HIS H 312 72.56 36.68 -2.66
C HIS H 312 71.88 35.49 -3.36
N ILE H 313 71.08 35.77 -4.37
CA ILE H 313 70.38 34.72 -5.10
C ILE H 313 71.41 33.95 -5.92
N ILE H 314 72.24 34.74 -6.64
CA ILE H 314 73.22 34.24 -7.59
C ILE H 314 74.20 33.32 -6.88
N GLU H 315 74.69 33.76 -5.73
CA GLU H 315 75.81 33.07 -5.11
C GLU H 315 75.35 31.81 -4.43
N ARG H 316 74.06 31.66 -4.17
CA ARG H 316 73.58 30.40 -3.60
C ARG H 316 72.95 29.48 -4.66
N ASN H 317 72.92 29.91 -5.93
CA ASN H 317 72.32 29.12 -7.01
C ASN H 317 70.91 28.72 -6.60
N THR H 318 70.15 29.70 -6.10
CA THR H 318 68.77 29.44 -5.73
C THR H 318 68.03 29.03 -7.01
N PHE H 319 68.42 29.59 -8.17
CA PHE H 319 67.81 29.34 -9.47
C PHE H 319 68.81 28.69 -10.45
N TYR H 320 68.28 28.12 -11.55
CA TYR H 320 69.07 27.63 -12.69
C TYR H 320 68.35 28.06 -13.96
N GLU H 321 69.03 28.03 -15.10
CA GLU H 321 68.50 28.61 -16.33
C GLU H 321 68.15 27.51 -17.32
N ALA H 322 66.93 26.99 -17.24
CA ALA H 322 66.42 26.07 -18.26
C ALA H 322 65.47 26.85 -19.17
N ASN H 323 64.78 26.14 -20.08
CA ASN H 323 63.73 26.75 -20.88
C ASN H 323 64.31 27.96 -21.58
N GLY H 324 63.47 28.98 -21.79
CA GLY H 324 63.89 30.37 -21.83
C GLY H 324 63.42 31.08 -20.56
N GLY H 325 64.10 30.78 -19.44
CA GLY H 325 63.91 31.53 -18.20
C GLY H 325 64.34 30.73 -16.97
N TRP H 326 64.51 31.47 -15.88
CA TRP H 326 64.95 30.92 -14.62
C TRP H 326 63.89 30.04 -13.97
N GLN H 327 64.38 29.10 -13.16
CA GLN H 327 63.55 28.17 -12.43
C GLN H 327 64.29 27.86 -11.15
N PRO H 328 63.52 27.64 -10.07
CA PRO H 328 64.09 27.38 -8.77
C PRO H 328 64.71 25.99 -8.65
N MET H 329 65.90 25.96 -8.05
CA MET H 329 66.59 24.72 -7.77
C MET H 329 65.82 24.01 -6.67
N PRO H 330 65.99 22.67 -6.54
CA PRO H 330 65.32 21.92 -5.50
C PRO H 330 65.58 22.49 -4.14
N ALA H 331 64.62 22.25 -3.26
CA ALA H 331 64.72 22.65 -1.88
C ALA H 331 64.04 21.57 -1.04
N PRO H 332 64.45 21.38 0.23
CA PRO H 332 65.64 22.05 0.77
C PRO H 332 66.94 21.37 0.29
N ARG H 333 68.07 21.68 0.96
CA ARG H 333 69.38 21.24 0.49
C ARG H 333 69.91 20.17 1.45
N PHE H 334 70.70 19.24 0.89
CA PHE H 334 71.21 18.11 1.67
C PHE H 334 72.74 18.06 1.62
N SER H 335 73.38 17.80 2.76
CA SER H 335 74.85 17.81 2.85
C SER H 335 75.49 16.63 2.12
N ARG H 336 74.99 15.40 2.31
CA ARG H 336 75.55 14.21 1.66
C ARG H 336 74.92 13.90 0.29
N THR H 337 73.60 13.66 0.28
CA THR H 337 72.86 13.26 -0.91
C THR H 337 72.20 14.47 -1.57
N ALA H 338 73.01 15.30 -2.22
CA ALA H 338 72.53 16.54 -2.80
C ALA H 338 71.66 16.22 -3.99
N SER H 339 70.60 17.00 -4.15
CA SER H 339 69.82 17.00 -5.36
C SER H 339 70.66 17.58 -6.49
N SER H 340 70.23 17.30 -7.71
CA SER H 340 70.90 17.82 -8.88
C SER H 340 69.89 18.65 -9.64
N GLN H 341 70.39 19.32 -10.66
CA GLN H 341 69.59 20.16 -11.49
C GLN H 341 68.42 19.34 -12.00
N PRO H 342 67.16 19.81 -11.86
CA PRO H 342 66.04 19.08 -12.43
C PRO H 342 66.23 18.73 -13.89
N ARG H 343 65.68 17.57 -14.27
CA ARG H 343 65.67 17.13 -15.65
C ARG H 343 64.43 17.71 -16.30
N PRO H 344 64.56 18.30 -17.50
CA PRO H 344 63.40 18.87 -18.18
C PRO H 344 62.29 17.86 -18.47
N PRO H 345 61.09 18.29 -18.90
CA PRO H 345 60.08 17.33 -19.31
C PRO H 345 60.47 16.59 -20.59
N ALA H 346 60.65 15.26 -20.46
CA ALA H 346 60.94 14.37 -21.59
C ALA H 346 59.62 13.99 -22.27
N ALA H 347 59.72 13.39 -23.46
CA ALA H 347 58.55 12.97 -24.20
C ALA H 347 57.98 11.67 -23.61
N THR H 348 56.72 11.40 -23.99
CA THR H 348 55.94 10.26 -23.53
C THR H 348 56.68 8.96 -23.77
N ILE H 349 57.28 8.39 -22.73
CA ILE H 349 57.87 7.08 -22.90
C ILE H 349 56.72 6.07 -22.84
N ASP H 350 57.04 4.78 -22.98
CA ASP H 350 56.03 3.74 -23.12
C ASP H 350 55.86 3.00 -21.80
N ILE H 351 54.60 2.83 -21.37
CA ILE H 351 54.29 2.31 -20.05
C ILE H 351 54.88 0.93 -19.84
N GLU H 352 55.20 0.26 -20.96
CA GLU H 352 55.81 -1.06 -20.94
C GLU H 352 57.32 -0.95 -20.67
N ALA H 353 57.98 0.06 -21.26
CA ALA H 353 59.41 0.29 -21.02
C ALA H 353 59.67 0.56 -19.54
N VAL H 354 58.70 1.18 -18.86
CA VAL H 354 58.81 1.51 -17.44
C VAL H 354 58.75 0.22 -16.62
N LEU H 355 57.82 -0.67 -17.00
CA LEU H 355 57.65 -1.96 -16.36
C LEU H 355 58.87 -2.86 -16.59
N THR H 356 59.42 -2.84 -17.82
CA THR H 356 60.68 -3.54 -18.08
C THR H 356 61.66 -3.02 -17.04
N ASP H 357 61.99 -1.73 -17.15
CA ASP H 357 63.00 -1.08 -16.31
C ASP H 357 62.75 -1.30 -14.82
N TRP H 358 61.49 -1.29 -14.37
CA TRP H 358 61.15 -1.66 -12.99
C TRP H 358 61.03 -3.18 -12.82
N ASP H 359 62.09 -3.94 -13.15
CA ASP H 359 62.05 -5.41 -13.21
C ASP H 359 61.33 -5.86 -14.48
N MET I 1 -68.04 2.53 14.67
CA MET I 1 -67.33 3.48 15.59
C MET I 1 -67.87 4.89 15.36
N ALA I 2 -68.33 5.51 16.46
CA ALA I 2 -68.86 6.87 16.45
C ALA I 2 -67.75 7.90 16.32
N GLY I 3 -68.05 9.00 15.66
CA GLY I 3 -67.18 10.15 15.65
C GLY I 3 -66.90 10.50 14.20
N PRO I 4 -66.38 11.71 13.92
CA PRO I 4 -66.14 12.09 12.53
C PRO I 4 -65.02 11.34 11.82
N LEU I 5 -64.19 10.58 12.55
CA LEU I 5 -63.09 9.89 11.89
C LEU I 5 -63.41 8.41 11.75
N SER I 6 -64.68 8.02 11.93
CA SER I 6 -65.14 6.66 11.64
C SER I 6 -64.61 6.22 10.28
N GLY I 7 -64.08 5.00 10.19
CA GLY I 7 -63.51 4.51 8.94
C GLY I 7 -62.03 4.85 8.70
N LEU I 8 -61.43 5.85 9.36
CA LEU I 8 -59.98 6.08 9.26
C LEU I 8 -59.21 4.97 9.96
N ARG I 9 -58.16 4.46 9.28
CA ARG I 9 -57.34 3.39 9.80
C ARG I 9 -55.94 3.92 10.14
N VAL I 10 -55.55 3.64 11.39
CA VAL I 10 -54.31 4.18 11.95
C VAL I 10 -53.45 3.01 12.47
N VAL I 11 -52.18 3.00 12.06
CA VAL I 11 -51.21 2.14 12.73
C VAL I 11 -50.29 2.99 13.61
N GLU I 12 -50.16 2.60 14.88
CA GLU I 12 -49.32 3.27 15.86
C GLU I 12 -48.18 2.35 16.32
N LEU I 13 -46.94 2.71 15.97
CA LEU I 13 -45.78 2.06 16.53
C LEU I 13 -45.54 2.57 17.96
N ALA I 14 -45.78 1.69 18.95
CA ALA I 14 -45.81 2.10 20.34
C ALA I 14 -44.55 2.89 20.70
N GLY I 15 -44.79 4.04 21.36
CA GLY I 15 -43.75 4.94 21.81
C GLY I 15 -44.20 5.65 23.08
N ILE I 16 -43.65 6.83 23.37
CA ILE I 16 -44.07 7.48 24.60
C ILE I 16 -44.28 8.96 24.30
N GLY I 17 -45.20 9.60 25.05
CA GLY I 17 -45.43 11.04 24.99
C GLY I 17 -46.39 11.45 23.88
N PRO I 18 -45.91 12.23 22.89
CA PRO I 18 -46.82 12.77 21.88
C PRO I 18 -47.48 11.73 21.00
N GLY I 19 -46.75 10.68 20.59
CA GLY I 19 -47.28 9.67 19.69
C GLY I 19 -48.54 9.00 20.22
N PRO I 20 -48.52 8.42 21.44
CA PRO I 20 -49.73 7.85 22.02
C PRO I 20 -50.87 8.83 22.27
N HIS I 21 -50.54 10.10 22.52
CA HIS I 21 -51.58 11.09 22.81
C HIS I 21 -52.34 11.39 21.52
N ALA I 22 -51.60 11.60 20.43
CA ALA I 22 -52.17 11.80 19.10
C ALA I 22 -53.03 10.61 18.70
N ALA I 23 -52.48 9.42 18.89
CA ALA I 23 -53.18 8.21 18.49
C ALA I 23 -54.48 8.11 19.26
N MET I 24 -54.42 8.48 20.55
CA MET I 24 -55.59 8.46 21.45
C MET I 24 -56.70 9.39 20.92
N ILE I 25 -56.34 10.60 20.50
CA ILE I 25 -57.32 11.56 20.03
C ILE I 25 -57.95 11.10 18.71
N LEU I 26 -57.17 10.50 17.79
CA LEU I 26 -57.76 9.88 16.61
C LEU I 26 -58.79 8.85 17.02
N GLY I 27 -58.43 7.95 17.94
CA GLY I 27 -59.33 6.95 18.46
C GLY I 27 -60.58 7.58 19.08
N ASP I 28 -60.36 8.67 19.86
CA ASP I 28 -61.42 9.38 20.55
C ASP I 28 -62.49 9.79 19.55
N LEU I 29 -62.08 10.28 18.37
CA LEU I 29 -62.98 10.79 17.35
C LEU I 29 -63.41 9.73 16.33
N GLY I 30 -63.14 8.44 16.63
CA GLY I 30 -63.73 7.31 15.91
C GLY I 30 -62.80 6.60 14.93
N ALA I 31 -61.53 7.02 14.84
CA ALA I 31 -60.55 6.27 14.07
C ALA I 31 -60.38 4.84 14.62
N ASP I 32 -60.07 3.92 13.68
CA ASP I 32 -59.69 2.55 13.98
C ASP I 32 -58.18 2.49 14.14
N VAL I 33 -57.72 2.42 15.41
CA VAL I 33 -56.33 2.65 15.76
C VAL I 33 -55.73 1.31 16.18
N VAL I 34 -54.69 0.85 15.45
CA VAL I 34 -54.08 -0.41 15.83
C VAL I 34 -52.65 -0.11 16.23
N ARG I 35 -52.32 -0.48 17.48
CA ARG I 35 -51.06 -0.13 18.09
C ARG I 35 -50.16 -1.35 18.18
N ILE I 36 -48.99 -1.27 17.56
CA ILE I 36 -48.04 -2.37 17.61
C ILE I 36 -47.03 -2.05 18.69
N ASP I 37 -47.00 -2.92 19.72
CA ASP I 37 -45.97 -2.91 20.74
C ASP I 37 -45.03 -4.11 20.57
N ARG I 38 -43.90 -4.09 21.29
CA ARG I 38 -43.04 -5.24 21.51
C ARG I 38 -43.70 -6.26 22.45
N PRO I 39 -43.49 -7.59 22.28
CA PRO I 39 -44.03 -8.59 23.22
C PRO I 39 -43.52 -8.43 24.65
N SER I 40 -42.26 -8.00 24.80
CA SER I 40 -41.60 -7.84 26.10
C SER I 40 -42.39 -6.88 26.97
N SER I 41 -42.36 -5.58 26.65
CA SER I 41 -43.15 -4.58 27.37
C SER I 41 -44.60 -4.67 26.92
N VAL I 42 -45.33 -5.72 27.38
CA VAL I 42 -46.76 -5.98 27.17
C VAL I 42 -47.12 -7.21 28.00
N ASP I 43 -48.10 -7.06 28.91
CA ASP I 43 -48.33 -8.06 29.95
C ASP I 43 -49.67 -7.78 30.65
N GLY I 44 -50.75 -8.37 30.13
CA GLY I 44 -52.10 -8.21 30.67
C GLY I 44 -52.89 -7.12 29.94
N ILE I 45 -53.75 -6.41 30.69
CA ILE I 45 -54.47 -5.25 30.19
C ILE I 45 -53.77 -3.99 30.74
N SER I 46 -53.68 -2.93 29.93
CA SER I 46 -52.90 -1.77 30.32
C SER I 46 -53.66 -0.97 31.39
N ARG I 47 -52.90 -0.39 32.34
CA ARG I 47 -53.43 0.54 33.33
C ARG I 47 -53.52 1.96 32.76
N ASP I 48 -52.87 2.20 31.60
CA ASP I 48 -52.70 3.56 31.11
C ASP I 48 -53.92 3.99 30.28
N ALA I 49 -54.75 4.87 30.87
CA ALA I 49 -55.95 5.35 30.21
C ALA I 49 -55.60 6.18 28.96
N MET I 50 -54.31 6.54 28.73
CA MET I 50 -53.90 7.11 27.44
C MET I 50 -54.02 6.09 26.31
N LEU I 51 -54.13 4.80 26.65
CA LEU I 51 -54.20 3.74 25.66
C LEU I 51 -55.63 3.33 25.41
N ARG I 52 -56.59 4.23 25.69
CA ARG I 52 -58.00 4.00 25.40
C ARG I 52 -58.23 4.07 23.88
N ASN I 53 -59.33 3.49 23.39
CA ASN I 53 -59.71 3.56 21.98
C ASN I 53 -58.64 2.97 21.05
N ARG I 54 -58.05 1.86 21.47
CA ARG I 54 -57.03 1.17 20.69
C ARG I 54 -57.44 -0.30 20.52
N ARG I 55 -56.88 -0.97 19.49
CA ARG I 55 -56.58 -2.39 19.60
C ARG I 55 -55.05 -2.57 19.69
N ILE I 56 -54.64 -3.41 20.64
CA ILE I 56 -53.22 -3.60 20.93
C ILE I 56 -52.78 -4.92 20.33
N VAL I 57 -51.77 -4.85 19.47
CA VAL I 57 -51.12 -6.05 18.96
C VAL I 57 -49.64 -5.99 19.26
N THR I 58 -49.00 -7.16 19.20
CA THR I 58 -47.62 -7.33 19.60
C THR I 58 -46.83 -7.95 18.45
N ALA I 59 -45.58 -7.50 18.27
CA ALA I 59 -44.77 -8.01 17.18
C ALA I 59 -43.31 -7.62 17.38
N ASP I 60 -42.41 -8.56 17.08
CA ASP I 60 -41.00 -8.25 17.11
C ASP I 60 -40.59 -7.82 15.70
N LEU I 61 -40.41 -6.51 15.54
CA LEU I 61 -40.15 -5.91 14.24
C LEU I 61 -38.73 -6.22 13.76
N LYS I 62 -37.89 -6.78 14.64
CA LYS I 62 -36.57 -7.21 14.23
C LYS I 62 -36.66 -8.57 13.52
N SER I 63 -37.69 -9.36 13.83
CA SER I 63 -37.93 -10.63 13.17
C SER I 63 -38.45 -10.41 11.74
N ASP I 64 -38.27 -11.44 10.90
CA ASP I 64 -38.74 -11.43 9.52
C ASP I 64 -40.27 -11.45 9.50
N GLN I 65 -40.85 -12.31 10.33
CA GLN I 65 -42.28 -12.47 10.40
C GLN I 65 -42.93 -11.21 10.98
N GLY I 66 -42.28 -10.62 11.99
CA GLY I 66 -42.77 -9.41 12.61
C GLY I 66 -42.87 -8.27 11.61
N LEU I 67 -41.76 -8.03 10.88
CA LEU I 67 -41.69 -6.99 9.86
C LEU I 67 -42.79 -7.21 8.82
N GLU I 68 -43.00 -8.46 8.41
CA GLU I 68 -43.89 -8.68 7.28
C GLU I 68 -45.34 -8.46 7.72
N LEU I 69 -45.73 -8.97 8.90
CA LEU I 69 -47.08 -8.74 9.41
C LEU I 69 -47.35 -7.24 9.56
N ALA I 70 -46.34 -6.48 10.03
CA ALA I 70 -46.46 -5.04 10.17
C ALA I 70 -46.71 -4.40 8.82
N LEU I 71 -45.94 -4.79 7.79
CA LEU I 71 -46.07 -4.21 6.47
C LEU I 71 -47.44 -4.53 5.86
N LYS I 72 -48.04 -5.65 6.27
CA LYS I 72 -49.38 -6.00 5.85
C LYS I 72 -50.40 -5.06 6.47
N LEU I 73 -50.27 -4.77 7.78
CA LEU I 73 -51.17 -3.80 8.41
C LEU I 73 -51.09 -2.47 7.68
N ILE I 74 -49.85 -2.03 7.45
CA ILE I 74 -49.61 -0.69 6.96
C ILE I 74 -50.21 -0.54 5.56
N ALA I 75 -50.25 -1.63 4.80
CA ALA I 75 -50.73 -1.61 3.43
C ALA I 75 -52.23 -1.32 3.40
N LYS I 76 -52.97 -1.77 4.44
CA LYS I 76 -54.42 -1.62 4.54
C LYS I 76 -54.85 -0.37 5.35
N ALA I 77 -53.92 0.56 5.62
CA ALA I 77 -54.16 1.62 6.61
C ALA I 77 -54.05 2.96 5.92
N ASP I 78 -54.54 4.00 6.60
CA ASP I 78 -54.48 5.36 6.09
C ASP I 78 -53.30 6.11 6.66
N VAL I 79 -52.99 5.82 7.94
CA VAL I 79 -52.01 6.59 8.69
C VAL I 79 -51.09 5.67 9.46
N LEU I 80 -49.81 6.01 9.35
CA LEU I 80 -48.79 5.46 10.25
C LEU I 80 -48.19 6.56 11.14
N ILE I 81 -48.12 6.22 12.44
CA ILE I 81 -47.52 7.06 13.46
C ILE I 81 -46.30 6.36 14.05
N GLU I 82 -45.14 7.03 14.01
CA GLU I 82 -43.97 6.57 14.75
C GLU I 82 -43.31 7.75 15.47
N GLY I 83 -42.74 7.44 16.65
CA GLY I 83 -42.05 8.41 17.49
C GLY I 83 -40.70 7.93 18.02
N TYR I 84 -39.93 7.22 17.17
CA TYR I 84 -38.61 6.77 17.52
C TYR I 84 -37.65 7.84 17.05
N ARG I 85 -36.39 7.65 17.38
CA ARG I 85 -35.37 8.51 16.83
C ARG I 85 -35.34 8.39 15.31
N PRO I 86 -34.93 9.45 14.60
CA PRO I 86 -34.70 9.35 13.18
C PRO I 86 -33.73 8.22 12.85
N GLY I 87 -34.12 7.45 11.84
CA GLY I 87 -33.33 6.35 11.33
C GLY I 87 -33.81 5.01 11.86
N VAL I 88 -34.67 5.00 12.87
CA VAL I 88 -35.06 3.74 13.47
C VAL I 88 -35.96 2.95 12.54
N THR I 89 -37.03 3.56 12.03
CA THR I 89 -37.92 2.81 11.15
C THR I 89 -37.12 2.43 9.89
N GLU I 90 -36.27 3.31 9.40
CA GLU I 90 -35.46 3.02 8.23
C GLU I 90 -34.74 1.68 8.44
N ARG I 91 -33.97 1.54 9.54
CA ARG I 91 -33.19 0.34 9.82
C ARG I 91 -34.10 -0.84 10.11
N LEU I 92 -35.33 -0.63 10.62
CA LEU I 92 -36.24 -1.75 10.83
C LEU I 92 -36.90 -2.25 9.54
N GLY I 93 -36.71 -1.52 8.42
CA GLY I 93 -37.41 -1.86 7.19
C GLY I 93 -38.82 -1.26 7.10
N LEU I 94 -39.18 -0.33 8.02
CA LEU I 94 -40.50 0.29 8.07
C LEU I 94 -40.37 1.78 7.73
N GLY I 95 -39.30 2.16 7.04
CA GLY I 95 -39.12 3.56 6.70
C GLY I 95 -40.23 4.04 5.76
N PRO I 96 -40.34 5.36 5.51
CA PRO I 96 -41.37 5.86 4.61
C PRO I 96 -41.24 5.26 3.20
N GLU I 97 -40.00 5.12 2.69
CA GLU I 97 -39.77 4.57 1.36
C GLU I 97 -40.27 3.13 1.19
N GLU I 98 -39.97 2.29 2.17
CA GLU I 98 -40.48 0.93 2.19
C GLU I 98 -41.99 0.93 2.31
N CYS I 99 -42.55 1.83 3.12
CA CYS I 99 -43.99 1.89 3.32
C CYS I 99 -44.64 2.38 2.02
N ALA I 100 -43.99 3.33 1.34
CA ALA I 100 -44.52 3.92 0.12
C ALA I 100 -44.60 2.87 -0.97
N LYS I 101 -43.78 1.81 -0.85
CA LYS I 101 -43.82 0.70 -1.79
C LYS I 101 -45.04 -0.19 -1.61
N VAL I 102 -45.60 -0.33 -0.40
CA VAL I 102 -46.78 -1.20 -0.24
C VAL I 102 -48.09 -0.38 -0.14
N ASN I 103 -48.03 0.95 -0.20
CA ASN I 103 -49.19 1.80 0.11
C ASN I 103 -48.80 3.25 -0.11
N ASP I 104 -48.95 3.75 -1.34
CA ASP I 104 -48.59 5.14 -1.65
C ASP I 104 -49.71 6.12 -1.29
N ARG I 105 -50.79 5.61 -0.67
CA ARG I 105 -51.83 6.48 -0.13
C ARG I 105 -51.53 6.85 1.34
N LEU I 106 -50.51 6.22 1.93
CA LEU I 106 -50.24 6.29 3.36
C LEU I 106 -49.83 7.70 3.80
N ILE I 107 -50.37 8.11 4.96
CA ILE I 107 -49.82 9.27 5.64
C ILE I 107 -48.78 8.80 6.66
N TYR I 108 -47.53 9.24 6.48
CA TYR I 108 -46.44 8.71 7.29
C TYR I 108 -46.07 9.78 8.31
N ALA I 109 -46.52 9.58 9.57
CA ALA I 109 -46.46 10.64 10.56
C ALA I 109 -45.32 10.38 11.56
N ARG I 110 -44.32 11.26 11.52
CA ARG I 110 -43.08 11.11 12.27
C ARG I 110 -43.03 12.14 13.43
N MET I 111 -43.08 11.62 14.65
CA MET I 111 -43.20 12.44 15.83
C MET I 111 -41.87 12.45 16.56
N THR I 112 -41.12 13.56 16.45
CA THR I 112 -39.90 13.72 17.23
C THR I 112 -39.94 15.01 18.03
N GLY I 113 -38.89 15.25 18.83
CA GLY I 113 -38.70 16.53 19.50
C GLY I 113 -37.77 17.46 18.74
N TRP I 114 -36.66 16.89 18.23
CA TRP I 114 -35.64 17.68 17.58
C TRP I 114 -35.81 17.75 16.05
N GLY I 115 -36.61 16.86 15.48
CA GLY I 115 -36.73 16.78 14.03
C GLY I 115 -35.94 15.60 13.43
N GLN I 116 -35.92 15.51 12.08
CA GLN I 116 -35.30 14.42 11.34
C GLN I 116 -33.80 14.68 11.07
N THR I 117 -33.35 15.93 11.14
CA THR I 117 -31.97 16.28 10.84
C THR I 117 -31.49 17.27 11.90
N GLY I 118 -30.19 17.54 11.85
CA GLY I 118 -29.58 18.63 12.61
C GLY I 118 -28.75 18.06 13.75
N PRO I 119 -27.92 18.90 14.42
CA PRO I 119 -26.91 18.42 15.37
C PRO I 119 -27.45 17.68 16.58
N ARG I 120 -28.68 17.99 16.99
CA ARG I 120 -29.27 17.36 18.16
C ARG I 120 -30.22 16.23 17.82
N SER I 121 -30.36 15.90 16.53
CA SER I 121 -31.42 15.01 16.06
C SER I 121 -31.35 13.62 16.65
N GLN I 122 -30.18 13.19 17.14
CA GLN I 122 -30.03 11.88 17.74
C GLN I 122 -29.96 11.91 19.28
N GLN I 123 -30.04 13.09 19.89
CA GLN I 123 -30.08 13.16 21.35
C GLN I 123 -31.42 12.72 21.92
N ALA I 124 -31.39 11.88 22.95
CA ALA I 124 -32.54 11.63 23.80
C ALA I 124 -33.01 12.94 24.42
N GLY I 125 -34.27 12.96 24.77
CA GLY I 125 -34.87 14.19 25.23
C GLY I 125 -36.28 13.95 25.78
N HIS I 126 -36.74 14.97 26.53
CA HIS I 126 -38.10 15.04 27.00
C HIS I 126 -38.59 16.47 26.80
N ASP I 127 -39.88 16.66 27.11
CA ASP I 127 -40.57 17.92 26.89
C ASP I 127 -39.68 19.08 27.31
N ILE I 128 -39.19 19.02 28.55
CA ILE I 128 -38.45 20.13 29.13
C ILE I 128 -37.23 20.49 28.26
N ASN I 129 -36.62 19.49 27.60
CA ASN I 129 -35.45 19.77 26.76
C ASN I 129 -35.89 20.53 25.49
N TYR I 130 -36.97 20.11 24.86
CA TYR I 130 -37.37 20.66 23.56
C TYR I 130 -37.78 22.12 23.73
N ILE I 131 -38.47 22.41 24.82
CA ILE I 131 -38.87 23.78 25.09
C ILE I 131 -37.75 24.63 25.69
N SER I 132 -36.62 24.04 26.12
CA SER I 132 -35.59 24.89 26.69
C SER I 132 -34.83 25.62 25.59
N LEU I 133 -34.82 25.03 24.40
CA LEU I 133 -33.99 25.50 23.30
C LEU I 133 -34.63 26.65 22.50
N ASN I 134 -35.96 26.83 22.58
CA ASN I 134 -36.62 27.78 21.68
C ASN I 134 -37.22 28.96 22.43
N GLY I 135 -36.85 29.11 23.72
CA GLY I 135 -37.15 30.30 24.51
C GLY I 135 -38.36 30.14 25.40
N ILE I 136 -39.12 29.08 25.21
CA ILE I 136 -40.36 28.88 25.94
C ILE I 136 -40.08 28.69 27.43
N LEU I 137 -39.24 27.72 27.79
CA LEU I 137 -39.07 27.40 29.20
C LEU I 137 -38.58 28.65 29.96
N HIS I 138 -37.68 29.41 29.33
CA HIS I 138 -37.05 30.54 29.99
C HIS I 138 -38.11 31.55 30.42
N ALA I 139 -39.21 31.57 29.65
CA ALA I 139 -40.25 32.58 29.80
C ALA I 139 -41.30 32.21 30.87
N ILE I 140 -41.18 31.02 31.49
CA ILE I 140 -42.20 30.54 32.40
C ILE I 140 -41.68 30.51 33.84
N GLY I 141 -42.46 31.14 34.75
CA GLY I 141 -42.17 31.14 36.19
C GLY I 141 -42.03 32.55 36.76
N ARG I 142 -41.73 32.64 38.05
CA ARG I 142 -41.53 33.95 38.67
C ARG I 142 -40.15 34.51 38.32
N GLY I 143 -40.05 35.84 38.31
CA GLY I 143 -38.87 36.56 37.87
C GLY I 143 -37.68 36.40 38.83
N ASP I 144 -37.96 36.14 40.10
CA ASP I 144 -36.93 36.00 41.11
C ASP I 144 -36.49 34.53 41.26
N GLU I 145 -36.90 33.64 40.36
CA GLU I 145 -36.66 32.21 40.51
C GLU I 145 -36.28 31.57 39.18
N ARG I 146 -35.84 30.32 39.26
CA ARG I 146 -35.45 29.60 38.07
C ARG I 146 -36.68 29.17 37.28
N PRO I 147 -36.56 28.99 35.95
CA PRO I 147 -37.73 28.66 35.14
C PRO I 147 -38.42 27.42 35.68
N VAL I 148 -39.77 27.35 35.60
CA VAL I 148 -40.48 26.16 36.06
C VAL I 148 -41.15 25.49 34.86
N PRO I 149 -41.06 24.16 34.79
CA PRO I 149 -41.71 23.44 33.71
C PRO I 149 -43.23 23.47 33.83
N PRO I 150 -43.93 23.85 32.73
CA PRO I 150 -45.39 23.78 32.70
C PRO I 150 -45.86 22.37 32.44
N LEU I 151 -45.55 21.49 33.41
CA LEU I 151 -45.64 20.06 33.24
C LEU I 151 -45.00 19.72 31.89
N ASN I 152 -45.55 18.72 31.19
CA ASN I 152 -45.12 18.40 29.83
C ASN I 152 -46.20 18.83 28.83
N LEU I 153 -46.86 19.97 29.07
CA LEU I 153 -48.06 20.31 28.32
C LEU I 153 -47.73 21.01 27.01
N VAL I 154 -46.59 21.70 26.94
CA VAL I 154 -46.34 22.62 25.85
C VAL I 154 -45.53 21.94 24.75
N GLY I 155 -44.63 21.01 25.17
CA GLY I 155 -43.72 20.35 24.25
C GLY I 155 -44.34 19.05 23.72
N ASP I 156 -44.71 18.14 24.62
CA ASP I 156 -45.35 16.88 24.27
C ASP I 156 -46.70 17.07 23.58
N PHE I 157 -47.60 17.88 24.15
CA PHE I 157 -49.00 17.84 23.70
C PHE I 157 -49.29 19.06 22.83
N GLY I 158 -49.30 20.26 23.44
CA GLY I 158 -49.59 21.48 22.70
C GLY I 158 -48.79 21.62 21.41
N GLY I 159 -47.48 21.42 21.52
CA GLY I 159 -46.55 21.64 20.43
C GLY I 159 -46.05 20.33 19.81
N GLY I 160 -46.65 19.22 20.23
CA GLY I 160 -46.21 17.88 19.84
C GLY I 160 -47.34 17.10 19.17
N SER I 161 -48.08 16.31 19.95
CA SER I 161 -49.18 15.53 19.44
C SER I 161 -50.12 16.41 18.61
N MET I 162 -50.43 17.62 19.08
CA MET I 162 -51.51 18.36 18.45
C MET I 162 -51.11 18.74 17.02
N PHE I 163 -49.85 19.13 16.81
CA PHE I 163 -49.35 19.43 15.47
C PHE I 163 -49.23 18.18 14.59
N LEU I 164 -48.88 17.03 15.19
CA LEU I 164 -48.88 15.76 14.49
C LEU I 164 -50.30 15.54 13.97
N LEU I 165 -51.29 15.81 14.83
CA LEU I 165 -52.68 15.58 14.49
C LEU I 165 -53.09 16.51 13.34
N VAL I 166 -52.74 17.77 13.47
CA VAL I 166 -53.04 18.71 12.42
C VAL I 166 -52.38 18.27 11.12
N GLY I 167 -51.16 17.72 11.16
CA GLY I 167 -50.45 17.40 9.91
C GLY I 167 -51.08 16.19 9.23
N ILE I 168 -51.44 15.20 10.05
CA ILE I 168 -52.10 14.02 9.58
C ILE I 168 -53.41 14.39 8.89
N LEU I 169 -54.22 15.23 9.55
CA LEU I 169 -55.56 15.50 9.05
C LEU I 169 -55.48 16.44 7.85
N ALA I 170 -54.51 17.34 7.86
CA ALA I 170 -54.27 18.18 6.71
C ALA I 170 -53.82 17.35 5.51
N ALA I 171 -52.95 16.36 5.75
CA ALA I 171 -52.41 15.56 4.67
C ALA I 171 -53.50 14.66 4.09
N LEU I 172 -54.47 14.25 4.92
CA LEU I 172 -55.62 13.49 4.46
C LEU I 172 -56.53 14.31 3.55
N TRP I 173 -56.70 15.60 3.86
CA TRP I 173 -57.39 16.57 3.01
C TRP I 173 -56.75 16.63 1.63
N GLU I 174 -55.43 16.81 1.61
CA GLU I 174 -54.66 16.95 0.38
C GLU I 174 -54.77 15.66 -0.43
N ARG I 175 -54.78 14.50 0.26
CA ARG I 175 -54.88 13.21 -0.38
C ARG I 175 -56.18 13.12 -1.17
N GLN I 176 -57.20 13.90 -0.80
CA GLN I 176 -58.47 13.82 -1.49
C GLN I 176 -58.26 14.32 -2.91
N SER I 177 -57.39 15.32 -3.15
CA SER I 177 -57.10 15.85 -4.48
C SER I 177 -56.03 15.05 -5.24
N SER I 178 -54.96 14.64 -4.56
CA SER I 178 -53.75 14.14 -5.19
C SER I 178 -53.83 12.63 -5.42
N GLY I 179 -54.64 11.93 -4.61
CA GLY I 179 -54.71 10.48 -4.53
C GLY I 179 -53.51 9.86 -3.80
N LYS I 180 -52.70 10.69 -3.13
CA LYS I 180 -51.40 10.28 -2.65
C LYS I 180 -51.12 10.72 -1.21
N GLY I 181 -50.46 9.82 -0.47
CA GLY I 181 -49.96 10.09 0.86
C GLY I 181 -48.73 11.00 0.83
N GLN I 182 -48.14 11.21 2.02
CA GLN I 182 -46.85 11.86 2.12
C GLN I 182 -46.31 11.67 3.55
N VAL I 183 -45.19 12.35 3.82
CA VAL I 183 -44.58 12.26 5.14
C VAL I 183 -44.87 13.54 5.92
N VAL I 184 -45.32 13.37 7.18
CA VAL I 184 -45.49 14.49 8.12
C VAL I 184 -44.38 14.46 9.17
N ASP I 185 -43.57 15.52 9.21
CA ASP I 185 -42.45 15.67 10.14
C ASP I 185 -42.85 16.65 11.24
N ALA I 186 -43.36 16.12 12.36
CA ALA I 186 -43.73 16.91 13.51
C ALA I 186 -42.64 16.88 14.59
N ALA I 187 -41.96 18.02 14.71
CA ALA I 187 -40.93 18.21 15.72
C ALA I 187 -41.46 19.11 16.85
N MET I 188 -41.33 18.70 18.12
CA MET I 188 -41.82 19.45 19.27
C MET I 188 -41.18 20.83 19.30
N VAL I 189 -39.92 20.91 18.86
CA VAL I 189 -39.24 22.19 18.91
C VAL I 189 -39.89 23.14 17.91
N ASP I 190 -40.54 22.62 16.84
CA ASP I 190 -41.17 23.48 15.84
C ASP I 190 -42.60 23.84 16.25
N GLY I 191 -43.35 22.80 16.59
CA GLY I 191 -44.74 22.90 16.96
C GLY I 191 -44.88 23.83 18.15
N SER I 192 -44.02 23.63 19.15
CA SER I 192 -44.05 24.48 20.33
C SER I 192 -43.73 25.92 19.96
N SER I 193 -42.89 26.16 18.95
CA SER I 193 -42.61 27.55 18.57
C SER I 193 -43.82 28.24 17.91
N VAL I 194 -44.59 27.51 17.11
CA VAL I 194 -45.77 28.05 16.48
C VAL I 194 -46.84 28.29 17.56
N LEU I 195 -46.89 27.40 18.56
CA LEU I 195 -47.83 27.55 19.65
C LEU I 195 -47.60 28.89 20.37
N ILE I 196 -46.34 29.33 20.41
CA ILE I 196 -45.99 30.57 21.11
C ILE I 196 -45.75 31.69 20.10
N GLN I 197 -46.36 31.59 18.91
CA GLN I 197 -46.13 32.60 17.89
C GLN I 197 -46.51 34.01 18.39
N MET I 198 -47.52 34.14 19.24
CA MET I 198 -47.97 35.44 19.73
C MET I 198 -46.81 36.18 20.41
N MET I 199 -46.06 35.48 21.27
CA MET I 199 -44.93 36.08 21.95
C MET I 199 -43.88 36.57 20.95
N TRP I 200 -43.56 35.76 19.92
CA TRP I 200 -42.59 36.16 18.92
C TRP I 200 -43.07 37.43 18.22
N ALA I 201 -44.39 37.60 18.11
CA ALA I 201 -44.96 38.76 17.42
C ALA I 201 -44.91 39.99 18.32
N MET I 202 -45.37 39.81 19.56
CA MET I 202 -45.34 40.88 20.56
C MET I 202 -43.91 41.38 20.77
N ARG I 203 -42.95 40.45 20.74
CA ARG I 203 -41.56 40.80 20.98
C ARG I 203 -41.05 41.73 19.87
N ALA I 204 -41.47 41.49 18.62
CA ALA I 204 -41.01 42.32 17.50
C ALA I 204 -41.53 43.76 17.61
N THR I 205 -42.68 43.97 18.27
CA THR I 205 -43.32 45.27 18.39
C THR I 205 -43.10 45.88 19.78
N GLY I 206 -42.11 45.41 20.53
CA GLY I 206 -41.79 45.94 21.85
C GLY I 206 -42.78 45.56 22.95
N MET I 207 -43.64 44.57 22.71
CA MET I 207 -44.78 44.33 23.58
C MET I 207 -44.54 43.11 24.47
N TRP I 208 -43.35 42.55 24.39
CA TRP I 208 -42.95 41.42 25.21
C TRP I 208 -41.45 41.49 25.40
N THR I 209 -40.95 41.31 26.64
CA THR I 209 -39.51 41.23 26.83
C THR I 209 -39.11 39.85 27.35
N ASP I 210 -37.80 39.62 27.22
CA ASP I 210 -37.15 38.39 27.64
C ASP I 210 -37.07 38.26 29.15
N THR I 211 -37.39 39.33 29.91
CA THR I 211 -37.42 39.27 31.36
C THR I 211 -38.57 38.41 31.86
N ARG I 212 -38.20 37.35 32.58
CA ARG I 212 -39.19 36.43 33.08
C ARG I 212 -40.00 37.16 34.15
N GLY I 213 -41.31 36.91 34.17
CA GLY I 213 -42.19 37.47 35.18
C GLY I 213 -42.43 38.97 35.04
N ALA I 214 -42.25 39.58 33.86
CA ALA I 214 -42.39 41.03 33.70
C ALA I 214 -43.25 41.37 32.49
N ASN I 215 -44.23 40.53 32.13
CA ASN I 215 -45.02 40.72 30.93
C ASN I 215 -46.49 40.57 31.26
N MET I 216 -47.35 40.88 30.29
CA MET I 216 -48.77 40.94 30.55
C MET I 216 -49.34 39.56 30.91
N LEU I 217 -48.74 38.48 30.39
CA LEU I 217 -49.39 37.18 30.47
C LEU I 217 -48.56 36.14 31.22
N ASP I 218 -47.47 36.55 31.87
CA ASP I 218 -46.57 35.58 32.48
C ASP I 218 -46.65 35.64 34.00
N GLY I 219 -47.57 36.45 34.54
CA GLY I 219 -47.73 36.62 35.97
C GLY I 219 -47.21 37.99 36.39
N GLY I 220 -46.54 38.71 35.50
CA GLY I 220 -46.02 40.04 35.83
C GLY I 220 -47.10 41.10 36.01
N ALA I 221 -48.26 40.95 35.34
CA ALA I 221 -49.34 41.92 35.42
C ALA I 221 -50.25 41.59 36.60
N PRO I 222 -50.55 42.54 37.50
CA PRO I 222 -51.39 42.25 38.66
C PRO I 222 -52.81 41.82 38.34
N TYR I 223 -53.30 42.16 37.16
CA TYR I 223 -54.64 41.76 36.75
C TYR I 223 -54.62 40.43 35.98
N TYR I 224 -53.45 39.78 35.88
CA TYR I 224 -53.32 38.51 35.16
C TYR I 224 -52.37 37.59 35.92
N ASP I 225 -52.91 36.94 36.96
CA ASP I 225 -52.12 36.21 37.91
C ASP I 225 -53.05 35.49 38.89
N THR I 226 -52.45 34.61 39.70
CA THR I 226 -53.14 33.97 40.81
C THR I 226 -52.96 34.82 42.06
N TYR I 227 -53.86 34.63 43.03
CA TYR I 227 -53.78 35.34 44.30
C TYR I 227 -54.20 34.38 45.39
N GLU I 228 -53.46 34.46 46.51
CA GLU I 228 -53.82 33.69 47.68
C GLU I 228 -54.97 34.38 48.44
N CYS I 229 -55.90 33.54 48.92
CA CYS I 229 -57.08 33.92 49.68
C CYS I 229 -56.90 33.64 51.17
N ALA I 230 -57.93 33.91 51.98
CA ALA I 230 -57.77 33.91 53.43
C ALA I 230 -57.56 32.49 53.92
N ASP I 231 -58.03 31.51 53.13
CA ASP I 231 -57.97 30.10 53.53
C ASP I 231 -56.71 29.41 52.95
N GLY I 232 -55.80 30.13 52.32
CA GLY I 232 -54.61 29.51 51.74
C GLY I 232 -54.87 28.94 50.33
N ARG I 233 -56.10 28.98 49.81
CA ARG I 233 -56.39 28.54 48.45
C ARG I 233 -56.31 29.73 47.51
N TYR I 234 -56.53 29.52 46.20
CA TYR I 234 -56.17 30.54 45.23
C TYR I 234 -57.32 30.82 44.27
N VAL I 235 -57.33 32.07 43.79
CA VAL I 235 -58.19 32.48 42.70
C VAL I 235 -57.26 32.87 41.56
N ALA I 236 -57.78 32.80 40.34
CA ALA I 236 -57.14 33.37 39.17
C ALA I 236 -57.90 34.60 38.70
N VAL I 237 -57.11 35.62 38.34
CA VAL I 237 -57.56 36.89 37.85
C VAL I 237 -57.00 37.01 36.44
N GLY I 238 -57.91 37.28 35.49
CA GLY I 238 -57.57 37.39 34.09
C GLY I 238 -58.22 38.61 33.46
N ALA I 239 -58.29 39.73 34.18
CA ALA I 239 -59.12 40.84 33.77
C ALA I 239 -58.32 41.80 32.91
N ILE I 240 -58.00 41.38 31.68
CA ILE I 240 -57.21 42.23 30.80
C ILE I 240 -57.99 43.48 30.37
N GLU I 241 -59.24 43.31 29.94
CA GLU I 241 -60.03 44.40 29.40
C GLU I 241 -60.45 45.34 30.55
N PRO I 242 -60.36 46.66 30.32
CA PRO I 242 -60.72 47.66 31.33
C PRO I 242 -62.08 47.47 31.98
N GLN I 243 -63.13 47.16 31.20
CA GLN I 243 -64.46 46.98 31.76
C GLN I 243 -64.46 45.82 32.76
N PHE I 244 -63.73 44.75 32.43
CA PHE I 244 -63.75 43.55 33.26
C PHE I 244 -62.95 43.86 34.52
N TYR I 245 -61.78 44.48 34.30
CA TYR I 245 -60.94 44.97 35.41
C TYR I 245 -61.76 45.82 36.39
N ALA I 246 -62.57 46.74 35.88
CA ALA I 246 -63.34 47.66 36.73
C ALA I 246 -64.37 46.85 37.52
N ALA I 247 -64.95 45.81 36.90
CA ALA I 247 -65.90 44.97 37.59
C ALA I 247 -65.22 44.24 38.74
N MET I 248 -63.98 43.84 38.48
CA MET I 248 -63.25 43.08 39.47
C MET I 248 -63.00 43.99 40.69
N LEU I 249 -62.56 45.22 40.43
CA LEU I 249 -62.26 46.16 41.52
C LEU I 249 -63.47 46.38 42.43
N ALA I 250 -64.61 46.69 41.84
CA ALA I 250 -65.84 46.90 42.62
C ALA I 250 -66.17 45.67 43.44
N GLY I 251 -65.99 44.46 42.90
CA GLY I 251 -66.26 43.25 43.67
C GLY I 251 -65.29 43.08 44.85
N LEU I 252 -64.09 43.63 44.73
CA LEU I 252 -63.10 43.54 45.79
C LEU I 252 -63.35 44.60 46.87
N GLY I 253 -64.18 45.61 46.57
CA GLY I 253 -64.44 46.67 47.51
C GLY I 253 -63.39 47.75 47.35
N LEU I 254 -62.63 47.74 46.25
CA LEU I 254 -61.60 48.72 46.05
C LEU I 254 -62.14 49.82 45.17
N ASP I 255 -61.82 51.04 45.55
CA ASP I 255 -62.33 52.21 44.88
C ASP I 255 -61.23 52.64 43.92
N ALA I 256 -61.54 52.52 42.62
CA ALA I 256 -60.63 52.80 41.52
C ALA I 256 -59.88 54.11 41.72
N ALA I 257 -60.48 55.10 42.39
CA ALA I 257 -59.85 56.41 42.52
C ALA I 257 -58.64 56.33 43.44
N GLU I 258 -58.57 55.32 44.30
CA GLU I 258 -57.44 55.14 45.22
C GLU I 258 -56.30 54.30 44.64
N LEU I 259 -56.50 53.66 43.47
CA LEU I 259 -55.50 52.74 42.95
C LEU I 259 -54.76 53.43 41.83
N PRO I 260 -53.52 53.00 41.49
CA PRO I 260 -52.90 53.46 40.27
C PRO I 260 -53.61 52.93 39.02
N PRO I 261 -53.33 53.49 37.83
CA PRO I 261 -53.91 52.99 36.59
C PRO I 261 -53.51 51.54 36.30
N GLN I 262 -54.45 50.81 35.71
CA GLN I 262 -54.35 49.39 35.50
C GLN I 262 -53.09 49.06 34.72
N ASN I 263 -52.75 49.89 33.72
CA ASN I 263 -51.61 49.63 32.87
C ASN I 263 -50.47 50.61 33.11
N ASP I 264 -50.37 51.21 34.29
CA ASP I 264 -49.17 51.95 34.65
C ASP I 264 -48.16 50.99 35.30
N ARG I 265 -47.29 50.40 34.46
CA ARG I 265 -46.37 49.36 34.88
C ARG I 265 -45.45 49.87 35.99
N ALA I 266 -45.05 51.14 35.95
CA ALA I 266 -44.17 51.67 36.98
C ALA I 266 -44.78 51.52 38.38
N ARG I 267 -46.10 51.37 38.46
CA ARG I 267 -46.79 51.31 39.74
C ARG I 267 -47.48 49.96 39.92
N TRP I 268 -47.14 48.98 39.08
CA TRP I 268 -47.64 47.63 39.30
C TRP I 268 -47.30 47.11 40.69
N PRO I 269 -46.12 47.40 41.29
CA PRO I 269 -45.84 46.94 42.66
C PRO I 269 -46.88 47.38 43.67
N GLU I 270 -47.23 48.67 43.69
CA GLU I 270 -48.29 49.17 44.56
C GLU I 270 -49.63 48.50 44.26
N LEU I 271 -49.98 48.43 42.97
CA LEU I 271 -51.27 47.87 42.56
C LEU I 271 -51.37 46.42 43.03
N ARG I 272 -50.25 45.70 42.85
CA ARG I 272 -50.19 44.30 43.26
C ARG I 272 -50.41 44.20 44.76
N ALA I 273 -49.83 45.15 45.52
CA ALA I 273 -49.94 45.09 46.98
C ALA I 273 -51.39 45.29 47.39
N LEU I 274 -52.10 46.18 46.68
CA LEU I 274 -53.50 46.45 47.01
C LEU I 274 -54.42 45.26 46.73
N LEU I 275 -54.27 44.68 45.52
CA LEU I 275 -55.04 43.50 45.13
C LEU I 275 -54.72 42.33 46.06
N THR I 276 -53.43 42.16 46.43
CA THR I 276 -53.01 41.07 47.29
C THR I 276 -53.78 41.11 48.59
N GLU I 277 -53.75 42.28 49.24
CA GLU I 277 -54.44 42.47 50.50
C GLU I 277 -55.96 42.28 50.34
N ALA I 278 -56.55 42.78 49.24
CA ALA I 278 -57.98 42.58 49.03
C ALA I 278 -58.34 41.10 48.89
N PHE I 279 -57.66 40.35 48.01
CA PHE I 279 -57.99 38.94 47.85
C PHE I 279 -57.69 38.13 49.12
N ALA I 280 -56.70 38.54 49.94
CA ALA I 280 -56.37 37.80 51.16
C ALA I 280 -57.45 37.94 52.22
N SER I 281 -58.37 38.90 52.10
CA SER I 281 -59.31 39.18 53.18
C SER I 281 -60.48 38.20 53.20
N HIS I 282 -60.71 37.41 52.14
CA HIS I 282 -61.77 36.42 52.17
C HIS I 282 -61.27 35.14 51.53
N ASP I 283 -62.04 34.07 51.71
CA ASP I 283 -61.62 32.74 51.27
C ASP I 283 -62.00 32.57 49.79
N ARG I 284 -61.54 31.47 49.19
CA ARG I 284 -61.65 31.27 47.76
C ARG I 284 -63.12 31.10 47.35
N ASP I 285 -63.84 30.22 48.04
CA ASP I 285 -65.24 29.99 47.77
C ASP I 285 -66.04 31.30 47.89
N HIS I 286 -65.68 32.21 48.80
CA HIS I 286 -66.33 33.51 48.87
C HIS I 286 -66.20 34.27 47.56
N TRP I 287 -65.00 34.32 46.98
CA TRP I 287 -64.77 35.09 45.76
C TRP I 287 -65.47 34.40 44.60
N GLY I 288 -65.57 33.07 44.67
CA GLY I 288 -66.27 32.32 43.64
C GLY I 288 -67.75 32.70 43.58
N ALA I 289 -68.39 32.93 44.74
CA ALA I 289 -69.79 33.35 44.84
C ALA I 289 -69.97 34.80 44.37
N VAL I 290 -69.23 35.71 45.01
CA VAL I 290 -69.24 37.09 44.60
C VAL I 290 -69.15 37.24 43.08
N PHE I 291 -68.29 36.44 42.42
CA PHE I 291 -67.97 36.73 41.03
C PHE I 291 -68.71 35.81 40.07
N ALA I 292 -69.57 34.95 40.60
CA ALA I 292 -70.47 34.16 39.77
C ALA I 292 -71.28 35.09 38.87
N ASN I 293 -71.31 34.75 37.58
CA ASN I 293 -72.05 35.47 36.55
C ASN I 293 -71.44 36.83 36.25
N SER I 294 -70.25 37.13 36.77
CA SER I 294 -69.61 38.39 36.40
C SER I 294 -68.68 38.24 35.20
N ASP I 295 -68.33 39.40 34.66
CA ASP I 295 -67.29 39.53 33.68
C ASP I 295 -65.97 39.96 34.31
N ALA I 296 -65.87 39.84 35.63
CA ALA I 296 -64.66 40.21 36.36
C ALA I 296 -63.45 39.32 36.02
N CYS I 297 -63.67 38.12 35.47
CA CYS I 297 -62.57 37.24 35.07
C CYS I 297 -61.84 36.79 36.33
N VAL I 298 -62.60 36.41 37.35
CA VAL I 298 -62.04 35.85 38.53
C VAL I 298 -62.65 34.47 38.69
N THR I 299 -61.80 33.45 38.91
CA THR I 299 -62.28 32.09 39.05
C THR I 299 -61.47 31.40 40.13
N PRO I 300 -62.05 30.42 40.80
CA PRO I 300 -61.33 29.63 41.76
C PRO I 300 -60.35 28.68 41.09
N VAL I 301 -59.18 28.53 41.70
CA VAL I 301 -58.18 27.60 41.22
C VAL I 301 -58.44 26.27 41.90
N LEU I 302 -59.06 25.37 41.16
CA LEU I 302 -59.46 24.09 41.71
C LEU I 302 -58.34 23.10 41.47
N ALA I 303 -58.12 22.23 42.44
CA ALA I 303 -57.21 21.12 42.30
C ALA I 303 -57.96 19.96 41.63
N PHE I 304 -57.21 19.02 41.01
CA PHE I 304 -57.79 17.90 40.26
C PHE I 304 -58.95 17.24 41.03
N GLY I 305 -58.75 16.99 42.32
CA GLY I 305 -59.71 16.25 43.13
C GLY I 305 -61.02 17.00 43.40
N GLU I 306 -61.06 18.32 43.16
CA GLU I 306 -62.26 19.12 43.35
C GLU I 306 -63.00 19.38 42.03
N VAL I 307 -62.39 19.04 40.90
CA VAL I 307 -62.96 19.41 39.59
C VAL I 307 -64.33 18.77 39.43
N HIS I 308 -64.50 17.55 39.93
CA HIS I 308 -65.75 16.81 39.76
C HIS I 308 -66.90 17.46 40.53
N ASN I 309 -66.63 18.36 41.48
CA ASN I 309 -67.70 19.04 42.19
C ASN I 309 -68.05 20.42 41.59
N GLU I 310 -67.45 20.84 40.47
CA GLU I 310 -67.75 22.16 39.91
C GLU I 310 -68.92 22.10 38.92
N PRO I 311 -70.03 22.85 39.17
CA PRO I 311 -71.23 22.71 38.35
C PRO I 311 -70.97 22.81 36.86
N HIS I 312 -70.14 23.74 36.40
CA HIS I 312 -69.95 23.88 34.96
C HIS I 312 -69.25 22.66 34.33
N ILE I 313 -68.44 21.96 35.12
CA ILE I 313 -67.76 20.74 34.67
C ILE I 313 -68.78 19.60 34.60
N ILE I 314 -69.51 19.41 35.70
CA ILE I 314 -70.53 18.37 35.80
C ILE I 314 -71.57 18.53 34.68
N GLU I 315 -72.01 19.75 34.44
CA GLU I 315 -73.17 19.92 33.60
C GLU I 315 -72.83 19.77 32.12
N ARG I 316 -71.57 19.95 31.72
CA ARG I 316 -71.26 19.82 30.30
C ARG I 316 -70.61 18.44 30.04
N ASN I 317 -70.50 17.60 31.06
CA ASN I 317 -69.88 16.29 30.92
C ASN I 317 -68.49 16.39 30.30
N THR I 318 -67.69 17.32 30.82
CA THR I 318 -66.31 17.43 30.38
C THR I 318 -65.55 16.13 30.70
N PHE I 319 -65.97 15.39 31.72
CA PHE I 319 -65.31 14.18 32.20
C PHE I 319 -66.29 13.02 32.21
N TYR I 320 -65.76 11.78 32.25
CA TYR I 320 -66.51 10.57 32.53
C TYR I 320 -65.72 9.80 33.59
N GLU I 321 -66.39 8.86 34.24
CA GLU I 321 -65.82 7.98 35.25
C GLU I 321 -65.30 6.72 34.62
N ALA I 322 -64.08 6.30 34.95
CA ALA I 322 -63.60 4.98 34.61
C ALA I 322 -62.65 4.51 35.71
N ASN I 323 -62.76 3.25 36.13
CA ASN I 323 -61.72 2.63 36.95
C ASN I 323 -61.16 3.58 38.00
N GLY I 324 -61.92 3.84 39.08
CA GLY I 324 -61.38 4.57 40.22
C GLY I 324 -61.43 6.09 40.04
N GLY I 325 -60.98 6.62 38.90
CA GLY I 325 -60.90 8.06 38.68
C GLY I 325 -61.62 8.57 37.42
N TRP I 326 -61.77 9.89 37.36
CA TRP I 326 -62.31 10.62 36.24
C TRP I 326 -61.30 10.75 35.12
N GLN I 327 -61.79 10.81 33.88
CA GLN I 327 -60.99 11.05 32.70
C GLN I 327 -61.74 12.03 31.82
N PRO I 328 -61.02 12.83 31.02
CA PRO I 328 -61.68 13.75 30.11
C PRO I 328 -62.35 13.07 28.93
N MET I 329 -63.59 13.50 28.64
CA MET I 329 -64.28 13.11 27.42
C MET I 329 -63.55 13.73 26.24
N PRO I 330 -63.75 13.12 25.06
CA PRO I 330 -63.22 13.62 23.80
C PRO I 330 -63.53 15.09 23.55
N ALA I 331 -62.55 15.71 22.89
CA ALA I 331 -62.65 17.07 22.46
C ALA I 331 -62.04 17.15 21.08
N PRO I 332 -62.50 18.07 20.22
CA PRO I 332 -63.68 18.89 20.50
C PRO I 332 -64.96 18.09 20.28
N ARG I 333 -66.10 18.81 20.26
CA ARG I 333 -67.42 18.22 20.11
C ARG I 333 -67.95 18.50 18.71
N PHE I 334 -68.80 17.56 18.24
CA PHE I 334 -69.34 17.55 16.87
C PHE I 334 -70.86 17.40 16.93
N SER I 335 -71.57 18.31 16.25
CA SER I 335 -73.03 18.41 16.37
C SER I 335 -73.72 17.21 15.72
N ARG I 336 -73.20 16.72 14.58
CA ARG I 336 -73.84 15.62 13.86
C ARG I 336 -73.18 14.26 14.13
N THR I 337 -71.86 14.09 13.89
CA THR I 337 -71.21 12.80 14.22
C THR I 337 -70.47 12.90 15.55
N ALA I 338 -71.17 12.65 16.64
CA ALA I 338 -70.58 12.93 17.94
C ALA I 338 -69.76 11.74 18.40
N SER I 339 -68.69 12.04 19.13
CA SER I 339 -67.81 11.01 19.67
C SER I 339 -68.60 10.25 20.70
N SER I 340 -68.20 9.02 21.00
CA SER I 340 -68.75 8.32 22.14
C SER I 340 -67.72 8.28 23.26
N GLN I 341 -68.19 7.81 24.40
CA GLN I 341 -67.36 7.59 25.56
C GLN I 341 -66.26 6.63 25.17
N PRO I 342 -65.00 6.93 25.52
CA PRO I 342 -63.88 6.08 25.14
C PRO I 342 -64.03 4.64 25.62
N ARG I 343 -63.54 3.69 24.81
CA ARG I 343 -63.44 2.30 25.20
C ARG I 343 -62.15 2.12 25.99
N PRO I 344 -62.20 1.38 27.10
CA PRO I 344 -61.01 1.12 27.89
C PRO I 344 -59.92 0.39 27.11
N PRO I 345 -58.68 0.43 27.62
CA PRO I 345 -57.67 -0.53 27.22
C PRO I 345 -58.25 -1.95 27.33
N ALA I 346 -58.14 -2.72 26.25
CA ALA I 346 -58.64 -4.09 26.21
C ALA I 346 -57.45 -5.06 26.12
N ALA I 347 -57.70 -6.37 26.33
CA ALA I 347 -56.66 -7.37 26.18
C ALA I 347 -56.01 -7.24 24.81
N THR I 348 -54.75 -7.66 24.72
CA THR I 348 -54.05 -7.62 23.43
C THR I 348 -54.76 -8.60 22.50
N ILE I 349 -54.61 -8.37 21.20
CA ILE I 349 -55.35 -9.10 20.18
C ILE I 349 -54.29 -9.75 19.30
N ASP I 350 -54.72 -10.72 18.51
CA ASP I 350 -53.86 -11.38 17.53
C ASP I 350 -53.74 -10.52 16.27
N ILE I 351 -52.52 -10.26 15.81
CA ILE I 351 -52.35 -9.39 14.64
C ILE I 351 -52.99 -9.97 13.36
N GLU I 352 -53.14 -11.30 13.27
CA GLU I 352 -53.83 -11.96 12.15
C GLU I 352 -55.32 -11.64 12.16
N ALA I 353 -55.97 -11.66 13.34
CA ALA I 353 -57.39 -11.32 13.44
C ALA I 353 -57.67 -9.89 12.97
N VAL I 354 -56.70 -8.99 13.15
CA VAL I 354 -56.87 -7.62 12.70
C VAL I 354 -56.88 -7.61 11.17
N LEU I 355 -55.88 -8.28 10.57
CA LEU I 355 -55.75 -8.35 9.11
C LEU I 355 -57.03 -8.92 8.47
N THR I 356 -57.62 -9.92 9.12
CA THR I 356 -58.89 -10.50 8.68
C THR I 356 -59.91 -9.38 8.59
N ASP I 357 -60.17 -8.73 9.73
CA ASP I 357 -61.17 -7.69 9.88
C ASP I 357 -60.98 -6.61 8.81
N TRP I 358 -59.74 -6.24 8.48
CA TRP I 358 -59.48 -5.21 7.48
C TRP I 358 -59.55 -5.75 6.05
N ASP I 359 -59.64 -7.08 5.88
CA ASP I 359 -59.97 -7.74 4.61
C ASP I 359 -58.93 -7.44 3.54
N MET J 1 -51.18 28.81 -3.85
CA MET J 1 -50.78 28.80 -2.41
C MET J 1 -50.19 27.43 -2.05
N ALA J 2 -48.95 27.46 -1.55
CA ALA J 2 -48.20 26.26 -1.17
C ALA J 2 -48.82 25.63 0.07
N GLY J 3 -48.84 24.29 0.13
CA GLY J 3 -49.07 23.56 1.36
C GLY J 3 -50.23 22.60 1.20
N PRO J 4 -50.40 21.64 2.13
CA PRO J 4 -51.43 20.62 1.99
C PRO J 4 -52.87 21.13 2.00
N LEU J 5 -53.09 22.34 2.52
CA LEU J 5 -54.46 22.82 2.65
C LEU J 5 -54.81 23.76 1.49
N SER J 6 -53.93 23.84 0.48
CA SER J 6 -54.22 24.55 -0.75
C SER J 6 -55.65 24.24 -1.18
N GLY J 7 -56.44 25.30 -1.41
CA GLY J 7 -57.80 25.16 -1.92
C GLY J 7 -58.87 25.23 -0.84
N LEU J 8 -58.47 25.25 0.45
CA LEU J 8 -59.42 25.30 1.53
C LEU J 8 -59.79 26.77 1.71
N ARG J 9 -61.10 27.02 1.86
CA ARG J 9 -61.59 28.38 2.04
C ARG J 9 -62.13 28.56 3.45
N VAL J 10 -61.53 29.54 4.12
CA VAL J 10 -61.86 29.80 5.50
C VAL J 10 -62.31 31.25 5.67
N VAL J 11 -63.42 31.38 6.42
CA VAL J 11 -63.87 32.70 6.83
C VAL J 11 -63.73 32.82 8.35
N GLU J 12 -62.96 33.83 8.74
CA GLU J 12 -62.65 34.10 10.14
C GLU J 12 -63.33 35.39 10.59
N LEU J 13 -64.25 35.26 11.56
CA LEU J 13 -64.80 36.42 12.25
C LEU J 13 -63.84 36.88 13.35
N ALA J 14 -63.24 38.03 13.10
CA ALA J 14 -62.15 38.54 13.91
C ALA J 14 -62.52 38.51 15.38
N GLY J 15 -61.58 37.91 16.13
CA GLY J 15 -61.68 37.72 17.57
C GLY J 15 -60.29 37.78 18.19
N ILE J 16 -60.13 37.20 19.39
CA ILE J 16 -58.83 37.26 20.05
C ILE J 16 -58.45 35.87 20.54
N GLY J 17 -57.14 35.60 20.61
CA GLY J 17 -56.65 34.37 21.25
C GLY J 17 -56.73 33.16 20.31
N PRO J 18 -57.53 32.14 20.64
CA PRO J 18 -57.50 30.88 19.89
C PRO J 18 -57.96 31.01 18.42
N GLY J 19 -59.10 31.65 18.18
CA GLY J 19 -59.62 31.79 16.81
C GLY J 19 -58.54 32.25 15.85
N PRO J 20 -57.90 33.40 16.10
CA PRO J 20 -56.87 33.89 15.20
C PRO J 20 -55.65 32.97 15.07
N HIS J 21 -55.35 32.17 16.09
CA HIS J 21 -54.21 31.27 15.99
C HIS J 21 -54.55 30.06 15.12
N ALA J 22 -55.77 29.50 15.25
CA ALA J 22 -56.26 28.45 14.39
C ALA J 22 -56.29 28.93 12.94
N ALA J 23 -56.81 30.13 12.73
CA ALA J 23 -56.90 30.68 11.38
C ALA J 23 -55.50 30.82 10.79
N MET J 24 -54.56 31.27 11.62
CA MET J 24 -53.20 31.48 11.16
C MET J 24 -52.60 30.16 10.68
N ILE J 25 -52.81 29.09 11.44
CA ILE J 25 -52.21 27.83 11.10
C ILE J 25 -52.84 27.33 9.80
N LEU J 26 -54.18 27.42 9.66
CA LEU J 26 -54.83 27.04 8.41
C LEU J 26 -54.15 27.79 7.27
N GLY J 27 -53.93 29.09 7.43
CA GLY J 27 -53.26 29.92 6.44
C GLY J 27 -51.82 29.47 6.15
N ASP J 28 -51.11 29.10 7.21
CA ASP J 28 -49.71 28.74 7.13
C ASP J 28 -49.51 27.54 6.19
N LEU J 29 -50.44 26.60 6.27
CA LEU J 29 -50.45 25.34 5.56
C LEU J 29 -51.18 25.45 4.21
N GLY J 30 -51.55 26.68 3.81
CA GLY J 30 -51.95 26.97 2.43
C GLY J 30 -53.45 27.20 2.23
N ALA J 31 -54.22 27.31 3.31
CA ALA J 31 -55.63 27.65 3.16
C ALA J 31 -55.78 29.11 2.77
N ASP J 32 -56.93 29.38 2.16
CA ASP J 32 -57.31 30.71 1.73
C ASP J 32 -58.18 31.31 2.82
N VAL J 33 -57.56 32.16 3.64
CA VAL J 33 -58.23 32.61 4.86
C VAL J 33 -58.64 34.05 4.67
N VAL J 34 -59.92 34.32 4.91
CA VAL J 34 -60.42 35.68 4.77
C VAL J 34 -60.99 36.09 6.10
N ARG J 35 -60.43 37.15 6.65
CA ARG J 35 -60.84 37.59 7.98
C ARG J 35 -61.76 38.79 7.88
N ILE J 36 -62.98 38.68 8.45
CA ILE J 36 -63.89 39.80 8.53
C ILE J 36 -63.68 40.56 9.85
N ASP J 37 -63.17 41.79 9.77
CA ASP J 37 -63.06 42.65 10.94
C ASP J 37 -64.23 43.63 10.98
N ARG J 38 -64.26 44.50 12.00
CA ARG J 38 -65.15 45.65 12.00
C ARG J 38 -64.36 46.87 11.57
N PRO J 39 -65.03 47.87 10.95
CA PRO J 39 -64.32 48.99 10.33
C PRO J 39 -63.57 49.86 11.34
N SER J 40 -64.10 49.95 12.58
CA SER J 40 -63.36 50.57 13.67
C SER J 40 -62.08 49.77 13.93
N SER J 41 -61.05 50.07 13.10
CA SER J 41 -59.72 49.49 13.10
C SER J 41 -58.81 50.21 12.09
N ILE J 45 -52.31 47.97 7.30
CA ILE J 45 -51.34 46.85 7.52
C ILE J 45 -51.18 46.71 9.03
N SER J 46 -51.78 45.66 9.61
CA SER J 46 -51.63 45.36 11.03
C SER J 46 -50.20 44.92 11.33
N ARG J 47 -49.73 45.26 12.54
CA ARG J 47 -48.40 44.85 13.00
C ARG J 47 -48.46 43.51 13.74
N ASP J 48 -49.68 42.96 13.94
CA ASP J 48 -49.86 41.69 14.64
C ASP J 48 -49.49 40.52 13.70
N ALA J 49 -48.30 39.93 13.93
CA ALA J 49 -47.87 38.82 13.10
C ALA J 49 -48.75 37.57 13.29
N MET J 50 -49.64 37.51 14.31
CA MET J 50 -50.63 36.43 14.32
C MET J 50 -51.60 36.54 13.11
N LEU J 51 -51.62 37.69 12.42
CA LEU J 51 -52.50 37.94 11.27
C LEU J 51 -51.80 37.69 9.94
N ARG J 52 -50.71 36.94 9.95
CA ARG J 52 -50.07 36.49 8.72
C ARG J 52 -51.01 35.55 7.97
N ASN J 53 -50.68 35.41 6.67
CA ASN J 53 -51.35 34.51 5.74
C ASN J 53 -52.86 34.75 5.77
N ARG J 54 -53.28 36.00 5.55
CA ARG J 54 -54.67 36.39 5.61
C ARG J 54 -55.01 37.41 4.53
N ARG J 55 -56.28 37.47 4.13
CA ARG J 55 -56.82 38.71 3.58
C ARG J 55 -57.81 39.26 4.60
N ILE J 56 -57.65 40.56 4.90
CA ILE J 56 -58.50 41.24 5.87
C ILE J 56 -59.58 42.05 5.15
N VAL J 57 -60.82 41.90 5.60
CA VAL J 57 -61.90 42.75 5.09
C VAL J 57 -62.73 43.24 6.26
N THR J 58 -63.34 44.43 6.12
CA THR J 58 -64.12 45.07 7.16
C THR J 58 -65.58 45.05 6.74
N ALA J 59 -66.49 44.97 7.70
CA ALA J 59 -67.90 44.90 7.38
C ALA J 59 -68.67 44.98 8.68
N ASP J 60 -69.54 45.98 8.81
CA ASP J 60 -70.42 46.05 9.96
C ASP J 60 -71.51 44.99 9.78
N LEU J 61 -71.56 44.03 10.70
CA LEU J 61 -72.39 42.85 10.56
C LEU J 61 -73.79 43.10 11.14
N LYS J 62 -73.96 44.22 11.86
CA LYS J 62 -75.27 44.52 12.40
C LYS J 62 -76.05 45.31 11.36
N SER J 63 -75.36 45.86 10.36
CA SER J 63 -76.03 46.49 9.23
C SER J 63 -76.64 45.38 8.35
N ASP J 64 -77.44 45.77 7.35
CA ASP J 64 -78.09 44.81 6.47
C ASP J 64 -77.14 44.41 5.36
N GLN J 65 -76.35 45.37 4.86
CA GLN J 65 -75.39 45.13 3.81
C GLN J 65 -74.31 44.14 4.30
N GLY J 66 -73.63 44.52 5.40
CA GLY J 66 -72.61 43.69 6.02
C GLY J 66 -73.06 42.24 6.17
N LEU J 67 -74.23 42.02 6.80
CA LEU J 67 -74.71 40.68 7.06
C LEU J 67 -74.86 39.89 5.78
N GLU J 68 -75.14 40.60 4.67
CA GLU J 68 -75.47 39.94 3.43
C GLU J 68 -74.17 39.62 2.70
N LEU J 69 -73.20 40.54 2.75
CA LEU J 69 -71.89 40.32 2.15
C LEU J 69 -71.15 39.16 2.84
N ALA J 70 -71.34 39.04 4.16
CA ALA J 70 -70.75 37.97 4.93
C ALA J 70 -71.42 36.64 4.60
N LEU J 71 -72.75 36.67 4.43
CA LEU J 71 -73.45 35.44 4.10
C LEU J 71 -73.03 34.97 2.71
N LYS J 72 -72.56 35.91 1.88
CA LYS J 72 -72.15 35.55 0.55
C LYS J 72 -70.79 34.85 0.61
N LEU J 73 -69.85 35.42 1.39
CA LEU J 73 -68.56 34.78 1.63
C LEU J 73 -68.75 33.35 2.15
N ILE J 74 -69.61 33.20 3.15
CA ILE J 74 -69.74 31.93 3.82
C ILE J 74 -70.35 30.86 2.91
N ALA J 75 -71.18 31.28 1.95
CA ALA J 75 -71.82 30.35 1.02
C ALA J 75 -70.77 29.70 0.13
N LYS J 76 -69.71 30.46 -0.22
CA LYS J 76 -68.61 29.99 -1.06
C LYS J 76 -67.41 29.43 -0.28
N ALA J 77 -67.57 29.11 1.02
CA ALA J 77 -66.40 28.78 1.83
C ALA J 77 -66.55 27.40 2.42
N ASP J 78 -65.44 26.86 2.94
CA ASP J 78 -65.46 25.53 3.53
C ASP J 78 -65.65 25.58 5.04
N VAL J 79 -65.07 26.63 5.61
CA VAL J 79 -64.98 26.72 7.06
C VAL J 79 -65.33 28.13 7.54
N LEU J 80 -66.11 28.15 8.62
CA LEU J 80 -66.32 29.38 9.37
C LEU J 80 -65.74 29.25 10.79
N ILE J 81 -64.94 30.24 11.18
CA ILE J 81 -64.40 30.36 12.54
C ILE J 81 -65.03 31.58 13.23
N GLU J 82 -65.63 31.35 14.40
CA GLU J 82 -66.09 32.44 15.25
C GLU J 82 -65.71 32.15 16.70
N GLY J 83 -65.25 33.19 17.44
CA GLY J 83 -64.91 33.01 18.85
C GLY J 83 -65.52 34.08 19.75
N TYR J 84 -66.83 34.31 19.59
CA TYR J 84 -67.60 35.24 20.40
C TYR J 84 -68.31 34.40 21.44
N ARG J 85 -68.99 35.04 22.38
CA ARG J 85 -69.73 34.26 23.36
C ARG J 85 -70.86 33.54 22.63
N PRO J 86 -71.40 32.46 23.19
CA PRO J 86 -72.59 31.85 22.62
C PRO J 86 -73.76 32.84 22.51
N GLY J 87 -74.54 32.75 21.41
CA GLY J 87 -75.67 33.63 21.18
C GLY J 87 -75.32 34.72 20.19
N VAL J 88 -74.06 35.08 20.06
CA VAL J 88 -73.70 36.28 19.33
C VAL J 88 -73.80 36.16 17.80
N THR J 89 -73.42 35.01 17.24
CA THR J 89 -73.57 34.86 15.79
C THR J 89 -75.06 34.69 15.49
N GLU J 90 -75.78 33.90 16.28
CA GLU J 90 -77.24 33.81 16.17
C GLU J 90 -77.82 35.21 15.93
N ARG J 91 -77.66 36.09 16.93
CA ARG J 91 -78.23 37.43 16.94
C ARG J 91 -77.71 38.26 15.77
N LEU J 92 -76.50 38.03 15.30
CA LEU J 92 -76.11 38.75 14.10
C LEU J 92 -76.83 38.22 12.85
N GLY J 93 -77.54 37.09 12.98
CA GLY J 93 -78.06 36.37 11.83
C GLY J 93 -77.04 35.47 11.11
N LEU J 94 -75.88 35.21 11.76
CA LEU J 94 -74.78 34.41 11.22
C LEU J 94 -74.68 33.09 11.97
N GLY J 95 -75.75 32.66 12.61
CA GLY J 95 -75.68 31.45 13.41
C GLY J 95 -75.52 30.21 12.52
N PRO J 96 -75.30 29.01 13.12
CA PRO J 96 -75.14 27.78 12.35
C PRO J 96 -76.36 27.46 11.48
N GLU J 97 -77.58 27.63 12.03
CA GLU J 97 -78.80 27.40 11.27
C GLU J 97 -78.95 28.31 10.05
N GLU J 98 -78.51 29.56 10.18
CA GLU J 98 -78.58 30.50 9.08
C GLU J 98 -77.50 30.21 8.04
N CYS J 99 -76.32 29.77 8.50
CA CYS J 99 -75.26 29.39 7.59
C CYS J 99 -75.64 28.07 6.89
N ALA J 100 -76.32 27.17 7.60
CA ALA J 100 -76.77 25.89 7.04
C ALA J 100 -77.71 26.10 5.86
N LYS J 101 -78.41 27.23 5.83
CA LYS J 101 -79.34 27.55 4.76
C LYS J 101 -78.61 27.99 3.51
N VAL J 102 -77.43 28.60 3.62
CA VAL J 102 -76.78 29.05 2.40
C VAL J 102 -75.65 28.08 1.99
N ASN J 103 -75.46 26.98 2.74
CA ASN J 103 -74.28 26.16 2.56
C ASN J 103 -74.24 25.05 3.61
N ASP J 104 -74.80 23.89 3.27
CA ASP J 104 -74.86 22.79 4.21
C ASP J 104 -73.56 21.98 4.22
N ARG J 105 -72.56 22.47 3.49
CA ARG J 105 -71.24 21.85 3.43
C ARG J 105 -70.26 22.56 4.37
N LEU J 106 -70.66 23.69 4.97
CA LEU J 106 -69.81 24.51 5.81
C LEU J 106 -69.40 23.75 7.07
N ILE J 107 -68.11 23.89 7.42
CA ILE J 107 -67.69 23.46 8.75
C ILE J 107 -67.79 24.65 9.69
N TYR J 108 -68.70 24.57 10.66
CA TYR J 108 -69.00 25.72 11.49
C TYR J 108 -68.28 25.57 12.85
N ALA J 109 -67.22 26.37 13.00
CA ALA J 109 -66.25 26.18 14.09
C ALA J 109 -66.37 27.26 15.17
N ARG J 110 -66.82 26.83 16.36
CA ARG J 110 -67.12 27.70 17.47
C ARG J 110 -66.09 27.52 18.60
N MET J 111 -65.29 28.58 18.81
CA MET J 111 -64.14 28.64 19.69
C MET J 111 -64.47 29.44 20.96
N THR J 112 -64.72 28.74 22.07
CA THR J 112 -64.98 29.41 23.34
C THR J 112 -64.06 28.85 24.43
N GLY J 113 -64.14 29.46 25.62
CA GLY J 113 -63.50 28.93 26.80
C GLY J 113 -64.40 27.97 27.52
N TRP J 114 -65.62 28.42 27.76
CA TRP J 114 -66.51 27.71 28.66
C TRP J 114 -67.40 26.70 27.93
N GLY J 115 -67.48 26.81 26.60
CA GLY J 115 -68.42 25.95 25.89
C GLY J 115 -69.72 26.70 25.55
N GLN J 116 -70.68 25.97 24.96
CA GLN J 116 -71.83 26.59 24.31
C GLN J 116 -72.97 26.69 25.31
N THR J 117 -72.92 25.91 26.39
CA THR J 117 -74.00 25.94 27.35
C THR J 117 -73.41 25.80 28.76
N GLY J 118 -74.25 26.03 29.77
CA GLY J 118 -73.91 25.73 31.15
C GLY J 118 -73.67 27.02 31.91
N PRO J 119 -73.48 26.93 33.24
CA PRO J 119 -73.55 28.13 34.12
C PRO J 119 -72.55 29.23 33.78
N ARG J 120 -71.38 28.88 33.22
CA ARG J 120 -70.34 29.88 32.98
C ARG J 120 -70.30 30.32 31.52
N SER J 121 -71.28 29.88 30.70
CA SER J 121 -71.23 30.06 29.25
C SER J 121 -71.28 31.51 28.81
N GLN J 122 -71.73 32.44 29.68
CA GLN J 122 -71.81 33.84 29.28
C GLN J 122 -70.76 34.73 29.94
N GLN J 123 -69.95 34.13 30.83
CA GLN J 123 -68.96 34.84 31.61
C GLN J 123 -67.69 35.06 30.76
N ALA J 124 -67.23 36.31 30.76
CA ALA J 124 -65.98 36.67 30.13
C ALA J 124 -64.86 35.84 30.77
N GLY J 125 -63.77 35.70 30.03
CA GLY J 125 -62.66 34.93 30.56
C GLY J 125 -61.44 35.06 29.66
N HIS J 126 -60.29 34.67 30.21
CA HIS J 126 -59.07 34.49 29.46
C HIS J 126 -58.47 33.13 29.81
N ASP J 127 -57.36 32.78 29.15
CA ASP J 127 -56.68 31.50 29.35
C ASP J 127 -56.64 31.12 30.83
N ILE J 128 -56.12 32.01 31.67
CA ILE J 128 -55.89 31.69 33.08
C ILE J 128 -57.15 31.22 33.78
N ASN J 129 -58.31 31.75 33.37
CA ASN J 129 -59.58 31.36 33.97
C ASN J 129 -59.96 29.96 33.51
N TYR J 130 -59.83 29.68 32.22
CA TYR J 130 -60.29 28.40 31.70
C TYR J 130 -59.49 27.29 32.34
N ILE J 131 -58.18 27.47 32.47
CA ILE J 131 -57.36 26.39 33.06
C ILE J 131 -57.40 26.38 34.60
N SER J 132 -57.99 27.40 35.27
CA SER J 132 -58.12 27.34 36.72
C SER J 132 -59.20 26.33 37.15
N LEU J 133 -60.19 26.09 36.28
CA LEU J 133 -61.39 25.34 36.67
C LEU J 133 -61.21 23.84 36.56
N ASN J 134 -60.24 23.37 35.73
CA ASN J 134 -60.14 21.96 35.38
C ASN J 134 -58.92 21.28 36.01
N GLY J 135 -58.26 21.94 36.96
CA GLY J 135 -57.18 21.32 37.71
C GLY J 135 -55.78 21.72 37.24
N ILE J 136 -55.69 22.32 36.05
CA ILE J 136 -54.43 22.51 35.37
C ILE J 136 -53.58 23.55 36.10
N LEU J 137 -54.10 24.79 36.22
CA LEU J 137 -53.33 25.88 36.82
C LEU J 137 -52.84 25.47 38.21
N HIS J 138 -53.66 24.77 38.99
CA HIS J 138 -53.26 24.44 40.33
C HIS J 138 -51.97 23.63 40.32
N ALA J 139 -51.74 22.87 39.25
CA ALA J 139 -50.65 21.90 39.22
C ALA J 139 -49.33 22.53 38.78
N ILE J 140 -49.32 23.83 38.46
CA ILE J 140 -48.18 24.45 37.85
C ILE J 140 -47.51 25.40 38.83
N GLY J 141 -46.18 25.22 39.00
CA GLY J 141 -45.34 26.13 39.78
C GLY J 141 -44.72 25.42 40.98
N ARG J 142 -43.89 26.14 41.73
CA ARG J 142 -43.26 25.59 42.92
C ARG J 142 -44.29 25.33 44.02
N GLY J 143 -44.03 24.33 44.87
CA GLY J 143 -44.95 23.91 45.91
C GLY J 143 -45.12 24.94 47.03
N ASP J 144 -44.12 25.80 47.22
CA ASP J 144 -44.15 26.75 48.32
C ASP J 144 -44.75 28.09 47.88
N GLU J 145 -45.37 28.16 46.70
CA GLU J 145 -45.78 29.45 46.17
C GLU J 145 -47.09 29.31 45.42
N ARG J 146 -47.65 30.45 45.03
CA ARG J 146 -48.93 30.43 44.36
C ARG J 146 -48.73 29.98 42.91
N PRO J 147 -49.76 29.37 42.29
CA PRO J 147 -49.62 28.81 40.96
C PRO J 147 -49.21 29.87 39.95
N VAL J 148 -48.41 29.47 38.98
CA VAL J 148 -47.96 30.44 37.98
C VAL J 148 -48.58 30.08 36.63
N PRO J 149 -49.08 31.09 35.89
CA PRO J 149 -49.62 30.84 34.57
C PRO J 149 -48.56 30.44 33.57
N PRO J 150 -48.79 29.33 32.83
CA PRO J 150 -47.87 28.93 31.78
C PRO J 150 -48.07 29.77 30.54
N LEU J 151 -47.79 31.06 30.66
CA LEU J 151 -48.26 32.03 29.67
C LEU J 151 -49.72 31.73 29.34
N ASN J 152 -50.12 31.94 28.09
CA ASN J 152 -51.44 31.51 27.64
C ASN J 152 -51.33 30.32 26.68
N LEU J 153 -50.41 29.41 26.97
CA LEU J 153 -50.07 28.36 26.02
C LEU J 153 -51.02 27.19 26.13
N VAL J 154 -51.60 26.98 27.31
CA VAL J 154 -52.29 25.75 27.58
C VAL J 154 -53.78 25.88 27.28
N GLY J 155 -54.37 27.04 27.57
CA GLY J 155 -55.80 27.26 27.36
C GLY J 155 -56.11 27.75 25.95
N ASP J 156 -55.48 28.86 25.55
CA ASP J 156 -55.68 29.47 24.25
C ASP J 156 -55.22 28.56 23.14
N PHE J 157 -53.98 28.05 23.21
CA PHE J 157 -53.39 27.42 22.04
C PHE J 157 -53.47 25.92 22.21
N GLY J 158 -52.68 25.37 23.12
CA GLY J 158 -52.59 23.93 23.25
C GLY J 158 -53.94 23.24 23.31
N GLY J 159 -54.85 23.74 24.15
CA GLY J 159 -56.13 23.09 24.39
C GLY J 159 -57.31 23.92 23.84
N GLY J 160 -56.97 24.92 23.04
CA GLY J 160 -57.91 25.85 22.40
C GLY J 160 -57.79 25.78 20.88
N SER J 161 -56.95 26.59 20.29
CA SER J 161 -56.83 26.65 18.83
C SER J 161 -56.51 25.28 18.25
N MET J 162 -55.74 24.44 18.96
CA MET J 162 -55.27 23.20 18.41
C MET J 162 -56.44 22.21 18.28
N PHE J 163 -57.33 22.17 19.27
CA PHE J 163 -58.47 21.28 19.18
C PHE J 163 -59.50 21.80 18.17
N LEU J 164 -59.56 23.12 17.97
CA LEU J 164 -60.41 23.70 16.95
C LEU J 164 -59.90 23.18 15.62
N LEU J 165 -58.58 23.25 15.40
CA LEU J 165 -57.95 22.77 14.17
C LEU J 165 -58.26 21.28 13.94
N VAL J 166 -58.09 20.45 14.95
CA VAL J 166 -58.32 19.04 14.81
C VAL J 166 -59.79 18.77 14.45
N GLY J 167 -60.67 19.54 15.10
CA GLY J 167 -62.11 19.42 14.87
C GLY J 167 -62.46 19.80 13.45
N ILE J 168 -61.95 20.94 13.02
CA ILE J 168 -62.15 21.39 11.67
C ILE J 168 -61.73 20.27 10.70
N LEU J 169 -60.51 19.74 10.84
CA LEU J 169 -59.95 18.91 9.79
C LEU J 169 -60.59 17.52 9.86
N ALA J 170 -61.00 17.12 11.06
CA ALA J 170 -61.73 15.88 11.20
C ALA J 170 -63.10 15.93 10.53
N ALA J 171 -63.74 17.10 10.61
CA ALA J 171 -65.08 17.31 10.08
C ALA J 171 -65.05 17.34 8.56
N LEU J 172 -63.99 17.95 7.99
CA LEU J 172 -63.67 17.88 6.56
C LEU J 172 -63.44 16.45 6.08
N TRP J 173 -62.72 15.63 6.85
CA TRP J 173 -62.59 14.22 6.49
C TRP J 173 -63.98 13.61 6.40
N GLU J 174 -64.81 13.85 7.43
CA GLU J 174 -66.12 13.22 7.55
C GLU J 174 -67.03 13.72 6.43
N ARG J 175 -66.93 15.00 6.08
CA ARG J 175 -67.65 15.60 4.96
C ARG J 175 -67.40 14.82 3.67
N GLN J 176 -66.19 14.25 3.52
CA GLN J 176 -65.83 13.66 2.25
C GLN J 176 -66.77 12.50 1.95
N SER J 177 -67.29 11.84 2.98
CA SER J 177 -68.15 10.71 2.72
C SER J 177 -69.64 11.04 2.95
N SER J 178 -69.97 12.13 3.66
CA SER J 178 -71.35 12.48 4.03
C SER J 178 -71.92 13.53 3.07
N GLY J 179 -71.07 14.34 2.45
CA GLY J 179 -71.49 15.48 1.67
C GLY J 179 -71.91 16.68 2.53
N LYS J 180 -71.86 16.52 3.85
CA LYS J 180 -72.45 17.44 4.83
C LYS J 180 -71.39 18.05 5.76
N GLY J 181 -71.49 19.38 5.94
CA GLY J 181 -70.78 20.08 7.01
C GLY J 181 -71.37 19.70 8.36
N GLN J 182 -71.02 20.46 9.42
CA GLN J 182 -71.51 20.24 10.78
C GLN J 182 -70.85 21.29 11.70
N VAL J 183 -71.28 21.31 12.97
CA VAL J 183 -70.78 22.30 13.92
C VAL J 183 -69.74 21.64 14.82
N VAL J 184 -68.60 22.33 14.90
CA VAL J 184 -67.49 22.02 15.80
C VAL J 184 -67.52 22.94 17.02
N ASP J 185 -67.67 22.36 18.21
CA ASP J 185 -67.72 23.08 19.48
C ASP J 185 -66.43 22.82 20.26
N ALA J 186 -65.49 23.77 20.17
CA ALA J 186 -64.20 23.68 20.83
C ALA J 186 -64.20 24.61 22.02
N ALA J 187 -64.26 24.01 23.21
CA ALA J 187 -64.14 24.76 24.45
C ALA J 187 -62.79 24.48 25.10
N MET J 188 -62.07 25.56 25.43
CA MET J 188 -60.76 25.51 26.03
C MET J 188 -60.73 24.67 27.31
N VAL J 189 -61.83 24.65 28.08
CA VAL J 189 -61.86 23.88 29.29
C VAL J 189 -61.89 22.38 28.99
N ASP J 190 -62.41 22.03 27.80
CA ASP J 190 -62.45 20.65 27.40
C ASP J 190 -61.10 20.26 26.79
N GLY J 191 -60.68 21.01 25.77
CA GLY J 191 -59.44 20.73 25.06
C GLY J 191 -58.23 20.62 26.00
N SER J 192 -58.10 21.59 26.93
CA SER J 192 -56.99 21.61 27.88
C SER J 192 -57.07 20.40 28.79
N SER J 193 -58.28 19.93 29.08
CA SER J 193 -58.48 18.71 29.82
C SER J 193 -57.96 17.48 29.06
N VAL J 194 -58.16 17.41 27.75
CA VAL J 194 -57.67 16.25 27.01
C VAL J 194 -56.16 16.40 26.85
N LEU J 195 -55.67 17.65 26.74
CA LEU J 195 -54.25 17.93 26.63
C LEU J 195 -53.52 17.34 27.82
N ILE J 196 -54.18 17.34 29.00
CA ILE J 196 -53.56 16.90 30.25
C ILE J 196 -54.08 15.52 30.63
N GLN J 197 -54.59 14.76 29.66
CA GLN J 197 -55.12 13.45 30.00
C GLN J 197 -54.09 12.56 30.71
N MET J 198 -52.80 12.66 30.35
CA MET J 198 -51.77 11.87 31.01
C MET J 198 -51.82 12.02 32.52
N MET J 199 -52.05 13.26 33.01
CA MET J 199 -52.06 13.48 34.45
C MET J 199 -53.31 12.84 35.05
N TRP J 200 -54.45 12.89 34.37
CA TRP J 200 -55.63 12.22 34.90
C TRP J 200 -55.41 10.71 34.93
N ALA J 201 -54.65 10.19 33.94
CA ALA J 201 -54.29 8.78 33.91
C ALA J 201 -53.36 8.39 35.06
N MET J 202 -52.26 9.11 35.21
CA MET J 202 -51.35 8.83 36.29
C MET J 202 -52.05 8.99 37.64
N ARG J 203 -52.90 10.00 37.78
CA ARG J 203 -53.62 10.21 39.01
C ARG J 203 -54.42 8.97 39.37
N ALA J 204 -55.07 8.37 38.39
CA ALA J 204 -55.92 7.20 38.63
C ALA J 204 -55.10 6.01 39.13
N THR J 205 -53.85 5.88 38.70
CA THR J 205 -53.03 4.76 39.15
C THR J 205 -52.06 5.16 40.26
N GLY J 206 -52.35 6.20 41.06
CA GLY J 206 -51.50 6.55 42.19
C GLY J 206 -50.16 7.21 41.79
N MET J 207 -49.96 7.61 40.53
CA MET J 207 -48.65 8.10 40.13
C MET J 207 -48.58 9.64 40.03
N TRP J 208 -49.64 10.34 40.42
CA TRP J 208 -49.68 11.80 40.34
C TRP J 208 -50.51 12.26 41.52
N THR J 209 -50.03 13.26 42.27
CA THR J 209 -50.83 13.82 43.36
C THR J 209 -51.10 15.29 43.10
N ASP J 210 -52.13 15.75 43.83
CA ASP J 210 -52.63 17.11 43.76
C ASP J 210 -51.69 18.09 44.45
N THR J 211 -50.67 17.59 45.16
CA THR J 211 -49.69 18.48 45.79
C THR J 211 -48.78 19.06 44.72
N ARG J 212 -48.72 20.39 44.63
CA ARG J 212 -47.94 21.05 43.60
C ARG J 212 -46.46 20.92 43.92
N GLY J 213 -45.63 20.74 42.88
CA GLY J 213 -44.19 20.63 43.05
C GLY J 213 -43.75 19.29 43.65
N ALA J 214 -44.57 18.25 43.61
CA ALA J 214 -44.20 16.99 44.22
C ALA J 214 -44.45 15.79 43.30
N ASN J 215 -44.26 15.98 41.99
CA ASN J 215 -44.54 14.93 41.02
C ASN J 215 -43.36 14.80 40.05
N MET J 216 -43.38 13.77 39.19
CA MET J 216 -42.29 13.52 38.26
C MET J 216 -42.10 14.65 37.24
N LEU J 217 -43.19 15.30 36.83
CA LEU J 217 -43.09 16.18 35.68
C LEU J 217 -43.38 17.64 35.99
N ASP J 218 -43.56 18.01 37.26
CA ASP J 218 -43.95 19.37 37.61
C ASP J 218 -42.79 20.19 38.17
N GLY J 219 -41.58 19.62 38.15
CA GLY J 219 -40.44 20.29 38.76
C GLY J 219 -40.06 19.66 40.11
N GLY J 220 -40.92 18.82 40.68
CA GLY J 220 -40.65 18.10 41.93
C GLY J 220 -39.49 17.09 41.85
N ALA J 221 -39.28 16.44 40.69
CA ALA J 221 -38.20 15.45 40.57
C ALA J 221 -36.88 16.16 40.32
N PRO J 222 -35.79 15.90 41.06
CA PRO J 222 -34.49 16.53 40.80
C PRO J 222 -33.91 16.28 39.41
N TYR J 223 -34.33 15.18 38.75
CA TYR J 223 -33.93 14.86 37.41
C TYR J 223 -34.86 15.39 36.31
N TYR J 224 -35.93 16.13 36.67
CA TYR J 224 -36.82 16.79 35.70
C TYR J 224 -37.14 18.19 36.21
N ASP J 225 -36.24 19.13 35.95
CA ASP J 225 -36.27 20.48 36.50
C ASP J 225 -35.15 21.29 35.88
N THR J 226 -35.13 22.62 36.14
CA THR J 226 -34.04 23.49 35.76
C THR J 226 -33.07 23.67 36.92
N TYR J 227 -31.84 24.03 36.57
CA TYR J 227 -30.80 24.28 37.54
C TYR J 227 -30.08 25.54 37.11
N GLU J 228 -29.74 26.37 38.09
CA GLU J 228 -28.95 27.55 37.83
C GLU J 228 -27.48 27.21 37.85
N CYS J 229 -26.75 27.83 36.90
CA CYS J 229 -25.33 27.57 36.65
C CYS J 229 -24.48 28.72 37.22
N ALA J 230 -23.15 28.62 37.14
CA ALA J 230 -22.25 29.56 37.80
C ALA J 230 -22.45 30.97 37.24
N ASP J 231 -22.96 31.06 36.00
CA ASP J 231 -23.12 32.34 35.33
C ASP J 231 -24.49 32.95 35.60
N GLY J 232 -25.35 32.31 36.41
CA GLY J 232 -26.70 32.79 36.59
C GLY J 232 -27.65 32.36 35.46
N ARG J 233 -27.17 31.70 34.40
CA ARG J 233 -28.07 31.15 33.38
C ARG J 233 -28.51 29.75 33.80
N TYR J 234 -29.37 29.10 33.00
CA TYR J 234 -29.95 27.83 33.45
C TYR J 234 -29.75 26.70 32.45
N VAL J 235 -29.82 25.48 32.99
CA VAL J 235 -29.94 24.29 32.19
C VAL J 235 -31.24 23.59 32.58
N ALA J 236 -31.72 22.80 31.63
CA ALA J 236 -32.83 21.91 31.85
C ALA J 236 -32.34 20.48 31.86
N VAL J 237 -32.85 19.73 32.85
CA VAL J 237 -32.57 18.32 32.99
C VAL J 237 -33.88 17.57 32.85
N GLY J 238 -33.87 16.52 32.03
CA GLY J 238 -35.06 15.78 31.67
C GLY J 238 -34.81 14.29 31.61
N ALA J 239 -33.84 13.85 32.43
CA ALA J 239 -33.34 12.49 32.46
C ALA J 239 -34.25 11.55 33.24
N ILE J 240 -35.38 11.19 32.63
CA ILE J 240 -36.31 10.30 33.28
C ILE J 240 -35.81 8.85 33.29
N GLU J 241 -35.40 8.35 32.12
CA GLU J 241 -34.98 6.96 31.99
C GLU J 241 -33.68 6.75 32.79
N PRO J 242 -33.58 5.65 33.52
CA PRO J 242 -32.41 5.44 34.37
C PRO J 242 -31.05 5.54 33.65
N GLN J 243 -30.99 5.07 32.39
CA GLN J 243 -29.71 5.06 31.68
C GLN J 243 -29.27 6.50 31.40
N PHE J 244 -30.25 7.35 31.02
CA PHE J 244 -29.95 8.74 30.70
C PHE J 244 -29.57 9.48 31.99
N TYR J 245 -30.26 9.15 33.08
CA TYR J 245 -29.96 9.70 34.40
C TYR J 245 -28.51 9.35 34.82
N ALA J 246 -28.16 8.06 34.65
CA ALA J 246 -26.81 7.59 34.99
C ALA J 246 -25.78 8.39 34.19
N ALA J 247 -26.08 8.67 32.91
CA ALA J 247 -25.15 9.39 32.05
C ALA J 247 -25.01 10.82 32.54
N MET J 248 -26.14 11.39 32.96
CA MET J 248 -26.12 12.78 33.43
C MET J 248 -25.27 12.89 34.70
N LEU J 249 -25.42 11.93 35.61
CA LEU J 249 -24.63 11.93 36.85
C LEU J 249 -23.12 11.90 36.57
N ALA J 250 -22.70 10.94 35.74
CA ALA J 250 -21.28 10.81 35.42
C ALA J 250 -20.76 12.08 34.75
N GLY J 251 -21.56 12.73 33.91
CA GLY J 251 -21.10 13.98 33.34
C GLY J 251 -20.89 15.08 34.38
N LEU J 252 -21.66 15.03 35.47
CA LEU J 252 -21.55 16.03 36.53
C LEU J 252 -20.39 15.68 37.44
N GLY J 253 -19.80 14.50 37.22
CA GLY J 253 -18.70 14.06 38.04
C GLY J 253 -19.20 13.40 39.33
N LEU J 254 -20.46 12.95 39.38
CA LEU J 254 -21.03 12.40 40.59
C LEU J 254 -21.08 10.89 40.48
N ASP J 255 -20.73 10.23 41.58
CA ASP J 255 -20.67 8.78 41.63
C ASP J 255 -21.99 8.28 42.19
N ALA J 256 -22.75 7.58 41.34
CA ALA J 256 -24.09 7.12 41.67
C ALA J 256 -24.12 6.39 43.02
N ALA J 257 -23.06 5.62 43.31
CA ALA J 257 -23.03 4.81 44.52
C ALA J 257 -22.94 5.66 45.79
N GLU J 258 -22.67 6.98 45.68
CA GLU J 258 -22.65 7.90 46.82
C GLU J 258 -23.98 8.68 46.94
N LEU J 259 -24.96 8.43 46.07
CA LEU J 259 -26.15 9.23 45.96
C LEU J 259 -27.36 8.38 46.35
N PRO J 260 -28.49 8.96 46.82
CA PRO J 260 -29.69 8.17 47.00
C PRO J 260 -30.27 7.70 45.67
N PRO J 261 -31.16 6.67 45.68
CA PRO J 261 -31.85 6.22 44.47
C PRO J 261 -32.61 7.33 43.73
N GLN J 262 -32.63 7.19 42.39
CA GLN J 262 -33.19 8.22 41.53
C GLN J 262 -34.62 8.54 41.96
N ASN J 263 -35.38 7.50 42.32
CA ASN J 263 -36.80 7.61 42.57
C ASN J 263 -37.12 7.33 44.02
N ASP J 264 -36.17 7.56 44.93
CA ASP J 264 -36.50 7.62 46.34
C ASP J 264 -36.93 9.04 46.72
N ARG J 265 -38.25 9.28 46.72
CA ARG J 265 -38.83 10.61 46.87
C ARG J 265 -38.48 11.21 48.22
N ALA J 266 -38.39 10.40 49.28
CA ALA J 266 -38.03 10.91 50.60
C ALA J 266 -36.66 11.61 50.57
N ARG J 267 -35.77 11.19 49.64
CA ARG J 267 -34.42 11.73 49.61
C ARG J 267 -34.20 12.67 48.44
N TRP J 268 -35.26 12.99 47.69
CA TRP J 268 -35.16 13.97 46.64
C TRP J 268 -34.55 15.30 47.10
N PRO J 269 -34.89 15.88 48.27
CA PRO J 269 -34.20 17.11 48.67
C PRO J 269 -32.67 16.93 48.69
N GLU J 270 -32.21 15.79 49.21
CA GLU J 270 -30.78 15.54 49.33
C GLU J 270 -30.15 15.42 47.94
N LEU J 271 -30.86 14.70 47.07
CA LEU J 271 -30.38 14.53 45.69
C LEU J 271 -30.34 15.86 44.97
N ARG J 272 -31.36 16.70 45.19
CA ARG J 272 -31.40 18.00 44.55
C ARG J 272 -30.23 18.86 44.99
N ALA J 273 -29.94 18.86 46.30
CA ALA J 273 -28.81 19.66 46.78
C ALA J 273 -27.51 19.26 46.06
N LEU J 274 -27.27 17.95 45.92
CA LEU J 274 -26.04 17.52 45.26
C LEU J 274 -25.99 17.97 43.80
N LEU J 275 -27.10 17.79 43.05
CA LEU J 275 -27.17 18.23 41.66
C LEU J 275 -27.02 19.76 41.59
N THR J 276 -27.67 20.48 42.51
CA THR J 276 -27.60 21.94 42.51
C THR J 276 -26.16 22.40 42.60
N GLU J 277 -25.42 21.84 43.58
CA GLU J 277 -24.01 22.19 43.76
C GLU J 277 -23.18 21.86 42.52
N ALA J 278 -23.43 20.71 41.88
CA ALA J 278 -22.68 20.33 40.69
C ALA J 278 -22.96 21.31 39.54
N PHE J 279 -24.24 21.57 39.23
CA PHE J 279 -24.51 22.43 38.09
C PHE J 279 -24.01 23.84 38.33
N ALA J 280 -23.98 24.27 39.61
CA ALA J 280 -23.60 25.65 39.89
C ALA J 280 -22.09 25.83 39.72
N SER J 281 -21.34 24.73 39.59
CA SER J 281 -19.89 24.82 39.58
C SER J 281 -19.36 25.27 38.22
N HIS J 282 -20.18 25.21 37.15
CA HIS J 282 -19.74 25.69 35.85
C HIS J 282 -20.86 26.46 35.16
N ASP J 283 -20.51 27.22 34.11
CA ASP J 283 -21.47 28.06 33.39
C ASP J 283 -22.36 27.23 32.43
N ARG J 284 -23.46 27.84 31.99
CA ARG J 284 -24.44 27.14 31.18
C ARG J 284 -23.78 26.56 29.92
N ASP J 285 -22.94 27.34 29.25
CA ASP J 285 -22.34 26.90 28.00
C ASP J 285 -21.36 25.75 28.19
N HIS J 286 -20.68 25.68 29.36
CA HIS J 286 -19.92 24.49 29.70
C HIS J 286 -20.80 23.25 29.68
N TRP J 287 -21.94 23.27 30.37
CA TRP J 287 -22.75 22.07 30.37
C TRP J 287 -23.25 21.70 28.98
N GLY J 288 -23.48 22.69 28.11
CA GLY J 288 -23.92 22.38 26.75
C GLY J 288 -22.85 21.64 25.94
N ALA J 289 -21.58 22.03 26.12
CA ALA J 289 -20.46 21.34 25.51
C ALA J 289 -20.30 19.90 26.07
N VAL J 290 -20.20 19.79 27.38
CA VAL J 290 -20.07 18.53 28.09
C VAL J 290 -21.13 17.53 27.65
N PHE J 291 -22.37 18.00 27.40
CA PHE J 291 -23.44 17.04 27.16
C PHE J 291 -23.91 17.00 25.71
N ALA J 292 -23.26 17.75 24.82
CA ALA J 292 -23.49 17.60 23.37
C ALA J 292 -23.20 16.16 22.98
N ASN J 293 -24.10 15.65 22.14
CA ASN J 293 -24.11 14.31 21.61
C ASN J 293 -24.41 13.29 22.69
N SER J 294 -24.89 13.69 23.88
CA SER J 294 -25.19 12.71 24.92
C SER J 294 -26.70 12.50 25.07
N ASP J 295 -27.06 11.37 25.69
CA ASP J 295 -28.42 11.04 26.10
C ASP J 295 -28.70 11.46 27.55
N ALA J 296 -27.91 12.38 28.11
CA ALA J 296 -28.07 12.80 29.49
C ALA J 296 -29.31 13.68 29.67
N CYS J 297 -29.90 14.20 28.57
CA CYS J 297 -31.11 15.02 28.61
C CYS J 297 -30.84 16.32 29.35
N VAL J 298 -29.77 16.99 28.99
CA VAL J 298 -29.35 18.24 29.60
C VAL J 298 -29.24 19.22 28.44
N THR J 299 -29.95 20.35 28.54
CA THR J 299 -29.97 21.33 27.48
C THR J 299 -29.90 22.71 28.10
N PRO J 300 -29.29 23.67 27.41
CA PRO J 300 -29.27 25.04 27.86
C PRO J 300 -30.65 25.66 27.74
N VAL J 301 -31.02 26.50 28.71
CA VAL J 301 -32.30 27.14 28.67
C VAL J 301 -32.10 28.50 28.01
N LEU J 302 -32.52 28.60 26.76
CA LEU J 302 -32.23 29.79 25.99
C LEU J 302 -33.36 30.80 26.15
N ALA J 303 -32.98 32.07 26.32
CA ALA J 303 -33.92 33.18 26.18
C ALA J 303 -34.27 33.37 24.70
N PHE J 304 -35.49 33.87 24.44
CA PHE J 304 -35.92 34.17 23.08
C PHE J 304 -34.79 34.81 22.27
N GLY J 305 -34.16 35.85 22.83
CA GLY J 305 -33.19 36.64 22.07
C GLY J 305 -31.92 35.87 21.71
N GLU J 306 -31.71 34.71 22.32
CA GLU J 306 -30.51 33.92 22.04
C GLU J 306 -30.80 32.80 21.05
N VAL J 307 -32.08 32.51 20.79
CA VAL J 307 -32.46 31.32 20.04
C VAL J 307 -31.90 31.36 18.61
N HIS J 308 -31.85 32.55 17.99
CA HIS J 308 -31.33 32.65 16.63
C HIS J 308 -29.86 32.24 16.51
N ASN J 309 -29.14 32.05 17.62
CA ASN J 309 -27.73 31.69 17.57
C ASN J 309 -27.48 30.22 17.91
N GLU J 310 -28.54 29.45 18.15
CA GLU J 310 -28.40 28.05 18.47
C GLU J 310 -28.26 27.28 17.17
N PRO J 311 -27.17 26.50 16.96
CA PRO J 311 -26.98 25.78 15.70
C PRO J 311 -28.17 24.92 15.26
N HIS J 312 -28.78 24.15 16.14
CA HIS J 312 -29.85 23.24 15.72
C HIS J 312 -31.09 23.99 15.25
N ILE J 313 -31.31 25.18 15.81
CA ILE J 313 -32.41 26.04 15.40
C ILE J 313 -32.14 26.55 13.99
N ILE J 314 -30.93 27.10 13.79
CA ILE J 314 -30.50 27.70 12.55
C ILE J 314 -30.61 26.67 11.43
N GLU J 315 -30.09 25.48 11.69
CA GLU J 315 -29.84 24.56 10.59
C GLU J 315 -31.12 23.89 10.13
N ARG J 316 -32.18 23.91 10.94
CA ARG J 316 -33.48 23.40 10.52
C ARG J 316 -34.45 24.51 10.08
N ASN J 317 -34.00 25.75 10.03
CA ASN J 317 -34.89 26.83 9.63
C ASN J 317 -36.21 26.72 10.36
N THR J 318 -36.14 26.60 11.70
CA THR J 318 -37.33 26.64 12.52
C THR J 318 -37.95 28.05 12.47
N PHE J 319 -37.12 29.07 12.27
CA PHE J 319 -37.50 30.47 12.29
C PHE J 319 -37.16 31.08 10.93
N TYR J 320 -37.87 32.16 10.57
CA TYR J 320 -37.52 33.03 9.45
C TYR J 320 -37.53 34.45 9.98
N GLU J 321 -36.84 35.34 9.27
CA GLU J 321 -36.76 36.72 9.69
C GLU J 321 -37.87 37.48 8.98
N ALA J 322 -38.72 38.14 9.75
CA ALA J 322 -39.77 38.97 9.20
C ALA J 322 -39.58 40.38 9.77
N ASN J 323 -39.66 41.39 8.90
CA ASN J 323 -40.26 42.63 9.32
C ASN J 323 -39.51 43.11 10.57
N GLY J 324 -40.00 42.77 11.78
CA GLY J 324 -39.39 43.13 13.05
C GLY J 324 -38.20 42.21 13.36
N GLY J 325 -38.45 41.04 13.96
CA GLY J 325 -37.42 40.03 14.08
C GLY J 325 -37.96 38.65 13.73
N TRP J 326 -37.50 37.65 14.48
CA TRP J 326 -37.76 36.27 14.12
C TRP J 326 -39.22 35.88 14.37
N GLN J 327 -39.68 34.94 13.55
CA GLN J 327 -40.99 34.33 13.66
C GLN J 327 -40.86 32.86 13.29
N PRO J 328 -41.67 31.99 13.92
CA PRO J 328 -41.63 30.57 13.60
C PRO J 328 -42.21 30.23 12.23
N MET J 329 -41.54 29.31 11.52
CA MET J 329 -42.02 28.80 10.25
C MET J 329 -43.16 27.84 10.54
N PRO J 330 -44.03 27.61 9.55
CA PRO J 330 -45.12 26.69 9.73
C PRO J 330 -44.68 25.33 10.25
N ALA J 331 -45.58 24.74 11.03
CA ALA J 331 -45.37 23.41 11.54
C ALA J 331 -46.70 22.69 11.40
N PRO J 332 -46.75 21.34 11.28
CA PRO J 332 -45.56 20.55 11.04
C PRO J 332 -45.08 20.71 9.60
N ARG J 333 -44.20 19.79 9.15
CA ARG J 333 -43.61 19.87 7.83
C ARG J 333 -44.13 18.73 6.96
N PHE J 334 -44.22 18.99 5.64
CA PHE J 334 -44.81 18.05 4.70
C PHE J 334 -43.77 17.76 3.63
N SER J 335 -43.57 16.48 3.30
CA SER J 335 -42.52 16.09 2.34
C SER J 335 -42.87 16.46 0.89
N ARG J 336 -44.15 16.37 0.49
CA ARG J 336 -44.50 16.61 -0.91
C ARG J 336 -45.14 17.98 -1.09
N THR J 337 -46.14 18.33 -0.27
CA THR J 337 -46.72 19.68 -0.34
C THR J 337 -46.21 20.54 0.81
N ALA J 338 -45.01 21.06 0.69
CA ALA J 338 -44.42 21.90 1.72
C ALA J 338 -45.12 23.25 1.82
N SER J 339 -45.21 23.74 3.05
CA SER J 339 -45.67 25.09 3.28
C SER J 339 -44.60 26.06 2.80
N SER J 340 -45.00 27.28 2.48
CA SER J 340 -44.02 28.31 2.19
C SER J 340 -43.94 29.30 3.35
N GLN J 341 -42.96 30.18 3.24
CA GLN J 341 -42.78 31.25 4.19
C GLN J 341 -44.05 32.10 4.28
N PRO J 342 -44.61 32.34 5.47
CA PRO J 342 -45.84 33.11 5.60
C PRO J 342 -45.80 34.48 4.91
N ARG J 343 -46.96 34.92 4.41
CA ARG J 343 -47.06 36.23 3.79
C ARG J 343 -47.38 37.23 4.92
N PRO J 344 -46.71 38.40 4.95
CA PRO J 344 -46.91 39.36 6.03
C PRO J 344 -48.36 39.80 6.14
N PRO J 345 -48.80 40.37 7.27
CA PRO J 345 -50.16 40.89 7.37
C PRO J 345 -50.45 41.89 6.24
N ALA J 346 -51.52 41.62 5.48
CA ALA J 346 -51.79 42.32 4.23
C ALA J 346 -52.47 43.67 4.49
N ALA J 347 -52.53 44.54 3.47
CA ALA J 347 -53.39 45.71 3.51
C ALA J 347 -54.86 45.25 3.37
N THR J 348 -55.79 46.03 3.94
CA THR J 348 -57.20 45.71 3.83
C THR J 348 -57.52 45.61 2.34
N ILE J 349 -58.41 44.68 2.02
CA ILE J 349 -58.97 44.66 0.69
C ILE J 349 -60.49 44.77 0.82
N ASP J 350 -61.14 44.71 -0.34
CA ASP J 350 -62.54 45.02 -0.51
C ASP J 350 -63.34 43.71 -0.52
N ILE J 351 -64.41 43.64 0.26
CA ILE J 351 -65.09 42.35 0.38
C ILE J 351 -65.67 41.93 -0.97
N GLU J 352 -65.85 42.88 -1.90
CA GLU J 352 -66.33 42.58 -3.24
C GLU J 352 -65.27 41.80 -4.02
N ALA J 353 -64.08 42.38 -4.10
CA ALA J 353 -62.92 41.81 -4.79
C ALA J 353 -62.81 40.32 -4.51
N VAL J 354 -63.06 39.94 -3.25
CA VAL J 354 -62.90 38.56 -2.80
C VAL J 354 -64.02 37.70 -3.38
N LEU J 355 -65.26 38.21 -3.28
CA LEU J 355 -66.41 37.49 -3.80
C LEU J 355 -66.24 37.23 -5.29
N THR J 356 -65.60 38.19 -5.98
CA THR J 356 -65.22 38.06 -7.38
C THR J 356 -64.26 36.89 -7.54
N ASP J 357 -63.08 37.01 -6.91
CA ASP J 357 -61.95 36.09 -7.06
C ASP J 357 -62.34 34.66 -6.68
N TRP J 358 -63.27 34.48 -5.75
CA TRP J 358 -63.88 33.18 -5.47
C TRP J 358 -65.06 32.91 -6.41
N ASP J 359 -64.93 33.31 -7.69
CA ASP J 359 -66.06 33.66 -8.54
C ASP J 359 -67.36 33.36 -7.78
N MET K 1 0.61 -9.80 53.86
CA MET K 1 0.62 -9.52 52.40
C MET K 1 -0.81 -9.36 51.87
N ALA K 2 -1.10 -8.16 51.32
CA ALA K 2 -2.43 -7.76 50.86
C ALA K 2 -2.87 -8.52 49.61
N GLY K 3 -4.15 -8.91 49.58
CA GLY K 3 -4.84 -9.30 48.37
C GLY K 3 -5.45 -10.69 48.51
N PRO K 4 -6.26 -11.15 47.54
CA PRO K 4 -7.00 -12.40 47.72
C PRO K 4 -6.14 -13.66 47.81
N LEU K 5 -4.90 -13.57 47.31
CA LEU K 5 -4.05 -14.75 47.25
C LEU K 5 -3.05 -14.77 48.39
N SER K 6 -3.17 -13.83 49.34
CA SER K 6 -2.37 -13.83 50.57
C SER K 6 -2.26 -15.24 51.12
N GLY K 7 -1.01 -15.66 51.40
CA GLY K 7 -0.76 -16.97 51.97
C GLY K 7 -0.46 -18.04 50.92
N LEU K 8 -0.72 -17.77 49.64
CA LEU K 8 -0.39 -18.73 48.60
C LEU K 8 1.12 -18.64 48.33
N ARG K 9 1.74 -19.82 48.20
CA ARG K 9 3.19 -19.89 48.06
C ARG K 9 3.58 -20.42 46.68
N VAL K 10 4.43 -19.65 46.01
CA VAL K 10 4.76 -19.98 44.62
C VAL K 10 6.28 -20.02 44.40
N VAL K 11 6.68 -21.10 43.71
CA VAL K 11 8.04 -21.21 43.23
C VAL K 11 8.04 -21.13 41.70
N GLU K 12 8.74 -20.09 41.22
CA GLU K 12 8.91 -19.78 39.81
C GLU K 12 10.35 -20.13 39.39
N LEU K 13 10.48 -21.10 38.46
CA LEU K 13 11.76 -21.36 37.78
C LEU K 13 11.93 -20.35 36.65
N ALA K 14 12.84 -19.39 36.87
CA ALA K 14 13.08 -18.26 35.98
C ALA K 14 13.07 -18.69 34.52
N GLY K 15 12.27 -17.96 33.73
CA GLY K 15 12.21 -18.07 32.29
C GLY K 15 11.94 -16.69 31.70
N ILE K 16 11.27 -16.70 30.55
CA ILE K 16 10.93 -15.43 29.89
C ILE K 16 9.50 -15.51 29.38
N GLY K 17 8.85 -14.35 29.27
CA GLY K 17 7.56 -14.28 28.60
C GLY K 17 6.44 -14.64 29.57
N PRO K 18 5.66 -15.69 29.29
CA PRO K 18 4.44 -15.92 30.06
C PRO K 18 4.66 -16.28 31.52
N GLY K 19 5.64 -17.17 31.78
CA GLY K 19 5.90 -17.63 33.13
C GLY K 19 6.05 -16.46 34.07
N PRO K 20 7.00 -15.54 33.80
CA PRO K 20 7.18 -14.40 34.66
C PRO K 20 5.99 -13.46 34.73
N HIS K 21 5.15 -13.46 33.70
CA HIS K 21 3.99 -12.58 33.73
C HIS K 21 2.97 -13.18 34.68
N ALA K 22 2.73 -14.48 34.56
CA ALA K 22 1.83 -15.18 35.45
C ALA K 22 2.31 -15.05 36.90
N ALA K 23 3.59 -15.36 37.10
CA ALA K 23 4.15 -15.23 38.43
C ALA K 23 3.89 -13.82 38.96
N MET K 24 4.16 -12.81 38.12
CA MET K 24 3.97 -11.43 38.52
C MET K 24 2.52 -11.21 39.05
N ILE K 25 1.54 -11.74 38.33
CA ILE K 25 0.16 -11.47 38.66
C ILE K 25 -0.20 -12.13 39.99
N LEU K 26 0.27 -13.38 40.21
CA LEU K 26 0.09 -14.07 41.48
C LEU K 26 0.57 -13.18 42.61
N GLY K 27 1.79 -12.66 42.49
CA GLY K 27 2.37 -11.79 43.50
C GLY K 27 1.61 -10.49 43.66
N ASP K 28 1.16 -9.92 42.53
CA ASP K 28 0.31 -8.73 42.50
C ASP K 28 -0.88 -8.94 43.45
N LEU K 29 -1.50 -10.11 43.38
CA LEU K 29 -2.68 -10.43 44.17
C LEU K 29 -2.32 -10.99 45.56
N GLY K 30 -1.03 -10.93 45.95
CA GLY K 30 -0.67 -11.14 47.35
C GLY K 30 0.00 -12.48 47.63
N ALA K 31 0.10 -13.35 46.61
CA ALA K 31 0.88 -14.57 46.74
C ALA K 31 2.34 -14.26 47.08
N ASP K 32 2.96 -15.21 47.79
CA ASP K 32 4.37 -15.18 48.16
C ASP K 32 5.16 -15.91 47.08
N VAL K 33 5.93 -15.15 46.30
CA VAL K 33 6.49 -15.67 45.07
C VAL K 33 8.00 -15.65 45.23
N VAL K 34 8.58 -16.84 45.04
CA VAL K 34 10.02 -17.03 45.17
C VAL K 34 10.49 -17.54 43.82
N ARG K 35 11.36 -16.74 43.23
CA ARG K 35 11.81 -17.03 41.87
C ARG K 35 13.25 -17.56 41.93
N ILE K 36 13.44 -18.78 41.42
CA ILE K 36 14.78 -19.36 41.36
C ILE K 36 15.44 -19.04 40.02
N ASP K 37 16.43 -18.13 40.04
CA ASP K 37 17.27 -17.83 38.87
C ASP K 37 18.66 -18.44 39.05
N ARG K 38 19.39 -18.65 37.93
CA ARG K 38 20.79 -19.08 37.97
C ARG K 38 21.69 -17.90 38.37
N PRO K 39 22.86 -18.14 39.01
CA PRO K 39 23.73 -17.05 39.46
C PRO K 39 24.35 -16.28 38.29
N SER K 40 24.69 -17.01 37.22
CA SER K 40 25.01 -16.47 35.90
C SER K 40 24.26 -15.15 35.65
N SER K 41 22.92 -15.24 35.53
CA SER K 41 22.06 -14.06 35.44
C SER K 41 21.52 -13.69 36.83
N GLY K 44 23.34 -6.38 41.08
CA GLY K 44 22.50 -5.43 41.84
C GLY K 44 21.03 -5.84 41.76
N ILE K 45 20.13 -4.89 42.00
CA ILE K 45 18.69 -5.15 41.95
C ILE K 45 18.27 -5.19 40.47
N SER K 46 17.30 -6.06 40.11
CA SER K 46 16.78 -6.16 38.74
C SER K 46 16.02 -4.89 38.39
N ARG K 47 16.21 -4.37 37.17
CA ARG K 47 15.50 -3.17 36.76
C ARG K 47 14.39 -3.53 35.76
N ASP K 48 13.98 -4.82 35.76
CA ASP K 48 12.82 -5.29 35.01
C ASP K 48 11.57 -5.31 35.90
N ALA K 49 10.68 -4.31 35.73
CA ALA K 49 9.51 -4.14 36.58
C ALA K 49 8.57 -5.36 36.48
N MET K 50 8.75 -6.27 35.49
CA MET K 50 7.99 -7.51 35.46
C MET K 50 8.35 -8.46 36.62
N LEU K 51 9.47 -8.17 37.32
CA LEU K 51 9.90 -8.98 38.45
C LEU K 51 9.44 -8.37 39.79
N ARG K 52 8.44 -7.49 39.78
CA ARG K 52 7.88 -6.95 41.01
C ARG K 52 7.17 -8.07 41.78
N ASN K 53 6.97 -7.83 43.09
CA ASN K 53 6.26 -8.73 44.00
C ASN K 53 6.94 -10.09 44.06
N ARG K 54 8.28 -10.07 44.20
CA ARG K 54 9.09 -11.28 44.15
C ARG K 54 10.11 -11.32 45.29
N ARG K 55 10.47 -12.54 45.69
CA ARG K 55 11.80 -12.80 46.22
C ARG K 55 12.64 -13.59 45.21
N ILE K 56 13.81 -13.01 44.85
CA ILE K 56 14.75 -13.68 43.95
C ILE K 56 15.76 -14.48 44.77
N VAL K 57 15.94 -15.76 44.41
CA VAL K 57 17.07 -16.53 44.91
C VAL K 57 17.87 -17.10 43.74
N THR K 58 19.19 -16.97 43.88
CA THR K 58 20.19 -17.66 43.08
C THR K 58 20.23 -19.14 43.48
N ALA K 59 20.45 -20.01 42.51
CA ALA K 59 20.72 -21.41 42.78
C ALA K 59 21.00 -22.14 41.47
N ASP K 60 22.27 -22.54 41.28
CA ASP K 60 22.64 -23.45 40.21
C ASP K 60 21.92 -24.77 40.42
N LEU K 61 20.99 -25.10 39.51
CA LEU K 61 20.14 -26.28 39.61
C LEU K 61 20.81 -27.51 39.03
N LYS K 62 21.96 -27.32 38.41
CA LYS K 62 22.67 -28.43 37.78
C LYS K 62 23.37 -29.25 38.89
N SER K 63 23.70 -28.58 40.01
CA SER K 63 24.42 -29.18 41.13
C SER K 63 23.47 -30.03 41.98
N ASP K 64 24.04 -30.64 43.03
CA ASP K 64 23.26 -31.45 43.95
C ASP K 64 22.74 -30.59 45.09
N GLN K 65 23.55 -29.61 45.50
CA GLN K 65 23.15 -28.66 46.53
C GLN K 65 22.05 -27.74 46.02
N GLY K 66 22.25 -27.14 44.85
CA GLY K 66 21.22 -26.35 44.19
C GLY K 66 19.92 -27.14 44.05
N LEU K 67 19.97 -28.39 43.55
CA LEU K 67 18.75 -29.15 43.33
C LEU K 67 18.05 -29.44 44.66
N GLU K 68 18.82 -29.70 45.73
CA GLU K 68 18.25 -30.06 47.01
C GLU K 68 17.55 -28.85 47.65
N LEU K 69 18.27 -27.73 47.77
CA LEU K 69 17.70 -26.45 48.17
C LEU K 69 16.39 -26.16 47.42
N ALA K 70 16.28 -26.57 46.16
CA ALA K 70 15.11 -26.24 45.36
C ALA K 70 13.95 -27.16 45.76
N LEU K 71 14.25 -28.45 45.82
CA LEU K 71 13.27 -29.47 46.15
C LEU K 71 12.67 -29.25 47.54
N LYS K 72 13.40 -28.53 48.38
CA LYS K 72 12.98 -28.19 49.72
C LYS K 72 12.09 -26.95 49.71
N LEU K 73 12.32 -25.99 48.80
CA LEU K 73 11.39 -24.87 48.60
C LEU K 73 10.05 -25.41 48.09
N ILE K 74 10.13 -26.35 47.17
CA ILE K 74 8.95 -26.86 46.50
C ILE K 74 8.10 -27.65 47.49
N ALA K 75 8.78 -28.26 48.46
CA ALA K 75 8.14 -29.15 49.43
C ALA K 75 7.09 -28.37 50.22
N LYS K 76 7.42 -27.10 50.51
CA LYS K 76 6.69 -26.17 51.36
C LYS K 76 5.92 -25.12 50.52
N ALA K 77 5.35 -25.52 49.38
CA ALA K 77 4.77 -24.52 48.48
C ALA K 77 3.56 -25.13 47.79
N ASP K 78 2.71 -24.25 47.26
CA ASP K 78 1.47 -24.70 46.64
C ASP K 78 1.63 -24.85 45.13
N VAL K 79 2.42 -23.94 44.55
CA VAL K 79 2.51 -23.89 43.09
C VAL K 79 3.97 -23.82 42.64
N LEU K 80 4.24 -24.58 41.57
CA LEU K 80 5.45 -24.43 40.78
C LEU K 80 5.10 -24.08 39.33
N ILE K 81 5.80 -23.02 38.88
CA ILE K 81 5.76 -22.49 37.52
C ILE K 81 7.12 -22.75 36.88
N GLU K 82 7.07 -23.48 35.76
CA GLU K 82 8.22 -23.65 34.90
C GLU K 82 7.79 -23.40 33.46
N GLY K 83 8.67 -22.71 32.71
CA GLY K 83 8.42 -22.48 31.29
C GLY K 83 9.66 -22.75 30.43
N TYR K 84 10.17 -23.97 30.56
CA TYR K 84 11.27 -24.48 29.76
C TYR K 84 10.70 -25.45 28.74
N ARG K 85 11.51 -25.89 27.77
CA ARG K 85 11.00 -26.88 26.83
C ARG K 85 10.62 -28.11 27.64
N PRO K 86 9.73 -28.99 27.14
CA PRO K 86 9.48 -30.27 27.79
C PRO K 86 10.76 -31.06 28.00
N GLY K 87 10.90 -31.78 29.13
CA GLY K 87 12.10 -32.56 29.42
C GLY K 87 13.06 -31.81 30.33
N VAL K 88 12.99 -30.49 30.39
CA VAL K 88 14.08 -29.79 31.07
C VAL K 88 14.01 -29.98 32.59
N THR K 89 12.79 -30.00 33.12
CA THR K 89 12.66 -30.11 34.56
C THR K 89 12.93 -31.56 34.92
N GLU K 90 12.35 -32.50 34.16
CA GLU K 90 12.61 -33.91 34.35
C GLU K 90 14.11 -34.14 34.57
N ARG K 91 14.89 -33.78 33.56
CA ARG K 91 16.31 -34.08 33.54
C ARG K 91 17.01 -33.29 34.64
N LEU K 92 16.46 -32.17 35.10
CA LEU K 92 17.07 -31.48 36.23
C LEU K 92 16.88 -32.24 37.58
N GLY K 93 15.95 -33.19 37.65
CA GLY K 93 15.51 -33.72 38.93
C GLY K 93 14.32 -32.96 39.54
N LEU K 94 13.63 -32.12 38.71
CA LEU K 94 12.49 -31.32 39.16
C LEU K 94 11.22 -31.59 38.34
N GLY K 95 11.08 -32.75 37.72
CA GLY K 95 9.91 -33.08 36.93
C GLY K 95 8.66 -33.24 37.81
N PRO K 96 7.46 -33.40 37.23
CA PRO K 96 6.26 -33.65 38.02
C PRO K 96 6.52 -34.63 39.17
N GLU K 97 6.99 -35.84 38.83
CA GLU K 97 7.00 -36.95 39.79
C GLU K 97 7.96 -36.72 40.95
N GLU K 98 9.16 -36.27 40.62
CA GLU K 98 10.11 -35.83 41.64
C GLU K 98 9.47 -34.83 42.60
N CYS K 99 8.70 -33.90 42.06
CA CYS K 99 8.00 -32.91 42.87
C CYS K 99 6.88 -33.61 43.65
N ALA K 100 6.16 -34.55 43.02
CA ALA K 100 5.07 -35.26 43.68
C ALA K 100 5.60 -36.05 44.89
N LYS K 101 6.77 -36.66 44.79
CA LYS K 101 7.37 -37.34 45.92
C LYS K 101 7.55 -36.39 47.12
N VAL K 102 7.95 -35.14 46.94
CA VAL K 102 8.16 -34.29 48.11
C VAL K 102 6.87 -33.54 48.50
N ASN K 103 5.75 -33.74 47.78
CA ASN K 103 4.62 -32.79 47.88
C ASN K 103 3.49 -33.18 46.94
N ASP K 104 2.55 -34.03 47.38
CA ASP K 104 1.51 -34.52 46.48
C ASP K 104 0.39 -33.46 46.35
N ARG K 105 0.59 -32.30 46.98
CA ARG K 105 -0.39 -31.22 46.97
C ARG K 105 -0.06 -30.14 45.93
N LEU K 106 1.09 -30.27 45.25
CA LEU K 106 1.64 -29.21 44.42
C LEU K 106 0.85 -29.12 43.12
N ILE K 107 0.49 -27.87 42.78
CA ILE K 107 0.05 -27.54 41.42
C ILE K 107 1.32 -27.33 40.59
N TYR K 108 1.47 -28.20 39.58
CA TYR K 108 2.68 -28.22 38.77
C TYR K 108 2.38 -27.56 37.42
N ALA K 109 2.87 -26.32 37.24
CA ALA K 109 2.37 -25.52 36.11
C ALA K 109 3.43 -25.37 35.02
N ARG K 110 3.07 -25.91 33.84
CA ARG K 110 3.98 -26.01 32.71
C ARG K 110 3.51 -25.09 31.59
N MET K 111 4.28 -24.00 31.43
CA MET K 111 4.02 -22.93 30.47
C MET K 111 4.87 -23.13 29.23
N THR K 112 4.26 -23.63 28.14
CA THR K 112 5.00 -23.72 26.89
C THR K 112 4.24 -23.00 25.78
N GLY K 113 4.84 -22.99 24.59
CA GLY K 113 4.16 -22.52 23.40
C GLY K 113 3.49 -23.65 22.62
N TRP K 114 4.22 -24.74 22.38
CA TRP K 114 3.71 -25.77 21.48
C TRP K 114 3.02 -26.89 22.26
N GLY K 115 3.20 -26.89 23.58
CA GLY K 115 2.73 -27.99 24.42
C GLY K 115 3.83 -29.00 24.74
N GLN K 116 3.40 -30.11 25.37
CA GLN K 116 4.29 -31.00 26.09
C GLN K 116 4.76 -32.10 25.14
N THR K 117 3.95 -32.38 24.13
CA THR K 117 4.26 -33.41 23.16
C THR K 117 3.94 -32.90 21.76
N GLY K 118 4.24 -33.73 20.76
CA GLY K 118 3.92 -33.49 19.37
C GLY K 118 5.14 -32.99 18.59
N PRO K 119 5.06 -32.94 17.25
CA PRO K 119 6.21 -32.70 16.39
C PRO K 119 6.96 -31.38 16.59
N ARG K 120 6.30 -30.35 17.20
CA ARG K 120 6.91 -29.03 17.29
C ARG K 120 7.36 -28.76 18.71
N SER K 121 7.23 -29.79 19.56
CA SER K 121 7.34 -29.59 20.99
C SER K 121 8.76 -29.29 21.43
N GLN K 122 9.77 -29.52 20.56
CA GLN K 122 11.13 -29.15 20.95
C GLN K 122 11.64 -27.91 20.19
N GLN K 123 10.86 -27.46 19.21
CA GLN K 123 11.15 -26.21 18.50
C GLN K 123 11.04 -24.98 19.40
N ALA K 124 12.13 -24.21 19.43
CA ALA K 124 12.10 -22.85 19.93
C ALA K 124 11.05 -22.03 19.15
N GLY K 125 10.72 -20.91 19.78
CA GLY K 125 9.54 -20.15 19.39
C GLY K 125 9.38 -18.90 20.25
N HIS K 126 8.69 -17.93 19.67
CA HIS K 126 8.19 -16.77 20.40
C HIS K 126 6.73 -16.57 20.01
N ASP K 127 6.10 -15.57 20.65
CA ASP K 127 4.70 -15.25 20.42
C ASP K 127 4.33 -15.36 18.94
N ILE K 128 5.08 -14.68 18.05
CA ILE K 128 4.65 -14.54 16.67
C ILE K 128 4.52 -15.91 16.02
N ASN K 129 5.33 -16.86 16.49
CA ASN K 129 5.32 -18.20 15.93
C ASN K 129 4.09 -19.00 16.37
N TYR K 130 3.80 -18.97 17.67
CA TYR K 130 2.65 -19.71 18.20
C TYR K 130 1.36 -19.19 17.59
N ILE K 131 1.21 -17.86 17.43
CA ILE K 131 -0.04 -17.36 16.83
C ILE K 131 -0.07 -17.48 15.31
N SER K 132 1.04 -17.83 14.67
CA SER K 132 1.02 -17.94 13.23
C SER K 132 0.42 -19.28 12.82
N LEU K 133 0.50 -20.27 13.71
CA LEU K 133 0.15 -21.63 13.31
C LEU K 133 -1.33 -21.89 13.51
N ASN K 134 -2.03 -21.05 14.29
CA ASN K 134 -3.44 -21.31 14.59
C ASN K 134 -4.39 -20.29 13.96
N GLY K 135 -3.93 -19.52 12.95
CA GLY K 135 -4.77 -18.67 12.14
C GLY K 135 -4.88 -17.23 12.65
N ILE K 136 -4.39 -16.97 13.87
CA ILE K 136 -4.58 -15.68 14.51
C ILE K 136 -3.80 -14.62 13.76
N LEU K 137 -2.51 -14.84 13.50
CA LEU K 137 -1.68 -13.79 12.95
C LEU K 137 -2.18 -13.43 11.56
N HIS K 138 -2.57 -14.45 10.79
CA HIS K 138 -3.04 -14.23 9.43
C HIS K 138 -4.17 -13.20 9.44
N ALA K 139 -4.95 -13.14 10.53
CA ALA K 139 -6.15 -12.33 10.59
C ALA K 139 -5.90 -10.88 11.01
N ILE K 140 -4.67 -10.51 11.32
CA ILE K 140 -4.40 -9.20 11.90
C ILE K 140 -3.64 -8.32 10.89
N GLY K 141 -4.15 -7.09 10.67
CA GLY K 141 -3.50 -6.13 9.80
C GLY K 141 -4.38 -5.76 8.62
N ARG K 142 -3.90 -4.84 7.78
CA ARG K 142 -4.65 -4.41 6.61
C ARG K 142 -4.60 -5.50 5.54
N GLY K 143 -5.70 -5.59 4.79
CA GLY K 143 -5.89 -6.58 3.74
C GLY K 143 -4.80 -6.51 2.67
N ASP K 144 -4.31 -5.31 2.39
CA ASP K 144 -3.41 -5.09 1.27
C ASP K 144 -1.93 -5.20 1.71
N GLU K 145 -1.64 -5.93 2.78
CA GLU K 145 -0.33 -5.83 3.42
C GLU K 145 -0.04 -7.07 4.25
N ARG K 146 1.23 -7.27 4.57
CA ARG K 146 1.59 -8.48 5.28
C ARG K 146 1.08 -8.39 6.72
N PRO K 147 0.68 -9.51 7.35
CA PRO K 147 0.12 -9.45 8.69
C PRO K 147 1.05 -8.76 9.66
N VAL K 148 0.43 -8.15 10.68
CA VAL K 148 1.17 -7.35 11.63
C VAL K 148 1.04 -8.00 13.00
N PRO K 149 2.15 -8.15 13.73
CA PRO K 149 2.10 -8.78 15.04
C PRO K 149 1.52 -7.83 16.07
N PRO K 150 0.50 -8.28 16.83
CA PRO K 150 -0.11 -7.48 17.88
C PRO K 150 0.74 -7.50 19.14
N LEU K 151 1.93 -6.96 18.98
CA LEU K 151 2.98 -7.11 19.96
C LEU K 151 3.03 -8.58 20.35
N ASN K 152 3.41 -8.83 21.62
CA ASN K 152 3.41 -10.20 22.12
C ASN K 152 2.22 -10.41 23.05
N LEU K 153 1.09 -9.77 22.76
CA LEU K 153 -0.02 -9.69 23.71
C LEU K 153 -0.92 -10.91 23.60
N VAL K 154 -1.02 -11.54 22.43
CA VAL K 154 -2.03 -12.58 22.28
C VAL K 154 -1.50 -13.99 22.60
N GLY K 155 -0.24 -14.26 22.26
CA GLY K 155 0.35 -15.58 22.45
C GLY K 155 0.94 -15.72 23.85
N ASP K 156 1.82 -14.78 24.22
CA ASP K 156 2.49 -14.79 25.51
C ASP K 156 1.55 -14.53 26.67
N PHE K 157 0.76 -13.45 26.60
CA PHE K 157 0.06 -12.97 27.77
C PHE K 157 -1.38 -13.48 27.73
N GLY K 158 -2.19 -12.96 26.78
CA GLY K 158 -3.59 -13.31 26.68
C GLY K 158 -3.85 -14.81 26.55
N GLY K 159 -3.06 -15.47 25.71
CA GLY K 159 -3.32 -16.86 25.44
C GLY K 159 -2.29 -17.74 26.16
N GLY K 160 -1.46 -17.11 26.98
CA GLY K 160 -0.32 -17.75 27.58
C GLY K 160 -0.42 -17.75 29.10
N SER K 161 0.17 -16.72 29.69
CA SER K 161 0.18 -16.50 31.13
C SER K 161 -1.24 -16.54 31.70
N MET K 162 -2.22 -15.94 31.01
CA MET K 162 -3.55 -15.83 31.61
C MET K 162 -4.18 -17.22 31.67
N PHE K 163 -3.85 -18.11 30.73
CA PHE K 163 -4.40 -19.43 30.79
C PHE K 163 -3.62 -20.29 31.79
N LEU K 164 -2.33 -19.99 31.98
CA LEU K 164 -1.60 -20.67 33.04
C LEU K 164 -2.30 -20.32 34.36
N LEU K 165 -2.55 -19.02 34.57
CA LEU K 165 -3.16 -18.49 35.79
C LEU K 165 -4.50 -19.17 36.06
N VAL K 166 -5.35 -19.25 35.04
CA VAL K 166 -6.68 -19.84 35.18
C VAL K 166 -6.52 -21.31 35.56
N GLY K 167 -5.50 -21.95 35.00
CA GLY K 167 -5.27 -23.37 35.26
C GLY K 167 -4.80 -23.60 36.69
N ILE K 168 -3.85 -22.81 37.15
CA ILE K 168 -3.36 -22.88 38.50
C ILE K 168 -4.52 -22.73 39.50
N LEU K 169 -5.36 -21.72 39.24
CA LEU K 169 -6.30 -21.26 40.25
C LEU K 169 -7.49 -22.22 40.23
N ALA K 170 -7.80 -22.78 39.06
CA ALA K 170 -8.82 -23.80 38.96
C ALA K 170 -8.35 -25.07 39.67
N ALA K 171 -7.03 -25.34 39.58
CA ALA K 171 -6.49 -26.57 40.12
C ALA K 171 -6.44 -26.46 41.65
N LEU K 172 -6.09 -25.28 42.17
CA LEU K 172 -6.22 -24.96 43.59
C LEU K 172 -7.66 -25.17 44.11
N TRP K 173 -8.69 -25.01 43.27
CA TRP K 173 -10.07 -25.21 43.66
C TRP K 173 -10.38 -26.70 43.72
N GLU K 174 -9.98 -27.43 42.68
CA GLU K 174 -10.21 -28.86 42.62
C GLU K 174 -9.55 -29.52 43.82
N ARG K 175 -8.41 -28.96 44.25
CA ARG K 175 -7.59 -29.44 45.34
C ARG K 175 -8.35 -29.43 46.66
N GLN K 176 -9.11 -28.36 46.95
CA GLN K 176 -9.71 -28.21 48.26
C GLN K 176 -10.70 -29.38 48.43
N SER K 177 -11.11 -29.99 47.33
CA SER K 177 -12.05 -31.10 47.31
C SER K 177 -11.35 -32.47 47.24
N SER K 178 -10.12 -32.56 46.70
CA SER K 178 -9.49 -33.86 46.40
C SER K 178 -8.32 -34.18 47.35
N GLY K 179 -7.74 -33.17 47.99
CA GLY K 179 -6.52 -33.32 48.75
C GLY K 179 -5.24 -33.15 47.91
N LYS K 180 -5.32 -33.30 46.58
CA LYS K 180 -4.15 -33.51 45.74
C LYS K 180 -3.96 -32.43 44.66
N GLY K 181 -2.69 -32.10 44.39
CA GLY K 181 -2.30 -31.31 43.24
C GLY K 181 -2.44 -32.06 41.90
N GLN K 182 -1.77 -31.52 40.87
CA GLN K 182 -1.82 -32.07 39.51
C GLN K 182 -1.02 -31.14 38.58
N VAL K 183 -0.92 -31.53 37.30
CA VAL K 183 -0.07 -30.81 36.35
C VAL K 183 -0.96 -29.95 35.47
N VAL K 184 -0.64 -28.65 35.40
CA VAL K 184 -1.28 -27.76 34.43
C VAL K 184 -0.37 -27.62 33.21
N ASP K 185 -0.88 -28.08 32.05
CA ASP K 185 -0.26 -27.97 30.74
C ASP K 185 -0.90 -26.81 29.97
N ALA K 186 -0.28 -25.61 30.09
CA ALA K 186 -0.67 -24.42 29.34
C ALA K 186 0.20 -24.22 28.10
N ALA K 187 -0.42 -24.41 26.93
CA ALA K 187 0.24 -24.19 25.65
C ALA K 187 -0.35 -22.97 24.95
N MET K 188 0.52 -21.99 24.64
CA MET K 188 0.14 -20.74 24.00
C MET K 188 -0.65 -21.00 22.73
N VAL K 189 -0.32 -22.05 22.01
CA VAL K 189 -1.10 -22.33 20.82
C VAL K 189 -2.53 -22.75 21.17
N ASP K 190 -2.77 -23.29 22.37
CA ASP K 190 -4.11 -23.67 22.77
C ASP K 190 -4.87 -22.46 23.37
N GLY K 191 -4.22 -21.83 24.35
CA GLY K 191 -4.74 -20.66 25.04
C GLY K 191 -5.25 -19.62 24.05
N SER K 192 -4.42 -19.34 23.04
CA SER K 192 -4.71 -18.26 22.12
C SER K 192 -5.85 -18.68 21.20
N SER K 193 -5.95 -19.98 20.91
CA SER K 193 -7.09 -20.47 20.14
C SER K 193 -8.43 -20.30 20.89
N VAL K 194 -8.41 -20.47 22.23
CA VAL K 194 -9.62 -20.28 23.04
C VAL K 194 -9.91 -18.78 23.14
N LEU K 195 -8.84 -17.99 23.20
CA LEU K 195 -8.91 -16.53 23.24
C LEU K 195 -9.74 -16.02 22.05
N ILE K 196 -9.60 -16.65 20.89
CA ILE K 196 -10.19 -16.21 19.64
C ILE K 196 -11.35 -17.14 19.31
N GLN K 197 -11.97 -17.73 20.34
CA GLN K 197 -13.07 -18.66 20.10
C GLN K 197 -14.21 -17.97 19.34
N MET K 198 -14.43 -16.66 19.61
CA MET K 198 -15.46 -15.89 18.92
C MET K 198 -15.32 -15.97 17.40
N MET K 199 -14.09 -15.83 16.89
CA MET K 199 -13.89 -15.85 15.44
C MET K 199 -14.20 -17.22 14.88
N TRP K 200 -13.83 -18.28 15.58
CA TRP K 200 -14.15 -19.63 15.13
C TRP K 200 -15.65 -19.88 15.15
N ALA K 201 -16.36 -19.29 16.13
CA ALA K 201 -17.83 -19.34 16.19
C ALA K 201 -18.45 -18.65 14.97
N MET K 202 -17.99 -17.43 14.72
CA MET K 202 -18.48 -16.63 13.60
C MET K 202 -18.14 -17.27 12.25
N ARG K 203 -16.96 -17.90 12.12
CA ARG K 203 -16.64 -18.56 10.87
C ARG K 203 -17.69 -19.61 10.53
N ALA K 204 -18.13 -20.37 11.53
CA ALA K 204 -19.06 -21.47 11.33
C ALA K 204 -20.39 -20.97 10.76
N THR K 205 -20.84 -19.81 11.23
CA THR K 205 -22.10 -19.21 10.81
C THR K 205 -21.91 -18.22 9.66
N GLY K 206 -20.81 -18.31 8.91
CA GLY K 206 -20.61 -17.41 7.78
C GLY K 206 -20.42 -15.94 8.17
N MET K 207 -20.13 -15.63 9.42
CA MET K 207 -20.04 -14.25 9.87
C MET K 207 -18.59 -13.80 10.00
N TRP K 208 -17.64 -14.62 9.55
CA TRP K 208 -16.26 -14.21 9.54
C TRP K 208 -15.53 -14.93 8.42
N THR K 209 -14.68 -14.21 7.65
CA THR K 209 -13.98 -14.80 6.52
C THR K 209 -12.48 -14.68 6.74
N ASP K 210 -11.74 -15.52 6.01
CA ASP K 210 -10.30 -15.64 6.12
C ASP K 210 -9.59 -14.46 5.46
N THR K 211 -10.33 -13.60 4.76
CA THR K 211 -9.76 -12.45 4.09
C THR K 211 -9.42 -11.40 5.13
N ARG K 212 -8.16 -10.98 5.15
CA ARG K 212 -7.70 -10.06 6.15
C ARG K 212 -8.26 -8.68 5.80
N GLY K 213 -8.72 -7.94 6.80
CA GLY K 213 -9.16 -6.56 6.62
C GLY K 213 -10.56 -6.45 6.04
N ALA K 214 -11.37 -7.51 6.16
CA ALA K 214 -12.68 -7.53 5.54
C ALA K 214 -13.73 -8.05 6.53
N ASN K 215 -13.56 -7.81 7.82
CA ASN K 215 -14.57 -8.25 8.75
C ASN K 215 -14.96 -7.08 9.65
N MET K 216 -15.92 -7.35 10.51
CA MET K 216 -16.49 -6.34 11.37
C MET K 216 -15.47 -5.84 12.38
N LEU K 217 -14.56 -6.71 12.82
CA LEU K 217 -13.70 -6.39 13.96
C LEU K 217 -12.21 -6.34 13.63
N ASP K 218 -11.80 -6.48 12.35
CA ASP K 218 -10.38 -6.48 11.99
C ASP K 218 -9.92 -5.16 11.40
N GLY K 219 -10.84 -4.18 11.34
CA GLY K 219 -10.60 -2.91 10.69
C GLY K 219 -11.29 -2.77 9.34
N GLY K 220 -11.90 -3.83 8.84
CA GLY K 220 -12.67 -3.74 7.61
C GLY K 220 -13.90 -2.83 7.74
N ALA K 221 -14.54 -2.81 8.91
CA ALA K 221 -15.77 -2.07 9.05
C ALA K 221 -15.44 -0.60 9.30
N PRO K 222 -16.05 0.36 8.56
CA PRO K 222 -15.76 1.77 8.76
C PRO K 222 -16.17 2.29 10.13
N TYR K 223 -17.11 1.59 10.79
CA TYR K 223 -17.52 1.93 12.13
C TYR K 223 -16.70 1.21 13.22
N TYR K 224 -15.70 0.39 12.86
CA TYR K 224 -14.82 -0.22 13.85
C TYR K 224 -13.37 -0.14 13.35
N ASP K 225 -12.72 0.98 13.64
CA ASP K 225 -11.45 1.28 13.02
C ASP K 225 -10.94 2.60 13.57
N THR K 226 -9.67 2.95 13.31
CA THR K 226 -9.13 4.22 13.73
C THR K 226 -9.21 5.20 12.56
N TYR K 227 -9.17 6.48 12.88
CA TYR K 227 -9.24 7.53 11.88
C TYR K 227 -8.23 8.61 12.22
N GLU K 228 -7.61 9.14 11.18
CA GLU K 228 -6.66 10.20 11.41
C GLU K 228 -7.40 11.53 11.48
N CYS K 229 -6.95 12.38 12.38
CA CYS K 229 -7.55 13.69 12.61
C CYS K 229 -6.70 14.77 11.93
N ALA K 230 -7.17 16.02 12.00
CA ALA K 230 -6.50 17.18 11.42
C ALA K 230 -5.07 17.31 11.92
N ASP K 231 -4.81 16.89 13.16
CA ASP K 231 -3.52 17.12 13.77
C ASP K 231 -2.60 15.92 13.55
N GLY K 232 -2.97 14.95 12.72
CA GLY K 232 -2.13 13.79 12.52
C GLY K 232 -2.21 12.76 13.65
N ARG K 233 -2.98 13.05 14.75
CA ARG K 233 -3.35 12.08 15.78
C ARG K 233 -4.65 11.34 15.42
N TYR K 234 -5.04 10.36 16.25
CA TYR K 234 -6.04 9.39 15.83
C TYR K 234 -7.17 9.27 16.85
N VAL K 235 -8.33 8.87 16.32
CA VAL K 235 -9.43 8.45 17.16
C VAL K 235 -9.78 7.03 16.78
N ALA K 236 -10.44 6.37 17.73
CA ALA K 236 -11.01 5.06 17.51
C ALA K 236 -12.53 5.16 17.60
N VAL K 237 -13.12 4.42 16.65
CA VAL K 237 -14.54 4.31 16.45
C VAL K 237 -14.86 2.84 16.59
N GLY K 238 -15.88 2.59 17.42
CA GLY K 238 -16.28 1.25 17.80
C GLY K 238 -17.80 1.13 17.82
N ALA K 239 -18.50 1.83 16.91
CA ALA K 239 -19.94 1.97 17.06
C ALA K 239 -20.65 0.88 16.29
N ILE K 240 -20.67 -0.30 16.91
CA ILE K 240 -21.25 -1.48 16.27
C ILE K 240 -22.79 -1.39 16.26
N GLU K 241 -23.36 -1.03 17.40
CA GLU K 241 -24.80 -1.01 17.59
C GLU K 241 -25.39 0.15 16.77
N PRO K 242 -26.51 -0.07 16.09
CA PRO K 242 -27.12 0.98 15.27
C PRO K 242 -27.29 2.35 15.96
N GLN K 243 -27.71 2.35 17.24
CA GLN K 243 -28.03 3.58 17.93
C GLN K 243 -26.75 4.37 18.18
N PHE K 244 -25.68 3.65 18.51
CA PHE K 244 -24.41 4.29 18.81
C PHE K 244 -23.83 4.84 17.52
N TYR K 245 -23.96 4.05 16.46
CA TYR K 245 -23.51 4.46 15.12
C TYR K 245 -24.24 5.74 14.70
N ALA K 246 -25.55 5.76 14.93
CA ALA K 246 -26.36 6.94 14.59
C ALA K 246 -25.91 8.17 15.37
N ALA K 247 -25.62 8.01 16.67
CA ALA K 247 -25.14 9.15 17.47
C ALA K 247 -23.81 9.64 16.96
N MET K 248 -22.96 8.73 16.48
CA MET K 248 -21.64 9.12 15.96
C MET K 248 -21.79 9.95 14.68
N LEU K 249 -22.59 9.48 13.73
CA LEU K 249 -22.86 10.22 12.50
C LEU K 249 -23.28 11.66 12.81
N ALA K 250 -24.24 11.82 13.74
CA ALA K 250 -24.75 13.15 14.05
C ALA K 250 -23.65 14.02 14.64
N GLY K 251 -22.80 13.48 15.52
CA GLY K 251 -21.69 14.26 16.05
C GLY K 251 -20.73 14.74 14.97
N LEU K 252 -20.59 13.95 13.88
CA LEU K 252 -19.75 14.33 12.76
C LEU K 252 -20.46 15.31 11.83
N GLY K 253 -21.74 15.60 12.06
CA GLY K 253 -22.39 16.57 11.19
C GLY K 253 -22.88 15.88 9.92
N LEU K 254 -22.99 14.54 9.93
CA LEU K 254 -23.37 13.79 8.75
C LEU K 254 -24.80 13.33 8.91
N ASP K 255 -25.55 13.43 7.80
CA ASP K 255 -26.97 13.08 7.77
C ASP K 255 -27.06 11.65 7.29
N ALA K 256 -27.51 10.73 8.15
CA ALA K 256 -27.58 9.32 7.81
C ALA K 256 -28.39 9.09 6.52
N ALA K 257 -29.36 9.98 6.25
CA ALA K 257 -30.21 9.84 5.07
C ALA K 257 -29.39 9.91 3.77
N GLU K 258 -28.25 10.61 3.82
CA GLU K 258 -27.36 10.80 2.67
C GLU K 258 -26.25 9.76 2.58
N LEU K 259 -26.19 8.78 3.50
CA LEU K 259 -25.09 7.82 3.55
C LEU K 259 -25.63 6.45 3.18
N PRO K 260 -24.77 5.56 2.68
CA PRO K 260 -25.14 4.16 2.53
C PRO K 260 -25.48 3.52 3.88
N PRO K 261 -26.19 2.37 3.90
CA PRO K 261 -26.44 1.67 5.15
C PRO K 261 -25.14 1.22 5.84
N GLN K 262 -25.21 1.18 7.17
CA GLN K 262 -24.09 0.89 8.06
C GLN K 262 -23.43 -0.42 7.67
N ASN K 263 -24.24 -1.46 7.37
CA ASN K 263 -23.72 -2.79 7.10
C ASN K 263 -23.91 -3.24 5.64
N ASP K 264 -24.03 -2.31 4.71
CA ASP K 264 -23.93 -2.64 3.30
C ASP K 264 -22.44 -2.69 2.89
N ARG K 265 -21.84 -3.88 2.91
CA ARG K 265 -20.41 -4.06 2.77
C ARG K 265 -19.92 -3.59 1.41
N ALA K 266 -20.76 -3.73 0.38
CA ALA K 266 -20.41 -3.27 -0.95
C ALA K 266 -20.09 -1.77 -0.95
N ARG K 267 -20.66 -1.04 0.01
CA ARG K 267 -20.53 0.41 -0.03
C ARG K 267 -19.66 0.91 1.11
N TRP K 268 -18.94 -0.01 1.75
CA TRP K 268 -18.08 0.34 2.85
C TRP K 268 -16.99 1.31 2.41
N PRO K 269 -16.34 1.13 1.23
CA PRO K 269 -15.35 2.10 0.80
C PRO K 269 -15.90 3.53 0.77
N GLU K 270 -17.08 3.68 0.19
CA GLU K 270 -17.71 4.99 0.08
C GLU K 270 -18.02 5.58 1.47
N LEU K 271 -18.58 4.77 2.35
CA LEU K 271 -18.84 5.19 3.72
C LEU K 271 -17.55 5.61 4.43
N ARG K 272 -16.51 4.80 4.30
CA ARG K 272 -15.23 5.07 4.95
C ARG K 272 -14.67 6.42 4.50
N ALA K 273 -14.81 6.70 3.20
CA ALA K 273 -14.31 7.95 2.63
C ALA K 273 -15.04 9.13 3.26
N LEU K 274 -16.36 9.03 3.49
CA LEU K 274 -17.11 10.11 4.13
C LEU K 274 -16.69 10.33 5.58
N LEU K 275 -16.47 9.26 6.34
CA LEU K 275 -16.00 9.36 7.72
C LEU K 275 -14.57 9.88 7.77
N THR K 276 -13.74 9.40 6.82
CA THR K 276 -12.37 9.86 6.76
C THR K 276 -12.33 11.39 6.64
N GLU K 277 -13.16 11.95 5.75
CA GLU K 277 -13.17 13.38 5.52
C GLU K 277 -13.68 14.10 6.76
N ALA K 278 -14.72 13.57 7.40
CA ALA K 278 -15.28 14.22 8.56
C ALA K 278 -14.26 14.28 9.70
N PHE K 279 -13.65 13.14 10.05
CA PHE K 279 -12.70 13.08 11.15
C PHE K 279 -11.46 13.92 10.82
N ALA K 280 -11.08 14.02 9.54
CA ALA K 280 -9.87 14.78 9.21
C ALA K 280 -10.11 16.29 9.38
N SER K 281 -11.36 16.71 9.57
CA SER K 281 -11.65 18.15 9.55
C SER K 281 -11.37 18.80 10.91
N HIS K 282 -11.09 18.02 11.95
CA HIS K 282 -10.80 18.56 13.26
C HIS K 282 -9.77 17.68 13.95
N ASP K 283 -9.22 18.15 15.07
CA ASP K 283 -8.12 17.46 15.73
C ASP K 283 -8.66 16.50 16.78
N ARG K 284 -7.78 15.64 17.30
CA ARG K 284 -8.20 14.56 18.16
C ARG K 284 -8.94 15.11 19.39
N ASP K 285 -8.39 16.15 19.99
CA ASP K 285 -9.00 16.65 21.22
C ASP K 285 -10.37 17.26 20.93
N HIS K 286 -10.59 17.80 19.72
CA HIS K 286 -11.92 18.26 19.36
C HIS K 286 -12.90 17.10 19.45
N TRP K 287 -12.56 15.96 18.86
CA TRP K 287 -13.49 14.84 18.88
C TRP K 287 -13.64 14.30 20.28
N GLY K 288 -12.59 14.38 21.11
CA GLY K 288 -12.68 13.91 22.49
C GLY K 288 -13.74 14.68 23.26
N ALA K 289 -13.71 16.01 23.12
CA ALA K 289 -14.68 16.88 23.73
C ALA K 289 -16.11 16.68 23.16
N VAL K 290 -16.23 16.54 21.83
CA VAL K 290 -17.53 16.45 21.19
C VAL K 290 -18.25 15.18 21.62
N PHE K 291 -17.49 14.11 21.88
CA PHE K 291 -18.12 12.84 22.13
C PHE K 291 -18.04 12.46 23.59
N ALA K 292 -17.53 13.38 24.43
CA ALA K 292 -17.58 13.17 25.86
C ALA K 292 -19.03 12.98 26.28
N ASN K 293 -19.20 12.04 27.21
CA ASN K 293 -20.47 11.60 27.76
C ASN K 293 -21.41 11.07 26.71
N SER K 294 -20.93 10.69 25.53
CA SER K 294 -21.82 10.07 24.55
C SER K 294 -21.60 8.58 24.42
N ASP K 295 -22.58 7.97 23.76
CA ASP K 295 -22.58 6.57 23.35
C ASP K 295 -22.10 6.39 21.91
N ALA K 296 -21.42 7.38 21.33
CA ALA K 296 -20.94 7.29 19.96
C ALA K 296 -19.77 6.31 19.77
N CYS K 297 -19.13 5.84 20.85
CA CYS K 297 -18.00 4.91 20.81
C CYS K 297 -16.82 5.51 20.06
N VAL K 298 -16.49 6.75 20.41
CA VAL K 298 -15.38 7.44 19.78
C VAL K 298 -14.43 7.82 20.90
N THR K 299 -13.14 7.47 20.80
CA THR K 299 -12.19 7.77 21.87
C THR K 299 -10.89 8.23 21.25
N PRO K 300 -10.12 9.07 21.96
CA PRO K 300 -8.79 9.44 21.50
C PRO K 300 -7.89 8.24 21.64
N VAL K 301 -7.04 8.06 20.63
CA VAL K 301 -6.04 7.02 20.64
C VAL K 301 -4.80 7.66 21.28
N LEU K 302 -4.55 7.33 22.55
CA LEU K 302 -3.45 7.93 23.29
C LEU K 302 -2.20 7.05 23.20
N ALA K 303 -1.07 7.71 23.00
CA ALA K 303 0.23 7.10 23.14
C ALA K 303 0.54 6.97 24.63
N PHE K 304 1.32 5.95 24.97
CA PHE K 304 1.73 5.65 26.34
C PHE K 304 2.06 6.93 27.13
N GLY K 305 2.91 7.78 26.58
CA GLY K 305 3.37 8.98 27.28
C GLY K 305 2.26 9.98 27.61
N GLU K 306 1.10 9.87 26.95
CA GLU K 306 -0.03 10.75 27.19
C GLU K 306 -1.01 10.19 28.22
N VAL K 307 -0.97 8.88 28.45
CA VAL K 307 -1.98 8.19 29.26
C VAL K 307 -2.08 8.81 30.65
N HIS K 308 -0.94 9.30 31.20
CA HIS K 308 -0.89 9.82 32.56
C HIS K 308 -1.70 11.11 32.66
N ASN K 309 -1.93 11.83 31.54
CA ASN K 309 -2.71 13.06 31.57
C ASN K 309 -4.21 12.84 31.33
N GLU K 310 -4.72 11.60 31.26
CA GLU K 310 -6.13 11.42 30.91
C GLU K 310 -6.93 11.27 32.21
N PRO K 311 -7.94 12.14 32.46
CA PRO K 311 -8.74 12.07 33.67
C PRO K 311 -9.22 10.67 34.05
N HIS K 312 -9.78 9.93 33.10
CA HIS K 312 -10.36 8.65 33.49
C HIS K 312 -9.29 7.68 33.99
N ILE K 313 -8.04 7.86 33.53
CA ILE K 313 -6.95 7.01 33.97
C ILE K 313 -6.54 7.46 35.38
N ILE K 314 -6.37 8.78 35.55
CA ILE K 314 -5.85 9.36 36.78
C ILE K 314 -6.78 8.98 37.91
N GLU K 315 -8.06 9.26 37.71
CA GLU K 315 -9.04 9.19 38.78
C GLU K 315 -9.33 7.76 39.22
N ARG K 316 -9.11 6.76 38.35
CA ARG K 316 -9.25 5.37 38.80
C ARG K 316 -7.92 4.74 39.24
N ASN K 317 -6.82 5.48 39.16
CA ASN K 317 -5.54 4.97 39.65
C ASN K 317 -5.20 3.65 38.95
N THR K 318 -5.35 3.62 37.62
CA THR K 318 -4.98 2.44 36.86
C THR K 318 -3.45 2.26 36.93
N PHE K 319 -2.69 3.37 37.09
CA PHE K 319 -1.24 3.36 37.15
C PHE K 319 -0.73 3.98 38.47
N TYR K 320 0.51 3.61 38.87
CA TYR K 320 1.32 4.24 39.91
C TYR K 320 2.71 4.55 39.35
N GLU K 321 3.45 5.49 39.95
CA GLU K 321 4.80 5.80 39.53
C GLU K 321 5.84 4.92 40.21
N ALA K 322 6.64 4.22 39.43
CA ALA K 322 7.75 3.44 39.93
C ALA K 322 9.03 3.87 39.21
N ASN K 323 9.97 4.43 39.97
CA ASN K 323 11.35 4.57 39.53
C ASN K 323 11.38 4.88 38.04
N GLY K 324 11.27 6.18 37.71
CA GLY K 324 11.31 6.67 36.34
C GLY K 324 10.29 5.96 35.45
N GLY K 325 8.99 6.23 35.67
CA GLY K 325 7.95 5.78 34.76
C GLY K 325 6.77 5.11 35.45
N TRP K 326 5.63 5.20 34.77
CA TRP K 326 4.38 4.65 35.26
C TRP K 326 4.33 3.16 35.01
N GLN K 327 3.49 2.50 35.80
CA GLN K 327 3.29 1.07 35.72
C GLN K 327 1.86 0.81 36.16
N PRO K 328 1.22 -0.27 35.66
CA PRO K 328 -0.16 -0.56 36.01
C PRO K 328 -0.29 -1.22 37.37
N MET K 329 -1.33 -0.80 38.09
CA MET K 329 -1.71 -1.41 39.35
C MET K 329 -2.30 -2.77 39.05
N PRO K 330 -2.29 -3.66 40.05
CA PRO K 330 -2.89 -4.97 39.91
C PRO K 330 -4.30 -4.89 39.36
N ALA K 331 -4.70 -6.00 38.76
CA ALA K 331 -6.00 -6.18 38.17
C ALA K 331 -6.29 -7.65 38.26
N PRO K 332 -7.55 -8.08 38.45
CA PRO K 332 -8.66 -7.16 38.65
C PRO K 332 -8.65 -6.57 40.06
N ARG K 333 -9.74 -5.87 40.43
CA ARG K 333 -9.84 -5.22 41.74
C ARG K 333 -10.81 -5.99 42.65
N PHE K 334 -10.56 -5.90 43.95
CA PHE K 334 -11.30 -6.69 44.94
C PHE K 334 -11.84 -5.79 46.04
N SER K 335 -13.12 -5.95 46.43
CA SER K 335 -13.76 -5.05 47.40
C SER K 335 -13.25 -5.32 48.82
N ARG K 336 -13.13 -6.59 49.22
CA ARG K 336 -12.75 -6.92 50.58
C ARG K 336 -11.23 -7.07 50.70
N THR K 337 -10.62 -7.99 49.93
CA THR K 337 -9.17 -8.21 50.02
C THR K 337 -8.41 -7.48 48.92
N ALA K 338 -8.30 -6.16 49.05
CA ALA K 338 -7.68 -5.34 48.03
C ALA K 338 -6.17 -5.62 47.92
N SER K 339 -5.70 -5.68 46.68
CA SER K 339 -4.27 -5.77 46.40
C SER K 339 -3.64 -4.48 46.87
N SER K 340 -2.33 -4.44 47.06
CA SER K 340 -1.69 -3.15 47.29
C SER K 340 -0.69 -2.85 46.18
N GLN K 341 -0.11 -1.64 46.24
CA GLN K 341 0.90 -1.17 45.31
C GLN K 341 2.03 -2.21 45.22
N PRO K 342 2.42 -2.68 44.02
CA PRO K 342 3.50 -3.65 43.92
C PRO K 342 4.79 -3.19 44.57
N ARG K 343 5.51 -4.18 45.11
CA ARG K 343 6.85 -3.95 45.62
C ARG K 343 7.86 -4.11 44.48
N PRO K 344 8.84 -3.17 44.34
CA PRO K 344 9.88 -3.31 43.34
C PRO K 344 10.65 -4.62 43.50
N PRO K 345 11.20 -5.22 42.43
CA PRO K 345 11.97 -6.45 42.63
C PRO K 345 13.04 -6.24 43.69
N ALA K 346 13.18 -7.24 44.58
CA ALA K 346 14.07 -7.06 45.73
C ALA K 346 15.47 -7.51 45.35
N ALA K 347 16.49 -6.96 46.04
CA ALA K 347 17.83 -7.53 46.04
C ALA K 347 17.77 -9.05 46.25
N THR K 348 18.77 -9.76 45.72
CA THR K 348 18.83 -11.21 45.84
C THR K 348 18.78 -11.59 47.32
N ILE K 349 17.91 -12.56 47.61
CA ILE K 349 17.80 -13.12 48.93
C ILE K 349 18.51 -14.48 48.90
N ASP K 350 18.83 -14.97 50.09
CA ASP K 350 19.48 -16.25 50.30
C ASP K 350 18.40 -17.34 50.48
N ILE K 351 18.55 -18.46 49.79
CA ILE K 351 17.51 -19.48 49.75
C ILE K 351 17.31 -20.16 51.10
N GLU K 352 18.33 -20.08 51.95
CA GLU K 352 18.24 -20.54 53.33
C GLU K 352 17.27 -19.66 54.11
N ALA K 353 17.48 -18.33 54.07
CA ALA K 353 16.65 -17.35 54.75
C ALA K 353 15.16 -17.50 54.39
N VAL K 354 14.87 -17.98 53.17
CA VAL K 354 13.50 -18.23 52.72
C VAL K 354 12.96 -19.50 53.38
N LEU K 355 13.73 -20.59 53.34
CA LEU K 355 13.32 -21.85 53.96
C LEU K 355 13.06 -21.72 55.46
N THR K 356 13.81 -20.85 56.13
CA THR K 356 13.60 -20.50 57.53
C THR K 356 12.18 -19.98 57.68
N ASP K 357 11.89 -18.86 56.99
CA ASP K 357 10.65 -18.11 57.12
C ASP K 357 9.45 -18.90 56.59
N TRP K 358 9.65 -19.94 55.78
CA TRP K 358 8.59 -20.90 55.49
C TRP K 358 8.67 -22.11 56.43
N ASP K 359 9.10 -21.87 57.68
CA ASP K 359 9.32 -22.91 58.70
C ASP K 359 10.64 -23.63 58.44
N MET L 1 -19.73 -34.02 35.71
CA MET L 1 -19.18 -32.94 34.84
C MET L 1 -17.66 -32.91 35.00
N ALA L 2 -16.95 -33.16 33.88
CA ALA L 2 -15.49 -33.33 33.86
C ALA L 2 -14.77 -31.99 33.98
N GLY L 3 -13.64 -31.96 34.69
CA GLY L 3 -12.74 -30.81 34.69
C GLY L 3 -12.53 -30.33 36.10
N PRO L 4 -11.55 -29.44 36.36
CA PRO L 4 -11.21 -29.10 37.72
C PRO L 4 -12.22 -28.24 38.45
N LEU L 5 -13.18 -27.69 37.69
CA LEU L 5 -14.09 -26.72 38.26
C LEU L 5 -15.40 -27.43 38.58
N SER L 6 -15.46 -28.74 38.31
CA SER L 6 -16.60 -29.56 38.71
C SER L 6 -17.19 -29.10 40.05
N GLY L 7 -18.53 -28.94 40.06
CA GLY L 7 -19.25 -28.54 41.25
C GLY L 7 -19.29 -27.03 41.51
N LEU L 8 -18.60 -26.22 40.69
CA LEU L 8 -18.67 -24.78 40.83
C LEU L 8 -19.98 -24.34 40.17
N ARG L 9 -20.72 -23.47 40.86
CA ARG L 9 -22.00 -22.98 40.35
C ARG L 9 -21.95 -21.50 40.03
N VAL L 10 -22.38 -21.21 38.79
CA VAL L 10 -22.15 -19.91 38.20
C VAL L 10 -23.46 -19.44 37.58
N VAL L 11 -23.81 -18.20 37.95
CA VAL L 11 -24.92 -17.51 37.31
C VAL L 11 -24.36 -16.37 36.47
N GLU L 12 -24.74 -16.41 35.18
CA GLU L 12 -24.31 -15.45 34.19
C GLU L 12 -25.50 -14.61 33.71
N LEU L 13 -25.47 -13.30 34.00
CA LEU L 13 -26.43 -12.37 33.39
C LEU L 13 -25.99 -12.03 31.96
N ALA L 14 -26.75 -12.56 30.99
CA ALA L 14 -26.41 -12.44 29.57
C ALA L 14 -25.98 -11.02 29.19
N GLY L 15 -24.74 -10.92 28.69
CA GLY L 15 -24.16 -9.73 28.09
C GLY L 15 -23.46 -10.06 26.79
N ILE L 16 -22.50 -9.22 26.41
CA ILE L 16 -21.75 -9.45 25.18
C ILE L 16 -20.27 -9.31 25.52
N GLY L 17 -19.46 -10.08 24.79
CA GLY L 17 -18.02 -9.88 24.82
C GLY L 17 -17.38 -10.68 25.94
N PRO L 18 -16.70 -10.02 26.89
CA PRO L 18 -15.90 -10.72 27.89
C PRO L 18 -16.72 -11.63 28.80
N GLY L 19 -17.86 -11.10 29.28
CA GLY L 19 -18.71 -11.83 30.22
C GLY L 19 -19.02 -13.23 29.71
N PRO L 20 -19.56 -13.37 28.49
CA PRO L 20 -19.83 -14.69 27.93
C PRO L 20 -18.58 -15.55 27.74
N HIS L 21 -17.45 -14.90 27.47
CA HIS L 21 -16.24 -15.64 27.19
C HIS L 21 -15.74 -16.26 28.49
N ALA L 22 -15.71 -15.44 29.56
CA ALA L 22 -15.42 -15.91 30.91
C ALA L 22 -16.35 -17.06 31.29
N ALA L 23 -17.66 -16.89 31.10
CA ALA L 23 -18.57 -17.95 31.47
C ALA L 23 -18.29 -19.23 30.70
N MET L 24 -17.91 -19.10 29.42
CA MET L 24 -17.63 -20.25 28.57
C MET L 24 -16.44 -21.04 29.13
N ILE L 25 -15.37 -20.33 29.52
CA ILE L 25 -14.17 -20.98 30.02
C ILE L 25 -14.51 -21.69 31.34
N LEU L 26 -15.25 -21.02 32.23
CA LEU L 26 -15.68 -21.63 33.48
C LEU L 26 -16.38 -22.94 33.19
N GLY L 27 -17.34 -22.92 32.28
CA GLY L 27 -18.05 -24.14 31.92
C GLY L 27 -17.16 -25.17 31.22
N ASP L 28 -16.20 -24.69 30.42
CA ASP L 28 -15.30 -25.56 29.67
C ASP L 28 -14.55 -26.49 30.62
N LEU L 29 -14.13 -25.94 31.78
CA LEU L 29 -13.38 -26.58 32.85
C LEU L 29 -14.25 -27.28 33.91
N GLY L 30 -15.54 -27.53 33.58
CA GLY L 30 -16.41 -28.34 34.41
C GLY L 30 -17.49 -27.61 35.21
N ALA L 31 -17.39 -26.29 35.39
CA ALA L 31 -18.36 -25.54 36.17
C ALA L 31 -19.77 -25.69 35.59
N ASP L 32 -20.73 -25.50 36.52
CA ASP L 32 -22.16 -25.55 36.27
C ASP L 32 -22.65 -24.12 36.07
N VAL L 33 -22.84 -23.77 34.79
CA VAL L 33 -23.04 -22.39 34.39
C VAL L 33 -24.48 -22.21 33.94
N VAL L 34 -25.19 -21.28 34.59
CA VAL L 34 -26.57 -21.02 34.22
C VAL L 34 -26.66 -19.57 33.77
N ARG L 35 -27.10 -19.41 32.52
CA ARG L 35 -27.13 -18.13 31.85
C ARG L 35 -28.57 -17.63 31.83
N ILE L 36 -28.80 -16.51 32.52
CA ILE L 36 -30.09 -15.85 32.52
C ILE L 36 -30.11 -14.83 31.38
N ASP L 37 -30.91 -15.09 30.35
CA ASP L 37 -31.12 -14.15 29.28
C ASP L 37 -32.50 -13.50 29.45
N ARG L 38 -32.74 -12.46 28.65
CA ARG L 38 -34.03 -11.81 28.54
C ARG L 38 -34.90 -12.64 27.61
N PRO L 39 -36.23 -12.81 27.86
CA PRO L 39 -37.06 -13.63 26.98
C PRO L 39 -37.10 -13.09 25.54
N SER L 40 -37.21 -11.74 25.44
CA SER L 40 -36.99 -10.95 24.23
C SER L 40 -36.00 -11.65 23.31
N SER L 41 -34.72 -11.73 23.72
CA SER L 41 -33.63 -11.91 22.77
C SER L 41 -33.25 -13.38 22.52
N VAL L 42 -33.93 -14.36 23.14
CA VAL L 42 -33.64 -15.78 22.90
C VAL L 42 -34.71 -16.41 22.01
N ASP L 43 -34.29 -17.28 21.08
CA ASP L 43 -35.16 -17.70 19.98
C ASP L 43 -34.75 -19.05 19.39
N GLY L 44 -35.07 -20.15 20.09
CA GLY L 44 -34.68 -21.50 19.67
C GLY L 44 -33.33 -21.92 20.25
N ILE L 45 -32.58 -22.75 19.50
CA ILE L 45 -31.24 -23.19 19.90
C ILE L 45 -30.21 -22.22 19.30
N SER L 46 -29.42 -21.55 20.15
CA SER L 46 -28.54 -20.46 19.71
C SER L 46 -27.31 -21.02 18.99
N ARG L 47 -26.95 -20.41 17.84
CA ARG L 47 -25.86 -20.93 17.01
C ARG L 47 -24.54 -20.22 17.31
N ASP L 48 -24.46 -19.48 18.44
CA ASP L 48 -23.19 -18.93 18.90
C ASP L 48 -22.46 -19.96 19.77
N ALA L 49 -21.39 -20.54 19.21
CA ALA L 49 -20.66 -21.59 19.89
C ALA L 49 -19.99 -21.03 21.14
N MET L 50 -20.00 -19.69 21.32
CA MET L 50 -19.50 -19.12 22.56
C MET L 50 -20.43 -19.47 23.73
N LEU L 51 -21.64 -19.96 23.43
CA LEU L 51 -22.61 -20.33 24.47
C LEU L 51 -22.61 -21.84 24.71
N ARG L 52 -21.48 -22.48 24.47
CA ARG L 52 -21.32 -23.88 24.82
C ARG L 52 -21.15 -23.97 26.33
N ASN L 53 -21.41 -25.18 26.86
CA ASN L 53 -21.20 -25.55 28.26
C ASN L 53 -22.08 -24.70 29.19
N ARG L 54 -23.36 -24.54 28.81
CA ARG L 54 -24.32 -23.70 29.52
C ARG L 54 -25.66 -24.41 29.70
N ARG L 55 -26.40 -23.97 30.70
CA ARG L 55 -27.87 -24.01 30.65
C ARG L 55 -28.40 -22.57 30.51
N ILE L 56 -29.31 -22.40 29.57
CA ILE L 56 -29.91 -21.09 29.29
C ILE L 56 -31.31 -21.03 29.88
N VAL L 57 -31.61 -19.95 30.61
CA VAL L 57 -32.96 -19.69 31.10
C VAL L 57 -33.32 -18.23 30.81
N THR L 58 -34.63 -17.91 30.80
CA THR L 58 -35.09 -16.56 30.53
C THR L 58 -35.88 -16.06 31.74
N ALA L 59 -35.85 -14.74 31.93
CA ALA L 59 -36.44 -14.10 33.09
C ALA L 59 -36.47 -12.60 32.84
N ASP L 60 -37.64 -11.99 33.04
CA ASP L 60 -37.76 -10.55 32.97
C ASP L 60 -37.39 -9.98 34.33
N LEU L 61 -36.16 -9.46 34.43
CA LEU L 61 -35.64 -9.03 35.72
C LEU L 61 -36.27 -7.72 36.18
N LYS L 62 -37.00 -7.05 35.30
CA LYS L 62 -37.85 -5.92 35.65
C LYS L 62 -39.14 -6.36 36.36
N SER L 63 -39.65 -7.56 36.06
CA SER L 63 -40.84 -8.06 36.72
C SER L 63 -40.49 -8.55 38.13
N ASP L 64 -41.53 -8.64 38.99
CA ASP L 64 -41.39 -9.14 40.34
C ASP L 64 -41.01 -10.63 40.36
N GLN L 65 -41.61 -11.44 39.49
CA GLN L 65 -41.32 -12.86 39.49
C GLN L 65 -39.86 -13.09 39.06
N GLY L 66 -39.49 -12.52 37.92
CA GLY L 66 -38.16 -12.66 37.39
C GLY L 66 -37.09 -12.33 38.44
N LEU L 67 -37.22 -11.18 39.12
CA LEU L 67 -36.22 -10.75 40.07
C LEU L 67 -36.03 -11.80 41.15
N GLU L 68 -37.15 -12.34 41.65
CA GLU L 68 -37.16 -13.29 42.75
C GLU L 68 -36.56 -14.63 42.32
N LEU L 69 -36.92 -15.14 41.12
CA LEU L 69 -36.35 -16.38 40.60
C LEU L 69 -34.82 -16.27 40.46
N ALA L 70 -34.34 -15.13 39.94
CA ALA L 70 -32.92 -14.92 39.75
C ALA L 70 -32.22 -14.90 41.10
N LEU L 71 -32.88 -14.30 42.13
CA LEU L 71 -32.28 -14.15 43.44
C LEU L 71 -32.22 -15.51 44.12
N LYS L 72 -33.14 -16.39 43.74
CA LYS L 72 -33.12 -17.75 44.26
C LYS L 72 -31.92 -18.52 43.70
N LEU L 73 -31.69 -18.41 42.38
CA LEU L 73 -30.52 -19.00 41.73
C LEU L 73 -29.25 -18.49 42.40
N ILE L 74 -29.09 -17.17 42.43
CA ILE L 74 -27.93 -16.56 43.04
C ILE L 74 -27.66 -17.06 44.47
N ALA L 75 -28.69 -17.30 45.29
CA ALA L 75 -28.54 -17.80 46.66
C ALA L 75 -27.92 -19.20 46.67
N LYS L 76 -28.23 -20.03 45.68
CA LYS L 76 -27.61 -21.34 45.56
C LYS L 76 -26.30 -21.34 44.74
N ALA L 77 -25.73 -20.18 44.33
CA ALA L 77 -24.59 -20.19 43.40
C ALA L 77 -23.30 -19.83 44.11
N ASP L 78 -22.16 -20.06 43.45
CA ASP L 78 -20.87 -19.61 43.96
C ASP L 78 -20.48 -18.25 43.38
N VAL L 79 -20.91 -18.04 42.12
CA VAL L 79 -20.42 -16.92 41.34
C VAL L 79 -21.56 -16.32 40.53
N LEU L 80 -21.57 -14.98 40.53
CA LEU L 80 -22.38 -14.19 39.61
C LEU L 80 -21.50 -13.39 38.65
N ILE L 81 -21.77 -13.53 37.35
CA ILE L 81 -21.15 -12.67 36.31
C ILE L 81 -22.21 -11.73 35.72
N GLU L 82 -21.89 -10.42 35.75
CA GLU L 82 -22.65 -9.45 34.99
C GLU L 82 -21.73 -8.50 34.24
N GLY L 83 -22.17 -8.04 33.06
CA GLY L 83 -21.36 -7.15 32.22
C GLY L 83 -22.14 -5.95 31.67
N TYR L 84 -23.05 -5.39 32.49
CA TYR L 84 -23.81 -4.21 32.13
C TYR L 84 -23.06 -2.99 32.62
N ARG L 85 -23.58 -1.82 32.27
CA ARG L 85 -23.01 -0.60 32.75
C ARG L 85 -23.13 -0.58 34.28
N PRO L 86 -22.20 0.10 34.98
CA PRO L 86 -22.36 0.27 36.41
C PRO L 86 -23.70 0.92 36.72
N GLY L 87 -24.36 0.39 37.78
CA GLY L 87 -25.64 0.88 38.24
C GLY L 87 -26.77 -0.03 37.79
N VAL L 88 -26.53 -0.83 36.75
CA VAL L 88 -27.65 -1.53 36.17
C VAL L 88 -28.18 -2.58 37.14
N THR L 89 -27.30 -3.46 37.65
CA THR L 89 -27.76 -4.51 38.55
C THR L 89 -28.36 -3.89 39.83
N GLU L 90 -27.78 -2.79 40.33
CA GLU L 90 -28.33 -2.06 41.47
C GLU L 90 -29.79 -1.70 41.22
N ARG L 91 -30.06 -0.94 40.15
CA ARG L 91 -31.40 -0.53 39.79
C ARG L 91 -32.33 -1.74 39.72
N LEU L 92 -31.85 -2.86 39.18
CA LEU L 92 -32.69 -4.03 38.98
C LEU L 92 -32.96 -4.78 40.28
N GLY L 93 -32.26 -4.43 41.36
CA GLY L 93 -32.37 -5.18 42.62
C GLY L 93 -31.50 -6.43 42.71
N LEU L 94 -30.48 -6.51 41.83
CA LEU L 94 -29.49 -7.59 41.82
C LEU L 94 -28.09 -7.04 42.11
N GLY L 95 -27.98 -5.89 42.77
CA GLY L 95 -26.69 -5.27 43.07
C GLY L 95 -25.89 -6.17 43.99
N PRO L 96 -24.60 -5.87 44.26
CA PRO L 96 -23.85 -6.67 45.21
C PRO L 96 -24.49 -6.68 46.61
N GLU L 97 -25.05 -5.54 47.04
CA GLU L 97 -25.64 -5.48 48.37
C GLU L 97 -26.88 -6.36 48.53
N GLU L 98 -27.73 -6.42 47.50
CA GLU L 98 -28.92 -7.25 47.55
C GLU L 98 -28.55 -8.72 47.49
N CYS L 99 -27.43 -9.04 46.81
CA CYS L 99 -26.99 -10.41 46.65
C CYS L 99 -26.37 -10.92 47.96
N ALA L 100 -25.62 -10.05 48.62
CA ALA L 100 -24.96 -10.38 49.88
C ALA L 100 -25.99 -10.66 50.98
N LYS L 101 -27.22 -10.14 50.83
CA LYS L 101 -28.26 -10.47 51.78
C LYS L 101 -28.70 -11.90 51.59
N VAL L 102 -28.61 -12.47 50.38
CA VAL L 102 -29.13 -13.83 50.22
C VAL L 102 -28.02 -14.90 50.17
N ASN L 103 -26.74 -14.48 50.19
CA ASN L 103 -25.60 -15.36 49.95
C ASN L 103 -24.30 -14.60 50.13
N ASP L 104 -23.74 -14.62 51.35
CA ASP L 104 -22.57 -13.84 51.67
C ASP L 104 -21.31 -14.59 51.22
N ARG L 105 -21.49 -15.73 50.56
CA ARG L 105 -20.40 -16.53 49.99
C ARG L 105 -20.16 -16.19 48.50
N LEU L 106 -21.10 -15.44 47.89
CA LEU L 106 -21.10 -15.17 46.46
C LEU L 106 -19.86 -14.40 46.06
N ILE L 107 -19.23 -14.87 44.98
CA ILE L 107 -18.29 -14.06 44.23
C ILE L 107 -19.08 -13.25 43.17
N TYR L 108 -19.07 -11.93 43.38
CA TYR L 108 -19.86 -11.00 42.60
C TYR L 108 -18.91 -10.38 41.58
N ALA L 109 -18.98 -10.85 40.34
CA ALA L 109 -17.96 -10.48 39.35
C ALA L 109 -18.52 -9.51 38.29
N ARG L 110 -17.93 -8.32 38.27
CA ARG L 110 -18.39 -7.20 37.46
C ARG L 110 -17.41 -6.89 36.31
N MET L 111 -17.83 -7.26 35.10
CA MET L 111 -17.09 -7.11 33.86
C MET L 111 -17.47 -5.81 33.13
N THR L 112 -16.59 -4.81 33.13
CA THR L 112 -16.83 -3.63 32.31
C THR L 112 -15.56 -3.26 31.56
N GLY L 113 -15.69 -2.17 30.78
CA GLY L 113 -14.59 -1.65 30.01
C GLY L 113 -13.86 -0.58 30.81
N TRP L 114 -14.66 0.35 31.32
CA TRP L 114 -14.13 1.56 31.90
C TRP L 114 -14.00 1.45 33.42
N GLY L 115 -14.70 0.47 34.00
CA GLY L 115 -14.70 0.33 35.44
C GLY L 115 -16.00 0.83 36.07
N GLN L 116 -15.99 0.91 37.40
CA GLN L 116 -17.22 1.13 38.16
C GLN L 116 -17.45 2.61 38.43
N THR L 117 -16.41 3.43 38.32
CA THR L 117 -16.42 4.84 38.63
C THR L 117 -15.59 5.53 37.55
N GLY L 118 -15.61 6.86 37.54
CA GLY L 118 -14.77 7.66 36.68
C GLY L 118 -15.59 8.34 35.60
N PRO L 119 -15.04 9.37 34.96
CA PRO L 119 -15.77 10.19 34.00
C PRO L 119 -16.26 9.45 32.75
N ARG L 120 -15.68 8.28 32.44
CA ARG L 120 -16.14 7.54 31.26
C ARG L 120 -16.97 6.33 31.65
N SER L 121 -17.30 6.18 32.95
CA SER L 121 -17.90 4.94 33.44
C SER L 121 -19.26 4.61 32.83
N GLN L 122 -19.97 5.61 32.29
CA GLN L 122 -21.30 5.34 31.74
C GLN L 122 -21.34 5.39 30.21
N GLN L 123 -20.19 5.56 29.57
CA GLN L 123 -20.18 5.62 28.11
C GLN L 123 -20.07 4.21 27.53
N ALA L 124 -20.92 3.95 26.52
CA ALA L 124 -20.83 2.72 25.75
C ALA L 124 -19.44 2.63 25.13
N GLY L 125 -19.07 1.40 24.79
CA GLY L 125 -17.80 1.16 24.17
C GLY L 125 -17.66 -0.27 23.71
N HIS L 126 -16.61 -0.48 22.89
CA HIS L 126 -16.15 -1.81 22.57
C HIS L 126 -14.64 -1.89 22.78
N ASP L 127 -14.11 -3.11 22.59
CA ASP L 127 -12.69 -3.37 22.71
C ASP L 127 -11.84 -2.19 22.21
N ILE L 128 -12.04 -1.79 20.95
CA ILE L 128 -11.17 -0.79 20.35
C ILE L 128 -11.12 0.51 21.19
N ASN L 129 -12.23 0.81 21.88
CA ASN L 129 -12.30 2.01 22.69
C ASN L 129 -11.45 1.89 23.96
N TYR L 130 -11.57 0.74 24.62
CA TYR L 130 -10.90 0.56 25.89
C TYR L 130 -9.39 0.50 25.71
N ILE L 131 -8.93 -0.14 24.63
CA ILE L 131 -7.48 -0.17 24.35
C ILE L 131 -6.95 1.12 23.72
N SER L 132 -7.81 2.05 23.33
CA SER L 132 -7.31 3.28 22.74
C SER L 132 -6.80 4.21 23.84
N LEU L 133 -7.32 4.06 25.05
CA LEU L 133 -7.09 5.08 26.07
C LEU L 133 -5.82 4.79 26.86
N ASN L 134 -5.30 3.56 26.78
CA ASN L 134 -4.26 3.13 27.72
C ASN L 134 -2.95 2.87 26.98
N GLY L 135 -2.86 3.33 25.72
CA GLY L 135 -1.62 3.30 24.98
C GLY L 135 -1.50 2.11 24.03
N ILE L 136 -2.36 1.09 24.19
CA ILE L 136 -2.17 -0.20 23.53
C ILE L 136 -2.40 -0.07 22.02
N LEU L 137 -3.58 0.45 21.64
CA LEU L 137 -3.94 0.53 20.23
C LEU L 137 -2.91 1.37 19.47
N HIS L 138 -2.49 2.49 20.06
CA HIS L 138 -1.51 3.34 19.41
C HIS L 138 -0.26 2.55 19.04
N ALA L 139 0.05 1.49 19.80
CA ALA L 139 1.30 0.77 19.63
C ALA L 139 1.23 -0.31 18.54
N ILE L 140 0.04 -0.53 17.98
CA ILE L 140 -0.13 -1.65 17.07
C ILE L 140 -0.30 -1.19 15.62
N GLY L 141 0.52 -1.79 14.71
CA GLY L 141 0.45 -1.56 13.28
C GLY L 141 1.77 -1.05 12.72
N ARG L 142 1.81 -0.80 11.44
CA ARG L 142 3.00 -0.24 10.84
C ARG L 142 3.10 1.25 11.18
N GLY L 143 4.32 1.79 11.09
CA GLY L 143 4.59 3.19 11.45
C GLY L 143 4.10 4.18 10.39
N ASP L 144 3.99 3.79 9.13
CA ASP L 144 3.53 4.70 8.08
C ASP L 144 2.00 4.74 7.97
N GLU L 145 1.29 4.00 8.81
CA GLU L 145 -0.15 3.85 8.68
C GLU L 145 -0.82 4.12 10.04
N ARG L 146 -2.14 4.17 10.05
CA ARG L 146 -2.83 4.47 11.28
C ARG L 146 -2.98 3.18 12.07
N PRO L 147 -3.18 3.24 13.40
CA PRO L 147 -3.18 2.04 14.21
C PRO L 147 -4.20 1.05 13.66
N VAL L 148 -3.93 -0.24 13.84
CA VAL L 148 -4.86 -1.25 13.40
C VAL L 148 -5.32 -2.08 14.61
N PRO L 149 -6.62 -2.38 14.72
CA PRO L 149 -7.09 -3.15 15.86
C PRO L 149 -6.67 -4.59 15.78
N PRO L 150 -6.17 -5.13 16.91
CA PRO L 150 -5.80 -6.53 16.97
C PRO L 150 -7.03 -7.37 17.25
N LEU L 151 -7.95 -7.37 16.28
CA LEU L 151 -9.29 -7.90 16.49
C LEU L 151 -9.80 -7.37 17.82
N ASN L 152 -10.64 -8.16 18.49
CA ASN L 152 -11.06 -7.82 19.85
C ASN L 152 -10.34 -8.71 20.88
N LEU L 153 -9.07 -9.03 20.65
CA LEU L 153 -8.36 -10.01 21.46
C LEU L 153 -7.82 -9.38 22.74
N VAL L 154 -7.42 -8.11 22.72
CA VAL L 154 -6.61 -7.59 23.80
C VAL L 154 -7.48 -6.96 24.89
N GLY L 155 -8.56 -6.26 24.50
CA GLY L 155 -9.46 -5.66 25.47
C GLY L 155 -10.52 -6.63 26.01
N ASP L 156 -11.34 -7.18 25.12
CA ASP L 156 -12.37 -8.12 25.54
C ASP L 156 -11.79 -9.34 26.25
N PHE L 157 -10.79 -9.99 25.67
CA PHE L 157 -10.50 -11.37 26.08
C PHE L 157 -9.25 -11.40 26.94
N GLY L 158 -8.09 -11.10 26.33
CA GLY L 158 -6.85 -11.13 27.05
C GLY L 158 -6.90 -10.21 28.26
N GLY L 159 -7.43 -9.00 28.07
CA GLY L 159 -7.41 -7.98 29.12
C GLY L 159 -8.74 -7.84 29.87
N GLY L 160 -9.66 -8.78 29.61
CA GLY L 160 -11.07 -8.61 29.99
C GLY L 160 -11.61 -9.86 30.67
N SER L 161 -12.11 -10.80 29.86
CA SER L 161 -12.60 -12.05 30.37
C SER L 161 -11.53 -12.73 31.23
N MET L 162 -10.26 -12.65 30.82
CA MET L 162 -9.23 -13.48 31.43
C MET L 162 -8.92 -12.98 32.84
N PHE L 163 -8.94 -11.65 33.02
CA PHE L 163 -8.77 -11.03 34.33
C PHE L 163 -10.00 -11.24 35.21
N LEU L 164 -11.18 -11.31 34.63
CA LEU L 164 -12.39 -11.65 35.36
C LEU L 164 -12.23 -13.07 35.91
N LEU L 165 -11.74 -13.99 35.07
CA LEU L 165 -11.53 -15.38 35.47
C LEU L 165 -10.53 -15.46 36.60
N VAL L 166 -9.38 -14.80 36.46
CA VAL L 166 -8.37 -14.81 37.49
C VAL L 166 -8.93 -14.25 38.80
N GLY L 167 -9.69 -13.16 38.70
CA GLY L 167 -10.37 -12.54 39.84
C GLY L 167 -11.36 -13.49 40.54
N ILE L 168 -12.27 -14.08 39.78
CA ILE L 168 -13.22 -15.06 40.26
C ILE L 168 -12.46 -16.15 41.02
N LEU L 169 -11.42 -16.71 40.37
CA LEU L 169 -10.77 -17.89 40.90
C LEU L 169 -9.92 -17.54 42.10
N ALA L 170 -9.31 -16.36 42.12
CA ALA L 170 -8.57 -15.88 43.28
C ALA L 170 -9.50 -15.62 44.47
N ALA L 171 -10.69 -15.08 44.22
CA ALA L 171 -11.63 -14.81 45.29
C ALA L 171 -12.13 -16.13 45.88
N LEU L 172 -12.27 -17.16 45.05
CA LEU L 172 -12.65 -18.48 45.54
C LEU L 172 -11.55 -19.05 46.43
N TRP L 173 -10.28 -18.87 46.06
CA TRP L 173 -9.22 -19.35 46.92
C TRP L 173 -9.33 -18.68 48.29
N GLU L 174 -9.54 -17.36 48.26
CA GLU L 174 -9.63 -16.54 49.46
C GLU L 174 -10.81 -17.01 50.31
N ARG L 175 -11.96 -17.27 49.68
CA ARG L 175 -13.16 -17.66 50.40
C ARG L 175 -12.94 -18.99 51.14
N GLN L 176 -11.96 -19.77 50.67
CA GLN L 176 -11.67 -21.06 51.26
C GLN L 176 -11.31 -20.87 52.74
N SER L 177 -10.57 -19.83 53.08
CA SER L 177 -10.21 -19.63 54.45
C SER L 177 -11.15 -18.63 55.15
N SER L 178 -11.80 -17.70 54.41
CA SER L 178 -12.50 -16.61 55.06
C SER L 178 -13.99 -16.91 55.26
N GLY L 179 -14.54 -17.93 54.58
CA GLY L 179 -15.96 -18.22 54.55
C GLY L 179 -16.79 -17.21 53.74
N LYS L 180 -16.16 -16.11 53.29
CA LYS L 180 -16.83 -14.98 52.64
C LYS L 180 -16.48 -14.81 51.14
N GLY L 181 -17.51 -14.48 50.35
CA GLY L 181 -17.37 -13.91 49.03
C GLY L 181 -16.90 -12.45 49.06
N GLN L 182 -17.02 -11.81 47.88
CA GLN L 182 -16.69 -10.39 47.71
C GLN L 182 -16.95 -9.99 46.25
N VAL L 183 -16.74 -8.70 45.98
CA VAL L 183 -16.91 -8.19 44.62
C VAL L 183 -15.56 -8.15 43.87
N VAL L 184 -15.60 -8.67 42.63
CA VAL L 184 -14.51 -8.51 41.67
C VAL L 184 -14.85 -7.47 40.61
N ASP L 185 -14.07 -6.39 40.58
CA ASP L 185 -14.17 -5.32 39.60
C ASP L 185 -13.09 -5.50 38.51
N ALA L 186 -13.48 -6.11 37.38
CA ALA L 186 -12.62 -6.31 36.22
C ALA L 186 -12.98 -5.35 35.10
N ALA L 187 -12.13 -4.32 34.92
CA ALA L 187 -12.21 -3.31 33.87
C ALA L 187 -11.21 -3.61 32.75
N MET L 188 -11.65 -3.63 31.48
CA MET L 188 -10.78 -3.96 30.37
C MET L 188 -9.61 -2.97 30.28
N VAL L 189 -9.85 -1.71 30.64
CA VAL L 189 -8.80 -0.73 30.55
C VAL L 189 -7.69 -1.04 31.57
N ASP L 190 -8.03 -1.72 32.67
CA ASP L 190 -7.03 -2.08 33.67
C ASP L 190 -6.34 -3.40 33.29
N GLY L 191 -7.12 -4.47 33.09
CA GLY L 191 -6.59 -5.78 32.71
C GLY L 191 -5.65 -5.70 31.51
N SER L 192 -6.04 -4.90 30.51
CA SER L 192 -5.30 -4.83 29.26
C SER L 192 -3.98 -4.11 29.54
N SER L 193 -4.01 -3.19 30.52
CA SER L 193 -2.79 -2.50 30.95
C SER L 193 -1.80 -3.46 31.63
N VAL L 194 -2.29 -4.45 32.37
CA VAL L 194 -1.43 -5.40 33.06
C VAL L 194 -0.94 -6.40 32.03
N LEU L 195 -1.78 -6.61 31.02
CA LEU L 195 -1.44 -7.50 29.93
C LEU L 195 -0.16 -6.98 29.27
N ILE L 196 -0.03 -5.65 29.18
CA ILE L 196 1.07 -5.00 28.47
C ILE L 196 2.10 -4.45 29.46
N GLN L 197 2.15 -5.03 30.68
CA GLN L 197 3.09 -4.55 31.69
C GLN L 197 4.53 -4.52 31.16
N MET L 198 4.88 -5.49 30.30
CA MET L 198 6.25 -5.62 29.79
C MET L 198 6.69 -4.35 29.08
N MET L 199 5.79 -3.79 28.25
CA MET L 199 6.10 -2.57 27.52
C MET L 199 6.25 -1.39 28.49
N TRP L 200 5.37 -1.29 29.51
CA TRP L 200 5.52 -0.23 30.50
C TRP L 200 6.89 -0.36 31.20
N ALA L 201 7.30 -1.61 31.42
CA ALA L 201 8.59 -1.87 32.06
C ALA L 201 9.71 -1.39 31.14
N MET L 202 9.68 -1.84 29.88
CA MET L 202 10.73 -1.51 28.91
C MET L 202 10.74 -0.01 28.62
N ARG L 203 9.58 0.63 28.65
CA ARG L 203 9.56 2.07 28.44
C ARG L 203 10.37 2.75 29.55
N ALA L 204 10.28 2.20 30.77
CA ALA L 204 10.98 2.74 31.93
C ALA L 204 12.50 2.74 31.72
N THR L 205 13.03 1.72 31.05
CA THR L 205 14.47 1.58 30.92
C THR L 205 14.96 2.00 29.54
N GLY L 206 14.18 2.80 28.80
CA GLY L 206 14.57 3.21 27.45
C GLY L 206 14.50 2.09 26.39
N MET L 207 13.92 0.92 26.67
CA MET L 207 13.94 -0.20 25.75
C MET L 207 12.66 -0.28 24.89
N TRP L 208 11.78 0.73 24.97
CA TRP L 208 10.56 0.78 24.19
C TRP L 208 10.18 2.24 24.02
N THR L 209 9.91 2.66 22.78
CA THR L 209 9.53 4.04 22.50
C THR L 209 8.10 4.06 21.97
N ASP L 210 7.47 5.23 22.08
CA ASP L 210 6.09 5.45 21.70
C ASP L 210 5.92 5.45 20.19
N THR L 211 7.01 5.40 19.44
CA THR L 211 6.92 5.35 17.98
C THR L 211 6.40 3.99 17.53
N ARG L 212 5.36 4.00 16.71
CA ARG L 212 4.74 2.77 16.26
C ARG L 212 5.62 2.12 15.19
N GLY L 213 5.76 0.80 15.23
CA GLY L 213 6.52 0.05 14.24
C GLY L 213 8.05 0.22 14.36
N ALA L 214 8.58 0.60 15.53
CA ALA L 214 10.02 0.85 15.67
C ALA L 214 10.57 0.18 16.92
N ASN L 215 10.05 -0.98 17.28
CA ASN L 215 10.46 -1.64 18.50
C ASN L 215 10.74 -3.10 18.19
N MET L 216 11.27 -3.80 19.19
CA MET L 216 11.70 -5.19 19.00
C MET L 216 10.51 -6.08 18.70
N LEU L 217 9.36 -5.78 19.33
CA LEU L 217 8.24 -6.73 19.23
C LEU L 217 7.02 -6.19 18.49
N ASP L 218 7.10 -5.03 17.81
CA ASP L 218 5.93 -4.50 17.12
C ASP L 218 5.97 -4.67 15.60
N GLY L 219 6.94 -5.39 15.06
CA GLY L 219 7.13 -5.41 13.61
C GLY L 219 8.35 -4.62 13.16
N GLY L 220 8.91 -3.75 13.98
CA GLY L 220 10.04 -2.94 13.58
C GLY L 220 11.38 -3.68 13.41
N ALA L 221 11.57 -4.77 14.17
CA ALA L 221 12.79 -5.58 14.10
C ALA L 221 12.69 -6.55 12.94
N PRO L 222 13.69 -6.58 12.04
CA PRO L 222 13.68 -7.51 10.92
C PRO L 222 13.61 -8.99 11.29
N TYR L 223 14.01 -9.32 12.52
CA TYR L 223 14.01 -10.70 13.00
C TYR L 223 12.73 -11.04 13.79
N TYR L 224 11.82 -10.05 13.89
CA TYR L 224 10.56 -10.29 14.58
C TYR L 224 9.44 -9.63 13.75
N ASP L 225 8.99 -10.36 12.72
CA ASP L 225 8.01 -9.82 11.78
C ASP L 225 7.53 -10.90 10.83
N THR L 226 6.53 -10.58 9.99
CA THR L 226 6.13 -11.45 8.90
C THR L 226 6.89 -11.06 7.64
N TYR L 227 7.01 -12.02 6.70
CA TYR L 227 7.66 -11.79 5.42
C TYR L 227 6.81 -12.40 4.32
N GLU L 228 6.70 -11.72 3.18
CA GLU L 228 5.99 -12.29 2.05
C GLU L 228 6.91 -13.24 1.28
N CYS L 229 6.34 -14.40 0.92
CA CYS L 229 7.07 -15.43 0.20
C CYS L 229 6.74 -15.35 -1.29
N ALA L 230 7.39 -16.21 -2.07
CA ALA L 230 7.30 -16.20 -3.51
C ALA L 230 5.86 -16.37 -3.99
N ASP L 231 5.05 -17.13 -3.26
CA ASP L 231 3.69 -17.45 -3.64
C ASP L 231 2.71 -16.37 -3.15
N GLY L 232 3.18 -15.34 -2.43
CA GLY L 232 2.28 -14.35 -1.85
C GLY L 232 1.72 -14.76 -0.49
N ARG L 233 2.05 -15.95 0.03
CA ARG L 233 1.73 -16.31 1.41
C ARG L 233 2.86 -15.84 2.33
N TYR L 234 2.73 -16.06 3.64
CA TYR L 234 3.65 -15.42 4.57
C TYR L 234 4.28 -16.40 5.54
N VAL L 235 5.47 -16.02 6.04
CA VAL L 235 6.07 -16.66 7.19
C VAL L 235 6.21 -15.61 8.29
N ALA L 236 6.25 -16.15 9.50
CA ALA L 236 6.56 -15.46 10.74
C ALA L 236 7.97 -15.84 11.15
N VAL L 237 8.72 -14.81 11.49
CA VAL L 237 10.06 -14.90 12.01
C VAL L 237 10.07 -14.32 13.40
N GLY L 238 10.59 -15.11 14.36
CA GLY L 238 10.70 -14.64 15.73
C GLY L 238 12.06 -14.93 16.33
N ALA L 239 13.11 -14.79 15.52
CA ALA L 239 14.45 -15.15 15.93
C ALA L 239 15.11 -14.06 16.78
N ILE L 240 14.65 -13.96 18.04
CA ILE L 240 15.18 -12.96 18.96
C ILE L 240 16.59 -13.34 19.41
N GLU L 241 16.75 -14.59 19.86
CA GLU L 241 18.02 -15.02 20.44
C GLU L 241 19.05 -15.21 19.32
N PRO L 242 20.28 -14.70 19.52
CA PRO L 242 21.33 -14.77 18.50
C PRO L 242 21.50 -16.14 17.85
N GLN L 243 21.45 -17.21 18.66
CA GLN L 243 21.64 -18.56 18.15
C GLN L 243 20.51 -18.95 17.21
N PHE L 244 19.29 -18.48 17.50
CA PHE L 244 18.17 -18.85 16.66
C PHE L 244 18.27 -18.08 15.34
N TYR L 245 18.60 -16.81 15.46
CA TYR L 245 18.83 -15.94 14.32
C TYR L 245 19.90 -16.53 13.39
N ALA L 246 21.03 -16.98 13.95
CA ALA L 246 22.11 -17.54 13.14
C ALA L 246 21.60 -18.75 12.37
N ALA L 247 20.76 -19.56 13.02
CA ALA L 247 20.23 -20.72 12.34
C ALA L 247 19.28 -20.31 11.24
N MET L 248 18.59 -19.21 11.44
CA MET L 248 17.65 -18.70 10.46
C MET L 248 18.42 -18.30 9.21
N LEU L 249 19.46 -17.48 9.38
CA LEU L 249 20.28 -17.01 8.26
C LEU L 249 20.83 -18.16 7.42
N ALA L 250 21.32 -19.20 8.11
CA ALA L 250 21.85 -20.36 7.43
C ALA L 250 20.81 -21.02 6.55
N GLY L 251 19.55 -21.11 7.00
CA GLY L 251 18.55 -21.80 6.20
C GLY L 251 18.10 -20.95 5.02
N LEU L 252 18.26 -19.63 5.20
CA LEU L 252 17.96 -18.64 4.17
C LEU L 252 19.06 -18.60 3.12
N GLY L 253 20.26 -19.04 3.49
CA GLY L 253 21.39 -19.07 2.59
C GLY L 253 22.18 -17.75 2.62
N LEU L 254 22.11 -17.01 3.71
CA LEU L 254 22.76 -15.71 3.80
C LEU L 254 23.97 -15.86 4.71
N ASP L 255 25.09 -15.29 4.29
CA ASP L 255 26.30 -15.29 5.09
C ASP L 255 26.19 -14.17 6.10
N ALA L 256 26.35 -14.48 7.38
CA ALA L 256 26.36 -13.44 8.41
C ALA L 256 27.36 -12.33 8.08
N ALA L 257 28.48 -12.69 7.44
CA ALA L 257 29.53 -11.74 7.10
C ALA L 257 29.04 -10.62 6.19
N GLU L 258 28.04 -10.88 5.35
CA GLU L 258 27.60 -9.91 4.37
C GLU L 258 26.43 -9.06 4.88
N LEU L 259 26.08 -9.18 6.17
CA LEU L 259 24.85 -8.61 6.69
C LEU L 259 25.23 -7.63 7.80
N PRO L 260 24.45 -6.58 8.10
CA PRO L 260 24.67 -5.82 9.31
C PRO L 260 24.44 -6.67 10.55
N PRO L 261 24.97 -6.26 11.72
CA PRO L 261 24.67 -6.96 12.96
C PRO L 261 23.16 -7.05 13.21
N GLN L 262 22.72 -8.17 13.78
CA GLN L 262 21.33 -8.41 14.12
C GLN L 262 20.66 -7.21 14.81
N ASN L 263 21.34 -6.58 15.77
CA ASN L 263 20.76 -5.51 16.57
C ASN L 263 21.43 -4.16 16.36
N ASP L 264 22.06 -3.94 15.20
CA ASP L 264 22.40 -2.57 14.80
C ASP L 264 21.17 -1.92 14.16
N ARG L 265 20.36 -1.25 15.01
CA ARG L 265 19.10 -0.63 14.63
C ARG L 265 19.31 0.35 13.49
N ALA L 266 20.42 1.08 13.50
CA ALA L 266 20.65 2.06 12.46
C ALA L 266 20.72 1.42 11.08
N ARG L 267 20.91 0.09 11.00
CA ARG L 267 21.09 -0.58 9.72
C ARG L 267 19.98 -1.61 9.47
N TRP L 268 18.95 -1.60 10.31
CA TRP L 268 17.82 -2.50 10.13
C TRP L 268 17.20 -2.37 8.73
N PRO L 269 17.11 -1.15 8.12
CA PRO L 269 16.61 -1.02 6.78
C PRO L 269 17.35 -1.87 5.77
N GLU L 270 18.71 -1.83 5.79
CA GLU L 270 19.48 -2.73 4.95
C GLU L 270 19.19 -4.19 5.29
N LEU L 271 19.20 -4.52 6.59
CA LEU L 271 18.96 -5.88 7.05
C LEU L 271 17.62 -6.40 6.56
N ARG L 272 16.58 -5.57 6.71
CA ARG L 272 15.23 -5.91 6.26
C ARG L 272 15.19 -6.16 4.74
N ALA L 273 15.90 -5.34 3.95
CA ALA L 273 15.93 -5.53 2.50
C ALA L 273 16.51 -6.89 2.14
N LEU L 274 17.54 -7.31 2.87
CA LEU L 274 18.21 -8.58 2.57
C LEU L 274 17.33 -9.76 2.94
N LEU L 275 16.73 -9.70 4.12
CA LEU L 275 15.83 -10.76 4.55
C LEU L 275 14.61 -10.82 3.66
N THR L 276 14.13 -9.62 3.26
CA THR L 276 12.94 -9.56 2.42
C THR L 276 13.18 -10.33 1.13
N GLU L 277 14.33 -10.06 0.48
CA GLU L 277 14.66 -10.69 -0.79
C GLU L 277 14.82 -12.21 -0.61
N ALA L 278 15.53 -12.65 0.44
CA ALA L 278 15.69 -14.09 0.64
C ALA L 278 14.33 -14.79 0.80
N PHE L 279 13.46 -14.28 1.69
CA PHE L 279 12.17 -14.96 1.93
C PHE L 279 11.30 -14.94 0.68
N ALA L 280 11.41 -13.88 -0.10
CA ALA L 280 10.61 -13.77 -1.32
C ALA L 280 11.03 -14.75 -2.41
N SER L 281 12.16 -15.45 -2.26
CA SER L 281 12.66 -16.29 -3.33
C SER L 281 12.13 -17.72 -3.25
N HIS L 282 11.51 -18.15 -2.16
CA HIS L 282 10.81 -19.43 -2.19
C HIS L 282 9.41 -19.25 -1.61
N ASP L 283 8.59 -20.29 -1.78
CA ASP L 283 7.22 -20.24 -1.36
C ASP L 283 7.13 -20.59 0.12
N ARG L 284 5.99 -20.27 0.73
CA ARG L 284 5.82 -20.44 2.17
C ARG L 284 6.15 -21.89 2.53
N ASP L 285 5.64 -22.83 1.73
CA ASP L 285 5.69 -24.25 2.12
C ASP L 285 7.13 -24.76 2.01
N HIS L 286 7.95 -24.13 1.17
CA HIS L 286 9.36 -24.46 1.15
C HIS L 286 9.98 -24.06 2.50
N TRP L 287 9.72 -22.83 2.96
CA TRP L 287 10.31 -22.43 4.21
C TRP L 287 9.85 -23.33 5.34
N GLY L 288 8.58 -23.74 5.29
CA GLY L 288 7.98 -24.58 6.31
C GLY L 288 8.76 -25.88 6.48
N ALA L 289 9.09 -26.51 5.34
CA ALA L 289 9.80 -27.78 5.31
C ALA L 289 11.26 -27.55 5.74
N VAL L 290 11.93 -26.60 5.08
CA VAL L 290 13.31 -26.26 5.42
C VAL L 290 13.51 -26.07 6.93
N PHE L 291 12.53 -25.50 7.62
CA PHE L 291 12.77 -25.11 9.00
C PHE L 291 12.03 -26.03 9.97
N ALA L 292 11.31 -27.05 9.49
CA ALA L 292 10.82 -28.07 10.40
C ALA L 292 11.97 -28.59 11.30
N ASN L 293 11.64 -28.75 12.57
CA ASN L 293 12.54 -29.25 13.61
C ASN L 293 13.64 -28.25 13.91
N SER L 294 13.52 -26.99 13.49
CA SER L 294 14.61 -26.04 13.68
C SER L 294 14.28 -25.06 14.81
N ASP L 295 15.32 -24.53 15.47
CA ASP L 295 15.20 -23.43 16.40
C ASP L 295 15.30 -22.05 15.73
N ALA L 296 15.10 -22.00 14.40
CA ALA L 296 15.21 -20.77 13.62
C ALA L 296 14.04 -19.80 13.88
N CYS L 297 12.95 -20.30 14.49
CA CYS L 297 11.79 -19.49 14.84
C CYS L 297 11.16 -18.93 13.55
N VAL L 298 11.01 -19.80 12.54
CA VAL L 298 10.36 -19.44 11.31
C VAL L 298 9.18 -20.39 11.19
N THR L 299 7.96 -19.86 11.03
CA THR L 299 6.78 -20.70 10.90
C THR L 299 5.90 -20.14 9.80
N PRO L 300 5.14 -20.99 9.11
CA PRO L 300 4.13 -20.54 8.19
C PRO L 300 2.96 -19.82 8.89
N VAL L 301 2.49 -18.75 8.25
CA VAL L 301 1.33 -18.03 8.71
C VAL L 301 0.13 -18.67 8.04
N LEU L 302 -0.55 -19.53 8.80
CA LEU L 302 -1.69 -20.26 8.28
C LEU L 302 -2.96 -19.42 8.43
N ALA L 303 -3.85 -19.55 7.46
CA ALA L 303 -5.19 -19.02 7.55
C ALA L 303 -6.05 -20.03 8.30
N PHE L 304 -7.14 -19.53 8.92
CA PHE L 304 -8.03 -20.35 9.72
C PHE L 304 -8.37 -21.65 8.99
N GLY L 305 -8.69 -21.53 7.71
CA GLY L 305 -9.10 -22.66 6.89
C GLY L 305 -8.01 -23.71 6.67
N GLU L 306 -6.73 -23.38 6.89
CA GLU L 306 -5.64 -24.34 6.67
C GLU L 306 -5.21 -25.04 7.95
N VAL L 307 -5.63 -24.49 9.11
CA VAL L 307 -5.16 -24.90 10.43
C VAL L 307 -5.41 -26.40 10.67
N HIS L 308 -6.56 -26.92 10.21
CA HIS L 308 -6.94 -28.30 10.45
C HIS L 308 -6.03 -29.29 9.70
N ASN L 309 -5.12 -28.81 8.86
CA ASN L 309 -4.17 -29.67 8.16
C ASN L 309 -2.79 -29.65 8.78
N GLU L 310 -2.57 -28.88 9.83
CA GLU L 310 -1.22 -28.73 10.31
C GLU L 310 -0.98 -29.87 11.30
N PRO L 311 0.01 -30.75 11.05
CA PRO L 311 0.18 -31.94 11.87
C PRO L 311 0.12 -31.64 13.36
N HIS L 312 0.87 -30.62 13.80
CA HIS L 312 1.02 -30.38 15.22
C HIS L 312 -0.33 -30.03 15.86
N ILE L 313 -1.26 -29.45 15.08
CA ILE L 313 -2.57 -29.06 15.57
C ILE L 313 -3.44 -30.31 15.72
N ILE L 314 -3.44 -31.16 14.69
CA ILE L 314 -4.18 -32.43 14.71
C ILE L 314 -3.71 -33.28 15.88
N GLU L 315 -2.41 -33.48 15.99
CA GLU L 315 -1.90 -34.46 16.92
C GLU L 315 -2.22 -34.05 18.35
N ARG L 316 -2.27 -32.75 18.68
CA ARG L 316 -2.51 -32.36 20.06
C ARG L 316 -4.01 -32.17 20.36
N ASN L 317 -4.86 -32.38 19.35
CA ASN L 317 -6.30 -32.10 19.45
C ASN L 317 -6.57 -30.70 20.01
N THR L 318 -5.93 -29.70 19.42
CA THR L 318 -6.21 -28.32 19.78
C THR L 318 -7.66 -27.97 19.42
N PHE L 319 -8.18 -28.55 18.32
CA PHE L 319 -9.54 -28.32 17.87
C PHE L 319 -10.37 -29.61 17.88
N TYR L 320 -11.69 -29.46 18.04
CA TYR L 320 -12.66 -30.53 17.83
C TYR L 320 -13.63 -30.01 16.78
N GLU L 321 -14.28 -30.94 16.08
CA GLU L 321 -15.25 -30.61 15.03
C GLU L 321 -16.63 -30.51 15.65
N ALA L 322 -17.33 -29.41 15.39
CA ALA L 322 -18.70 -29.24 15.82
C ALA L 322 -19.52 -28.79 14.63
N ASN L 323 -20.80 -28.50 14.87
CA ASN L 323 -21.37 -27.27 14.34
C ASN L 323 -21.17 -27.28 12.83
N GLY L 324 -20.73 -26.15 12.26
CA GLY L 324 -20.33 -26.05 10.86
C GLY L 324 -18.87 -26.44 10.68
N GLY L 325 -17.98 -25.89 11.53
CA GLY L 325 -16.57 -26.22 11.47
C GLY L 325 -15.92 -26.34 12.84
N TRP L 326 -14.61 -26.14 12.85
CA TRP L 326 -13.79 -26.46 14.01
C TRP L 326 -13.98 -25.42 15.10
N GLN L 327 -13.70 -25.88 16.31
CA GLN L 327 -13.76 -25.05 17.49
C GLN L 327 -12.62 -25.48 18.40
N PRO L 328 -12.07 -24.55 19.19
CA PRO L 328 -11.00 -24.89 20.11
C PRO L 328 -11.44 -25.75 21.29
N MET L 329 -10.63 -26.76 21.61
CA MET L 329 -10.84 -27.53 22.81
C MET L 329 -10.49 -26.63 23.99
N PRO L 330 -10.98 -26.97 25.20
CA PRO L 330 -10.63 -26.22 26.38
C PRO L 330 -9.13 -26.09 26.56
N ALA L 331 -8.73 -25.01 27.23
CA ALA L 331 -7.38 -24.74 27.61
C ALA L 331 -7.44 -24.08 28.97
N PRO L 332 -6.43 -24.25 29.87
CA PRO L 332 -5.31 -25.15 29.65
C PRO L 332 -5.70 -26.60 29.89
N ARG L 333 -4.71 -27.49 30.04
CA ARG L 333 -5.00 -28.90 30.24
C ARG L 333 -4.53 -29.36 31.62
N PHE L 334 -5.24 -30.38 32.12
CA PHE L 334 -5.05 -30.88 33.49
C PHE L 334 -4.73 -32.40 33.46
N SER L 335 -3.69 -32.79 34.20
CA SER L 335 -3.27 -34.21 34.22
C SER L 335 -4.35 -35.13 34.78
N ARG L 336 -4.83 -34.83 36.00
CA ARG L 336 -5.81 -35.67 36.68
C ARG L 336 -7.25 -35.40 36.24
N THR L 337 -7.77 -34.19 36.52
CA THR L 337 -9.18 -33.89 36.23
C THR L 337 -9.27 -33.14 34.91
N ALA L 338 -9.37 -33.90 33.82
CA ALA L 338 -9.26 -33.32 32.51
C ALA L 338 -10.64 -32.83 32.06
N SER L 339 -10.65 -31.69 31.36
CA SER L 339 -11.87 -31.19 30.76
C SER L 339 -12.31 -32.20 29.74
N SER L 340 -13.56 -32.11 29.31
CA SER L 340 -14.08 -32.91 28.23
C SER L 340 -14.51 -32.00 27.09
N GLN L 341 -14.91 -32.65 25.99
CA GLN L 341 -15.36 -31.93 24.82
C GLN L 341 -16.56 -31.07 25.20
N PRO L 342 -16.65 -29.77 24.80
CA PRO L 342 -17.79 -28.94 25.16
C PRO L 342 -19.13 -29.45 24.64
N ARG L 343 -20.16 -29.26 25.47
CA ARG L 343 -21.53 -29.55 25.08
C ARG L 343 -22.03 -28.37 24.27
N PRO L 344 -22.70 -28.60 23.12
CA PRO L 344 -23.24 -27.48 22.35
C PRO L 344 -24.28 -26.71 23.13
N PRO L 345 -24.67 -25.50 22.67
CA PRO L 345 -25.85 -24.85 23.22
C PRO L 345 -27.09 -25.71 22.98
N ALA L 346 -27.92 -25.85 24.01
CA ALA L 346 -29.18 -26.58 23.90
C ALA L 346 -30.33 -25.63 24.21
N ALA L 347 -31.57 -26.11 24.05
CA ALA L 347 -32.73 -25.23 24.14
C ALA L 347 -32.87 -24.62 25.53
N THR L 348 -33.64 -23.53 25.60
CA THR L 348 -34.01 -22.92 26.87
C THR L 348 -34.45 -24.05 27.80
N ILE L 349 -34.34 -23.79 29.11
CA ILE L 349 -35.04 -24.61 30.06
C ILE L 349 -35.67 -23.69 31.09
N ASP L 350 -36.59 -24.26 31.86
CA ASP L 350 -37.32 -23.56 32.89
C ASP L 350 -36.43 -23.32 34.10
N ILE L 351 -36.48 -22.10 34.63
CA ILE L 351 -35.59 -21.70 35.73
C ILE L 351 -35.99 -22.39 37.03
N GLU L 352 -37.25 -22.86 37.09
CA GLU L 352 -37.75 -23.68 38.19
C GLU L 352 -37.08 -25.05 38.14
N ALA L 353 -37.06 -25.70 36.97
CA ALA L 353 -36.33 -26.95 36.77
C ALA L 353 -34.88 -26.83 37.26
N VAL L 354 -34.24 -25.68 37.00
CA VAL L 354 -32.88 -25.53 37.46
C VAL L 354 -32.89 -25.49 38.98
N LEU L 355 -33.80 -24.71 39.61
CA LEU L 355 -33.87 -24.62 41.06
C LEU L 355 -34.10 -26.01 41.70
N THR L 356 -34.88 -26.88 41.06
CA THR L 356 -35.02 -28.28 41.49
C THR L 356 -33.67 -28.99 41.55
N ASP L 357 -32.94 -28.98 40.42
CA ASP L 357 -31.61 -29.57 40.33
C ASP L 357 -30.71 -29.05 41.47
N TRP L 358 -30.58 -27.74 41.67
CA TRP L 358 -29.68 -27.23 42.72
C TRP L 358 -30.22 -27.41 44.13
N ASP L 359 -31.40 -28.05 44.28
CA ASP L 359 -32.04 -28.33 45.55
C ASP L 359 -32.54 -27.03 46.18
CCG MFK M . -33.80 5.47 -41.30
CCF MFK M . -33.13 4.86 -42.53
CCE MFK M . -33.76 3.63 -43.20
CCD MFK M . -34.15 2.44 -42.31
CCC MFK M . -33.56 1.07 -42.63
CCB MFK M . -33.50 0.05 -41.48
CCA MFK M . -34.79 -0.70 -41.13
CBZ MFK M . -34.68 -2.12 -40.56
CAK MFK M . -34.73 -2.18 -39.02
CAJ MFK M . -34.58 -3.62 -38.50
OAL MFK M . -34.44 -4.53 -39.40
SAI MFK M . -34.62 -3.72 -36.54
CAH MFK M . -33.06 -2.81 -36.32
CAG MFK M . -32.92 -2.05 -35.12
NAF MFK M . -32.63 -2.88 -33.98
CAE MFK M . -33.25 -2.36 -32.93
OAM MFK M . -33.95 -1.34 -33.05
CAD MFK M . -32.98 -3.02 -31.61
CAC MFK M . -32.63 -2.00 -30.58
NAB MFK M . -31.78 -0.94 -31.10
CAA MFK M . -30.46 -1.08 -31.28
OAO MFK M . -29.87 -2.17 -31.18
CAN MFK M . -29.71 0.19 -31.63
OAU MFK M . -30.55 1.32 -31.44
CAP MFK M . -29.22 0.31 -33.11
CAR MFK M . -30.43 0.22 -34.07
CAS MFK M . -28.23 -0.83 -33.31
CAQ MFK M . -28.58 1.68 -33.43
OAT MFK M . -27.47 1.81 -32.52
PAV MFK M . -26.79 3.23 -32.17
OAX MFK M . -25.58 2.72 -31.45
OAW MFK M . -27.05 4.13 -33.31
OAY MFK M . -27.84 3.72 -31.02
PAZ MFK M . -27.98 3.23 -29.49
OBA MFK M . -29.29 2.56 -29.28
OBB MFK M . -26.85 2.60 -28.75
O5' MFK M . -28.09 4.71 -28.89
C5' MFK M . -28.85 5.74 -29.61
C4' MFK M . -28.08 7.04 -29.51
O4' MFK M . -28.91 8.17 -29.89
C3' MFK M . -27.49 7.40 -28.12
O3' MFK M . -26.24 7.99 -28.36
PBV MFK M . -24.96 7.91 -27.39
OBW MFK M . -24.50 6.46 -27.25
OBY MFK M . -25.45 8.53 -26.12
OBX MFK M . -24.00 8.77 -28.14
C2' MFK M . -28.50 8.39 -27.58
O2' MFK M . -27.98 9.38 -26.72
C1' MFK M . -28.86 9.14 -28.85
N9 MFK M . -30.14 9.82 -28.83
C8 MFK M . -31.36 9.30 -29.17
N7 MFK M . -32.32 10.18 -29.22
C5 MFK M . -31.68 11.37 -28.93
C4 MFK M . -30.33 11.18 -28.70
N3 MFK M . -29.42 12.11 -28.39
C2 MFK M . -29.97 13.31 -28.35
N1 MFK M . -31.23 13.67 -28.61
C6 MFK M . -32.15 12.69 -28.86
N6 MFK M . -33.40 13.04 -29.14
CCG MFK N . -51.33 -28.98 -37.09
CCF MFK N . -51.21 -29.54 -38.51
CCE MFK N . -52.30 -29.15 -39.52
CCD MFK N . -52.04 -27.98 -40.48
CCC MFK N . -52.78 -26.67 -40.20
CCB MFK N . -53.47 -25.95 -41.35
CCA MFK N . -52.74 -24.77 -42.01
CBZ MFK N . -52.69 -23.45 -41.24
CAK MFK N . -53.86 -22.50 -41.48
CAJ MFK N . -53.55 -21.36 -42.44
OAL MFK N . -52.48 -21.46 -43.18
SAI MFK N . -54.96 -20.00 -42.29
CAH MFK N . -56.17 -21.12 -43.06
CAG MFK N . -57.55 -21.05 -42.65
NAF MFK N . -58.20 -19.94 -43.25
CAE MFK N . -59.04 -19.34 -42.41
OAM MFK N . -59.12 -19.71 -41.23
CAD MFK N . -59.91 -18.24 -42.97
CAC MFK N . -61.37 -18.39 -42.57
NAB MFK N . -61.81 -19.78 -42.54
CAA MFK N . -62.11 -20.43 -43.65
OAO MFK N . -61.97 -19.96 -44.76
CAN MFK N . -62.69 -21.82 -43.40
OAU MFK N . -62.95 -21.99 -42.01
CAP MFK N . -61.72 -22.94 -43.92
CAR MFK N . -60.41 -22.89 -43.14
CAS MFK N . -61.47 -22.77 -45.42
CAQ MFK N . -62.33 -24.34 -43.78
OAT MFK N . -63.62 -24.34 -44.46
PAV MFK N . -64.79 -25.31 -43.94
OAX MFK N . -64.18 -26.55 -43.39
OAW MFK N . -65.74 -25.09 -45.06
OAY MFK N . -65.36 -24.60 -42.62
PAZ MFK N . -66.27 -23.33 -42.56
OBA MFK N . -66.88 -22.94 -43.85
OBB MFK N . -65.57 -22.21 -41.87
O5' MFK N . -67.51 -23.83 -41.65
C5' MFK N . -67.24 -24.76 -40.57
C4' MFK N . -68.47 -25.58 -40.31
O4' MFK N . -68.31 -26.24 -39.05
C3' MFK N . -69.79 -24.80 -40.24
O3' MFK N . -70.78 -25.61 -40.83
PBV MFK N . -71.53 -25.37 -42.24
OBW MFK N . -72.97 -25.12 -41.79
OBY MFK N . -71.22 -24.04 -42.90
OBX MFK N . -71.21 -26.63 -43.01
C2' MFK N . -70.04 -24.69 -38.74
O2' MFK N . -71.38 -24.78 -38.32
C1' MFK N . -69.49 -26.02 -38.29
N9 MFK N . -69.12 -26.05 -36.88
C8 MFK N . -68.13 -25.32 -36.27
N7 MFK N . -67.96 -25.63 -35.00
C5 MFK N . -68.92 -26.60 -34.77
C4 MFK N . -69.63 -26.87 -35.92
N3 MFK N . -70.63 -27.77 -36.06
C2 MFK N . -70.87 -28.38 -34.90
N1 MFK N . -70.25 -28.24 -33.72
C6 MFK N . -69.26 -27.32 -33.62
N6 MFK N . -68.63 -27.17 -32.46
CCG MFK O . 31.11 -34.90 28.24
CCF MFK O . 31.58 -36.07 27.39
CCE MFK O . 32.88 -35.79 26.63
CCD MFK O . 32.79 -34.99 25.32
CCC MFK O . 31.57 -35.32 24.44
CCB MFK O . 31.72 -35.04 22.95
CCA MFK O . 31.71 -36.24 22.02
CBZ MFK O . 32.66 -36.19 20.82
CAK MFK O . 32.65 -34.81 20.20
CAJ MFK O . 32.38 -34.90 18.71
OAL MFK O . 31.91 -36.00 18.27
SAI MFK O . 32.82 -33.23 17.84
CAH MFK O . 32.39 -31.98 19.09
CAG MFK O . 31.09 -31.30 18.81
NAF MFK O . 31.13 -30.51 17.63
CAE MFK O . 31.83 -29.38 17.54
OAM MFK O . 32.56 -28.99 18.47
CAD MFK O . 31.58 -28.56 16.31
CAC MFK O . 31.45 -27.05 16.62
NAB MFK O . 30.66 -26.75 17.81
CAA MFK O . 29.34 -26.87 17.85
OAO MFK O . 28.66 -27.28 16.87
CAN MFK O . 28.70 -26.51 19.20
OAU MFK O . 29.66 -25.96 20.12
CAP MFK O . 28.06 -27.77 19.90
CAR MFK O . 29.14 -28.80 20.25
CAS MFK O . 27.04 -28.46 18.98
CAQ MFK O . 27.38 -27.37 21.24
OAT MFK O . 26.41 -26.34 20.91
PAV MFK O . 25.85 -25.30 21.98
OAX MFK O . 24.79 -24.67 21.13
OAW MFK O . 25.98 -25.85 23.34
OAY MFK O . 27.05 -24.24 22.07
PAZ MFK O . 27.43 -23.08 21.04
OBA MFK O . 28.80 -23.35 20.50
OBB MFK O . 26.54 -22.84 19.89
O5' MFK O . 27.56 -21.77 21.97
C5' MFK O . 28.33 -21.87 23.19
C4' MFK O . 27.72 -20.92 24.18
O4' MFK O . 28.52 -20.81 25.38
C3' MFK O . 27.53 -19.48 23.69
O3' MFK O . 26.29 -19.11 24.26
PBV MFK O . 25.00 -18.57 23.47
OBW MFK O . 24.91 -19.16 22.08
OBY MFK O . 23.84 -18.94 24.39
OBX MFK O . 25.35 -17.12 23.43
C2' MFK O . 28.67 -18.71 24.36
O2' MFK O . 28.19 -17.40 24.52
C1' MFK O . 28.77 -19.44 25.69
N9 MFK O . 30.05 -19.44 26.40
C8 MFK O . 31.17 -20.16 26.08
N7 MFK O . 32.14 -20.04 26.95
C5 MFK O . 31.62 -19.21 27.91
C4 MFK O . 30.33 -18.83 27.59
N3 MFK O . 29.52 -18.04 28.31
C2 MFK O . 30.15 -17.63 29.41
N1 MFK O . 31.39 -17.91 29.85
C6 MFK O . 32.18 -18.69 29.09
N6 MFK O . 33.39 -19.00 29.54
CCG MFK P . 52.93 -48.81 -4.31
CCF MFK P . 51.42 -48.80 -4.11
CCE MFK P . 50.96 -49.41 -2.77
CCD MFK P . 49.49 -49.42 -2.39
CCC MFK P . 49.20 -49.98 -0.99
CCB MFK P . 49.68 -49.17 0.22
CCA MFK P . 49.40 -49.78 1.61
CBZ MFK P . 49.12 -48.86 2.80
CAK MFK P . 50.36 -48.63 3.69
CAJ MFK P . 50.07 -48.80 5.18
OAL MFK P . 48.91 -49.25 5.49
SAI MFK P . 51.59 -48.28 6.31
CAH MFK P . 53.00 -48.21 5.17
CAG MFK P . 53.94 -49.38 5.34
NAF MFK P . 54.67 -49.27 6.56
CAE MFK P . 55.57 -48.29 6.68
OAM MFK P . 55.74 -47.46 5.76
CAD MFK P . 56.42 -48.31 7.93
CAC MFK P . 57.92 -48.16 7.65
NAB MFK P . 58.38 -48.89 6.48
CAA MFK P . 58.53 -50.21 6.45
OAO MFK P . 58.30 -50.94 7.39
CAN MFK P . 59.12 -50.80 5.17
OAU MFK P . 59.67 -49.78 4.35
CAP MFK P . 58.11 -51.62 4.33
CAR MFK P . 56.83 -50.82 4.02
CAS MFK P . 57.68 -52.87 5.12
CAQ MFK P . 58.78 -52.06 3.01
OAT MFK P . 59.92 -52.90 3.35
PAV MFK P . 61.03 -53.10 2.22
OAX MFK P . 61.90 -54.16 2.80
OAW MFK P . 60.34 -53.12 0.92
OAY MFK P . 61.87 -51.73 2.32
PAZ MFK P . 62.92 -51.24 3.41
OBA MFK P . 62.39 -50.13 4.26
OBB MFK P . 63.50 -52.35 4.20
O5' MFK P . 64.10 -50.71 2.47
C5' MFK P . 63.74 -49.91 1.32
C4' MFK P . 64.49 -50.46 0.13
O4' MFK P . 64.41 -49.53 -0.97
C3' MFK P . 65.98 -50.66 0.40
O3' MFK P . 66.41 -51.73 -0.42
PBV MFK P . 67.62 -52.71 0.05
OBW MFK P . 67.74 -53.67 -1.07
OBY MFK P . 68.77 -51.77 0.18
OBX MFK P . 67.30 -53.39 1.36
C2' MFK P . 66.55 -49.33 -0.10
O2' MFK P . 67.91 -49.42 -0.44
C1' MFK P . 65.72 -49.16 -1.36
N9 MFK P . 65.66 -47.83 -1.94
C8 MFK P . 64.86 -46.79 -1.55
N7 MFK P . 64.96 -45.72 -2.31
C5 MFK P . 65.86 -46.09 -3.28
C4 MFK P . 66.30 -47.38 -3.08
N3 MFK P . 67.18 -48.05 -3.84
C2 MFK P . 67.60 -47.30 -4.86
N1 MFK P . 67.23 -46.06 -5.20
C6 MFK P . 66.38 -45.40 -4.38
N6 MFK P . 66.00 -44.18 -4.71
CCG MFK Q . 21.85 3.44 -23.64
CCF MFK Q . 22.08 3.32 -22.12
CCE MFK Q . 22.01 4.62 -21.30
CCD MFK Q . 22.49 5.84 -22.05
CCC MFK Q . 22.89 7.06 -21.23
CCB MFK Q . 21.79 7.74 -20.42
CCA MFK Q . 20.47 7.98 -21.14
CBZ MFK Q . 19.47 8.74 -20.26
CAK MFK Q . 18.20 9.21 -20.96
CAJ MFK Q . 17.72 10.56 -20.45
OAL MFK Q . 16.86 10.65 -19.56
SAI MFK Q . 18.53 11.93 -21.37
CAH MFK Q . 18.36 13.74 -21.14
CAG MFK Q . 19.80 14.29 -20.95
NAF MFK Q . 19.81 15.73 -20.70
CAE MFK Q . 20.09 16.66 -21.63
OAM MFK Q . 20.51 16.36 -22.74
CAD MFK Q . 19.90 18.12 -21.29
CAC MFK Q . 20.97 19.02 -21.94
NAB MFK Q . 22.34 18.54 -21.70
CAA MFK Q . 22.93 18.56 -20.50
OAO MFK Q . 22.39 19.01 -19.49
CAN MFK Q . 24.34 18.00 -20.43
OAU MFK Q . 24.84 17.72 -21.73
CAP MFK Q . 24.38 16.70 -19.58
CAR MFK Q . 23.49 15.60 -20.17
CAS MFK Q . 23.96 17.04 -18.14
CAQ MFK Q . 25.81 16.13 -19.61
OAT MFK Q . 26.69 17.18 -19.14
PAV MFK Q . 28.27 17.16 -19.46
OAX MFK Q . 28.77 15.79 -19.68
OAW MFK Q . 28.69 18.22 -18.50
OAY MFK Q . 28.40 17.81 -20.93
PAZ MFK Q . 28.09 19.30 -21.45
OBA MFK Q . 26.87 19.34 -22.31
OBB MFK Q . 28.05 20.27 -20.32
O5' MFK Q . 29.40 19.53 -22.34
C5' MFK Q . 29.79 18.54 -23.31
C4' MFK Q . 31.31 18.55 -23.37
O4' MFK Q . 31.77 17.68 -24.41
C3' MFK Q . 31.92 19.91 -23.65
O3' MFK Q . 33.13 19.93 -22.96
PBV MFK Q . 33.55 21.03 -21.86
OBW MFK Q . 34.39 22.02 -22.59
OBY MFK Q . 34.28 20.19 -20.85
OBX MFK Q . 32.37 21.81 -21.29
C2' MFK Q . 32.16 19.86 -25.15
O2' MFK Q . 33.26 20.65 -25.53
C1' MFK Q . 32.56 18.41 -25.33
N9 MFK Q . 32.40 17.83 -26.66
C8 MFK Q . 31.30 17.26 -27.26
N7 MFK Q . 31.55 16.75 -28.44
C5 MFK Q . 32.91 16.97 -28.62
C4 MFK Q . 33.44 17.62 -27.52
N3 MFK Q . 34.72 17.99 -27.34
C2 MFK Q . 35.46 17.64 -28.40
N1 MFK Q . 35.09 17.00 -29.52
C6 MFK Q . 33.79 16.66 -29.68
N6 MFK Q . 33.45 16.01 -30.79
CCG MFK R . -12.89 17.74 -21.29
CCF MFK R . -12.79 16.70 -22.43
CCE MFK R . -12.84 15.20 -22.12
CCD MFK R . -12.97 14.28 -23.33
CCC MFK R . -12.25 12.93 -23.29
CCB MFK R . -11.16 12.67 -24.35
CCA MFK R . -10.79 11.20 -24.58
CBZ MFK R . -9.34 10.81 -24.85
CAK MFK R . -9.05 10.30 -26.29
CAJ MFK R . -7.95 9.24 -26.39
OAL MFK R . -7.42 8.79 -25.30
SAI MFK R . -7.54 8.78 -28.26
CAH MFK R . -8.96 9.34 -29.26
CAG MFK R . -9.89 8.21 -29.55
NAF MFK R . -9.43 7.45 -30.69
CAE MFK R . -9.31 8.02 -31.88
OAM MFK R . -9.56 9.22 -32.05
CAD MFK R . -8.89 7.09 -33.00
CAC MFK R . -9.67 7.24 -34.28
NAB MFK R . -11.09 7.49 -34.04
CAA MFK R . -11.94 6.54 -33.62
OAO MFK R . -11.62 5.35 -33.41
CAN MFK R . -13.38 7.04 -33.45
OAU MFK R . -13.57 8.42 -33.83
CAP MFK R . -13.89 6.99 -31.98
CAR MFK R . -13.76 5.54 -31.50
CAS MFK R . -13.03 7.90 -31.11
CAQ MFK R . -15.34 7.52 -31.92
OAT MFK R . -16.14 6.56 -32.67
PAV MFK R . -17.56 6.94 -33.33
OAX MFK R . -18.17 7.93 -32.42
OAW MFK R . -17.94 5.58 -33.82
OAY MFK R . -17.22 7.79 -34.66
PAZ MFK R . -16.61 7.25 -36.05
OBA MFK R . -15.18 7.64 -36.13
OBB MFK R . -16.83 5.87 -36.55
O5' MFK R . -17.47 8.23 -37.00
C5' MFK R . -17.76 9.60 -36.54
C4' MFK R . -19.17 9.94 -36.95
O4' MFK R . -19.35 11.37 -36.97
C3' MFK R . -19.62 9.45 -38.32
O3' MFK R . -20.95 9.05 -38.14
PBV MFK R . -21.68 7.82 -38.88
OBW MFK R . -20.96 6.52 -38.81
OBY MFK R . -21.72 8.22 -40.35
OBX MFK R . -23.01 7.80 -38.18
C2' MFK R . -19.55 10.70 -39.21
O2' MFK R . -20.52 10.62 -40.21
C1' MFK R . -19.96 11.76 -38.21
N9 MFK R . -19.60 13.15 -38.40
C8 MFK R . -18.44 13.77 -38.05
N7 MFK R . -18.45 15.08 -38.20
C5 MFK R . -19.73 15.34 -38.65
C4 MFK R . -20.46 14.17 -38.76
N3 MFK R . -21.73 14.05 -39.18
C2 MFK R . -22.24 15.24 -39.47
N1 MFK R . -21.68 16.45 -39.39
C6 MFK R . -20.39 16.54 -39.01
N6 MFK R . -19.84 17.74 -38.91
CCG MFK S . 54.20 35.51 19.47
CCF MFK S . 53.89 36.77 18.68
CCE MFK S . 55.06 37.71 18.34
CCD MFK S . 55.29 38.06 16.87
CCC MFK S . 56.68 37.77 16.33
CCB MFK S . 57.04 36.29 16.10
CCA MFK S . 56.90 35.75 14.68
CBZ MFK S . 57.84 36.32 13.61
CAK MFK S . 57.29 36.12 12.21
CAJ MFK S . 58.36 35.92 11.15
OAL MFK S . 58.27 36.51 10.09
SAI MFK S . 59.69 34.71 11.59
CAH MFK S . 61.26 34.30 10.75
CAG MFK S . 62.38 34.66 11.84
NAF MFK S . 63.76 34.63 11.31
CAE MFK S . 64.55 33.55 11.45
OAM MFK S . 64.38 32.70 12.38
CAD MFK S . 65.73 33.41 10.53
CAC MFK S . 66.93 32.72 11.21
NAB MFK S . 67.32 33.34 12.48
CAA MFK S . 67.79 34.58 12.55
OAO MFK S . 68.02 35.26 11.52
CAN MFK S . 68.03 35.12 13.96
OAU MFK S . 67.78 34.12 14.96
CAP MFK S . 67.14 36.36 14.27
CAR MFK S . 67.10 37.35 13.12
CAS MFK S . 65.72 35.85 14.56
CAQ MFK S . 67.66 37.32 15.35
OAT MFK S . 68.35 36.62 16.33
PAV MFK S . 69.41 37.15 17.38
OAX MFK S . 70.54 37.89 16.73
OAW MFK S . 68.47 37.41 18.48
OAY MFK S . 69.95 35.63 17.63
PAZ MFK S . 71.05 34.81 16.81
OBA MFK S . 70.48 33.71 15.97
OBB MFK S . 72.09 35.59 16.11
O5' MFK S . 71.68 34.16 18.15
C5' MFK S . 70.80 33.60 19.14
C4' MFK S . 71.45 33.84 20.48
O4' MFK S . 70.81 33.04 21.48
C3' MFK S . 72.94 33.52 20.60
O3' MFK S . 73.45 34.50 21.47
PBV MFK S . 74.85 35.25 21.26
OBW MFK S . 75.09 35.77 19.85
OBY MFK S . 74.70 36.34 22.29
OBX MFK S . 75.86 34.14 21.51
C2' MFK S . 72.96 32.18 21.32
O2' MFK S . 74.15 32.07 22.06
C1' MFK S . 71.81 32.41 22.27
N9 MFK S . 71.16 31.25 22.83
C8 MFK S . 70.12 30.55 22.26
N7 MFK S . 69.63 29.61 23.02
C5 MFK S . 70.39 29.71 24.17
C4 MFK S . 71.33 30.72 24.07
N3 MFK S . 72.23 31.09 24.99
C2 MFK S . 72.11 30.33 26.08
N1 MFK S . 71.25 29.34 26.33
C6 MFK S . 70.37 28.97 25.36
N6 MFK S . 69.49 28.01 25.62
CCG MFK T . 50.07 26.00 -16.47
CCF MFK T . 48.70 26.69 -16.36
CCE MFK T . 47.53 25.86 -15.82
CCD MFK T . 46.35 26.57 -15.14
CCC MFK T . 46.32 26.48 -13.62
CCB MFK T . 45.36 25.50 -12.92
CCA MFK T . 44.51 26.03 -11.75
CBZ MFK T . 45.02 25.96 -10.30
CAK MFK T . 44.38 24.89 -9.39
CAJ MFK T . 43.95 25.38 -8.00
OAL MFK T . 43.99 26.64 -7.79
SAI MFK T . 43.44 23.89 -6.81
CAH MFK T . 43.37 22.39 -7.82
CAG MFK T . 41.97 22.02 -8.24
NAF MFK T . 41.26 21.31 -7.20
CAE MFK T . 41.58 20.03 -6.92
OAM MFK T . 42.49 19.42 -7.55
CAD MFK T . 40.72 19.36 -5.86
CAC MFK T . 40.41 17.92 -6.23
NAB MFK T . 39.86 17.78 -7.58
CAA MFK T . 38.69 18.29 -7.94
OAO MFK T . 38.00 19.00 -7.18
CAN MFK T . 38.25 18.02 -9.36
OAU MFK T . 39.17 17.17 -10.03
CAP MFK T . 38.10 19.34 -10.16
CAR MFK T . 39.50 19.84 -10.54
CAS MFK T . 37.34 20.41 -9.36
CAQ MFK T . 37.06 19.19 -11.29
OAT MFK T . 37.49 18.26 -12.26
PAV MFK T . 36.48 17.33 -13.09
OAX MFK T . 37.07 17.70 -14.39
OAW MFK T . 35.11 17.17 -12.54
OAY MFK T . 37.18 15.94 -12.64
PAZ MFK T . 36.88 14.81 -11.56
OBA MFK T . 38.07 14.75 -10.66
OBB MFK T . 35.56 14.91 -10.87
O5' MFK T . 36.95 13.52 -12.49
C5' MFK T . 38.13 13.36 -13.35
C4' MFK T . 37.70 12.66 -14.60
O4' MFK T . 38.81 12.30 -15.45
C3' MFK T . 36.95 11.35 -14.35
O3' MFK T . 35.97 11.30 -15.35
PBV MFK T . 34.47 10.94 -14.91
OBW MFK T . 33.62 11.51 -16.01
OBY MFK T . 34.56 9.44 -14.87
OBX MFK T . 34.13 11.38 -13.53
C2' MFK T . 38.04 10.30 -14.51
O2' MFK T . 37.45 9.08 -14.87
C1' MFK T . 38.81 10.89 -15.68
N9 MFK T . 40.19 10.49 -15.88
C8 MFK T . 41.32 10.95 -15.25
N7 MFK T . 42.45 10.47 -15.73
C5 MFK T . 42.02 9.64 -16.77
C4 MFK T . 40.64 9.65 -16.87
N3 MFK T . 39.90 8.97 -17.77
C2 MFK T . 40.68 8.24 -18.58
N1 MFK T . 42.01 8.16 -18.60
C6 MFK T . 42.73 8.83 -17.67
N6 MFK T . 44.05 8.74 -17.70
CCG MFK U . -43.17 4.91 30.20
CCF MFK U . -43.86 5.47 31.43
CCE MFK U . -44.35 6.93 31.45
CCD MFK U . -43.86 7.89 30.36
CCC MFK U . -42.63 8.73 30.69
CCB MFK U . -42.22 9.80 29.68
CCA MFK U . -43.24 10.90 29.40
CBZ MFK U . -42.70 12.24 28.87
CAK MFK U . -42.32 12.16 27.40
CAJ MFK U . -41.75 13.48 26.92
OAL MFK U . -41.61 14.40 27.80
SAI MFK U . -41.32 13.50 25.01
CAH MFK U . -41.08 11.72 24.64
CAG MFK U . -39.64 11.31 24.46
NAF MFK U . -39.03 11.86 23.27
CAE MFK U . -39.42 11.43 22.07
OAM MFK U . -40.39 10.66 21.95
CAD MFK U . -38.64 11.91 20.87
CAC MFK U . -38.40 10.80 19.86
NAB MFK U . -37.92 9.59 20.49
CAA MFK U . -36.73 9.53 21.10
OAO MFK U . -35.95 10.49 21.21
CAN MFK U . -36.37 8.16 21.65
OAU MFK U . -37.31 7.21 21.20
CAP MFK U . -36.34 8.05 23.20
CAR MFK U . -35.25 8.99 23.70
CAS MFK U . -37.70 8.44 23.80
CAQ MFK U . -36.00 6.58 23.61
OAT MFK U . -34.79 6.21 22.90
PAV MFK U . -34.38 4.68 22.87
OAX MFK U . -32.92 4.73 22.53
OAW MFK U . -35.07 3.84 23.87
OAY MFK U . -35.23 4.28 21.54
PAZ MFK U . -34.92 4.62 20.01
OBA MFK U . -35.96 5.57 19.49
OBB MFK U . -33.54 5.01 19.65
O5' MFK U . -35.12 3.17 19.35
C5' MFK U . -36.28 2.38 19.66
C4' MFK U . -35.82 0.94 19.87
O4' MFK U . -36.95 0.06 20.03
C3' MFK U . -34.98 0.32 18.74
O3' MFK U . -34.08 -0.55 19.41
PBV MFK U . -32.59 -0.76 18.83
OBW MFK U . -32.87 -1.20 17.40
OBY MFK U . -32.04 -1.81 19.80
OBX MFK U . -31.88 0.57 18.73
C2' MFK U . -36.01 -0.47 17.95
O2' MFK U . -35.36 -1.45 17.17
C1' MFK U . -36.84 -1.03 19.12
N9 MFK U . -38.19 -1.42 18.84
C8 MFK U . -39.29 -0.59 18.76
N7 MFK U . -40.43 -1.22 18.55
C5 MFK U . -40.05 -2.55 18.49
C4 MFK U . -38.68 -2.69 18.66
N3 MFK U . -37.98 -3.83 18.65
C2 MFK U . -38.79 -4.88 18.45
N1 MFK U . -40.12 -4.89 18.29
C6 MFK U . -40.80 -3.72 18.29
N6 MFK U . -42.12 -3.74 18.15
CCG MFK V . -50.78 42.31 20.19
CCF MFK V . -51.62 41.43 21.13
CCE MFK V . -52.31 42.08 22.35
CCD MFK V . -52.64 41.15 23.53
CCC MFK V . -54.07 41.06 24.09
CCB MFK V . -54.90 39.80 23.75
CCA MFK V . -55.55 39.02 24.90
CBZ MFK V . -55.80 37.51 24.70
CAK MFK V . -55.34 36.55 25.85
CAJ MFK V . -56.25 35.36 26.16
OAL MFK V . -56.01 34.63 27.14
SAI MFK V . -57.66 34.93 25.05
CAH MFK V . -59.22 34.02 25.29
CAG MFK V . -60.39 35.06 25.07
NAF MFK V . -61.72 34.53 25.37
CAE MFK V . -62.52 34.01 24.43
OAM MFK V . -62.30 34.22 23.24
CAD MFK V . -63.70 33.20 24.86
CAC MFK V . -64.95 33.42 23.97
NAB MFK V . -65.25 34.83 23.77
CAA MFK V . -65.63 35.63 24.77
OAO MFK V . -65.84 35.24 25.92
CAN MFK V . -65.80 37.12 24.43
OAU MFK V . -65.59 37.40 23.05
CAP MFK V . -64.79 38.06 25.17
CAR MFK V . -63.34 37.64 24.88
CAS MFK V . -65.05 37.90 26.67
CAQ MFK V . -64.94 39.54 24.69
OAT MFK V . -66.30 39.92 25.04
PAV MFK V . -67.15 41.11 24.36
OAX MFK V . -68.37 41.15 25.24
OAW MFK V . -66.16 42.10 23.93
OAY MFK V . -67.63 40.35 23.01
PAZ MFK V . -68.77 39.30 22.75
OBA MFK V . -68.13 38.10 22.15
OBB MFK V . -69.78 39.03 23.82
O5' MFK V . -69.53 40.01 21.53
C5' MFK V . -68.79 40.64 20.46
C4' MFK V . -69.55 41.87 20.05
O4' MFK V . -69.07 42.36 18.79
C3' MFK V . -71.05 41.65 19.83
O3' MFK V . -71.71 42.85 20.27
PBV MFK V . -73.05 42.75 21.14
OBW MFK V . -74.09 42.86 20.08
OBY MFK V . -73.13 41.37 21.77
OBX MFK V . -73.22 43.85 22.12
C2' MFK V . -71.13 41.37 18.34
O2' MFK V . -72.41 41.75 17.87
C1' MFK V . -70.12 42.39 17.83
N9 MFK V . -69.45 42.20 16.56
C8 MFK V . -68.44 41.32 16.26
N7 MFK V . -67.91 41.51 15.06
C5 MFK V . -68.60 42.60 14.56
C4 MFK V . -69.54 43.05 15.48
N3 MFK V . -70.37 44.08 15.32
C2 MFK V . -70.20 44.67 14.15
N1 MFK V . -69.33 44.37 13.18
C6 MFK V . -68.52 43.29 13.34
N6 MFK V . -67.65 43.03 12.38
CCG MFK W . 15.13 -8.94 28.19
CCF MFK W . 14.37 -7.95 27.32
CCE MFK W . 13.15 -8.52 26.58
CCD MFK W . 13.39 -9.49 25.42
CCC MFK W . 12.98 -10.95 25.65
CCB MFK W . 11.50 -11.33 25.51
CCA MFK W . 11.16 -12.57 24.68
CBZ MFK W . 9.69 -12.77 24.27
CAK MFK W . 9.17 -14.18 24.65
CAJ MFK W . 7.97 -14.62 23.82
OAL MFK W . 7.55 -13.82 22.91
SAI MFK W . 7.29 -16.38 24.40
CAH MFK W . 8.60 -17.11 25.45
CAG MFK W . 9.50 -18.05 24.70
NAF MFK W . 8.90 -19.33 24.54
CAE MFK W . 8.70 -20.13 25.60
OAM MFK W . 8.98 -19.78 26.76
CAD MFK W . 8.21 -21.53 25.30
CAC MFK W . 8.94 -22.55 26.16
NAB MFK W . 10.37 -22.30 26.26
CAA MFK W . 11.23 -22.60 25.28
OAO MFK W . 10.88 -23.08 24.18
CAN MFK W . 12.68 -22.31 25.59
OAU MFK W . 12.91 -22.05 26.99
CAP MFK W . 13.23 -21.09 24.78
CAR MFK W . 13.11 -21.34 23.26
CAS MFK W . 12.43 -19.85 25.12
CAQ MFK W . 14.71 -20.79 25.20
OAT MFK W . 15.42 -22.04 24.96
PAV MFK W . 16.79 -22.49 25.67
OAX MFK W . 17.57 -21.29 26.02
OAW MFK W . 17.03 -23.71 24.85
OAY MFK W . 16.29 -23.14 27.07
PAZ MFK W . 15.55 -24.50 27.41
OBA MFK W . 14.19 -24.28 27.99
OBB MFK W . 15.48 -25.54 26.37
O5' MFK W . 16.58 -25.04 28.54
C5' MFK W . 16.91 -24.19 29.69
C4' MFK W . 18.26 -24.61 30.23
O4' MFK W . 18.60 -23.86 31.42
C3' MFK W . 18.37 -26.08 30.64
O3' MFK W . 19.65 -26.51 30.23
PBV MFK W . 19.87 -27.70 29.15
OBW MFK W . 20.20 -28.96 29.93
OBY MFK W . 18.59 -28.11 28.45
OBX MFK W . 20.95 -26.99 28.38
C2' MFK W . 18.15 -26.01 32.15
O2' MFK W . 18.72 -27.05 32.90
C1' MFK W . 18.92 -24.75 32.48
N9 MFK W . 18.59 -24.08 33.72
C8 MFK W . 17.46 -23.36 34.03
N7 MFK W . 17.51 -22.78 35.21
C5 MFK W . 18.75 -23.13 35.71
C4 MFK W . 19.42 -23.93 34.80
N3 MFK W . 20.64 -24.46 34.97
C2 MFK W . 21.17 -24.10 36.13
N1 MFK W . 20.66 -23.30 37.08
C6 MFK W . 19.40 -22.82 36.93
N6 MFK W . 18.91 -22.00 37.86
CCG MFK X . -23.25 -12.67 15.87
CCF MFK X . -22.26 -11.51 15.96
CCE MFK X . -22.31 -10.67 17.23
CCD MFK X . -21.95 -9.17 17.12
CCC MFK X . -20.64 -8.69 17.75
CCB MFK X . -20.40 -8.94 19.24
CCA MFK X . -20.17 -7.72 20.15
CBZ MFK X . -18.81 -7.02 20.09
CAK MFK X . -17.74 -7.51 21.08
CAJ MFK X . -17.02 -6.38 21.81
OAL MFK X . -16.03 -5.79 21.29
SAI MFK X . -17.78 -6.08 23.52
CAH MFK X . -16.96 -5.18 24.88
CAG MFK X . -17.83 -3.90 25.21
NAF MFK X . -19.08 -4.21 25.87
CAE MFK X . -19.25 -4.15 27.22
OAM MFK X . -19.78 -5.14 27.76
CAD MFK X . -18.79 -3.04 28.14
CAC MFK X . -19.70 -2.92 29.43
NAB MFK X . -21.14 -2.87 29.15
CAA MFK X . -21.70 -1.80 28.56
OAO MFK X . -21.06 -0.77 28.40
CAN MFK X . -23.16 -1.85 28.08
OAU MFK X . -23.88 -2.99 28.51
CAP MFK X . -23.35 -1.81 26.52
CAR MFK X . -22.68 -3.03 25.87
CAS MFK X . -22.73 -0.54 25.97
CAQ MFK X . -24.82 -1.84 26.10
OAT MFK X . -25.55 -0.78 26.77
PAV MFK X . -27.16 -0.82 26.83
OAX MFK X . -27.62 -1.76 25.77
OAW MFK X . -27.46 0.62 26.99
OAY MFK X . -27.26 -1.70 28.21
PAZ MFK X . -26.93 -1.26 29.73
OBA MFK X . -25.75 -1.95 30.31
OBB MFK X . -26.97 0.19 30.03
O5' MFK X . -28.22 -1.85 30.46
C5' MFK X . -28.65 -3.24 30.19
C4' MFK X . -30.13 -3.16 29.91
O4' MFK X . -30.67 -4.47 29.72
C3' MFK X . -30.94 -2.47 31.01
O3' MFK X . -31.99 -1.76 30.32
PBV MFK X . -32.74 -0.41 30.81
OBW MFK X . -33.84 -0.30 29.76
OBY MFK X . -33.19 -0.75 32.20
OBX MFK X . -31.66 0.72 30.94
C2' MFK X . -31.49 -3.66 31.78
O2' MFK X . -32.71 -3.33 32.41
C1' MFK X . -31.75 -4.61 30.62
N9 MFK X . -31.78 -6.01 30.98
C8 MFK X . -30.72 -6.86 31.07
N7 MFK X . -31.05 -8.09 31.34
C5 MFK X . -32.43 -8.05 31.40
C4 MFK X . -32.90 -6.77 31.18
N3 MFK X . -34.19 -6.37 31.19
C2 MFK X . -35.01 -7.39 31.45
N1 MFK X . -34.71 -8.67 31.69
C6 MFK X . -33.40 -9.04 31.67
N6 MFK X . -33.10 -10.33 31.88
#